data_4Z9M
#
_entry.id   4Z9M
#
_cell.length_a   93.057
_cell.length_b   106.058
_cell.length_c   114.932
_cell.angle_alpha   70.120
_cell.angle_beta   84.570
_cell.angle_gamma   68.610
#
_symmetry.space_group_name_H-M   'P 1'
#
loop_
_entity.id
_entity.type
_entity.pdbx_description
1 polymer 'Creatine kinase S-type, mitochondrial'
2 non-polymer "ADENOSINE-5'-DIPHOSPHATE"
3 non-polymer 'UNKNOWN ATOM OR ION'
4 water water
#
_entity_poly.entity_id   1
_entity_poly.type   'polypeptide(L)'
_entity_poly.pdbx_seq_one_letter_code
;GSTTGYLLNRQKVCAEVREQPRLFPPSADYPDLRKHNNCMAECLTPAIYAKLRNKVTPNGYTLDQCIQTGVDNPGHPFIK
TVGMVAGDEESYEVFADLFDPVIKLRHNGYDPRVMKHTTDLDASKITQGQFDEHYVLSSRVRTGRSIRGLSLPPACTRAE
RREVENVAITALEGLKGDLAGRYYKLSEMTEQDQQRLIDDHFLFDKPVSPLLTCAGMARDWPDARGIWHNYDKTFLIWIN
EEDHTRVISMEKGGNMKRVFERFCRGLKEVERLIQERGWEFMWNERLGYILTCPSNLGTGLRAGVHVRIPKLSKDPRFSK
ILENLRLQKRGTGGVDTAAVADVYDISNIDRIGRSEVELVQIVIDGVNYLVDCEKKLERGQDIKVPPPLPQF
;
_entity_poly.pdbx_strand_id   A,B,C,D,E,F,G,H
#
# COMPACT_ATOMS: atom_id res chain seq x y z
N ARG A 22 -4.27 -10.70 -15.75
CA ARG A 22 -5.11 -11.50 -16.69
C ARG A 22 -5.22 -12.98 -16.26
N LEU A 23 -6.32 -13.62 -16.65
CA LEU A 23 -6.74 -14.89 -16.08
C LEU A 23 -6.01 -16.16 -16.64
N PHE A 24 -5.37 -16.05 -17.80
CA PHE A 24 -4.72 -17.18 -18.44
C PHE A 24 -3.26 -16.87 -18.71
N PRO A 25 -2.45 -17.91 -19.09
CA PRO A 25 -1.12 -17.59 -19.59
C PRO A 25 -1.22 -16.71 -20.87
N PRO A 26 -0.24 -15.79 -21.09
CA PRO A 26 -0.25 -14.90 -22.28
C PRO A 26 -0.50 -15.60 -23.59
N SER A 27 0.17 -16.74 -23.81
CA SER A 27 0.03 -17.48 -25.04
C SER A 27 -1.38 -18.01 -25.30
N ALA A 28 -2.20 -18.21 -24.26
CA ALA A 28 -3.58 -18.67 -24.46
C ALA A 28 -4.42 -17.62 -25.25
N ASP A 29 -4.03 -16.35 -25.14
CA ASP A 29 -4.68 -15.22 -25.89
C ASP A 29 -4.09 -14.94 -27.28
N TYR A 30 -3.14 -15.75 -27.75
CA TYR A 30 -2.47 -15.44 -29.02
C TYR A 30 -3.47 -15.49 -30.14
N PRO A 31 -3.53 -14.44 -30.99
CA PRO A 31 -4.53 -14.37 -32.05
C PRO A 31 -4.26 -15.32 -33.20
N ASP A 32 -5.32 -15.78 -33.86
CA ASP A 32 -5.22 -16.56 -35.10
C ASP A 32 -5.12 -15.58 -36.28
N LEU A 33 -3.93 -15.45 -36.85
CA LEU A 33 -3.66 -14.51 -37.93
C LEU A 33 -3.36 -15.19 -39.28
N ARG A 34 -3.80 -16.42 -39.47
CA ARG A 34 -3.68 -17.08 -40.78
C ARG A 34 -4.51 -16.30 -41.79
N LYS A 35 -3.93 -16.07 -42.97
CA LYS A 35 -4.60 -15.34 -44.07
C LYS A 35 -4.98 -13.88 -43.69
N HIS A 36 -4.12 -13.25 -42.88
CA HIS A 36 -4.22 -11.84 -42.53
C HIS A 36 -3.07 -11.13 -43.23
N ASN A 37 -3.40 -10.17 -44.11
CA ASN A 37 -2.39 -9.45 -44.88
C ASN A 37 -2.33 -7.99 -44.40
N ASN A 38 -1.84 -7.81 -43.17
CA ASN A 38 -1.58 -6.49 -42.62
C ASN A 38 -0.23 -6.51 -41.91
N CYS A 39 0.34 -5.33 -41.69
CA CYS A 39 1.71 -5.26 -41.15
C CYS A 39 1.84 -5.85 -39.76
N MET A 40 0.80 -5.66 -38.93
CA MET A 40 0.80 -6.18 -37.58
C MET A 40 0.91 -7.70 -37.58
N ALA A 41 0.07 -8.36 -38.39
CA ALA A 41 0.09 -9.83 -38.50
C ALA A 41 1.41 -10.38 -39.03
N GLU A 42 2.05 -9.66 -39.94
CA GLU A 42 3.38 -10.04 -40.46
C GLU A 42 4.56 -9.81 -39.49
N CYS A 43 4.36 -9.01 -38.44
CA CYS A 43 5.41 -8.73 -37.44
C CYS A 43 5.17 -9.39 -36.08
N LEU A 44 3.94 -9.78 -35.77
CA LEU A 44 3.65 -10.33 -34.46
C LEU A 44 4.27 -11.71 -34.35
N THR A 45 5.01 -11.95 -33.25
CA THR A 45 5.51 -13.29 -32.92
C THR A 45 5.00 -13.73 -31.56
N PRO A 46 5.04 -15.04 -31.26
CA PRO A 46 4.69 -15.53 -29.92
C PRO A 46 5.45 -14.83 -28.80
N ALA A 47 6.75 -14.62 -29.00
CA ALA A 47 7.60 -13.91 -28.03
C ALA A 47 7.12 -12.48 -27.76
N ILE A 48 6.90 -11.74 -28.85
CA ILE A 48 6.48 -10.33 -28.70
C ILE A 48 5.14 -10.29 -27.99
N TYR A 49 4.20 -11.15 -28.40
CA TYR A 49 2.88 -11.16 -27.81
C TYR A 49 2.94 -11.47 -26.31
N ALA A 50 3.68 -12.52 -25.94
CA ALA A 50 3.78 -12.93 -24.52
C ALA A 50 4.44 -11.85 -23.66
N LYS A 51 5.47 -11.21 -24.20
CA LYS A 51 6.18 -10.13 -23.50
C LYS A 51 5.28 -8.88 -23.25
N LEU A 52 4.36 -8.59 -24.18
CA LEU A 52 3.56 -7.34 -24.13
C LEU A 52 2.11 -7.46 -23.67
N ARG A 53 1.55 -8.68 -23.61
CA ARG A 53 0.11 -8.86 -23.28
C ARG A 53 -0.29 -8.21 -21.97
N ASN A 54 0.57 -8.31 -20.97
CA ASN A 54 0.26 -7.78 -19.62
C ASN A 54 0.69 -6.32 -19.37
N LYS A 55 1.46 -5.73 -20.29
CA LYS A 55 1.89 -4.32 -20.15
C LYS A 55 0.77 -3.36 -20.49
N VAL A 56 0.71 -2.23 -19.80
CA VAL A 56 -0.33 -1.21 -20.02
C VAL A 56 0.28 0.16 -20.01
N THR A 57 -0.39 1.09 -20.68
CA THR A 57 0.01 2.49 -20.65
C THR A 57 -0.51 3.10 -19.34
N PRO A 58 -0.03 4.32 -18.97
CA PRO A 58 -0.57 4.97 -17.73
C PRO A 58 -2.10 5.15 -17.71
N ASN A 59 -2.70 5.41 -18.86
CA ASN A 59 -4.17 5.46 -19.02
C ASN A 59 -4.84 4.08 -19.18
N GLY A 60 -4.07 2.99 -19.12
CA GLY A 60 -4.62 1.66 -19.15
C GLY A 60 -4.88 1.08 -20.54
N TYR A 61 -4.28 1.64 -21.60
CA TYR A 61 -4.40 1.06 -22.94
C TYR A 61 -3.54 -0.25 -23.05
N THR A 62 -4.14 -1.31 -23.63
CA THR A 62 -3.51 -2.65 -23.70
C THR A 62 -3.06 -2.99 -25.10
N LEU A 63 -2.24 -4.04 -25.23
CA LEU A 63 -1.83 -4.58 -26.52
C LEU A 63 -2.99 -5.06 -27.34
N ASP A 64 -3.91 -5.79 -26.70
CA ASP A 64 -5.06 -6.35 -27.43
C ASP A 64 -5.87 -5.23 -28.07
N GLN A 65 -6.06 -4.11 -27.35
CA GLN A 65 -6.76 -2.96 -27.99
C GLN A 65 -5.98 -2.39 -29.18
N CYS A 66 -4.64 -2.24 -29.03
CA CYS A 66 -3.80 -1.78 -30.15
C CYS A 66 -4.02 -2.60 -31.40
N ILE A 67 -4.03 -3.93 -31.25
CA ILE A 67 -4.00 -4.82 -32.41
C ILE A 67 -5.35 -5.29 -32.88
N GLN A 68 -6.41 -4.94 -32.17
CA GLN A 68 -7.73 -5.52 -32.44
C GLN A 68 -8.15 -5.33 -33.91
N THR A 69 -7.91 -4.15 -34.46
CA THR A 69 -8.30 -3.85 -35.83
C THR A 69 -7.58 -4.75 -36.84
N GLY A 70 -6.32 -5.07 -36.56
CA GLY A 70 -5.56 -6.02 -37.40
C GLY A 70 -6.00 -7.47 -37.25
N VAL A 71 -6.54 -7.83 -36.08
CA VAL A 71 -7.10 -9.15 -35.86
C VAL A 71 -8.44 -9.29 -36.60
N ASP A 72 -9.31 -8.27 -36.45
CA ASP A 72 -10.66 -8.31 -37.02
C ASP A 72 -10.69 -8.11 -38.55
N ASN A 73 -9.67 -7.43 -39.12
CA ASN A 73 -9.64 -7.07 -40.55
C ASN A 73 -8.46 -7.74 -41.28
N PRO A 74 -8.67 -8.96 -41.81
CA PRO A 74 -7.57 -9.71 -42.46
C PRO A 74 -7.10 -9.10 -43.77
N GLY A 75 -7.96 -8.32 -44.42
CA GLY A 75 -7.57 -7.55 -45.61
C GLY A 75 -8.37 -6.26 -45.72
N HIS A 76 -8.17 -5.58 -46.85
CA HIS A 76 -8.95 -4.40 -47.22
C HIS A 76 -9.08 -4.43 -48.76
N PRO A 77 -10.28 -4.02 -49.30
CA PRO A 77 -10.45 -4.16 -50.77
C PRO A 77 -9.56 -3.27 -51.68
N PHE A 78 -8.97 -2.18 -51.16
CA PHE A 78 -8.24 -1.17 -52.00
C PHE A 78 -6.78 -0.79 -51.59
N ILE A 79 -6.32 -1.19 -50.40
CA ILE A 79 -4.98 -0.76 -49.89
C ILE A 79 -4.42 -1.70 -48.79
N LYS A 80 -3.08 -1.73 -48.66
CA LYS A 80 -2.40 -2.49 -47.59
C LYS A 80 -2.63 -1.77 -46.26
N THR A 81 -2.93 -2.53 -45.19
CA THR A 81 -3.25 -1.94 -43.89
C THR A 81 -2.21 -2.27 -42.83
N VAL A 82 -2.16 -1.43 -41.83
CA VAL A 82 -1.20 -1.55 -40.74
C VAL A 82 -1.64 -2.61 -39.74
N GLY A 83 -2.94 -2.65 -39.44
CA GLY A 83 -3.50 -3.57 -38.48
C GLY A 83 -3.28 -3.23 -37.01
N MET A 84 -2.82 -2.01 -36.71
CA MET A 84 -2.78 -1.54 -35.30
C MET A 84 -2.84 -0.02 -35.18
N VAL A 85 -3.30 0.43 -34.02
CA VAL A 85 -3.39 1.85 -33.69
C VAL A 85 -2.86 2.08 -32.28
N ALA A 86 -2.45 3.32 -32.01
CA ALA A 86 -2.04 3.73 -30.69
C ALA A 86 -3.25 4.35 -29.99
N GLY A 87 -3.38 4.09 -28.69
CA GLY A 87 -4.44 4.70 -27.86
C GLY A 87 -3.98 5.99 -27.21
N ASP A 88 -2.67 6.20 -27.16
CA ASP A 88 -2.08 7.36 -26.48
C ASP A 88 -0.64 7.45 -26.92
N GLU A 89 0.02 8.53 -26.54
CA GLU A 89 1.42 8.75 -26.91
C GLU A 89 2.34 7.62 -26.39
N GLU A 90 2.06 7.18 -25.16
CA GLU A 90 2.86 6.19 -24.48
C GLU A 90 2.75 4.80 -25.15
N SER A 91 1.65 4.53 -25.88
CA SER A 91 1.51 3.26 -26.64
C SER A 91 2.72 2.97 -27.49
N TYR A 92 3.25 3.98 -28.19
CA TYR A 92 4.44 3.80 -29.03
C TYR A 92 5.71 3.39 -28.24
N GLU A 93 5.83 3.85 -26.98
CA GLU A 93 6.95 3.41 -26.09
C GLU A 93 6.67 2.02 -25.51
N VAL A 94 5.52 1.87 -24.85
CA VAL A 94 5.20 0.66 -24.11
C VAL A 94 5.15 -0.57 -25.05
N PHE A 95 4.67 -0.37 -26.29
CA PHE A 95 4.51 -1.47 -27.25
C PHE A 95 5.48 -1.35 -28.44
N ALA A 96 6.64 -0.71 -28.20
CA ALA A 96 7.68 -0.50 -29.21
C ALA A 96 8.13 -1.77 -29.89
N ASP A 97 8.18 -2.88 -29.17
CA ASP A 97 8.59 -4.16 -29.75
C ASP A 97 7.66 -4.65 -30.84
N LEU A 98 6.42 -4.18 -30.87
CA LEU A 98 5.58 -4.43 -32.02
C LEU A 98 5.53 -3.23 -32.98
N PHE A 99 5.35 -2.02 -32.45
CA PHE A 99 5.24 -0.81 -33.33
C PHE A 99 6.49 -0.59 -34.19
N ASP A 100 7.69 -0.80 -33.62
CA ASP A 100 8.93 -0.53 -34.36
C ASP A 100 9.09 -1.36 -35.62
N PRO A 101 8.93 -2.71 -35.54
CA PRO A 101 8.98 -3.50 -36.80
C PRO A 101 7.81 -3.22 -37.74
N VAL A 102 6.61 -2.95 -37.18
CA VAL A 102 5.48 -2.52 -38.00
C VAL A 102 5.80 -1.20 -38.76
N ILE A 103 6.38 -0.22 -38.05
CA ILE A 103 6.78 1.06 -38.67
C ILE A 103 7.78 0.82 -39.80
N LYS A 104 8.80 -0.01 -39.55
CA LYS A 104 9.81 -0.34 -40.58
C LYS A 104 9.17 -0.96 -41.81
N LEU A 105 8.30 -1.94 -41.60
CA LEU A 105 7.64 -2.62 -42.69
C LEU A 105 6.76 -1.68 -43.52
N ARG A 106 5.96 -0.86 -42.86
CA ARG A 106 5.02 0.07 -43.55
C ARG A 106 5.72 1.26 -44.28
N HIS A 107 6.84 1.74 -43.75
CA HIS A 107 7.51 2.92 -44.28
C HIS A 107 8.85 2.59 -44.95
N ASN A 108 8.89 1.48 -45.68
CA ASN A 108 10.02 1.10 -46.56
C ASN A 108 11.39 1.28 -45.95
N GLY A 109 11.57 0.74 -44.74
CA GLY A 109 12.89 0.69 -44.09
C GLY A 109 13.19 1.71 -43.01
N TYR A 110 12.33 2.73 -42.86
CA TYR A 110 12.53 3.67 -41.76
C TYR A 110 12.44 2.92 -40.40
N ASP A 111 13.50 2.96 -39.63
CA ASP A 111 13.60 2.20 -38.39
C ASP A 111 13.74 3.16 -37.21
N PRO A 112 12.66 3.34 -36.41
CA PRO A 112 12.72 4.29 -35.30
C PRO A 112 13.69 3.94 -34.16
N ARG A 113 14.15 2.69 -34.11
CA ARG A 113 15.17 2.27 -33.13
C ARG A 113 16.54 2.91 -33.42
N VAL A 114 16.85 3.12 -34.70
CA VAL A 114 18.16 3.64 -35.16
C VAL A 114 18.11 5.05 -35.83
N MET A 115 17.00 5.41 -36.47
CA MET A 115 16.91 6.66 -37.26
C MET A 115 16.11 7.78 -36.57
N LYS A 116 16.24 8.98 -37.12
CA LYS A 116 15.51 10.16 -36.67
C LYS A 116 14.83 10.79 -37.86
N HIS A 117 13.79 11.55 -37.60
CA HIS A 117 12.98 12.16 -38.63
C HIS A 117 13.13 13.67 -38.59
N THR A 118 13.28 14.27 -39.77
CA THR A 118 13.47 15.70 -39.92
C THR A 118 12.17 16.31 -40.38
N THR A 119 11.70 17.33 -39.66
CA THR A 119 10.55 18.14 -40.05
C THR A 119 11.05 19.35 -40.84
N ASP A 120 10.37 19.68 -41.94
CA ASP A 120 10.72 20.86 -42.75
C ASP A 120 9.47 21.43 -43.44
N LEU A 121 8.96 22.55 -42.90
CA LEU A 121 7.74 23.22 -43.40
C LEU A 121 8.03 24.60 -44.06
N ASP A 122 9.23 24.74 -44.64
CA ASP A 122 9.61 25.95 -45.36
C ASP A 122 9.06 25.84 -46.79
N ALA A 123 7.93 26.49 -47.04
CA ALA A 123 7.25 26.40 -48.35
C ALA A 123 8.09 26.98 -49.53
N SER A 124 8.95 27.97 -49.24
CA SER A 124 9.81 28.62 -50.28
C SER A 124 10.65 27.62 -51.12
N LYS A 125 11.02 26.49 -50.51
CA LYS A 125 11.78 25.43 -51.20
C LYS A 125 10.99 24.66 -52.30
N ILE A 126 9.66 24.84 -52.34
CA ILE A 126 8.86 24.47 -53.53
C ILE A 126 8.71 25.71 -54.44
N THR A 127 9.67 25.88 -55.37
CA THR A 127 9.76 27.10 -56.22
C THR A 127 8.92 27.04 -57.50
N GLN A 128 8.77 25.84 -58.07
CA GLN A 128 7.85 25.61 -59.18
C GLN A 128 6.83 24.57 -58.75
N GLY A 129 5.55 24.79 -59.10
CA GLY A 129 4.48 23.83 -58.77
C GLY A 129 3.15 24.12 -59.45
N GLN A 130 3.04 23.70 -60.72
CA GLN A 130 1.84 23.91 -61.53
C GLN A 130 1.63 22.69 -62.46
N PHE A 131 0.56 21.91 -62.22
CA PHE A 131 0.22 20.74 -63.05
C PHE A 131 -0.53 21.12 -64.33
N ASP A 132 -0.55 20.18 -65.29
CA ASP A 132 -1.36 20.32 -66.51
C ASP A 132 -2.82 20.12 -66.13
N GLU A 133 -3.61 21.19 -66.21
CA GLU A 133 -5.00 21.17 -65.74
C GLU A 133 -6.01 20.39 -66.63
N HIS A 134 -5.58 19.95 -67.83
CA HIS A 134 -6.39 19.04 -68.67
C HIS A 134 -6.59 17.66 -68.00
N TYR A 135 -5.57 17.21 -67.26
CA TYR A 135 -5.58 15.88 -66.58
C TYR A 135 -5.88 15.95 -65.05
N VAL A 136 -5.18 16.85 -64.34
CA VAL A 136 -5.29 16.97 -62.86
C VAL A 136 -6.45 17.92 -62.43
N LEU A 137 -7.52 17.35 -61.89
CA LEU A 137 -8.76 18.10 -61.56
C LEU A 137 -8.64 18.98 -60.28
N SER A 138 -8.13 18.38 -59.20
CA SER A 138 -7.92 19.09 -57.91
C SER A 138 -6.58 18.71 -57.27
N SER A 139 -6.09 19.55 -56.34
CA SER A 139 -4.81 19.34 -55.60
C SER A 139 -4.97 19.63 -54.08
N ARG A 140 -4.51 18.68 -53.22
CA ARG A 140 -4.76 18.72 -51.74
C ARG A 140 -3.54 18.29 -50.94
N VAL A 141 -3.28 18.99 -49.84
CA VAL A 141 -2.22 18.60 -48.88
C VAL A 141 -2.80 18.50 -47.47
N ARG A 142 -2.69 17.33 -46.85
CA ARG A 142 -3.12 17.17 -45.44
C ARG A 142 -2.05 16.62 -44.51
N THR A 143 -2.24 16.88 -43.23
CA THR A 143 -1.48 16.24 -42.15
C THR A 143 -2.41 16.09 -40.96
N GLY A 144 -1.88 15.56 -39.86
CA GLY A 144 -2.61 15.48 -38.60
C GLY A 144 -1.72 15.91 -37.46
N ARG A 145 -2.35 16.31 -36.37
CA ARG A 145 -1.64 16.68 -35.15
C ARG A 145 -2.41 16.20 -33.95
N SER A 146 -1.67 15.75 -32.94
CA SER A 146 -2.25 15.30 -31.67
C SER A 146 -1.81 16.23 -30.56
N ILE A 147 -2.71 16.50 -29.61
CA ILE A 147 -2.48 17.28 -28.42
C ILE A 147 -2.02 16.40 -27.28
N ARG A 148 -0.82 16.70 -26.76
CA ARG A 148 -0.20 15.93 -25.71
C ARG A 148 -1.02 16.03 -24.42
N GLY A 149 -1.04 14.93 -23.67
CA GLY A 149 -1.78 14.83 -22.44
C GLY A 149 -3.18 14.27 -22.59
N LEU A 150 -3.65 14.10 -23.82
CA LEU A 150 -5.00 13.58 -24.10
C LEU A 150 -4.91 12.31 -24.95
N SER A 151 -5.69 11.30 -24.60
CA SER A 151 -5.74 10.05 -25.35
C SER A 151 -6.16 10.26 -26.82
N LEU A 152 -5.70 9.36 -27.69
CA LEU A 152 -6.02 9.40 -29.13
C LEU A 152 -7.40 8.75 -29.35
N PRO A 153 -8.00 8.93 -30.54
CA PRO A 153 -9.39 8.44 -30.79
C PRO A 153 -9.75 6.99 -30.44
N PRO A 154 -8.78 6.03 -30.54
CA PRO A 154 -9.13 4.67 -30.12
C PRO A 154 -9.48 4.54 -28.64
N ALA A 155 -8.93 5.40 -27.80
CA ALA A 155 -9.07 5.25 -26.32
C ALA A 155 -9.77 6.39 -25.60
N CYS A 156 -9.91 7.54 -26.23
CA CYS A 156 -10.36 8.73 -25.50
C CYS A 156 -11.76 8.53 -24.93
N THR A 157 -11.94 9.03 -23.70
CA THR A 157 -13.26 9.11 -23.10
C THR A 157 -13.99 10.27 -23.75
N ARG A 158 -15.30 10.34 -23.52
CA ARG A 158 -16.09 11.45 -23.98
C ARG A 158 -15.55 12.81 -23.49
N ALA A 159 -15.09 12.87 -22.24
CA ALA A 159 -14.54 14.10 -21.66
C ALA A 159 -13.19 14.51 -22.30
N GLU A 160 -12.32 13.56 -22.56
CA GLU A 160 -11.06 13.84 -23.29
C GLU A 160 -11.32 14.38 -24.67
N ARG A 161 -12.28 13.79 -25.37
CA ARG A 161 -12.57 14.16 -26.74
C ARG A 161 -13.16 15.61 -26.79
N ARG A 162 -14.10 15.89 -25.88
CA ARG A 162 -14.66 17.25 -25.72
C ARG A 162 -13.56 18.26 -25.38
N GLU A 163 -12.60 17.86 -24.53
CA GLU A 163 -11.45 18.73 -24.21
C GLU A 163 -10.63 19.04 -25.46
N VAL A 164 -10.41 18.03 -26.33
CA VAL A 164 -9.69 18.24 -27.60
C VAL A 164 -10.42 19.27 -28.48
N GLU A 165 -11.75 19.11 -28.62
CA GLU A 165 -12.59 20.03 -29.37
C GLU A 165 -12.45 21.43 -28.82
N ASN A 166 -12.50 21.54 -27.49
CA ASN A 166 -12.39 22.82 -26.81
C ASN A 166 -11.04 23.52 -27.07
N VAL A 167 -9.94 22.78 -26.95
CA VAL A 167 -8.58 23.32 -27.20
C VAL A 167 -8.41 23.77 -28.66
N ALA A 168 -8.91 22.94 -29.57
CA ALA A 168 -8.91 23.25 -31.01
C ALA A 168 -9.74 24.50 -31.34
N ILE A 169 -11.02 24.49 -30.95
CA ILE A 169 -11.97 25.61 -31.18
C ILE A 169 -11.35 26.95 -30.76
N THR A 170 -10.92 27.01 -29.50
CA THR A 170 -10.34 28.21 -28.91
C THR A 170 -9.15 28.75 -29.72
N ALA A 171 -8.25 27.86 -30.14
CA ALA A 171 -7.06 28.26 -30.90
C ALA A 171 -7.43 28.78 -32.29
N LEU A 172 -8.32 28.08 -32.98
CA LEU A 172 -8.70 28.41 -34.38
C LEU A 172 -9.44 29.75 -34.56
N GLU A 173 -10.11 30.22 -33.52
CA GLU A 173 -10.72 31.57 -33.54
C GLU A 173 -9.65 32.68 -33.68
N GLY A 174 -8.41 32.39 -33.25
CA GLY A 174 -7.26 33.29 -33.47
C GLY A 174 -6.76 33.47 -34.93
N LEU A 175 -7.24 32.65 -35.87
CA LEU A 175 -6.79 32.75 -37.29
C LEU A 175 -7.40 33.96 -38.02
N LYS A 176 -6.55 34.67 -38.78
CA LYS A 176 -6.94 35.93 -39.45
C LYS A 176 -6.74 35.89 -40.97
N GLY A 177 -7.36 36.86 -41.65
CA GLY A 177 -7.19 37.07 -43.09
C GLY A 177 -7.93 36.06 -43.92
N ASP A 178 -7.25 35.49 -44.90
CA ASP A 178 -7.83 34.39 -45.71
C ASP A 178 -7.94 33.05 -44.93
N LEU A 179 -7.27 32.96 -43.76
CA LEU A 179 -7.38 31.81 -42.85
C LEU A 179 -8.50 31.97 -41.79
N ALA A 180 -9.26 33.06 -41.82
CA ALA A 180 -10.38 33.24 -40.89
C ALA A 180 -11.46 32.24 -41.26
N GLY A 181 -12.10 31.67 -40.24
CA GLY A 181 -13.15 30.68 -40.48
C GLY A 181 -14.07 30.45 -39.32
N ARG A 182 -14.97 29.49 -39.48
CA ARG A 182 -15.96 29.16 -38.46
C ARG A 182 -15.95 27.64 -38.21
N TYR A 183 -16.20 27.25 -36.97
CA TYR A 183 -16.30 25.86 -36.58
C TYR A 183 -17.76 25.41 -36.69
N TYR A 184 -17.99 24.25 -37.32
CA TYR A 184 -19.33 23.60 -37.38
C TYR A 184 -19.30 22.25 -36.64
N LYS A 185 -20.02 22.16 -35.52
CA LYS A 185 -20.27 20.90 -34.84
C LYS A 185 -21.15 20.02 -35.72
N LEU A 186 -20.76 18.75 -35.88
CA LEU A 186 -21.56 17.78 -36.64
C LEU A 186 -22.89 17.45 -36.00
N SER A 187 -22.98 17.53 -34.66
CA SER A 187 -24.28 17.36 -33.97
C SER A 187 -25.33 18.47 -34.34
N GLU A 188 -24.85 19.66 -34.68
CA GLU A 188 -25.72 20.79 -35.09
C GLU A 188 -25.87 20.95 -36.62
N MET A 189 -25.24 20.06 -37.40
CA MET A 189 -25.30 20.10 -38.87
C MET A 189 -26.36 19.12 -39.39
N THR A 190 -27.22 19.61 -40.29
CA THR A 190 -28.30 18.77 -40.88
C THR A 190 -27.67 17.68 -41.74
N GLU A 191 -28.36 16.55 -41.88
CA GLU A 191 -27.89 15.45 -42.76
C GLU A 191 -27.63 15.94 -44.19
N GLN A 192 -28.51 16.81 -44.68
CA GLN A 192 -28.39 17.44 -46.01
C GLN A 192 -27.04 18.20 -46.19
N ASP A 193 -26.71 19.08 -45.22
CA ASP A 193 -25.43 19.83 -45.24
C ASP A 193 -24.17 18.93 -45.07
N GLN A 194 -24.29 17.86 -44.28
CA GLN A 194 -23.20 16.89 -44.10
C GLN A 194 -22.85 16.20 -45.43
N GLN A 195 -23.87 15.62 -46.06
CA GLN A 195 -23.73 14.88 -47.35
C GLN A 195 -23.18 15.76 -48.50
N ARG A 196 -23.68 17.00 -48.60
CA ARG A 196 -23.14 18.01 -49.53
C ARG A 196 -21.62 18.16 -49.38
N LEU A 197 -21.18 18.46 -48.16
CA LEU A 197 -19.75 18.62 -47.87
C LEU A 197 -18.93 17.36 -48.21
N ILE A 198 -19.50 16.17 -47.93
CA ILE A 198 -18.84 14.86 -48.28
C ILE A 198 -18.72 14.70 -49.79
N ASP A 199 -19.83 14.92 -50.51
CA ASP A 199 -19.85 14.83 -52.00
C ASP A 199 -18.87 15.83 -52.68
N ASP A 200 -18.70 17.02 -52.08
CA ASP A 200 -17.73 18.03 -52.57
C ASP A 200 -16.30 17.90 -51.94
N HIS A 201 -16.03 16.75 -51.30
CA HIS A 201 -14.66 16.37 -50.86
C HIS A 201 -14.09 17.29 -49.74
N PHE A 202 -14.99 17.89 -48.95
CA PHE A 202 -14.60 18.81 -47.86
C PHE A 202 -14.72 18.19 -46.45
N LEU A 203 -15.62 17.22 -46.28
CA LEU A 203 -15.92 16.63 -44.97
C LEU A 203 -15.78 15.11 -45.03
N PHE A 204 -15.27 14.57 -43.92
CA PHE A 204 -15.13 13.11 -43.73
C PHE A 204 -16.45 12.35 -43.76
N ASP A 205 -16.40 11.12 -44.26
CA ASP A 205 -17.55 10.23 -44.25
C ASP A 205 -17.85 9.83 -42.80
N LYS A 206 -19.08 9.37 -42.55
CA LYS A 206 -19.42 8.77 -41.26
C LYS A 206 -18.54 7.52 -41.09
N PRO A 207 -17.98 7.28 -39.88
CA PRO A 207 -17.04 6.15 -39.71
C PRO A 207 -17.76 4.80 -39.72
N VAL A 208 -17.98 4.28 -40.92
CA VAL A 208 -18.56 2.93 -41.13
C VAL A 208 -17.47 1.88 -41.49
N SER A 209 -16.30 2.33 -41.98
CA SER A 209 -15.16 1.46 -42.26
C SER A 209 -14.85 0.53 -41.06
N PRO A 210 -14.73 -0.79 -41.32
CA PRO A 210 -14.44 -1.69 -40.17
C PRO A 210 -13.00 -1.49 -39.55
N LEU A 211 -12.06 -0.93 -40.31
CA LEU A 211 -10.74 -0.53 -39.75
C LEU A 211 -10.92 0.45 -38.59
N LEU A 212 -11.84 1.41 -38.75
CA LEU A 212 -12.09 2.46 -37.76
C LEU A 212 -12.99 1.95 -36.65
N THR A 213 -14.09 1.29 -36.99
CA THR A 213 -15.03 0.81 -35.97
C THR A 213 -14.35 -0.20 -35.05
N CYS A 214 -13.56 -1.14 -35.62
CA CYS A 214 -12.87 -2.18 -34.81
C CYS A 214 -11.72 -1.62 -33.95
N ALA A 215 -11.21 -0.44 -34.31
CA ALA A 215 -10.23 0.27 -33.51
C ALA A 215 -10.87 1.17 -32.42
N GLY A 216 -12.19 1.13 -32.25
CA GLY A 216 -12.88 1.99 -31.28
C GLY A 216 -12.95 3.46 -31.64
N MET A 217 -12.84 3.81 -32.94
CA MET A 217 -12.82 5.23 -33.37
C MET A 217 -14.17 5.80 -33.80
N ALA A 218 -15.24 5.00 -33.68
CA ALA A 218 -16.59 5.48 -33.99
C ALA A 218 -17.42 5.71 -32.73
N ARG A 219 -16.80 5.56 -31.54
CA ARG A 219 -17.54 5.66 -30.26
C ARG A 219 -18.11 7.07 -30.10
N ASP A 220 -19.37 7.10 -29.68
CA ASP A 220 -20.09 8.32 -29.31
C ASP A 220 -20.41 9.27 -30.50
N TRP A 221 -20.24 8.81 -31.73
CA TRP A 221 -20.34 9.66 -32.92
C TRP A 221 -21.75 10.32 -33.02
N PRO A 222 -21.88 11.62 -33.31
CA PRO A 222 -20.79 12.54 -33.70
C PRO A 222 -20.30 13.43 -32.56
N ASP A 223 -20.49 13.02 -31.30
CA ASP A 223 -20.15 13.84 -30.14
C ASP A 223 -18.74 14.37 -30.25
N ALA A 224 -18.62 15.70 -30.24
CA ALA A 224 -17.35 16.44 -30.26
C ALA A 224 -16.58 16.34 -31.57
N ARG A 225 -17.24 15.87 -32.65
CA ARG A 225 -16.67 15.92 -33.98
C ARG A 225 -17.19 17.18 -34.69
N GLY A 226 -16.34 17.75 -35.52
CA GLY A 226 -16.74 18.90 -36.31
C GLY A 226 -15.72 19.23 -37.36
N ILE A 227 -16.06 20.24 -38.15
CA ILE A 227 -15.23 20.75 -39.21
C ILE A 227 -15.09 22.26 -39.02
N TRP A 228 -13.88 22.74 -39.13
CA TRP A 228 -13.62 24.16 -39.18
C TRP A 228 -13.15 24.44 -40.62
N HIS A 229 -13.64 25.53 -41.23
CA HIS A 229 -13.13 25.96 -42.55
C HIS A 229 -13.20 27.48 -42.77
N ASN A 230 -12.28 28.01 -43.60
CA ASN A 230 -12.36 29.39 -44.15
C ASN A 230 -13.44 29.47 -45.26
N TYR A 231 -13.81 30.69 -45.66
CA TYR A 231 -14.98 30.88 -46.57
C TYR A 231 -14.82 30.16 -47.92
N ASP A 232 -13.63 30.24 -48.51
CA ASP A 232 -13.39 29.58 -49.80
C ASP A 232 -13.27 28.04 -49.72
N LYS A 233 -13.23 27.47 -48.49
CA LYS A 233 -12.99 26.05 -48.26
C LYS A 233 -11.63 25.60 -48.88
N THR A 234 -10.62 26.44 -48.68
CA THR A 234 -9.25 26.15 -49.13
C THR A 234 -8.30 25.79 -47.97
N PHE A 235 -8.72 26.08 -46.74
CA PHE A 235 -8.04 25.63 -45.54
C PHE A 235 -9.12 25.10 -44.63
N LEU A 236 -9.03 23.80 -44.32
CA LEU A 236 -10.02 23.11 -43.51
C LEU A 236 -9.33 22.35 -42.37
N ILE A 237 -10.06 22.16 -41.29
CA ILE A 237 -9.56 21.36 -40.17
C ILE A 237 -10.67 20.44 -39.69
N TRP A 238 -10.39 19.13 -39.72
CA TRP A 238 -11.29 18.12 -39.16
C TRP A 238 -10.91 17.84 -37.70
N ILE A 239 -11.90 17.80 -36.81
CA ILE A 239 -11.68 17.67 -35.37
C ILE A 239 -12.25 16.36 -34.88
N ASN A 240 -11.39 15.55 -34.22
CA ASN A 240 -11.80 14.28 -33.57
C ASN A 240 -12.40 13.16 -34.44
N GLU A 241 -12.09 13.12 -35.73
CA GLU A 241 -12.52 11.94 -36.53
C GLU A 241 -11.43 10.85 -36.50
N GLU A 242 -10.43 10.96 -37.36
CA GLU A 242 -9.37 9.94 -37.47
C GLU A 242 -8.24 10.25 -36.50
N ASP A 243 -8.09 11.54 -36.17
CA ASP A 243 -7.09 12.04 -35.24
C ASP A 243 -7.70 13.18 -34.45
N HIS A 244 -6.95 13.71 -33.49
CA HIS A 244 -7.34 14.94 -32.80
C HIS A 244 -7.65 16.05 -33.83
N THR A 245 -6.69 16.31 -34.71
CA THR A 245 -6.87 17.23 -35.83
C THR A 245 -6.34 16.62 -37.11
N ARG A 246 -7.00 16.96 -38.23
CA ARG A 246 -6.47 16.77 -39.57
C ARG A 246 -6.49 18.16 -40.24
N VAL A 247 -5.30 18.67 -40.57
CA VAL A 247 -5.14 19.98 -41.17
C VAL A 247 -5.00 19.81 -42.67
N ILE A 248 -5.88 20.47 -43.43
CA ILE A 248 -6.03 20.26 -44.89
C ILE A 248 -5.94 21.58 -45.63
N SER A 249 -5.16 21.60 -46.71
CA SER A 249 -5.15 22.68 -47.67
C SER A 249 -5.51 22.08 -49.02
N MET A 250 -6.46 22.71 -49.73
CA MET A 250 -6.86 22.23 -51.06
C MET A 250 -7.51 23.31 -51.94
N GLU A 251 -7.71 22.98 -53.21
CA GLU A 251 -8.44 23.83 -54.19
C GLU A 251 -8.68 23.10 -55.50
N LYS A 252 -9.56 23.66 -56.34
CA LYS A 252 -9.72 23.19 -57.72
C LYS A 252 -8.44 23.54 -58.51
N GLY A 253 -8.04 22.63 -59.40
CA GLY A 253 -6.87 22.83 -60.29
C GLY A 253 -5.68 21.98 -59.95
N GLY A 254 -4.48 22.47 -60.26
CA GLY A 254 -3.22 21.76 -59.98
C GLY A 254 -2.06 22.66 -59.58
N ASN A 255 -2.35 23.78 -58.91
CA ASN A 255 -1.31 24.67 -58.36
C ASN A 255 -0.89 24.20 -56.96
N MET A 256 0.00 23.20 -56.92
CA MET A 256 0.52 22.64 -55.66
C MET A 256 1.41 23.63 -54.85
N LYS A 257 2.04 24.59 -55.53
CA LYS A 257 2.98 25.54 -54.86
C LYS A 257 2.28 26.52 -53.94
N ARG A 258 1.08 26.99 -54.33
CA ARG A 258 0.29 27.90 -53.50
C ARG A 258 -0.48 27.14 -52.41
N VAL A 259 -1.03 25.97 -52.77
CA VAL A 259 -1.67 25.06 -51.81
C VAL A 259 -0.72 24.78 -50.62
N PHE A 260 0.53 24.43 -50.93
CA PHE A 260 1.53 24.13 -49.89
C PHE A 260 2.00 25.36 -49.12
N GLU A 261 2.02 26.54 -49.76
CA GLU A 261 2.35 27.78 -49.03
C GLU A 261 1.28 28.12 -47.98
N ARG A 262 0.01 27.89 -48.35
CA ARG A 262 -1.15 28.05 -47.44
C ARG A 262 -1.12 27.02 -46.31
N PHE A 263 -0.90 25.75 -46.68
CA PHE A 263 -0.71 24.65 -45.71
C PHE A 263 0.35 24.98 -44.65
N CYS A 264 1.55 25.33 -45.10
CA CYS A 264 2.67 25.66 -44.18
C CYS A 264 2.40 26.88 -43.32
N ARG A 265 1.79 27.90 -43.92
CA ARG A 265 1.46 29.14 -43.20
C ARG A 265 0.36 28.89 -42.19
N GLY A 266 -0.69 28.20 -42.64
CA GLY A 266 -1.84 27.87 -41.79
C GLY A 266 -1.44 26.99 -40.61
N LEU A 267 -0.66 25.95 -40.90
CA LEU A 267 -0.21 24.98 -39.89
C LEU A 267 0.71 25.61 -38.84
N LYS A 268 1.66 26.45 -39.27
CA LYS A 268 2.57 27.15 -38.32
C LYS A 268 1.81 28.11 -37.38
N GLU A 269 0.73 28.71 -37.88
CA GLU A 269 -0.10 29.60 -37.06
C GLU A 269 -0.96 28.80 -36.08
N VAL A 270 -1.59 27.73 -36.57
CA VAL A 270 -2.41 26.83 -35.72
C VAL A 270 -1.58 26.35 -34.55
N GLU A 271 -0.33 25.97 -34.81
CA GLU A 271 0.62 25.53 -33.77
C GLU A 271 0.89 26.62 -32.77
N ARG A 272 1.20 27.82 -33.26
CA ARG A 272 1.49 28.95 -32.38
C ARG A 272 0.27 29.30 -31.49
N LEU A 273 -0.93 29.28 -32.08
CA LEU A 273 -2.17 29.55 -31.34
C LEU A 273 -2.44 28.50 -30.25
N ILE A 274 -2.19 27.23 -30.57
CA ILE A 274 -2.33 26.13 -29.60
C ILE A 274 -1.28 26.25 -28.50
N GLN A 275 -0.04 26.52 -28.89
CA GLN A 275 1.07 26.69 -27.92
C GLN A 275 0.92 27.90 -27.00
N GLU A 276 0.24 28.97 -27.49
CA GLU A 276 -0.07 30.16 -26.67
C GLU A 276 -0.77 29.86 -25.32
N ARG A 277 -1.61 28.82 -25.27
CA ARG A 277 -2.31 28.42 -24.03
C ARG A 277 -1.66 27.27 -23.23
N GLY A 278 -0.48 26.81 -23.68
CA GLY A 278 0.30 25.81 -22.92
C GLY A 278 0.21 24.36 -23.35
N TRP A 279 -0.48 24.08 -24.47
CA TRP A 279 -0.57 22.73 -25.02
C TRP A 279 0.59 22.50 -25.99
N GLU A 280 1.09 21.26 -26.01
CA GLU A 280 2.12 20.82 -26.96
C GLU A 280 1.53 19.76 -27.90
N PHE A 281 2.09 19.66 -29.10
CA PHE A 281 1.80 18.57 -30.01
C PHE A 281 2.53 17.32 -29.62
N MET A 282 1.96 16.15 -29.93
CA MET A 282 2.69 14.88 -29.68
C MET A 282 3.75 14.76 -30.75
N TRP A 283 4.98 14.68 -30.30
CA TRP A 283 6.15 14.67 -31.17
C TRP A 283 7.32 14.11 -30.43
N ASN A 284 8.15 13.34 -31.12
CA ASN A 284 9.49 13.05 -30.65
C ASN A 284 10.43 12.90 -31.87
N GLU A 285 11.73 12.83 -31.63
CA GLU A 285 12.73 12.87 -32.72
C GLU A 285 12.74 11.57 -33.56
N ARG A 286 12.30 10.46 -32.96
CA ARG A 286 12.29 9.18 -33.63
C ARG A 286 11.07 9.03 -34.52
N LEU A 287 9.91 9.45 -34.01
CA LEU A 287 8.64 9.24 -34.71
C LEU A 287 8.08 10.48 -35.41
N GLY A 288 8.72 11.62 -35.23
CA GLY A 288 8.17 12.88 -35.68
C GLY A 288 6.85 13.10 -34.99
N TYR A 289 5.86 13.58 -35.74
CA TYR A 289 4.53 13.85 -35.16
C TYR A 289 3.77 12.54 -34.95
N ILE A 290 3.20 12.39 -33.76
CA ILE A 290 2.54 11.18 -33.35
C ILE A 290 1.04 11.28 -33.62
N LEU A 291 0.52 10.24 -34.29
CA LEU A 291 -0.87 10.14 -34.65
C LEU A 291 -1.39 8.72 -34.39
N THR A 292 -2.69 8.52 -34.55
CA THR A 292 -3.34 7.25 -34.23
C THR A 292 -2.74 6.00 -34.92
N CYS A 293 -2.55 6.09 -36.23
CA CYS A 293 -2.14 4.98 -37.07
C CYS A 293 -0.66 5.16 -37.40
N PRO A 294 0.17 4.10 -37.23
CA PRO A 294 1.58 4.18 -37.64
C PRO A 294 1.83 4.61 -39.11
N SER A 295 0.87 4.41 -40.01
CA SER A 295 0.98 4.91 -41.40
C SER A 295 1.04 6.45 -41.53
N ASN A 296 0.65 7.17 -40.49
CA ASN A 296 0.66 8.65 -40.52
C ASN A 296 1.72 9.32 -39.66
N LEU A 297 2.71 8.55 -39.22
CA LEU A 297 3.77 9.08 -38.37
C LEU A 297 4.71 9.97 -39.18
N GLY A 298 5.61 10.64 -38.47
CA GLY A 298 6.64 11.46 -39.11
C GLY A 298 6.06 12.81 -39.47
N THR A 299 5.71 12.97 -40.74
CA THR A 299 5.06 14.17 -41.27
C THR A 299 3.56 14.08 -41.22
N GLY A 300 3.03 12.87 -41.26
CA GLY A 300 1.60 12.65 -41.45
C GLY A 300 1.05 13.20 -42.75
N LEU A 301 1.95 13.48 -43.69
CA LEU A 301 1.63 14.32 -44.84
C LEU A 301 1.23 13.49 -46.01
N ARG A 302 0.04 13.80 -46.57
CA ARG A 302 -0.41 13.23 -47.85
C ARG A 302 -0.73 14.37 -48.82
N ALA A 303 0.22 14.66 -49.69
CA ALA A 303 0.05 15.63 -50.78
C ALA A 303 -0.39 14.85 -52.00
N GLY A 304 -1.51 15.27 -52.60
CA GLY A 304 -2.10 14.52 -53.71
C GLY A 304 -2.87 15.36 -54.69
N VAL A 305 -3.32 14.69 -55.75
CA VAL A 305 -4.22 15.28 -56.74
C VAL A 305 -5.27 14.27 -57.14
N HIS A 306 -6.35 14.77 -57.71
CA HIS A 306 -7.29 13.95 -58.49
C HIS A 306 -6.87 14.10 -59.94
N VAL A 307 -6.64 12.97 -60.62
CA VAL A 307 -6.15 12.98 -62.01
C VAL A 307 -6.96 12.04 -62.91
N ARG A 308 -7.36 12.54 -64.09
CA ARG A 308 -7.98 11.73 -65.14
C ARG A 308 -6.88 11.07 -65.98
N ILE A 309 -6.58 9.81 -65.66
CA ILE A 309 -5.55 9.01 -66.37
C ILE A 309 -6.22 7.79 -67.04
N PRO A 310 -6.93 8.01 -68.18
CA PRO A 310 -7.69 6.92 -68.82
C PRO A 310 -6.80 5.80 -69.43
N LYS A 311 -5.75 6.20 -70.15
CA LYS A 311 -4.83 5.25 -70.79
C LYS A 311 -3.87 4.60 -69.77
N LEU A 312 -3.29 5.44 -68.90
CA LEU A 312 -2.31 4.99 -67.89
C LEU A 312 -2.88 4.02 -66.82
N SER A 313 -4.19 4.11 -66.55
CA SER A 313 -4.85 3.26 -65.54
C SER A 313 -5.02 1.80 -66.00
N LYS A 314 -5.54 1.63 -67.22
CA LYS A 314 -5.82 0.28 -67.77
C LYS A 314 -4.56 -0.55 -68.14
N ASP A 315 -3.41 0.11 -68.29
CA ASP A 315 -2.11 -0.58 -68.56
C ASP A 315 -1.78 -1.58 -67.43
N PRO A 316 -1.31 -2.80 -67.77
CA PRO A 316 -1.00 -3.80 -66.70
C PRO A 316 0.18 -3.44 -65.76
N ARG A 317 1.13 -2.61 -66.21
CA ARG A 317 2.34 -2.25 -65.42
C ARG A 317 2.22 -0.95 -64.56
N PHE A 318 0.97 -0.46 -64.35
CA PHE A 318 0.73 0.80 -63.59
C PHE A 318 1.12 0.67 -62.13
N SER A 319 0.69 -0.43 -61.49
CA SER A 319 1.02 -0.75 -60.08
C SER A 319 2.54 -0.77 -59.79
N LYS A 320 3.33 -1.24 -60.75
CA LYS A 320 4.81 -1.22 -60.64
C LYS A 320 5.37 0.22 -60.73
N ILE A 321 4.82 1.05 -61.62
CA ILE A 321 5.22 2.49 -61.74
C ILE A 321 4.85 3.33 -60.48
N LEU A 322 3.76 2.95 -59.80
CA LEU A 322 3.33 3.63 -58.54
C LEU A 322 4.22 3.27 -57.33
N GLU A 323 4.51 1.98 -57.17
CA GLU A 323 5.37 1.49 -56.07
C GLU A 323 6.84 1.95 -56.20
N ASN A 324 7.34 2.04 -57.44
CA ASN A 324 8.71 2.53 -57.72
C ASN A 324 8.85 4.07 -57.57
N LEU A 325 7.81 4.83 -57.96
CA LEU A 325 7.79 6.32 -57.76
C LEU A 325 7.35 6.78 -56.32
N ARG A 326 7.09 5.81 -55.43
CA ARG A 326 6.74 6.05 -54.02
C ARG A 326 5.28 6.57 -53.84
N LEU A 327 4.40 6.30 -54.82
CA LEU A 327 3.00 6.81 -54.81
C LEU A 327 1.96 5.72 -54.51
N GLN A 328 0.83 6.14 -53.93
CA GLN A 328 -0.32 5.25 -53.63
C GLN A 328 -1.51 5.59 -54.55
N LYS A 329 -2.29 4.56 -54.93
CA LYS A 329 -3.53 4.73 -55.71
C LYS A 329 -4.75 4.68 -54.79
N ARG A 330 -5.73 5.55 -55.03
CA ARG A 330 -7.01 5.56 -54.29
C ARG A 330 -8.19 5.94 -55.20
N GLY A 331 -9.40 5.58 -54.76
CA GLY A 331 -10.63 5.93 -55.49
C GLY A 331 -10.94 7.42 -55.48
N THR A 332 -11.94 7.83 -56.25
CA THR A 332 -12.31 9.24 -56.39
C THR A 332 -12.93 9.81 -55.09
N GLY A 333 -13.64 8.97 -54.33
CA GLY A 333 -14.17 9.33 -53.01
C GLY A 333 -13.31 8.91 -51.82
N GLY A 334 -11.99 8.67 -52.04
CA GLY A 334 -11.04 8.33 -50.95
C GLY A 334 -10.68 6.86 -50.77
N VAL A 335 -10.00 6.57 -49.66
CA VAL A 335 -9.39 5.24 -49.34
C VAL A 335 -10.35 4.03 -49.40
N ASP A 336 -11.62 4.23 -49.05
CA ASP A 336 -12.62 3.15 -49.01
C ASP A 336 -13.50 3.05 -50.29
N THR A 337 -13.16 3.80 -51.36
CA THR A 337 -13.95 3.80 -52.63
C THR A 337 -13.11 3.35 -53.80
N ALA A 338 -13.78 3.02 -54.90
CA ALA A 338 -13.12 2.78 -56.19
C ALA A 338 -13.06 4.07 -57.01
N ALA A 339 -12.34 4.01 -58.12
CA ALA A 339 -12.27 5.14 -59.08
C ALA A 339 -13.60 5.33 -59.84
N VAL A 340 -13.90 6.57 -60.23
CA VAL A 340 -15.07 6.88 -61.08
C VAL A 340 -14.66 7.81 -62.23
N ALA A 341 -15.06 7.44 -63.47
CA ALA A 341 -14.71 8.17 -64.71
C ALA A 341 -13.17 8.30 -64.92
N ASP A 342 -12.44 7.22 -64.57
CA ASP A 342 -10.95 7.17 -64.59
C ASP A 342 -10.24 8.26 -63.71
N VAL A 343 -10.97 8.88 -62.77
CA VAL A 343 -10.41 9.95 -61.94
C VAL A 343 -9.79 9.28 -60.71
N TYR A 344 -8.45 9.24 -60.70
CA TYR A 344 -7.70 8.56 -59.64
C TYR A 344 -7.09 9.56 -58.67
N ASP A 345 -7.19 9.25 -57.38
CA ASP A 345 -6.51 10.00 -56.33
C ASP A 345 -5.07 9.46 -56.23
N ILE A 346 -4.09 10.29 -56.64
CA ILE A 346 -2.65 9.94 -56.65
C ILE A 346 -1.89 10.83 -55.66
N SER A 347 -1.22 10.20 -54.68
CA SER A 347 -0.48 10.90 -53.60
C SER A 347 0.74 10.09 -53.12
N ASN A 348 1.66 10.75 -52.39
CA ASN A 348 2.84 10.06 -51.80
C ASN A 348 2.46 8.95 -50.82
N ILE A 349 3.18 7.82 -50.91
CA ILE A 349 2.95 6.63 -50.07
C ILE A 349 3.67 6.74 -48.72
N ASP A 350 4.90 7.25 -48.74
CA ASP A 350 5.75 7.36 -47.51
C ASP A 350 5.44 8.65 -46.75
N ARG A 351 5.59 8.60 -45.42
CA ARG A 351 5.27 9.71 -44.55
C ARG A 351 6.33 10.08 -43.50
N ILE A 352 7.35 9.23 -43.33
CA ILE A 352 8.41 9.43 -42.33
C ILE A 352 9.76 9.03 -42.98
N GLY A 353 10.86 9.64 -42.50
CA GLY A 353 12.17 9.55 -43.16
C GLY A 353 12.48 10.69 -44.13
N ARG A 354 11.46 11.15 -44.84
CA ARG A 354 11.56 12.31 -45.74
C ARG A 354 10.72 13.47 -45.17
N SER A 355 11.20 14.69 -45.39
CA SER A 355 10.55 15.88 -44.84
C SER A 355 9.31 16.27 -45.66
N GLU A 356 8.52 17.21 -45.13
CA GLU A 356 7.29 17.66 -45.78
C GLU A 356 7.61 18.26 -47.15
N VAL A 357 8.65 19.11 -47.18
CA VAL A 357 9.18 19.70 -48.45
C VAL A 357 9.54 18.61 -49.45
N GLU A 358 10.39 17.67 -49.00
CA GLU A 358 10.85 16.55 -49.84
C GLU A 358 9.69 15.70 -50.35
N LEU A 359 8.67 15.47 -49.50
CA LEU A 359 7.48 14.70 -49.91
C LEU A 359 6.64 15.43 -50.97
N VAL A 360 6.46 16.74 -50.80
CA VAL A 360 5.73 17.55 -51.80
C VAL A 360 6.44 17.49 -53.17
N GLN A 361 7.78 17.63 -53.12
CA GLN A 361 8.61 17.54 -54.32
C GLN A 361 8.45 16.18 -55.03
N ILE A 362 8.45 15.09 -54.26
CA ILE A 362 8.26 13.74 -54.82
C ILE A 362 6.81 13.47 -55.32
N VAL A 363 5.87 14.39 -55.03
CA VAL A 363 4.51 14.39 -55.61
C VAL A 363 4.44 15.26 -56.86
N ILE A 364 5.15 16.41 -56.86
CA ILE A 364 5.23 17.27 -58.05
C ILE A 364 5.88 16.48 -59.22
N ASP A 365 6.99 15.81 -58.93
CA ASP A 365 7.70 14.98 -59.93
C ASP A 365 6.92 13.71 -60.25
N GLY A 366 6.41 13.04 -59.20
CA GLY A 366 5.65 11.78 -59.35
C GLY A 366 4.36 11.87 -60.17
N VAL A 367 3.72 13.05 -60.17
CA VAL A 367 2.53 13.29 -61.00
C VAL A 367 2.91 13.58 -62.44
N ASN A 368 3.98 14.34 -62.66
CA ASN A 368 4.44 14.72 -64.04
C ASN A 368 4.90 13.56 -64.90
N TYR A 369 5.49 12.54 -64.25
CA TYR A 369 5.76 11.24 -64.88
C TYR A 369 4.43 10.58 -65.28
N LEU A 370 3.46 10.61 -64.35
CA LEU A 370 2.09 10.09 -64.60
C LEU A 370 1.31 10.88 -65.70
N VAL A 371 1.52 12.22 -65.76
CA VAL A 371 0.88 13.06 -66.81
C VAL A 371 1.49 12.81 -68.20
N ASP A 372 2.81 12.62 -68.27
CA ASP A 372 3.49 12.24 -69.52
C ASP A 372 3.08 10.82 -69.91
N CYS A 373 3.39 9.86 -69.02
CA CYS A 373 2.98 8.45 -69.22
C CYS A 373 1.47 8.26 -68.98
N ARG B 18 14.59 1.72 5.84
CA ARG B 18 13.31 2.00 6.57
C ARG B 18 13.39 3.26 7.48
N GLU B 19 12.27 4.00 7.56
CA GLU B 19 12.11 5.21 8.43
C GLU B 19 10.80 5.12 9.27
N GLN B 20 10.78 5.83 10.41
CA GLN B 20 9.57 5.88 11.30
C GLN B 20 9.00 7.33 11.36
N PRO B 21 7.63 7.48 11.44
CA PRO B 21 6.99 8.81 11.44
C PRO B 21 6.90 9.46 12.85
N ARG B 22 7.96 10.17 13.24
CA ARG B 22 8.03 10.83 14.57
C ARG B 22 7.52 12.29 14.54
N LEU B 23 6.92 12.72 15.64
CA LEU B 23 6.58 14.13 15.83
C LEU B 23 7.86 14.97 15.97
N PHE B 24 7.76 16.22 15.54
CA PHE B 24 8.78 17.27 15.71
C PHE B 24 9.94 17.13 14.73
N PRO B 25 10.54 18.28 14.32
CA PRO B 25 11.74 18.16 13.48
C PRO B 25 12.85 17.41 14.23
N PRO B 26 13.75 16.71 13.51
CA PRO B 26 14.85 15.99 14.14
C PRO B 26 15.62 16.76 15.24
N SER B 27 15.91 18.04 15.01
CA SER B 27 16.74 18.83 15.94
C SER B 27 16.10 19.07 17.31
N ALA B 28 14.76 19.05 17.36
CA ALA B 28 14.03 19.25 18.62
C ALA B 28 14.29 18.11 19.61
N ASP B 29 14.69 16.94 19.09
CA ASP B 29 15.09 15.79 19.91
C ASP B 29 16.58 15.73 20.27
N TYR B 30 17.38 16.72 19.86
CA TYR B 30 18.85 16.64 20.09
C TYR B 30 19.17 16.58 21.59
N PRO B 31 20.01 15.61 22.01
CA PRO B 31 20.27 15.45 23.47
C PRO B 31 21.16 16.54 24.03
N ASP B 32 21.00 16.83 25.33
CA ASP B 32 21.85 17.78 26.03
C ASP B 32 23.02 17.00 26.62
N LEU B 33 24.18 17.15 25.98
CA LEU B 33 25.36 16.37 26.28
C LEU B 33 26.48 17.16 26.97
N ARG B 34 26.13 18.28 27.61
CA ARG B 34 27.11 19.02 28.42
C ARG B 34 27.62 18.15 29.55
N LYS B 35 28.93 18.17 29.75
CA LYS B 35 29.59 17.44 30.86
C LYS B 35 29.44 15.89 30.77
N HIS B 36 29.29 15.36 29.55
CA HIS B 36 29.29 13.92 29.30
C HIS B 36 30.66 13.51 28.70
N ASN B 37 31.39 12.67 29.43
CA ASN B 37 32.66 12.14 28.94
C ASN B 37 32.46 10.70 28.48
N ASN B 38 31.97 10.57 27.26
CA ASN B 38 31.93 9.27 26.59
C ASN B 38 32.11 9.43 25.10
N CYS B 39 32.52 8.37 24.44
CA CYS B 39 32.83 8.44 23.00
C CYS B 39 31.63 8.92 22.16
N MET B 40 30.43 8.50 22.54
CA MET B 40 29.21 8.88 21.83
C MET B 40 29.02 10.40 21.88
N ALA B 41 29.12 10.98 23.07
CA ALA B 41 29.01 12.46 23.25
C ALA B 41 30.11 13.27 22.56
N GLU B 42 31.33 12.70 22.47
CA GLU B 42 32.42 13.38 21.74
C GLU B 42 32.17 13.38 20.21
N CYS B 43 31.53 12.33 19.69
CA CYS B 43 31.33 12.19 18.24
C CYS B 43 30.01 12.72 17.68
N LEU B 44 28.95 12.77 18.51
CA LEU B 44 27.65 13.22 18.03
C LEU B 44 27.70 14.71 17.61
N THR B 45 27.15 15.00 16.43
CA THR B 45 26.96 16.36 15.97
C THR B 45 25.50 16.51 15.59
N PRO B 46 25.01 17.76 15.54
CA PRO B 46 23.66 18.07 15.01
C PRO B 46 23.32 17.43 13.68
N ALA B 47 24.28 17.43 12.74
CA ALA B 47 24.07 16.87 11.40
C ALA B 47 23.92 15.38 11.43
N ILE B 48 24.78 14.71 12.21
CA ILE B 48 24.71 13.27 12.33
C ILE B 48 23.39 12.89 13.01
N TYR B 49 23.03 13.59 14.09
CA TYR B 49 21.75 13.31 14.77
C TYR B 49 20.56 13.49 13.82
N ALA B 50 20.52 14.61 13.09
CA ALA B 50 19.41 14.92 12.17
C ALA B 50 19.28 13.89 11.05
N LYS B 51 20.40 13.48 10.48
CA LYS B 51 20.42 12.45 9.44
C LYS B 51 19.91 11.07 9.92
N LEU B 52 20.29 10.67 11.13
CA LEU B 52 20.00 9.30 11.60
C LEU B 52 18.72 9.15 12.42
N ARG B 53 18.13 10.25 12.90
CA ARG B 53 17.05 10.15 13.92
C ARG B 53 15.89 9.26 13.48
N ASN B 54 15.45 9.40 12.24
CA ASN B 54 14.29 8.68 11.72
C ASN B 54 14.60 7.31 11.14
N LYS B 55 15.89 6.93 11.06
CA LYS B 55 16.27 5.64 10.44
C LYS B 55 16.08 4.53 11.43
N VAL B 56 15.59 3.37 10.96
CA VAL B 56 15.44 2.17 11.81
C VAL B 56 16.05 0.96 11.18
N THR B 57 16.42 0.01 12.03
CA THR B 57 16.88 -1.29 11.55
C THR B 57 15.64 -2.10 11.12
N PRO B 58 15.84 -3.28 10.50
CA PRO B 58 14.68 -4.14 10.18
C PRO B 58 13.80 -4.53 11.38
N ASN B 59 14.41 -4.74 12.55
CA ASN B 59 13.66 -5.05 13.80
C ASN B 59 13.17 -3.80 14.59
N GLY B 60 13.30 -2.61 14.00
CA GLY B 60 12.79 -1.39 14.61
C GLY B 60 13.72 -0.71 15.63
N TYR B 61 15.02 -1.04 15.62
CA TYR B 61 15.95 -0.40 16.58
C TYR B 61 16.27 1.01 16.10
N THR B 62 16.24 1.97 17.00
CA THR B 62 16.39 3.40 16.64
C THR B 62 17.70 3.96 17.17
N LEU B 63 18.06 5.16 16.69
CA LEU B 63 19.25 5.87 17.16
C LEU B 63 19.16 6.20 18.63
N ASP B 64 18.01 6.75 19.04
CA ASP B 64 17.76 7.10 20.42
C ASP B 64 18.02 5.93 21.35
N GLN B 65 17.59 4.73 20.95
CA GLN B 65 17.91 3.53 21.75
C GLN B 65 19.40 3.21 21.76
N CYS B 66 20.09 3.31 20.62
CA CYS B 66 21.56 3.10 20.61
C CYS B 66 22.26 3.98 21.65
N ILE B 67 21.92 5.26 21.66
CA ILE B 67 22.68 6.24 22.42
C ILE B 67 22.18 6.50 23.79
N GLN B 68 21.07 5.86 24.20
CA GLN B 68 20.43 6.22 25.48
C GLN B 68 21.36 6.12 26.67
N THR B 69 22.15 5.04 26.72
CA THR B 69 23.06 4.83 27.85
C THR B 69 24.08 5.96 27.97
N GLY B 70 24.57 6.46 26.84
CA GLY B 70 25.46 7.62 26.81
C GLY B 70 24.78 8.94 27.11
N VAL B 71 23.49 9.04 26.86
CA VAL B 71 22.72 10.23 27.29
C VAL B 71 22.51 10.22 28.81
N ASP B 72 22.20 9.05 29.37
CA ASP B 72 21.85 8.94 30.80
C ASP B 72 23.09 8.90 31.71
N ASN B 73 24.23 8.44 31.20
CA ASN B 73 25.43 8.23 31.99
C ASN B 73 26.59 9.15 31.57
N PRO B 74 26.70 10.33 32.21
CA PRO B 74 27.82 11.27 32.03
C PRO B 74 29.22 10.65 32.19
N ILE B 79 36.82 3.71 34.28
CA ILE B 79 36.84 3.54 32.83
C ILE B 79 36.12 4.70 32.11
N LYS B 80 36.70 5.15 30.98
CA LYS B 80 36.00 6.09 30.09
C LYS B 80 35.11 5.29 29.15
N THR B 81 33.86 5.72 29.00
CA THR B 81 32.82 4.89 28.40
C THR B 81 32.55 5.18 26.92
N VAL B 82 31.94 4.21 26.26
CA VAL B 82 31.56 4.34 24.84
C VAL B 82 30.30 5.21 24.69
N GLY B 83 29.28 4.93 25.51
CA GLY B 83 28.00 5.70 25.48
C GLY B 83 26.98 5.28 24.42
N MET B 84 27.16 4.09 23.83
CA MET B 84 26.18 3.55 22.91
C MET B 84 26.33 2.05 22.75
N VAL B 85 25.21 1.40 22.41
CA VAL B 85 25.19 -0.03 22.15
C VAL B 85 24.47 -0.29 20.83
N ALA B 86 24.69 -1.47 20.29
CA ALA B 86 23.99 -1.95 19.11
C ALA B 86 22.84 -2.85 19.57
N GLY B 87 21.67 -2.67 18.98
CA GLY B 87 20.49 -3.51 19.24
C GLY B 87 20.45 -4.77 18.38
N ASP B 88 21.22 -4.74 17.28
CA ASP B 88 21.28 -5.84 16.35
C ASP B 88 22.45 -5.64 15.40
N GLU B 89 22.80 -6.68 14.66
CA GLU B 89 23.86 -6.60 13.65
C GLU B 89 23.72 -5.39 12.76
N GLU B 90 22.51 -5.16 12.25
CA GLU B 90 22.25 -4.07 11.31
C GLU B 90 22.47 -2.66 11.90
N SER B 91 22.38 -2.51 13.23
CA SER B 91 22.64 -1.22 13.90
C SER B 91 23.95 -0.61 13.45
N TYR B 92 24.98 -1.45 13.32
CA TYR B 92 26.31 -0.97 12.90
C TYR B 92 26.34 -0.41 11.49
N GLU B 93 25.49 -0.93 10.60
CA GLU B 93 25.36 -0.39 9.23
C GLU B 93 24.46 0.84 9.19
N VAL B 94 23.25 0.73 9.74
CA VAL B 94 22.28 1.80 9.65
C VAL B 94 22.78 3.08 10.34
N PHE B 95 23.44 2.94 11.49
CA PHE B 95 23.95 4.09 12.24
C PHE B 95 25.47 4.21 12.18
N ALA B 96 26.04 3.79 11.04
CA ALA B 96 27.48 3.84 10.79
C ALA B 96 28.06 5.23 10.92
N ASP B 97 27.28 6.27 10.56
CA ASP B 97 27.78 7.66 10.71
C ASP B 97 28.06 8.06 12.14
N LEU B 98 27.53 7.34 13.12
CA LEU B 98 27.90 7.55 14.50
C LEU B 98 28.80 6.43 15.01
N PHE B 99 28.47 5.17 14.72
CA PHE B 99 29.33 4.04 15.17
C PHE B 99 30.81 4.15 14.65
N ASP B 100 30.97 4.51 13.39
CA ASP B 100 32.33 4.56 12.78
C ASP B 100 33.29 5.51 13.52
N PRO B 101 32.93 6.83 13.66
CA PRO B 101 33.80 7.73 14.47
C PRO B 101 33.96 7.29 15.95
N VAL B 102 32.92 6.70 16.55
CA VAL B 102 33.02 6.22 17.93
C VAL B 102 34.00 5.03 18.03
N ILE B 103 33.94 4.13 17.08
CA ILE B 103 34.89 3.02 16.99
C ILE B 103 36.31 3.57 16.87
N LYS B 104 36.52 4.51 15.93
CA LYS B 104 37.84 5.15 15.75
C LYS B 104 38.37 5.75 17.03
N LEU B 105 37.54 6.53 17.72
CA LEU B 105 37.93 7.21 18.97
C LEU B 105 38.26 6.21 20.08
N ARG B 106 37.41 5.19 20.24
CA ARG B 106 37.58 4.17 21.30
C ARG B 106 38.75 3.23 21.04
N HIS B 107 39.06 2.96 19.78
CA HIS B 107 40.04 1.93 19.43
C HIS B 107 41.33 2.51 18.79
N ASN B 108 41.77 3.68 19.30
CA ASN B 108 43.06 4.26 18.94
CA ASN B 108 43.06 4.26 18.94
C ASN B 108 43.26 4.40 17.42
N GLY B 109 42.27 4.97 16.75
CA GLY B 109 42.36 5.25 15.32
C GLY B 109 42.02 4.13 14.33
N TYR B 110 41.60 2.95 14.81
CA TYR B 110 41.08 1.91 13.89
C TYR B 110 39.80 2.42 13.23
N ASP B 111 39.88 2.68 11.91
CA ASP B 111 38.77 3.23 11.15
C ASP B 111 38.12 2.12 10.33
N PRO B 112 36.88 1.72 10.68
CA PRO B 112 36.24 0.64 9.93
C PRO B 112 35.81 1.02 8.50
N ARG B 113 35.79 2.31 8.18
CA ARG B 113 35.54 2.79 6.79
C ARG B 113 36.69 2.42 5.80
N VAL B 114 37.93 2.37 6.31
CA VAL B 114 39.15 2.09 5.48
C VAL B 114 39.81 0.73 5.77
N MET B 115 39.82 0.31 7.04
CA MET B 115 40.63 -0.82 7.48
C MET B 115 39.82 -2.11 7.58
N LYS B 116 40.54 -3.22 7.70
CA LYS B 116 39.94 -4.54 7.89
C LYS B 116 40.57 -5.21 9.09
N HIS B 117 39.84 -6.18 9.65
CA HIS B 117 40.26 -6.87 10.86
C HIS B 117 40.60 -8.27 10.50
N THR B 118 41.62 -8.80 11.18
CA THR B 118 42.13 -10.12 10.95
C THR B 118 41.88 -10.97 12.17
N THR B 119 41.22 -12.11 11.96
CA THR B 119 40.97 -13.09 13.01
C THR B 119 42.02 -14.20 12.89
N ASP B 120 42.73 -14.48 13.98
CA ASP B 120 43.72 -15.55 14.02
C ASP B 120 43.59 -16.30 15.34
N LEU B 121 42.96 -17.47 15.28
CA LEU B 121 42.78 -18.36 16.44
C LEU B 121 43.62 -19.63 16.25
N ASP B 122 44.90 -19.43 15.94
CA ASP B 122 45.86 -20.50 15.77
C ASP B 122 46.68 -20.55 17.07
N ALA B 123 46.29 -21.45 17.96
CA ALA B 123 46.90 -21.55 19.31
C ALA B 123 48.41 -21.87 19.30
N SER B 124 48.86 -22.62 18.28
CA SER B 124 50.29 -23.00 18.13
C SER B 124 51.29 -21.82 18.24
N LYS B 125 50.87 -20.64 17.78
CA LYS B 125 51.64 -19.41 17.99
C LYS B 125 51.36 -18.89 19.40
N GLN B 128 55.45 -21.26 23.20
CA GLN B 128 55.92 -20.27 24.18
C GLN B 128 54.86 -20.08 25.26
N GLN B 130 54.39 -19.40 30.02
CA GLN B 130 54.41 -19.90 31.38
C GLN B 130 54.89 -18.82 32.35
N PHE B 131 53.95 -18.05 32.92
CA PHE B 131 54.26 -16.99 33.90
C PHE B 131 54.40 -17.56 35.31
N SER B 138 46.16 -16.65 38.75
CA SER B 138 45.28 -17.17 37.71
C SER B 138 45.38 -16.35 36.41
N SER B 139 45.33 -17.06 35.28
CA SER B 139 45.26 -16.46 33.95
C SER B 139 43.85 -16.64 33.37
N ARG B 140 43.34 -15.63 32.64
CA ARG B 140 41.96 -15.65 32.07
C ARG B 140 41.90 -15.01 30.67
N VAL B 141 41.38 -15.76 29.69
CA VAL B 141 41.13 -15.26 28.33
C VAL B 141 39.61 -15.31 28.04
N ARG B 142 39.04 -14.14 27.72
CA ARG B 142 37.60 -13.98 27.52
C ARG B 142 37.30 -13.40 26.15
N THR B 143 36.25 -13.89 25.50
CA THR B 143 35.65 -13.19 24.35
C THR B 143 34.12 -13.34 24.36
N GLY B 144 33.47 -12.80 23.35
CA GLY B 144 32.02 -12.96 23.18
C GLY B 144 31.66 -13.21 21.74
N ARG B 145 30.51 -13.85 21.55
CA ARG B 145 30.01 -14.17 20.23
C ARG B 145 28.50 -13.93 20.20
N SER B 146 28.01 -13.42 19.06
CA SER B 146 26.58 -13.22 18.80
C SER B 146 26.11 -14.18 17.69
N ILE B 147 24.92 -14.73 17.88
CA ILE B 147 24.21 -15.52 16.90
C ILE B 147 23.46 -14.62 15.91
N ARG B 148 23.84 -14.72 14.63
CA ARG B 148 23.18 -14.00 13.55
C ARG B 148 21.69 -14.34 13.40
N GLY B 149 20.87 -13.29 13.16
CA GLY B 149 19.42 -13.43 13.03
C GLY B 149 18.64 -13.19 14.31
N LEU B 150 19.34 -13.10 15.45
CA LEU B 150 18.70 -12.81 16.72
C LEU B 150 19.21 -11.47 17.20
N SER B 151 18.29 -10.63 17.68
CA SER B 151 18.64 -9.32 18.23
C SER B 151 19.59 -9.43 19.47
N LEU B 152 20.40 -8.40 19.66
CA LEU B 152 21.34 -8.34 20.80
C LEU B 152 20.60 -7.92 22.10
N PRO B 153 21.24 -8.12 23.30
CA PRO B 153 20.62 -7.84 24.60
C PRO B 153 19.87 -6.50 24.77
N PRO B 154 20.34 -5.40 24.14
CA PRO B 154 19.56 -4.17 24.32
C PRO B 154 18.13 -4.22 23.82
N ALA B 155 17.87 -5.04 22.79
CA ALA B 155 16.58 -5.05 22.09
C ALA B 155 15.88 -6.40 22.00
N CYS B 156 16.55 -7.50 22.34
CA CYS B 156 15.95 -8.80 22.13
C CYS B 156 14.66 -8.98 22.97
N THR B 157 13.63 -9.52 22.34
CA THR B 157 12.39 -9.90 23.04
C THR B 157 12.65 -11.16 23.90
N ARG B 158 11.71 -11.49 24.78
CA ARG B 158 11.84 -12.70 25.59
C ARG B 158 11.98 -13.98 24.75
N ALA B 159 11.25 -14.05 23.64
CA ALA B 159 11.32 -15.18 22.73
C ALA B 159 12.67 -15.28 22.04
N GLU B 160 13.19 -14.14 21.59
CA GLU B 160 14.53 -14.10 20.98
C GLU B 160 15.61 -14.55 21.94
N ARG B 161 15.53 -14.08 23.17
CA ARG B 161 16.50 -14.44 24.19
C ARG B 161 16.42 -15.95 24.51
N ARG B 162 15.21 -16.47 24.65
CA ARG B 162 14.99 -17.90 24.85
C ARG B 162 15.52 -18.74 23.68
N GLU B 163 15.41 -18.23 22.46
CA GLU B 163 16.01 -18.91 21.29
C GLU B 163 17.54 -18.91 21.37
N VAL B 164 18.16 -17.79 21.78
CA VAL B 164 19.62 -17.78 21.96
C VAL B 164 20.06 -18.89 22.91
N GLU B 165 19.41 -18.95 24.08
CA GLU B 165 19.68 -19.99 25.09
C GLU B 165 19.54 -21.41 24.53
N ASN B 166 18.47 -21.67 23.78
CA ASN B 166 18.26 -22.99 23.21
C ASN B 166 19.37 -23.39 22.21
N VAL B 167 19.73 -22.47 21.31
CA VAL B 167 20.80 -22.71 20.32
C VAL B 167 22.14 -22.97 21.03
N ALA B 168 22.47 -22.14 22.02
CA ALA B 168 23.65 -22.32 22.82
C ALA B 168 23.70 -23.71 23.47
N ILE B 169 22.69 -23.98 24.33
N ILE B 169 22.73 -24.02 24.32
CA ILE B 169 22.52 -25.25 25.08
CA ILE B 169 22.78 -25.28 25.10
C ILE B 169 22.66 -26.48 24.22
C ILE B 169 22.58 -26.55 24.27
N THR B 170 21.97 -26.45 23.08
CA THR B 170 21.94 -27.56 22.11
C THR B 170 23.36 -27.84 21.61
N ALA B 171 24.03 -26.78 21.16
CA ALA B 171 25.38 -26.86 20.65
C ALA B 171 26.38 -27.35 21.70
N LEU B 172 26.30 -26.79 22.91
CA LEU B 172 27.25 -27.15 24.00
C LEU B 172 27.12 -28.60 24.56
N GLU B 173 25.97 -29.27 24.33
CA GLU B 173 25.83 -30.71 24.66
C GLU B 173 26.68 -31.63 23.73
N GLY B 174 27.06 -31.12 22.56
CA GLY B 174 27.97 -31.82 21.63
C GLY B 174 29.45 -31.80 22.03
N LEU B 175 29.84 -30.92 22.97
CA LEU B 175 31.24 -30.88 23.48
C LEU B 175 31.58 -32.12 24.33
N LYS B 176 32.61 -32.87 23.88
CA LYS B 176 33.06 -34.10 24.54
C LYS B 176 34.40 -33.87 25.27
N GLY B 177 34.89 -34.92 25.93
CA GLY B 177 36.23 -34.91 26.55
C GLY B 177 36.33 -33.99 27.77
N ASP B 178 37.46 -33.26 27.86
CA ASP B 178 37.66 -32.23 28.91
C ASP B 178 36.83 -30.92 28.67
N LEU B 179 36.17 -30.82 27.51
CA LEU B 179 35.19 -29.74 27.23
C LEU B 179 33.73 -30.14 27.53
N ALA B 180 33.48 -31.35 28.06
CA ALA B 180 32.12 -31.77 28.43
C ALA B 180 31.69 -31.01 29.66
N GLY B 181 30.40 -30.68 29.73
CA GLY B 181 29.86 -29.89 30.84
C GLY B 181 28.35 -29.90 30.87
N ARG B 182 27.79 -29.19 31.85
CA ARG B 182 26.35 -29.08 32.07
C ARG B 182 25.92 -27.60 32.07
N TYR B 183 24.70 -27.32 31.60
CA TYR B 183 24.12 -25.97 31.62
C TYR B 183 23.34 -25.73 32.92
N TYR B 184 23.63 -24.60 33.59
CA TYR B 184 22.93 -24.21 34.81
C TYR B 184 22.14 -22.91 34.59
N LYS B 185 20.80 -23.04 34.47
CA LYS B 185 19.88 -21.89 34.39
C LYS B 185 19.91 -21.15 35.70
N LEU B 186 20.04 -19.82 35.66
CA LEU B 186 19.96 -18.99 36.88
C LEU B 186 18.59 -19.03 37.60
N SER B 187 17.50 -19.19 36.84
CA SER B 187 16.14 -19.28 37.43
C SER B 187 15.94 -20.53 38.33
N GLU B 188 16.69 -21.61 38.02
CA GLU B 188 16.70 -22.85 38.82
C GLU B 188 17.85 -22.91 39.86
N MET B 189 18.85 -22.02 39.74
CA MET B 189 19.97 -21.94 40.71
C MET B 189 19.56 -21.17 41.96
N THR B 190 20.08 -21.61 43.12
CA THR B 190 19.82 -20.95 44.41
C THR B 190 20.66 -19.69 44.55
N GLU B 191 20.25 -18.80 45.46
CA GLU B 191 21.02 -17.59 45.78
C GLU B 191 22.40 -17.92 46.45
N GLN B 192 22.48 -19.04 47.17
CA GLN B 192 23.73 -19.50 47.83
C GLN B 192 24.80 -19.99 46.82
N ASP B 193 24.36 -20.74 45.79
CA ASP B 193 25.29 -21.22 44.73
CA ASP B 193 25.29 -21.22 44.73
C ASP B 193 25.73 -20.08 43.81
N GLN B 194 24.80 -19.16 43.50
CA GLN B 194 25.10 -17.99 42.65
C GLN B 194 26.10 -17.04 43.33
N GLN B 195 25.99 -16.86 44.65
CA GLN B 195 26.97 -16.07 45.43
C GLN B 195 28.34 -16.76 45.50
N ARG B 196 28.34 -18.08 45.65
CA ARG B 196 29.59 -18.88 45.65
C ARG B 196 30.36 -18.78 44.33
N LEU B 197 29.63 -18.87 43.21
CA LEU B 197 30.24 -18.78 41.86
C LEU B 197 30.68 -17.35 41.50
N ILE B 198 29.92 -16.35 41.92
CA ILE B 198 30.32 -14.93 41.74
C ILE B 198 31.59 -14.62 42.55
N ASP B 199 31.59 -15.00 43.84
CA ASP B 199 32.76 -14.77 44.72
C ASP B 199 34.03 -15.48 44.23
N ASP B 200 33.88 -16.73 43.77
CA ASP B 200 35.01 -17.48 43.18
C ASP B 200 35.23 -17.16 41.68
N HIS B 201 34.76 -15.98 41.23
CA HIS B 201 35.09 -15.41 39.90
C HIS B 201 34.55 -16.22 38.69
N PHE B 202 33.54 -17.07 38.91
CA PHE B 202 32.96 -17.93 37.85
C PHE B 202 31.67 -17.34 37.23
N LEU B 203 30.87 -16.63 38.02
CA LEU B 203 29.54 -16.19 37.62
C LEU B 203 29.43 -14.67 37.55
N PHE B 204 28.63 -14.19 36.62
CA PHE B 204 28.34 -12.74 36.44
C PHE B 204 27.42 -12.20 37.53
N ASP B 205 27.63 -10.94 37.90
CA ASP B 205 26.75 -10.24 38.85
C ASP B 205 25.36 -9.98 38.22
N LYS B 206 24.35 -9.83 39.09
CA LYS B 206 23.04 -9.32 38.67
C LYS B 206 23.26 -7.88 38.18
N PRO B 207 22.77 -7.53 36.96
CA PRO B 207 23.18 -6.29 36.32
C PRO B 207 22.55 -5.05 36.98
N VAL B 208 23.32 -4.45 37.89
CA VAL B 208 22.91 -3.23 38.59
C VAL B 208 23.53 -1.97 37.98
N SER B 209 24.66 -2.10 37.27
CA SER B 209 25.36 -0.96 36.65
C SER B 209 24.41 -0.12 35.74
N PRO B 210 24.37 1.21 35.96
CA PRO B 210 23.48 2.02 35.11
C PRO B 210 23.87 2.04 33.59
N LEU B 211 25.14 1.77 33.27
CA LEU B 211 25.56 1.61 31.86
C LEU B 211 24.76 0.50 31.17
N LEU B 212 24.52 -0.59 31.92
CA LEU B 212 23.81 -1.76 31.41
C LEU B 212 22.30 -1.61 31.48
N THR B 213 21.77 -1.16 32.61
CA THR B 213 20.28 -1.03 32.78
C THR B 213 19.66 0.04 31.86
N CYS B 214 20.36 1.16 31.65
CA CYS B 214 19.93 2.23 30.71
C CYS B 214 20.07 1.83 29.23
N ALA B 215 20.79 0.74 28.97
CA ALA B 215 20.88 0.13 27.62
C ALA B 215 19.80 -0.96 27.37
N GLY B 216 18.86 -1.14 28.31
CA GLY B 216 17.83 -2.17 28.23
C GLY B 216 18.31 -3.60 28.43
N MET B 217 19.47 -3.76 29.07
CA MET B 217 20.13 -5.08 29.15
C MET B 217 19.88 -5.84 30.43
N ALA B 218 18.96 -5.36 31.27
CA ALA B 218 18.57 -6.10 32.48
C ALA B 218 17.11 -6.56 32.40
N ARG B 219 16.50 -6.46 31.21
CA ARG B 219 15.08 -6.78 31.07
C ARG B 219 14.81 -8.26 31.28
N ASP B 220 13.74 -8.55 32.05
CA ASP B 220 13.23 -9.90 32.27
C ASP B 220 14.18 -10.76 33.08
N TRP B 221 15.11 -10.13 33.80
CA TRP B 221 16.17 -10.88 34.46
CA TRP B 221 16.16 -10.85 34.49
C TRP B 221 15.54 -11.73 35.57
N PRO B 222 15.96 -13.02 35.72
CA PRO B 222 17.04 -13.73 35.01
C PRO B 222 16.56 -14.67 33.89
N ASP B 223 15.39 -14.40 33.31
CA ASP B 223 14.82 -15.25 32.25
C ASP B 223 15.84 -15.52 31.14
N ALA B 224 16.11 -16.82 30.91
CA ALA B 224 16.97 -17.31 29.85
C ALA B 224 18.46 -16.99 30.03
N ARG B 225 18.86 -16.56 31.24
CA ARG B 225 20.26 -16.38 31.56
C ARG B 225 20.73 -17.62 32.29
N GLY B 226 21.95 -18.06 31.97
CA GLY B 226 22.57 -19.15 32.70
C GLY B 226 24.05 -19.22 32.47
N ILE B 227 24.67 -20.17 33.16
CA ILE B 227 26.09 -20.44 33.03
C ILE B 227 26.29 -21.91 32.68
N TRP B 228 27.09 -22.13 31.65
CA TRP B 228 27.62 -23.44 31.32
C TRP B 228 29.09 -23.46 31.79
N HIS B 229 29.54 -24.63 32.25
CA HIS B 229 30.97 -24.84 32.55
C HIS B 229 31.29 -26.33 32.53
N ASN B 230 32.51 -26.67 32.09
CA ASN B 230 33.01 -28.06 32.19
C ASN B 230 33.26 -28.48 33.66
N TYR B 231 33.40 -29.79 33.90
CA TYR B 231 33.54 -30.34 35.27
C TYR B 231 34.62 -29.62 36.12
N ASP B 232 35.76 -29.31 35.48
CA ASP B 232 36.87 -28.58 36.15
C ASP B 232 36.59 -27.07 36.45
N LYS B 233 35.59 -26.47 35.80
CA LYS B 233 35.35 -25.00 35.82
C LYS B 233 36.56 -24.19 35.27
N THR B 234 37.21 -24.72 34.22
CA THR B 234 38.30 -24.02 33.48
C THR B 234 37.83 -23.39 32.16
N PHE B 235 36.74 -23.91 31.59
CA PHE B 235 36.10 -23.38 30.39
C PHE B 235 34.65 -23.04 30.76
N LEU B 236 34.29 -21.76 30.73
CA LEU B 236 32.93 -21.30 31.06
C LEU B 236 32.30 -20.49 29.91
N ILE B 237 30.98 -20.61 29.78
CA ILE B 237 30.22 -19.84 28.80
C ILE B 237 29.00 -19.21 29.51
N TRP B 238 29.00 -17.87 29.60
CA TRP B 238 27.85 -17.13 30.14
C TRP B 238 26.87 -16.89 29.00
N ILE B 239 25.60 -17.21 29.23
CA ILE B 239 24.54 -17.08 28.21
C ILE B 239 23.65 -15.91 28.56
N ASN B 240 23.56 -14.95 27.63
CA ASN B 240 22.57 -13.85 27.66
C ASN B 240 22.75 -12.79 28.71
N GLU B 241 23.96 -12.61 29.25
CA GLU B 241 24.19 -11.51 30.20
CA GLU B 241 24.23 -11.51 30.21
C GLU B 241 24.51 -10.21 29.43
N GLU B 242 25.78 -9.95 29.09
CA GLU B 242 26.15 -8.71 28.34
C GLU B 242 26.10 -8.91 26.83
N ASP B 243 26.13 -10.17 26.40
CA ASP B 243 26.10 -10.55 25.00
C ASP B 243 25.36 -11.89 24.93
N HIS B 244 25.12 -12.40 23.73
CA HIS B 244 24.49 -13.73 23.59
C HIS B 244 25.31 -14.78 24.32
N THR B 245 26.61 -14.81 24.03
CA THR B 245 27.56 -15.67 24.73
C THR B 245 28.82 -14.90 25.08
N ARG B 246 29.33 -15.12 26.28
CA ARG B 246 30.71 -14.78 26.67
C ARG B 246 31.45 -16.09 26.90
N VAL B 247 32.51 -16.34 26.12
CA VAL B 247 33.31 -17.56 26.22
C VAL B 247 34.59 -17.26 27.01
N ILE B 248 34.78 -18.01 28.10
CA ILE B 248 35.87 -17.79 29.04
C ILE B 248 36.72 -19.07 29.14
N SER B 249 38.04 -18.92 29.03
CA SER B 249 39.00 -19.97 29.38
C SER B 249 39.86 -19.45 30.52
N MET B 250 39.90 -20.19 31.62
CA MET B 250 40.73 -19.81 32.79
C MET B 250 41.34 -21.00 33.53
N GLU B 251 42.42 -20.72 34.26
CA GLU B 251 43.17 -21.73 35.06
C GLU B 251 43.75 -21.08 36.29
N LYS B 252 44.03 -21.90 37.30
CA LYS B 252 44.82 -21.46 38.45
C LYS B 252 46.29 -21.40 38.01
N GLY B 253 47.00 -20.35 38.44
CA GLY B 253 48.44 -20.19 38.15
C GLY B 253 48.74 -19.20 37.02
N GLY B 254 49.72 -19.54 36.18
CA GLY B 254 50.16 -18.67 35.07
C GLY B 254 50.53 -19.36 33.77
N ASN B 255 49.97 -20.56 33.51
CA ASN B 255 50.16 -21.25 32.23
C ASN B 255 49.18 -20.70 31.16
N MET B 256 49.51 -19.52 30.62
CA MET B 256 48.69 -18.83 29.61
C MET B 256 48.54 -19.62 28.31
N LYS B 257 49.59 -20.38 27.94
CA LYS B 257 49.55 -21.19 26.70
C LYS B 257 48.50 -22.32 26.76
N ARG B 258 48.35 -22.93 27.94
CA ARG B 258 47.30 -23.96 28.15
C ARG B 258 45.91 -23.33 28.09
N VAL B 259 45.78 -22.15 28.72
CA VAL B 259 44.52 -21.39 28.74
C VAL B 259 44.08 -21.06 27.30
N PHE B 260 45.01 -20.50 26.53
CA PHE B 260 44.73 -20.10 25.15
C PHE B 260 44.48 -21.28 24.20
N GLU B 261 45.19 -22.39 24.41
CA GLU B 261 44.96 -23.62 23.60
C GLU B 261 43.53 -24.15 23.78
N ARG B 262 43.04 -24.11 25.03
CA ARG B 262 41.65 -24.51 25.35
C ARG B 262 40.65 -23.50 24.75
N PHE B 263 40.93 -22.22 24.96
CA PHE B 263 40.16 -21.10 24.37
C PHE B 263 39.92 -21.31 22.88
N CYS B 264 40.99 -21.55 22.14
CA CYS B 264 40.89 -21.71 20.68
C CYS B 264 40.23 -23.02 20.26
N ARG B 265 40.47 -24.10 21.01
CA ARG B 265 39.84 -25.40 20.73
C ARG B 265 38.34 -25.37 21.07
N GLY B 266 38.02 -24.78 22.22
CA GLY B 266 36.63 -24.58 22.65
C GLY B 266 35.81 -23.77 21.66
N LEU B 267 36.33 -22.59 21.30
CA LEU B 267 35.66 -21.70 20.34
C LEU B 267 35.38 -22.34 18.99
N LYS B 268 36.42 -22.95 18.41
CA LYS B 268 36.33 -23.57 17.07
C LYS B 268 35.35 -24.75 17.06
N GLU B 269 35.26 -25.45 18.18
CA GLU B 269 34.30 -26.54 18.31
C GLU B 269 32.89 -25.96 18.47
N VAL B 270 32.74 -24.99 19.38
CA VAL B 270 31.46 -24.27 19.56
C VAL B 270 30.94 -23.76 18.21
N GLU B 271 31.82 -23.13 17.42
CA GLU B 271 31.45 -22.63 16.09
C GLU B 271 30.90 -23.73 15.22
N ARG B 272 31.67 -24.81 15.09
CA ARG B 272 31.30 -25.96 14.24
C ARG B 272 29.95 -26.56 14.70
N LEU B 273 29.76 -26.63 16.01
CA LEU B 273 28.53 -27.20 16.58
C LEU B 273 27.24 -26.40 16.24
N ILE B 274 27.33 -25.06 16.19
CA ILE B 274 26.17 -24.23 15.74
C ILE B 274 26.01 -24.22 14.20
N GLN B 275 27.15 -24.24 13.48
CA GLN B 275 27.12 -24.22 12.00
C GLN B 275 26.51 -25.47 11.39
N GLU B 276 26.65 -26.61 12.07
CA GLU B 276 25.96 -27.85 11.66
C GLU B 276 24.44 -27.70 11.76
N ARG B 277 23.98 -26.99 12.81
CA ARG B 277 22.56 -26.66 13.00
C ARG B 277 22.08 -25.39 12.23
N GLY B 278 22.92 -24.86 11.35
CA GLY B 278 22.50 -23.78 10.43
C GLY B 278 22.72 -22.35 10.91
N TRP B 279 23.36 -22.17 12.07
CA TRP B 279 23.59 -20.83 12.63
C TRP B 279 25.01 -20.35 12.34
N GLU B 280 25.13 -19.04 12.10
CA GLU B 280 26.43 -18.34 11.93
C GLU B 280 26.60 -17.34 13.08
N PHE B 281 27.86 -17.04 13.41
CA PHE B 281 28.16 -15.91 14.29
C PHE B 281 28.04 -14.61 13.51
N MET B 282 27.71 -13.52 14.20
CA MET B 282 27.72 -12.20 13.57
C MET B 282 29.17 -11.79 13.42
N TRP B 283 29.55 -11.46 12.19
CA TRP B 283 30.91 -11.19 11.82
C TRP B 283 30.94 -10.46 10.48
N ASN B 284 31.81 -9.47 10.35
CA ASN B 284 32.21 -8.98 9.03
C ASN B 284 33.68 -8.58 9.06
N GLU B 285 34.22 -8.39 7.86
CA GLU B 285 35.65 -8.10 7.69
C GLU B 285 36.09 -6.76 8.28
N ARG B 286 35.16 -5.82 8.42
CA ARG B 286 35.47 -4.48 8.96
C ARG B 286 35.47 -4.45 10.49
N LEU B 287 34.48 -5.10 11.10
CA LEU B 287 34.28 -5.03 12.56
C LEU B 287 34.66 -6.29 13.28
N GLY B 288 35.08 -7.32 12.54
CA GLY B 288 35.32 -8.62 13.13
C GLY B 288 34.02 -9.14 13.74
N TYR B 289 34.12 -9.74 14.92
CA TYR B 289 32.94 -10.29 15.58
C TYR B 289 32.12 -9.16 16.20
N ILE B 290 30.83 -9.22 15.93
CA ILE B 290 29.94 -8.15 16.27
C ILE B 290 29.29 -8.45 17.62
N LEU B 291 29.32 -7.44 18.50
CA LEU B 291 28.83 -7.56 19.89
C LEU B 291 28.10 -6.29 20.31
N THR B 292 27.48 -6.32 21.49
CA THR B 292 26.61 -5.24 21.96
C THR B 292 27.32 -3.90 22.08
N CYS B 293 28.48 -3.89 22.74
CA CYS B 293 29.19 -2.66 22.97
C CYS B 293 30.32 -2.53 21.96
N PRO B 294 30.45 -1.35 21.29
CA PRO B 294 31.56 -1.13 20.33
C PRO B 294 32.99 -1.37 20.90
N SER B 295 33.15 -1.29 22.22
CA SER B 295 34.43 -1.58 22.87
C SER B 295 34.88 -3.04 22.71
N ASN B 296 33.95 -3.96 22.48
CA ASN B 296 34.27 -5.39 22.34
C ASN B 296 34.26 -5.93 20.88
N LEU B 297 34.31 -5.04 19.90
CA LEU B 297 34.40 -5.43 18.50
C LEU B 297 35.79 -6.02 18.11
N GLY B 298 35.86 -6.59 16.91
CA GLY B 298 37.08 -7.19 16.39
C GLY B 298 37.26 -8.57 16.95
N THR B 299 37.98 -8.65 18.07
CA THR B 299 38.21 -9.92 18.75
C THR B 299 37.31 -10.14 19.93
N GLY B 300 36.83 -9.07 20.56
CA GLY B 300 36.14 -9.17 21.86
C GLY B 300 37.03 -9.65 22.99
N LEU B 301 38.34 -9.73 22.74
CA LEU B 301 39.22 -10.53 23.57
C LEU B 301 39.80 -9.71 24.72
N ARG B 302 39.76 -10.28 25.93
CA ARG B 302 40.46 -9.73 27.10
C ARG B 302 41.28 -10.84 27.77
N ALA B 303 42.59 -10.84 27.53
CA ALA B 303 43.53 -11.77 28.16
C ALA B 303 44.18 -11.06 29.36
N GLY B 304 44.10 -11.69 30.54
CA GLY B 304 44.54 -11.05 31.79
C GLY B 304 45.13 -12.01 32.82
N VAL B 305 45.83 -11.42 33.79
CA VAL B 305 46.49 -12.15 34.87
C VAL B 305 45.96 -11.69 36.22
N HIS B 306 46.24 -12.48 37.26
CA HIS B 306 45.75 -12.23 38.61
C HIS B 306 46.84 -12.59 39.63
N SER B 347 45.29 -6.63 32.20
CA SER B 347 44.96 -7.22 30.90
C SER B 347 45.20 -6.27 29.69
N ASN B 348 45.22 -6.86 28.48
CA ASN B 348 45.34 -6.07 27.23
C ASN B 348 44.22 -5.03 27.05
N ILE B 349 44.58 -3.85 26.55
CA ILE B 349 43.63 -2.74 26.30
C ILE B 349 42.98 -2.87 24.91
N ASP B 350 43.72 -3.42 23.95
CA ASP B 350 43.31 -3.47 22.55
C ASP B 350 42.29 -4.60 22.30
N ARG B 351 41.42 -4.39 21.30
CA ARG B 351 40.33 -5.36 20.94
C ARG B 351 40.18 -5.62 19.42
N ILE B 352 40.27 -4.55 18.63
CA ILE B 352 40.20 -4.60 17.15
C ILE B 352 41.50 -3.99 16.55
N GLY B 353 41.84 -4.38 15.32
CA GLY B 353 43.09 -3.97 14.65
C GLY B 353 44.29 -4.90 14.83
N ARG B 354 44.22 -5.76 15.84
CA ARG B 354 45.20 -6.80 16.06
C ARG B 354 44.46 -8.10 16.32
N SER B 355 45.03 -9.20 15.84
CA SER B 355 44.39 -10.53 15.96
C SER B 355 44.44 -11.06 17.40
N GLU B 356 43.76 -12.17 17.64
CA GLU B 356 43.68 -12.78 18.99
C GLU B 356 45.07 -13.21 19.47
N VAL B 357 45.83 -13.88 18.58
CA VAL B 357 47.22 -14.30 18.88
C VAL B 357 48.06 -13.11 19.33
N GLU B 358 47.92 -11.98 18.62
CA GLU B 358 48.73 -10.79 18.87
C GLU B 358 48.43 -10.13 20.20
N LEU B 359 47.16 -10.19 20.63
CA LEU B 359 46.77 -9.67 21.94
C LEU B 359 47.27 -10.55 23.09
N VAL B 360 47.33 -11.86 22.85
CA VAL B 360 47.90 -12.81 23.83
C VAL B 360 49.43 -12.76 23.85
N GLN B 361 50.05 -12.52 22.69
CA GLN B 361 51.51 -12.26 22.62
C GLN B 361 51.86 -10.98 23.40
N ILE B 362 51.04 -9.94 23.27
CA ILE B 362 51.19 -8.70 24.07
C ILE B 362 51.02 -8.96 25.59
N VAL B 363 50.08 -9.84 25.96
CA VAL B 363 49.89 -10.23 27.36
C VAL B 363 51.05 -11.09 27.89
N ILE B 364 51.47 -12.07 27.09
CA ILE B 364 52.58 -12.97 27.45
C ILE B 364 53.91 -12.21 27.62
N ASP B 365 54.15 -11.23 26.73
CA ASP B 365 55.36 -10.37 26.83
C ASP B 365 55.23 -9.37 28.00
N GLY B 366 54.07 -8.72 28.11
CA GLY B 366 53.82 -7.72 29.17
C GLY B 366 53.81 -8.25 30.60
N VAL B 367 53.26 -9.46 30.80
CA VAL B 367 53.16 -10.08 32.15
C VAL B 367 54.55 -10.48 32.69
N ASN B 368 55.33 -11.18 31.84
CA ASN B 368 56.74 -11.52 32.15
C ASN B 368 57.59 -10.28 32.53
N TYR B 369 57.30 -9.13 31.89
CA TYR B 369 57.99 -7.87 32.19
C TYR B 369 57.43 -7.23 33.47
N LEU B 370 56.11 -7.13 33.58
CA LEU B 370 55.45 -6.50 34.74
C LEU B 370 55.47 -7.42 35.97
N ARG C 18 9.46 -10.18 -5.18
CA ARG C 18 8.39 -10.56 -4.17
C ARG C 18 8.95 -11.43 -3.01
N GLU C 19 8.47 -11.14 -1.79
CA GLU C 19 8.86 -11.89 -0.58
C GLU C 19 7.62 -12.39 0.16
N GLN C 20 7.83 -13.34 1.08
CA GLN C 20 6.77 -13.87 1.96
C GLN C 20 7.26 -13.83 3.42
N PRO C 21 6.38 -13.43 4.38
CA PRO C 21 6.80 -13.37 5.79
C PRO C 21 6.85 -14.77 6.44
N ARG C 22 7.93 -15.03 7.19
CA ARG C 22 8.10 -16.30 7.95
C ARG C 22 8.19 -15.98 9.45
N LEU C 23 7.70 -16.90 10.27
CA LEU C 23 7.55 -16.65 11.73
C LEU C 23 8.86 -16.54 12.52
N PHE C 24 9.89 -17.32 12.13
CA PHE C 24 11.15 -17.48 12.93
C PHE C 24 12.40 -16.91 12.20
N PRO C 25 13.56 -16.85 12.89
CA PRO C 25 14.77 -16.48 12.15
C PRO C 25 15.16 -17.59 11.14
N PRO C 26 15.76 -17.22 9.97
CA PRO C 26 16.10 -18.18 8.88
C PRO C 26 16.76 -19.46 9.33
N SER C 27 17.77 -19.34 10.16
CA SER C 27 18.52 -20.47 10.64
C SER C 27 17.71 -21.46 11.47
N ALA C 28 16.58 -21.01 12.06
CA ALA C 28 15.67 -21.89 12.79
C ALA C 28 14.98 -22.91 11.87
N ASP C 29 14.82 -22.55 10.60
CA ASP C 29 14.29 -23.45 9.53
C ASP C 29 15.35 -24.30 8.80
N TYR C 30 16.63 -24.09 9.09
CA TYR C 30 17.71 -24.74 8.32
C TYR C 30 17.55 -26.26 8.37
N PRO C 31 17.61 -26.95 7.19
CA PRO C 31 17.45 -28.40 7.22
C PRO C 31 18.60 -29.13 7.92
N ASP C 32 18.29 -30.30 8.46
CA ASP C 32 19.29 -31.20 8.99
C ASP C 32 19.77 -32.08 7.83
N LEU C 33 21.00 -31.82 7.36
CA LEU C 33 21.57 -32.46 6.18
C LEU C 33 22.75 -33.40 6.46
N ARG C 34 22.87 -33.85 7.71
CA ARG C 34 23.94 -34.79 8.10
C ARG C 34 23.66 -36.09 7.43
N LYS C 35 24.70 -36.70 6.86
CA LYS C 35 24.58 -38.01 6.18
C LYS C 35 23.68 -37.97 4.92
N HIS C 36 23.63 -36.80 4.25
CA HIS C 36 22.96 -36.65 2.94
C HIS C 36 24.03 -36.60 1.87
N ASN C 37 23.87 -37.41 0.82
CA ASN C 37 24.76 -37.37 -0.34
C ASN C 37 23.97 -36.95 -1.59
N ASN C 38 23.68 -35.66 -1.66
CA ASN C 38 23.08 -35.06 -2.87
C ASN C 38 23.64 -33.67 -3.08
N CYS C 39 23.57 -33.18 -4.32
CA CYS C 39 24.22 -31.93 -4.68
C CYS C 39 23.68 -30.74 -3.90
N MET C 40 22.35 -30.70 -3.71
CA MET C 40 21.73 -29.64 -2.91
C MET C 40 22.34 -29.58 -1.51
N ALA C 41 22.43 -30.75 -0.85
CA ALA C 41 23.01 -30.83 0.50
C ALA C 41 24.47 -30.40 0.55
N GLU C 42 25.25 -30.70 -0.51
CA GLU C 42 26.65 -30.28 -0.56
C GLU C 42 26.85 -28.78 -0.85
N CYS C 43 25.89 -28.14 -1.53
CA CYS C 43 26.01 -26.71 -1.85
C CYS C 43 25.31 -25.76 -0.87
N LEU C 44 24.35 -26.26 -0.09
CA LEU C 44 23.59 -25.37 0.79
C LEU C 44 24.47 -24.89 1.96
N THR C 45 24.42 -23.60 2.25
CA THR C 45 25.10 -23.03 3.40
C THR C 45 24.08 -22.23 4.18
N PRO C 46 24.35 -22.00 5.50
CA PRO C 46 23.53 -21.08 6.29
C PRO C 46 23.24 -19.75 5.61
N ALA C 47 24.25 -19.16 4.96
CA ALA C 47 24.11 -17.86 4.31
C ALA C 47 23.20 -17.92 3.09
N ILE C 48 23.34 -18.96 2.29
CA ILE C 48 22.50 -19.12 1.10
C ILE C 48 21.06 -19.34 1.53
N TYR C 49 20.86 -20.23 2.50
CA TYR C 49 19.51 -20.49 3.03
C TYR C 49 18.86 -19.22 3.57
N ALA C 50 19.60 -18.45 4.36
CA ALA C 50 19.06 -17.20 4.96
C ALA C 50 18.69 -16.17 3.93
N LYS C 51 19.51 -16.05 2.89
CA LYS C 51 19.27 -15.11 1.81
C LYS C 51 18.00 -15.47 1.01
N LEU C 52 17.77 -16.78 0.82
CA LEU C 52 16.72 -17.26 -0.09
C LEU C 52 15.41 -17.69 0.57
N ARG C 53 15.40 -17.97 1.87
CA ARG C 53 14.23 -18.60 2.52
C ARG C 53 12.92 -17.85 2.28
N ASN C 54 12.99 -16.53 2.22
CA ASN C 54 11.80 -15.69 2.09
C ASN C 54 11.45 -15.32 0.68
N LYS C 55 12.32 -15.63 -0.30
CA LYS C 55 12.05 -15.29 -1.69
C LYS C 55 11.04 -16.28 -2.27
N VAL C 56 10.14 -15.77 -3.13
CA VAL C 56 9.21 -16.61 -3.88
C VAL C 56 9.17 -16.21 -5.34
N THR C 57 8.72 -17.12 -6.19
CA THR C 57 8.58 -16.86 -7.61
C THR C 57 7.23 -16.18 -7.82
N PRO C 58 6.97 -15.63 -9.03
CA PRO C 58 5.65 -14.98 -9.27
C PRO C 58 4.43 -15.86 -9.00
N ASN C 59 4.52 -17.17 -9.21
CA ASN C 59 3.43 -18.10 -8.84
C ASN C 59 3.51 -18.64 -7.40
N GLY C 60 4.42 -18.11 -6.58
CA GLY C 60 4.50 -18.44 -5.16
C GLY C 60 5.36 -19.65 -4.77
N TYR C 61 6.19 -20.15 -5.69
CA TYR C 61 7.07 -21.30 -5.37
C TYR C 61 8.20 -20.87 -4.42
N THR C 62 8.48 -21.69 -3.40
CA THR C 62 9.46 -21.38 -2.33
C THR C 62 10.72 -22.23 -2.39
N LEU C 63 11.74 -21.83 -1.65
CA LEU C 63 12.98 -22.52 -1.55
C LEU C 63 12.79 -23.88 -0.92
N ASP C 64 12.03 -23.92 0.17
CA ASP C 64 11.71 -25.14 0.87
C ASP C 64 11.09 -26.17 -0.06
N GLN C 65 10.16 -25.74 -0.91
CA GLN C 65 9.61 -26.64 -1.96
C GLN C 65 10.68 -27.12 -2.94
N CYS C 66 11.57 -26.23 -3.39
CA CYS C 66 12.68 -26.64 -4.29
C CYS C 66 13.52 -27.77 -3.70
N ILE C 67 13.91 -27.63 -2.43
CA ILE C 67 14.86 -28.53 -1.79
C ILE C 67 14.26 -29.71 -1.07
N GLN C 68 12.92 -29.80 -1.01
CA GLN C 68 12.29 -30.77 -0.14
C GLN C 68 12.71 -32.19 -0.43
N THR C 69 12.84 -32.51 -1.71
CA THR C 69 13.24 -33.85 -2.12
C THR C 69 14.65 -34.19 -1.63
N GLY C 70 15.56 -33.19 -1.61
CA GLY C 70 16.90 -33.39 -1.10
C GLY C 70 17.01 -33.47 0.41
N VAL C 71 16.11 -32.80 1.11
CA VAL C 71 16.03 -32.89 2.56
C VAL C 71 15.48 -34.27 2.93
N ASP C 72 14.43 -34.72 2.25
CA ASP C 72 13.73 -35.99 2.58
C ASP C 72 14.53 -37.24 2.21
N ASN C 73 15.30 -37.17 1.10
CA ASN C 73 16.00 -38.32 0.52
C ASN C 73 17.52 -38.14 0.55
N PRO C 74 18.20 -38.77 1.54
CA PRO C 74 19.67 -38.67 1.69
C PRO C 74 20.45 -39.05 0.42
N GLY C 75 20.03 -40.15 -0.22
CA GLY C 75 20.71 -40.67 -1.41
C GLY C 75 21.68 -41.79 -1.06
N HIS C 76 22.24 -42.41 -2.11
CA HIS C 76 23.20 -43.51 -1.94
C HIS C 76 24.58 -42.94 -1.50
N PRO C 77 25.37 -43.73 -0.73
CA PRO C 77 26.77 -43.35 -0.37
C PRO C 77 27.70 -43.00 -1.57
N PHE C 78 27.56 -43.73 -2.68
CA PHE C 78 28.38 -43.48 -3.87
N ILE C 79 25.60 -43.29 -5.29
CA ILE C 79 24.78 -42.55 -6.24
C ILE C 79 24.41 -41.17 -5.69
N LYS C 80 25.09 -40.12 -6.19
CA LYS C 80 24.78 -38.72 -5.82
C LYS C 80 23.65 -38.13 -6.71
N THR C 81 22.48 -37.96 -6.11
CA THR C 81 21.33 -37.34 -6.74
C THR C 81 21.43 -35.80 -6.66
N VAL C 82 20.55 -35.08 -7.36
CA VAL C 82 20.61 -33.59 -7.34
C VAL C 82 20.06 -33.04 -6.01
N GLY C 83 18.91 -33.53 -5.58
CA GLY C 83 18.29 -33.10 -4.34
C GLY C 83 17.47 -31.80 -4.42
N MET C 84 17.17 -31.32 -5.63
CA MET C 84 16.25 -30.17 -5.78
C MET C 84 15.59 -30.13 -7.12
N VAL C 85 14.47 -29.43 -7.18
CA VAL C 85 13.68 -29.29 -8.41
C VAL C 85 13.20 -27.86 -8.60
N ALA C 86 12.92 -27.50 -9.83
CA ALA C 86 12.34 -26.19 -10.15
C ALA C 86 10.80 -26.33 -10.27
N GLY C 87 10.09 -25.41 -9.66
CA GLY C 87 8.62 -25.35 -9.77
C GLY C 87 8.13 -24.58 -10.98
N ASP C 88 8.97 -23.72 -11.52
CA ASP C 88 8.62 -22.92 -12.69
C ASP C 88 9.89 -22.40 -13.29
N GLU C 89 9.77 -21.76 -14.45
CA GLU C 89 10.92 -21.22 -15.14
C GLU C 89 11.72 -20.24 -14.28
N GLU C 90 11.01 -19.39 -13.55
CA GLU C 90 11.61 -18.35 -12.73
C GLU C 90 12.39 -18.88 -11.49
N SER C 91 12.08 -20.10 -11.03
CA SER C 91 12.83 -20.73 -9.90
C SER C 91 14.35 -20.69 -10.09
N TYR C 92 14.77 -20.92 -11.33
CA TYR C 92 16.17 -20.92 -11.68
C TYR C 92 16.84 -19.53 -11.50
N GLU C 93 16.08 -18.46 -11.74
CA GLU C 93 16.55 -17.06 -11.51
C GLU C 93 16.47 -16.67 -10.03
N VAL C 94 15.30 -16.87 -9.44
CA VAL C 94 15.05 -16.45 -8.05
C VAL C 94 15.95 -17.21 -7.06
N PHE C 95 16.13 -18.53 -7.26
CA PHE C 95 16.98 -19.33 -6.40
C PHE C 95 18.32 -19.68 -7.05
N ALA C 96 18.83 -18.78 -7.90
CA ALA C 96 20.12 -18.96 -8.61
C ALA C 96 21.32 -19.19 -7.69
N ASP C 97 21.32 -18.58 -6.49
CA ASP C 97 22.42 -18.78 -5.52
C ASP C 97 22.51 -20.22 -5.01
N LEU C 98 21.43 -21.00 -5.15
CA LEU C 98 21.51 -22.42 -4.86
C LEU C 98 21.58 -23.24 -6.14
N PHE C 99 20.72 -22.97 -7.12
CA PHE C 99 20.78 -23.70 -8.43
C PHE C 99 22.15 -23.62 -9.17
N ASP C 100 22.76 -22.45 -9.21
CA ASP C 100 24.06 -22.30 -9.95
C ASP C 100 25.18 -23.20 -9.43
N PRO C 101 25.47 -23.16 -8.11
CA PRO C 101 26.50 -24.13 -7.61
C PRO C 101 26.07 -25.60 -7.74
N VAL C 102 24.79 -25.88 -7.52
CA VAL C 102 24.23 -27.24 -7.75
C VAL C 102 24.43 -27.71 -9.20
N ILE C 103 24.14 -26.85 -10.15
CA ILE C 103 24.33 -27.17 -11.56
C ILE C 103 25.82 -27.44 -11.87
N LYS C 104 26.71 -26.59 -11.37
CA LYS C 104 28.14 -26.74 -11.57
C LYS C 104 28.66 -28.07 -11.00
N LEU C 105 28.19 -28.44 -9.80
CA LEU C 105 28.59 -29.73 -9.17
C LEU C 105 28.07 -30.93 -9.96
N ARG C 106 26.79 -30.89 -10.30
CA ARG C 106 26.16 -32.01 -11.05
C ARG C 106 26.74 -32.18 -12.45
N HIS C 107 27.09 -31.08 -13.12
CA HIS C 107 27.55 -31.16 -14.52
C HIS C 107 29.08 -30.92 -14.70
N ASN C 108 29.87 -31.38 -13.72
CA ASN C 108 31.35 -31.41 -13.84
C ASN C 108 31.95 -30.09 -14.35
N GLY C 109 31.51 -28.99 -13.76
CA GLY C 109 32.08 -27.70 -14.06
C GLY C 109 31.28 -26.77 -14.93
N TYR C 110 30.15 -27.22 -15.55
CA TYR C 110 29.35 -26.27 -16.34
C TYR C 110 28.79 -25.20 -15.40
N ASP C 111 29.17 -23.95 -15.63
CA ASP C 111 28.82 -22.85 -14.73
C ASP C 111 27.91 -21.87 -15.48
N PRO C 112 26.61 -21.84 -15.14
CA PRO C 112 25.70 -20.96 -15.89
C PRO C 112 25.88 -19.46 -15.61
N ARG C 113 26.64 -19.13 -14.57
CA ARG C 113 27.01 -17.74 -14.32
C ARG C 113 27.93 -17.17 -15.40
N VAL C 114 28.80 -18.00 -15.99
CA VAL C 114 29.79 -17.55 -16.98
C VAL C 114 29.77 -18.27 -18.36
N MET C 115 29.12 -19.43 -18.47
CA MET C 115 29.15 -20.21 -19.71
C MET C 115 27.80 -20.17 -20.40
N LYS C 116 27.81 -20.50 -21.69
CA LYS C 116 26.63 -20.55 -22.52
C LYS C 116 26.47 -21.93 -23.11
N HIS C 117 25.24 -22.30 -23.37
CA HIS C 117 24.95 -23.59 -23.94
C HIS C 117 24.51 -23.40 -25.39
N THR C 118 25.03 -24.23 -26.28
CA THR C 118 24.71 -24.18 -27.69
C THR C 118 23.77 -25.35 -28.04
N THR C 119 22.60 -25.02 -28.59
CA THR C 119 21.61 -26.00 -29.09
C THR C 119 21.90 -26.29 -30.57
N ASP C 120 21.87 -27.57 -30.96
CA ASP C 120 22.05 -27.96 -32.37
C ASP C 120 21.30 -29.24 -32.66
N LEU C 121 20.15 -29.11 -33.32
CA LEU C 121 19.33 -30.24 -33.71
C LEU C 121 19.34 -30.41 -35.22
N ASP C 122 20.53 -30.23 -35.83
CA ASP C 122 20.72 -30.47 -37.28
C ASP C 122 21.19 -31.92 -37.46
N ALA C 123 20.22 -32.80 -37.73
CA ALA C 123 20.49 -34.22 -37.82
C ALA C 123 21.39 -34.59 -38.99
N SER C 124 21.41 -33.76 -40.03
CA SER C 124 22.29 -34.01 -41.18
C SER C 124 23.80 -33.96 -40.78
N LYS C 125 24.15 -33.31 -39.66
CA LYS C 125 25.53 -33.39 -39.12
C LYS C 125 25.95 -34.79 -38.62
N ILE C 126 25.00 -35.72 -38.45
CA ILE C 126 25.34 -37.12 -38.23
C ILE C 126 25.28 -37.80 -39.60
N THR C 127 26.45 -38.05 -40.18
CA THR C 127 26.57 -38.64 -41.55
C THR C 127 26.61 -40.17 -41.52
N GLN C 128 27.02 -40.76 -40.39
CA GLN C 128 27.05 -42.21 -40.21
C GLN C 128 26.64 -42.58 -38.79
N GLY C 129 25.81 -43.60 -38.65
CA GLY C 129 25.44 -44.11 -37.34
C GLY C 129 24.59 -45.33 -37.47
N GLN C 130 25.23 -46.48 -37.76
CA GLN C 130 24.59 -47.77 -37.86
C GLN C 130 25.39 -48.79 -37.11
N PHE C 131 24.83 -49.30 -36.03
CA PHE C 131 25.51 -50.27 -35.18
C PHE C 131 25.31 -51.69 -35.70
N ASP C 132 26.22 -52.57 -35.32
CA ASP C 132 26.10 -54.01 -35.58
C ASP C 132 24.91 -54.57 -34.79
N GLU C 133 23.88 -55.03 -35.50
CA GLU C 133 22.62 -55.48 -34.86
C GLU C 133 22.66 -56.90 -34.28
N HIS C 134 23.78 -57.62 -34.47
CA HIS C 134 24.06 -58.83 -33.66
C HIS C 134 24.29 -58.46 -32.19
N TYR C 135 24.70 -57.21 -31.92
CA TYR C 135 24.95 -56.71 -30.54
C TYR C 135 23.93 -55.63 -30.03
N VAL C 136 23.66 -54.62 -30.87
CA VAL C 136 22.70 -53.57 -30.50
C VAL C 136 21.27 -53.98 -30.86
N LEU C 137 20.46 -54.20 -29.83
CA LEU C 137 19.07 -54.63 -29.98
C LEU C 137 18.07 -53.46 -30.18
N SER C 138 18.39 -52.26 -29.65
CA SER C 138 17.54 -51.06 -29.86
C SER C 138 18.32 -49.77 -29.64
N SER C 139 17.88 -48.71 -30.33
CA SER C 139 18.47 -47.38 -30.26
C SER C 139 17.38 -46.37 -29.90
N ARG C 140 17.72 -45.43 -29.01
CA ARG C 140 16.73 -44.52 -28.41
C ARG C 140 17.36 -43.16 -28.20
N VAL C 141 16.61 -42.09 -28.45
CA VAL C 141 17.03 -40.73 -28.08
C VAL C 141 15.86 -40.07 -27.39
N ARG C 142 16.13 -39.55 -26.20
CA ARG C 142 15.12 -38.93 -25.36
C ARG C 142 15.53 -37.50 -25.03
N THR C 143 14.55 -36.59 -24.94
CA THR C 143 14.74 -35.29 -24.29
C THR C 143 13.43 -34.90 -23.57
N GLY C 144 13.40 -33.70 -23.01
CA GLY C 144 12.20 -33.16 -22.42
C GLY C 144 12.05 -31.72 -22.86
N ARG C 145 10.79 -31.27 -22.89
CA ARG C 145 10.48 -29.86 -23.20
C ARG C 145 9.40 -29.36 -22.27
N SER C 146 9.57 -28.12 -21.80
CA SER C 146 8.57 -27.40 -21.03
C SER C 146 7.92 -26.27 -21.87
N ILE C 147 6.61 -26.09 -21.70
CA ILE C 147 5.83 -24.98 -22.27
C ILE C 147 5.93 -23.74 -21.40
N ARG C 148 6.47 -22.67 -21.98
CA ARG C 148 6.61 -21.39 -21.26
C ARG C 148 5.22 -20.81 -20.85
N GLY C 149 5.18 -20.21 -19.65
CA GLY C 149 3.97 -19.64 -19.11
C GLY C 149 3.17 -20.56 -18.19
N LEU C 150 3.58 -21.84 -18.07
CA LEU C 150 2.92 -22.81 -17.20
C LEU C 150 3.94 -23.38 -16.22
N SER C 151 3.53 -23.54 -14.95
CA SER C 151 4.39 -24.11 -13.92
C SER C 151 4.81 -25.56 -14.26
N LEU C 152 5.97 -25.94 -13.76
CA LEU C 152 6.50 -27.30 -13.95
C LEU C 152 5.78 -28.34 -13.00
N PRO C 153 5.93 -29.66 -13.27
CA PRO C 153 5.25 -30.71 -12.46
C PRO C 153 5.29 -30.62 -10.89
N PRO C 154 6.40 -30.13 -10.29
CA PRO C 154 6.39 -30.01 -8.84
C PRO C 154 5.36 -29.04 -8.27
N ALA C 155 4.99 -28.00 -9.05
CA ALA C 155 4.11 -26.90 -8.60
C ALA C 155 2.81 -26.72 -9.38
N CYS C 156 2.63 -27.38 -10.53
CA CYS C 156 1.50 -27.06 -11.39
C CYS C 156 0.14 -27.40 -10.72
N THR C 157 -0.83 -26.50 -10.85
CA THR C 157 -2.20 -26.80 -10.43
C THR C 157 -2.82 -27.75 -11.46
N ARG C 158 -3.95 -28.36 -11.11
CA ARG C 158 -4.69 -29.20 -12.05
C ARG C 158 -5.04 -28.47 -13.36
N ALA C 159 -5.43 -27.19 -13.28
CA ALA C 159 -5.74 -26.38 -14.48
C ALA C 159 -4.52 -26.15 -15.35
N GLU C 160 -3.37 -25.88 -14.72
CA GLU C 160 -2.10 -25.72 -15.47
C GLU C 160 -1.73 -26.98 -16.23
N ARG C 161 -1.82 -28.10 -15.51
CA ARG C 161 -1.48 -29.37 -16.06
C ARG C 161 -2.41 -29.74 -17.20
N ARG C 162 -3.71 -29.49 -17.03
CA ARG C 162 -4.68 -29.72 -18.10
C ARG C 162 -4.41 -28.85 -19.33
N GLU C 163 -3.95 -27.62 -19.09
CA GLU C 163 -3.56 -26.72 -20.16
C GLU C 163 -2.33 -27.24 -20.93
N VAL C 164 -1.30 -27.72 -20.20
CA VAL C 164 -0.15 -28.40 -20.85
C VAL C 164 -0.64 -29.51 -21.79
N GLU C 165 -1.56 -30.34 -21.28
CA GLU C 165 -2.09 -31.45 -22.05
C GLU C 165 -2.81 -30.99 -23.33
N ASN C 166 -3.64 -29.97 -23.21
CA ASN C 166 -4.40 -29.48 -24.35
C ASN C 166 -3.52 -28.83 -25.42
N VAL C 167 -2.55 -28.04 -24.99
CA VAL C 167 -1.58 -27.42 -25.90
C VAL C 167 -0.80 -28.51 -26.64
N ALA C 168 -0.30 -29.49 -25.89
CA ALA C 168 0.50 -30.56 -26.50
C ALA C 168 -0.30 -31.32 -27.50
N ILE C 169 -1.45 -31.84 -27.09
CA ILE C 169 -2.20 -32.74 -27.97
C ILE C 169 -2.78 -32.05 -29.21
N THR C 170 -3.20 -30.77 -29.06
CA THR C 170 -3.67 -29.95 -30.20
C THR C 170 -2.56 -29.82 -31.25
N ALA C 171 -1.34 -29.52 -30.78
CA ALA C 171 -0.17 -29.42 -31.65
C ALA C 171 0.15 -30.75 -32.29
N LEU C 172 0.15 -31.83 -31.51
CA LEU C 172 0.52 -33.14 -32.00
C LEU C 172 -0.44 -33.71 -33.02
N GLU C 173 -1.70 -33.29 -32.97
CA GLU C 173 -2.68 -33.63 -34.04
C GLU C 173 -2.30 -33.08 -35.43
N GLY C 174 -1.46 -32.04 -35.47
CA GLY C 174 -0.90 -31.53 -36.70
C GLY C 174 0.27 -32.30 -37.29
N LEU C 175 0.79 -33.31 -36.58
CA LEU C 175 1.92 -34.11 -37.11
C LEU C 175 1.43 -35.02 -38.25
N LYS C 176 2.24 -35.06 -39.33
CA LYS C 176 1.88 -35.70 -40.59
C LYS C 176 2.94 -36.73 -41.04
N GLY C 177 2.55 -37.58 -41.98
CA GLY C 177 3.45 -38.52 -42.62
C GLY C 177 3.92 -39.60 -41.68
N ASP C 178 5.24 -39.77 -41.59
CA ASP C 178 5.87 -40.71 -40.67
C ASP C 178 5.51 -40.44 -39.17
N LEU C 179 5.26 -39.18 -38.86
CA LEU C 179 4.98 -38.74 -37.49
C LEU C 179 3.50 -38.70 -37.08
N ALA C 180 2.58 -39.02 -37.99
CA ALA C 180 1.14 -39.03 -37.64
C ALA C 180 0.85 -40.11 -36.60
N GLY C 181 0.00 -39.77 -35.64
CA GLY C 181 -0.42 -40.72 -34.64
C GLY C 181 -1.59 -40.28 -33.82
N ARG C 182 -1.72 -40.84 -32.61
CA ARG C 182 -2.86 -40.56 -31.71
C ARG C 182 -2.41 -40.36 -30.26
N TYR C 183 -3.29 -39.71 -29.49
CA TYR C 183 -3.10 -39.56 -28.05
C TYR C 183 -3.90 -40.59 -27.28
N TYR C 184 -3.29 -41.09 -26.21
CA TYR C 184 -3.88 -42.06 -25.29
C TYR C 184 -3.76 -41.51 -23.86
N LYS C 185 -4.90 -41.05 -23.32
CA LYS C 185 -5.04 -40.61 -21.93
C LYS C 185 -4.78 -41.77 -20.99
N LEU C 186 -4.07 -41.52 -19.91
CA LEU C 186 -3.92 -42.57 -18.87
C LEU C 186 -5.24 -42.88 -18.16
N SER C 187 -6.08 -41.86 -17.94
CA SER C 187 -7.48 -42.05 -17.42
C SER C 187 -8.34 -43.08 -18.22
N GLU C 188 -8.11 -43.18 -19.53
CA GLU C 188 -8.87 -44.09 -20.43
C GLU C 188 -8.15 -45.43 -20.80
N MET C 189 -6.89 -45.59 -20.35
CA MET C 189 -6.08 -46.78 -20.70
C MET C 189 -6.35 -47.90 -19.69
N THR C 190 -6.66 -49.12 -20.19
CA THR C 190 -6.91 -50.27 -19.31
C THR C 190 -5.62 -50.64 -18.57
N GLU C 191 -5.76 -51.14 -17.33
CA GLU C 191 -4.62 -51.63 -16.52
C GLU C 191 -3.68 -52.57 -17.31
N GLN C 192 -4.28 -53.51 -18.06
CA GLN C 192 -3.54 -54.48 -18.90
C GLN C 192 -2.70 -53.78 -20.01
N ASP C 193 -3.33 -52.85 -20.74
CA ASP C 193 -2.64 -52.13 -21.85
C ASP C 193 -1.50 -51.26 -21.38
N GLN C 194 -1.69 -50.59 -20.24
CA GLN C 194 -0.62 -49.80 -19.60
C GLN C 194 0.61 -50.68 -19.31
N GLN C 195 0.39 -51.85 -18.69
CA GLN C 195 1.47 -52.82 -18.42
C GLN C 195 2.07 -53.40 -19.71
N ARG C 196 1.24 -53.62 -20.75
CA ARG C 196 1.72 -54.02 -22.10
C ARG C 196 2.65 -52.90 -22.71
N LEU C 197 2.23 -51.63 -22.59
CA LEU C 197 3.09 -50.49 -23.03
C LEU C 197 4.35 -50.32 -22.16
N ILE C 198 4.21 -50.44 -20.86
CA ILE C 198 5.36 -50.34 -19.92
C ILE C 198 6.37 -51.50 -20.11
N ASP C 199 5.87 -52.75 -20.14
CA ASP C 199 6.72 -53.95 -20.35
C ASP C 199 7.46 -53.94 -21.71
N ASP C 200 6.83 -53.35 -22.75
CA ASP C 200 7.50 -53.20 -24.08
C ASP C 200 8.32 -51.87 -24.24
N HIS C 201 8.63 -51.20 -23.11
CA HIS C 201 9.50 -50.01 -23.07
C HIS C 201 8.90 -48.74 -23.74
N PHE C 202 7.58 -48.71 -23.95
CA PHE C 202 6.90 -47.55 -24.59
C PHE C 202 6.26 -46.57 -23.61
N LEU C 203 6.06 -46.99 -22.34
CA LEU C 203 5.26 -46.22 -21.39
C LEU C 203 5.88 -46.19 -19.96
N PHE C 204 5.77 -45.03 -19.30
CA PHE C 204 5.99 -44.84 -17.86
CA PHE C 204 6.02 -44.88 -17.86
C PHE C 204 4.89 -45.45 -16.99
N ASP C 205 5.27 -45.83 -15.75
CA ASP C 205 4.34 -46.28 -14.71
C ASP C 205 3.99 -45.09 -13.81
N LYS C 206 3.16 -45.33 -12.78
CA LYS C 206 2.88 -44.32 -11.77
C LYS C 206 4.17 -44.07 -10.94
N PRO C 207 4.44 -42.80 -10.54
CA PRO C 207 5.60 -42.56 -9.69
C PRO C 207 5.40 -43.13 -8.28
N VAL C 208 6.26 -44.08 -7.92
CA VAL C 208 6.38 -44.59 -6.54
C VAL C 208 7.69 -44.11 -5.87
N SER C 209 8.72 -43.79 -6.68
CA SER C 209 10.01 -43.22 -6.20
C SER C 209 9.80 -42.05 -5.23
N PRO C 210 10.35 -42.17 -3.99
CA PRO C 210 10.32 -41.03 -3.07
C PRO C 210 10.91 -39.74 -3.65
N LEU C 211 11.91 -39.83 -4.55
CA LEU C 211 12.52 -38.63 -5.14
C LEU C 211 11.47 -37.80 -5.92
N LEU C 212 10.54 -38.50 -6.57
CA LEU C 212 9.45 -37.86 -7.34
C LEU C 212 8.26 -37.43 -6.47
N THR C 213 7.82 -38.32 -5.60
CA THR C 213 6.63 -38.05 -4.80
C THR C 213 6.89 -36.94 -3.77
N CYS C 214 8.10 -36.90 -3.20
CA CYS C 214 8.50 -35.82 -2.26
C CYS C 214 8.62 -34.46 -2.94
N ALA C 215 8.88 -34.47 -4.25
CA ALA C 215 8.94 -33.25 -5.04
C ALA C 215 7.55 -32.75 -5.53
N GLY C 216 6.45 -33.42 -5.13
CA GLY C 216 5.11 -33.03 -5.56
C GLY C 216 4.74 -33.42 -7.00
N MET C 217 5.42 -34.41 -7.56
CA MET C 217 5.21 -34.79 -8.99
C MET C 217 4.23 -35.95 -9.24
N ALA C 218 3.61 -36.48 -8.19
CA ALA C 218 2.56 -37.51 -8.32
C ALA C 218 1.16 -36.97 -8.04
N ARG C 219 1.03 -35.67 -7.82
CA ARG C 219 -0.26 -35.09 -7.42
C ARG C 219 -1.31 -35.30 -8.51
N ASP C 220 -2.52 -35.68 -8.08
CA ASP C 220 -3.71 -35.81 -8.94
C ASP C 220 -3.60 -36.92 -10.00
N TRP C 221 -2.70 -37.89 -9.78
CA TRP C 221 -2.44 -38.94 -10.76
C TRP C 221 -3.72 -39.72 -10.99
N PRO C 222 -4.11 -40.08 -12.23
CA PRO C 222 -3.41 -39.80 -13.49
C PRO C 222 -3.98 -38.60 -14.30
N ASP C 223 -4.64 -37.65 -13.62
CA ASP C 223 -5.30 -36.53 -14.28
C ASP C 223 -4.29 -35.78 -15.21
N ALA C 224 -4.66 -35.74 -16.48
CA ALA C 224 -3.99 -34.96 -17.50
C ALA C 224 -2.65 -35.55 -17.92
N ARG C 225 -2.45 -36.85 -17.65
CA ARG C 225 -1.28 -37.56 -18.12
C ARG C 225 -1.69 -38.48 -19.24
N GLY C 226 -0.78 -38.69 -20.17
CA GLY C 226 -0.98 -39.64 -21.23
C GLY C 226 0.25 -39.82 -22.09
N ILE C 227 0.08 -40.57 -23.16
CA ILE C 227 1.13 -40.84 -24.12
C ILE C 227 0.59 -40.56 -25.48
N TRP C 228 1.32 -39.74 -26.23
CA TRP C 228 1.09 -39.60 -27.65
C TRP C 228 2.17 -40.46 -28.34
N HIS C 229 1.80 -41.13 -29.44
CA HIS C 229 2.84 -41.74 -30.31
C HIS C 229 2.41 -41.86 -31.73
N ASN C 230 3.37 -41.92 -32.64
CA ASN C 230 3.03 -42.16 -34.06
C ASN C 230 2.53 -43.60 -34.20
N TYR C 231 1.95 -43.95 -35.35
CA TYR C 231 1.32 -45.28 -35.50
C TYR C 231 2.32 -46.43 -35.33
N ASP C 232 3.58 -46.20 -35.72
CA ASP C 232 4.68 -47.21 -35.58
C ASP C 232 5.32 -47.30 -34.20
N LYS C 233 4.96 -46.38 -33.29
CA LYS C 233 5.61 -46.27 -31.97
C LYS C 233 7.15 -46.06 -32.10
N THR C 234 7.56 -45.27 -33.09
CA THR C 234 8.99 -44.87 -33.25
C THR C 234 9.26 -43.44 -32.78
N PHE C 235 8.20 -42.69 -32.53
CA PHE C 235 8.26 -41.34 -31.98
C PHE C 235 7.12 -41.21 -30.98
N LEU C 236 7.48 -40.93 -29.73
CA LEU C 236 6.55 -40.99 -28.59
C LEU C 236 6.73 -39.75 -27.72
N ILE C 237 5.62 -39.24 -27.19
CA ILE C 237 5.69 -38.14 -26.27
C ILE C 237 4.89 -38.48 -25.00
N TRP C 238 5.57 -38.54 -23.85
CA TRP C 238 4.92 -38.70 -22.54
CA TRP C 238 4.89 -38.71 -22.56
C TRP C 238 4.48 -37.34 -22.07
N ILE C 239 3.20 -37.20 -21.67
CA ILE C 239 2.64 -35.92 -21.29
C ILE C 239 2.44 -35.88 -19.78
N ASN C 240 3.05 -34.88 -19.14
CA ASN C 240 2.81 -34.55 -17.72
C ASN C 240 3.28 -35.58 -16.69
N GLU C 241 4.28 -36.39 -17.05
CA GLU C 241 4.89 -37.31 -16.08
C GLU C 241 6.07 -36.60 -15.29
N GLU C 242 7.31 -36.71 -15.75
CA GLU C 242 8.46 -36.05 -15.07
C GLU C 242 8.71 -34.62 -15.57
N ASP C 243 8.10 -34.30 -16.70
CA ASP C 243 8.18 -32.99 -17.29
C ASP C 243 6.89 -32.78 -18.08
N HIS C 244 6.71 -31.56 -18.60
CA HIS C 244 5.57 -31.27 -19.46
C HIS C 244 5.51 -32.26 -20.60
N THR C 245 6.62 -32.45 -21.28
CA THR C 245 6.76 -33.46 -22.30
C THR C 245 8.10 -34.17 -22.16
N ARG C 246 8.11 -35.47 -22.41
CA ARG C 246 9.33 -36.24 -22.66
C ARG C 246 9.19 -36.79 -24.06
N VAL C 247 10.12 -36.43 -24.93
CA VAL C 247 10.05 -36.71 -26.34
C VAL C 247 11.08 -37.80 -26.64
N ILE C 248 10.60 -38.90 -27.20
CA ILE C 248 11.40 -40.11 -27.37
C ILE C 248 11.36 -40.55 -28.82
N SER C 249 12.53 -40.74 -29.42
CA SER C 249 12.63 -41.43 -30.72
C SER C 249 13.28 -42.76 -30.45
N MET C 250 12.73 -43.82 -30.98
CA MET C 250 13.33 -45.15 -30.80
C MET C 250 12.99 -46.13 -31.93
N GLU C 251 13.93 -47.05 -32.16
CA GLU C 251 13.75 -48.16 -33.08
C GLU C 251 14.40 -49.40 -32.48
N LYS C 252 13.85 -50.57 -32.82
CA LYS C 252 14.59 -51.83 -32.70
C LYS C 252 15.80 -51.75 -33.65
N GLY C 253 16.88 -52.42 -33.28
CA GLY C 253 18.13 -52.37 -34.10
C GLY C 253 19.08 -51.24 -33.74
N GLY C 254 19.95 -50.92 -34.70
CA GLY C 254 21.10 -50.08 -34.47
C GLY C 254 21.21 -48.85 -35.35
N ASN C 255 20.13 -48.48 -36.05
CA ASN C 255 20.18 -47.28 -36.93
C ASN C 255 19.97 -45.98 -36.12
N MET C 256 20.98 -45.61 -35.33
CA MET C 256 20.95 -44.40 -34.51
C MET C 256 20.84 -43.16 -35.35
N LYS C 257 21.47 -43.14 -36.51
CA LYS C 257 21.32 -42.02 -37.47
C LYS C 257 19.85 -41.74 -37.82
N ARG C 258 19.11 -42.78 -38.19
CA ARG C 258 17.70 -42.63 -38.57
C ARG C 258 16.84 -42.28 -37.34
N VAL C 259 17.18 -42.88 -36.21
CA VAL C 259 16.53 -42.54 -34.95
C VAL C 259 16.70 -41.03 -34.61
N PHE C 260 17.92 -40.50 -34.77
CA PHE C 260 18.18 -39.10 -34.49
C PHE C 260 17.57 -38.15 -35.53
N GLU C 261 17.52 -38.60 -36.79
CA GLU C 261 16.81 -37.84 -37.84
C GLU C 261 15.33 -37.63 -37.49
N ARG C 262 14.68 -38.69 -37.06
CA ARG C 262 13.27 -38.65 -36.68
C ARG C 262 13.08 -37.79 -35.43
N PHE C 263 13.94 -37.99 -34.46
CA PHE C 263 13.97 -37.15 -33.26
C PHE C 263 14.00 -35.64 -33.62
N CYS C 264 14.95 -35.25 -34.47
CA CYS C 264 15.15 -33.84 -34.81
C CYS C 264 13.96 -33.30 -35.64
N ARG C 265 13.52 -34.09 -36.61
CA ARG C 265 12.40 -33.72 -37.46
C ARG C 265 11.13 -33.56 -36.60
N GLY C 266 10.92 -34.48 -35.67
CA GLY C 266 9.81 -34.42 -34.74
C GLY C 266 9.82 -33.20 -33.83
N LEU C 267 10.97 -32.92 -33.21
CA LEU C 267 11.09 -31.74 -32.34
C LEU C 267 10.90 -30.42 -33.07
N LYS C 268 11.40 -30.32 -34.30
CA LYS C 268 11.19 -29.12 -35.13
C LYS C 268 9.73 -28.93 -35.51
N GLU C 269 9.08 -30.02 -35.89
CA GLU C 269 7.65 -29.96 -36.22
C GLU C 269 6.81 -29.61 -35.00
N VAL C 270 7.09 -30.26 -33.87
CA VAL C 270 6.33 -29.96 -32.65
C VAL C 270 6.48 -28.49 -32.30
N GLU C 271 7.72 -27.98 -32.35
CA GLU C 271 7.98 -26.62 -31.96
C GLU C 271 7.23 -25.63 -32.86
N ARG C 272 7.27 -25.88 -34.18
CA ARG C 272 6.54 -25.07 -35.15
C ARG C 272 5.04 -25.08 -34.87
N LEU C 273 4.51 -26.26 -34.52
CA LEU C 273 3.06 -26.42 -34.30
C LEU C 273 2.57 -25.71 -33.05
N ILE C 274 3.30 -25.82 -31.94
CA ILE C 274 2.92 -25.04 -30.74
C ILE C 274 3.09 -23.52 -30.96
N GLN C 275 4.11 -23.11 -31.72
CA GLN C 275 4.31 -21.70 -32.04
C GLN C 275 3.22 -21.10 -32.91
N GLU C 276 2.65 -21.92 -33.78
CA GLU C 276 1.47 -21.55 -34.57
C GLU C 276 0.28 -21.09 -33.66
N ARG C 277 0.13 -21.71 -32.47
CA ARG C 277 -0.86 -21.28 -31.45
C ARG C 277 -0.31 -20.31 -30.38
N GLY C 278 0.88 -19.76 -30.56
CA GLY C 278 1.40 -18.73 -29.67
C GLY C 278 2.28 -19.18 -28.53
N TRP C 279 2.59 -20.47 -28.47
CA TRP C 279 3.32 -21.06 -27.35
C TRP C 279 4.79 -21.25 -27.72
N GLU C 280 5.65 -21.21 -26.69
CA GLU C 280 7.11 -21.40 -26.86
C GLU C 280 7.64 -22.42 -25.84
N PHE C 281 8.78 -23.00 -26.16
CA PHE C 281 9.51 -23.83 -25.21
C PHE C 281 10.23 -22.92 -24.22
N MET C 282 10.36 -23.36 -22.95
CA MET C 282 11.25 -22.70 -22.00
C MET C 282 12.69 -22.98 -22.41
N TRP C 283 13.43 -21.91 -22.70
CA TRP C 283 14.83 -21.97 -23.13
C TRP C 283 15.51 -20.64 -22.83
N ASN C 284 16.77 -20.69 -22.42
CA ASN C 284 17.65 -19.48 -22.44
C ASN C 284 19.09 -19.89 -22.78
N GLU C 285 19.94 -18.90 -23.10
N GLU C 285 19.95 -18.91 -23.11
CA GLU C 285 21.37 -19.14 -23.51
CA GLU C 285 21.32 -19.21 -23.56
C GLU C 285 22.21 -19.86 -22.49
C GLU C 285 22.24 -19.84 -22.49
N ARG C 286 21.89 -19.71 -21.21
CA ARG C 286 22.72 -20.21 -20.09
C ARG C 286 22.38 -21.65 -19.69
N LEU C 287 21.09 -21.96 -19.64
CA LEU C 287 20.63 -23.29 -19.21
C LEU C 287 20.12 -24.17 -20.34
N GLY C 288 20.03 -23.64 -21.55
CA GLY C 288 19.40 -24.36 -22.64
C GLY C 288 17.92 -24.58 -22.36
N TYR C 289 17.43 -25.76 -22.65
CA TYR C 289 16.03 -26.08 -22.37
C TYR C 289 15.84 -26.31 -20.86
N ILE C 290 14.84 -25.63 -20.30
CA ILE C 290 14.59 -25.66 -18.90
C ILE C 290 13.62 -26.80 -18.61
N LEU C 291 13.95 -27.57 -17.58
CA LEU C 291 13.19 -28.74 -17.17
C LEU C 291 13.17 -28.80 -15.65
N THR C 292 12.38 -29.71 -15.12
CA THR C 292 12.15 -29.86 -13.67
C THR C 292 13.44 -30.15 -12.86
N CYS C 293 14.21 -31.13 -13.31
CA CYS C 293 15.41 -31.52 -12.61
C CYS C 293 16.61 -30.80 -13.24
N PRO C 294 17.45 -30.15 -12.42
CA PRO C 294 18.73 -29.60 -12.95
C PRO C 294 19.63 -30.59 -13.76
N SER C 295 19.55 -31.88 -13.45
CA SER C 295 20.32 -32.90 -14.22
C SER C 295 19.94 -32.94 -15.70
N ASN C 296 18.73 -32.48 -16.04
CA ASN C 296 18.27 -32.50 -17.42
C ASN C 296 18.30 -31.17 -18.15
N LEU C 297 19.04 -30.20 -17.66
CA LEU C 297 19.20 -28.92 -18.35
C LEU C 297 20.05 -29.03 -19.63
N GLY C 298 20.11 -27.95 -20.39
CA GLY C 298 20.92 -27.89 -21.62
C GLY C 298 20.19 -28.57 -22.77
N THR C 299 20.55 -29.82 -23.01
CA THR C 299 19.91 -30.63 -24.03
C THR C 299 18.78 -31.51 -23.51
N GLY C 300 18.85 -31.86 -22.21
CA GLY C 300 18.00 -32.89 -21.63
C GLY C 300 18.10 -34.24 -22.29
N LEU C 301 19.18 -34.45 -23.04
CA LEU C 301 19.22 -35.50 -24.05
C LEU C 301 19.95 -36.71 -23.52
N ARG C 302 19.28 -37.87 -23.63
CA ARG C 302 19.91 -39.15 -23.32
C ARG C 302 19.76 -40.02 -24.54
N ALA C 303 20.86 -40.21 -25.25
CA ALA C 303 20.90 -41.06 -26.44
C ALA C 303 21.56 -42.36 -26.05
N GLY C 304 20.97 -43.48 -26.46
CA GLY C 304 21.46 -44.76 -26.00
C GLY C 304 21.00 -45.99 -26.72
N VAL C 305 21.59 -47.11 -26.28
CA VAL C 305 21.34 -48.41 -26.85
C VAL C 305 21.03 -49.43 -25.78
N HIS C 306 20.26 -50.45 -26.14
CA HIS C 306 20.31 -51.75 -25.45
C HIS C 306 21.28 -52.57 -26.24
N VAL C 307 22.31 -53.04 -25.57
CA VAL C 307 23.44 -53.71 -26.22
C VAL C 307 23.85 -54.93 -25.38
N ARG C 308 23.99 -56.07 -26.07
CA ARG C 308 24.37 -57.37 -25.45
C ARG C 308 25.89 -57.45 -25.29
N ILE C 309 26.36 -57.38 -24.03
CA ILE C 309 27.82 -57.34 -23.76
C ILE C 309 28.22 -58.26 -22.57
N PRO C 310 28.02 -59.60 -22.70
CA PRO C 310 28.35 -60.55 -21.60
C PRO C 310 29.82 -60.55 -21.17
N LYS C 311 30.73 -60.49 -22.14
CA LYS C 311 32.18 -60.49 -21.81
C LYS C 311 32.69 -59.16 -21.19
N LEU C 312 32.49 -58.04 -21.90
CA LEU C 312 32.94 -56.71 -21.45
C LEU C 312 32.33 -56.27 -20.12
N SER C 313 31.07 -56.65 -19.87
CA SER C 313 30.41 -56.31 -18.58
C SER C 313 31.05 -56.97 -17.35
N LYS C 314 31.70 -58.13 -17.56
CA LYS C 314 32.46 -58.84 -16.51
C LYS C 314 33.90 -58.30 -16.33
N ASP C 315 34.50 -57.76 -17.42
CA ASP C 315 35.89 -57.22 -17.40
C ASP C 315 36.04 -56.13 -16.31
N PRO C 316 37.18 -56.16 -15.55
CA PRO C 316 37.41 -55.13 -14.49
C PRO C 316 37.64 -53.66 -14.99
N ARG C 317 37.98 -53.47 -16.27
CA ARG C 317 38.20 -52.12 -16.83
C ARG C 317 36.92 -51.40 -17.40
N PHE C 318 35.75 -52.08 -17.31
CA PHE C 318 34.49 -51.60 -17.95
C PHE C 318 34.12 -50.17 -17.54
N SER C 319 34.07 -49.93 -16.22
CA SER C 319 33.82 -48.61 -15.63
C SER C 319 34.70 -47.53 -16.20
N LYS C 320 35.99 -47.81 -16.26
CA LYS C 320 36.95 -46.83 -16.75
C LYS C 320 36.78 -46.55 -18.24
N ILE C 321 36.40 -47.57 -19.02
CA ILE C 321 36.19 -47.41 -20.46
C ILE C 321 34.96 -46.48 -20.68
N LEU C 322 33.86 -46.77 -19.96
CA LEU C 322 32.66 -45.91 -19.98
C LEU C 322 32.97 -44.47 -19.58
N GLU C 323 33.75 -44.29 -18.52
CA GLU C 323 34.13 -42.94 -18.06
C GLU C 323 34.86 -42.16 -19.13
N ASN C 324 35.88 -42.77 -19.73
CA ASN C 324 36.69 -42.08 -20.76
C ASN C 324 35.92 -41.75 -22.05
N LEU C 325 34.99 -42.63 -22.40
CA LEU C 325 34.09 -42.41 -23.55
C LEU C 325 32.88 -41.45 -23.25
N ARG C 326 32.73 -41.06 -21.97
CA ARG C 326 31.65 -40.20 -21.48
C ARG C 326 30.28 -40.86 -21.65
N LEU C 327 30.26 -42.16 -21.32
CA LEU C 327 29.09 -42.97 -21.34
C LEU C 327 28.78 -43.40 -19.89
N GLN C 328 27.54 -43.84 -19.68
CA GLN C 328 27.04 -44.38 -18.41
C GLN C 328 26.25 -45.64 -18.75
N LYS C 329 25.87 -46.41 -17.73
CA LYS C 329 25.11 -47.64 -17.93
C LYS C 329 23.98 -47.77 -16.92
N ARG C 330 22.98 -48.54 -17.29
CA ARG C 330 21.91 -48.92 -16.37
C ARG C 330 21.28 -50.23 -16.86
N GLY C 331 20.26 -50.71 -16.14
CA GLY C 331 19.63 -51.98 -16.46
C GLY C 331 18.68 -51.95 -17.64
N THR C 332 18.17 -53.13 -17.99
CA THR C 332 17.29 -53.32 -19.17
C THR C 332 15.90 -52.66 -19.02
N GLY C 333 15.43 -52.51 -17.78
CA GLY C 333 14.14 -51.83 -17.48
C GLY C 333 14.27 -50.39 -16.99
N GLY C 334 15.43 -49.77 -17.22
CA GLY C 334 15.66 -48.37 -16.87
C GLY C 334 16.63 -48.17 -15.72
N VAL C 335 16.53 -46.99 -15.09
CA VAL C 335 17.32 -46.64 -13.90
C VAL C 335 16.89 -47.53 -12.70
N ASP C 336 17.87 -47.96 -11.89
CA ASP C 336 17.65 -48.90 -10.75
C ASP C 336 17.02 -50.26 -11.16
N THR C 337 17.54 -50.87 -12.24
CA THR C 337 17.14 -52.26 -12.62
C THR C 337 18.37 -53.09 -13.00
N ALA C 338 18.16 -54.41 -13.11
CA ALA C 338 19.24 -55.35 -13.42
C ALA C 338 19.42 -55.48 -14.93
N ALA C 339 20.63 -55.87 -15.33
CA ALA C 339 20.93 -56.21 -16.73
C ALA C 339 20.48 -57.66 -16.98
N VAL C 340 19.24 -57.79 -17.49
CA VAL C 340 18.66 -59.09 -17.79
C VAL C 340 19.32 -59.66 -19.05
N ALA C 341 19.86 -60.88 -18.93
CA ALA C 341 20.54 -61.58 -20.05
C ALA C 341 21.69 -60.76 -20.67
N ASP C 342 22.42 -60.05 -19.81
CA ASP C 342 23.59 -59.22 -20.18
C ASP C 342 23.28 -58.03 -21.15
N VAL C 343 22.02 -57.58 -21.16
CA VAL C 343 21.57 -56.48 -22.00
C VAL C 343 21.68 -55.22 -21.16
N TYR C 344 22.66 -54.38 -21.48
CA TYR C 344 22.89 -53.11 -20.76
C TYR C 344 22.32 -51.92 -21.57
N ASP C 345 21.76 -50.95 -20.85
CA ASP C 345 21.36 -49.66 -21.41
C ASP C 345 22.56 -48.73 -21.27
N ILE C 346 23.19 -48.40 -22.38
CA ILE C 346 24.35 -47.51 -22.42
C ILE C 346 23.99 -46.20 -23.11
N SER C 347 24.36 -45.08 -22.48
CA SER C 347 24.04 -43.75 -23.00
C SER C 347 25.10 -42.71 -22.66
N ASN C 348 25.01 -41.55 -23.33
CA ASN C 348 25.86 -40.39 -22.97
C ASN C 348 25.61 -39.96 -21.56
N ILE C 349 26.67 -39.53 -20.89
CA ILE C 349 26.58 -39.03 -19.52
C ILE C 349 26.31 -37.50 -19.49
N ASP C 350 26.86 -36.75 -20.44
CA ASP C 350 26.74 -35.31 -20.43
C ASP C 350 25.30 -34.86 -20.83
N ARG C 351 24.90 -33.70 -20.34
CA ARG C 351 23.61 -33.07 -20.71
C ARG C 351 23.71 -31.62 -21.20
N ILE C 352 24.59 -30.84 -20.59
CA ILE C 352 24.77 -29.46 -20.89
C ILE C 352 26.26 -29.20 -21.20
N GLY C 353 26.51 -28.19 -22.01
CA GLY C 353 27.86 -27.83 -22.45
C GLY C 353 28.27 -28.43 -23.78
N ARG C 354 27.43 -29.32 -24.30
CA ARG C 354 27.61 -29.93 -25.60
C ARG C 354 26.26 -29.96 -26.25
N SER C 355 26.25 -29.86 -27.57
CA SER C 355 25.02 -29.83 -28.33
C SER C 355 24.46 -31.23 -28.49
N GLU C 356 23.21 -31.29 -28.96
CA GLU C 356 22.53 -32.56 -29.18
C GLU C 356 23.31 -33.42 -30.19
N VAL C 357 23.73 -32.80 -31.28
CA VAL C 357 24.52 -33.45 -32.31
C VAL C 357 25.84 -34.01 -31.72
N GLU C 358 26.53 -33.19 -30.91
CA GLU C 358 27.78 -33.61 -30.25
C GLU C 358 27.56 -34.84 -29.34
N LEU C 359 26.47 -34.84 -28.58
CA LEU C 359 26.18 -35.95 -27.69
C LEU C 359 25.82 -37.22 -28.43
N VAL C 360 25.09 -37.10 -29.52
CA VAL C 360 24.75 -38.29 -30.30
C VAL C 360 26.02 -38.87 -30.99
N GLN C 361 26.91 -38.02 -31.47
CA GLN C 361 28.20 -38.48 -32.05
C GLN C 361 29.07 -39.20 -31.00
N ILE C 362 29.07 -38.69 -29.76
CA ILE C 362 29.71 -39.38 -28.62
C ILE C 362 29.13 -40.76 -28.43
N VAL C 363 27.80 -40.88 -28.50
CA VAL C 363 27.17 -42.19 -28.34
C VAL C 363 27.49 -43.12 -29.52
N ILE C 364 27.52 -42.57 -30.73
CA ILE C 364 27.84 -43.40 -31.91
C ILE C 364 29.31 -43.91 -31.83
N ASP C 365 30.25 -43.02 -31.57
CA ASP C 365 31.68 -43.39 -31.46
C ASP C 365 31.91 -44.35 -30.29
N GLY C 366 31.31 -44.03 -29.14
CA GLY C 366 31.46 -44.79 -27.95
C GLY C 366 30.91 -46.19 -28.02
N VAL C 367 29.65 -46.31 -28.44
CA VAL C 367 29.01 -47.62 -28.58
C VAL C 367 29.74 -48.51 -29.61
N ASN C 368 30.23 -47.91 -30.70
CA ASN C 368 31.04 -48.65 -31.67
C ASN C 368 32.31 -49.21 -31.01
N TYR C 369 32.94 -48.41 -30.14
CA TYR C 369 34.13 -48.86 -29.40
C TYR C 369 33.77 -50.06 -28.52
N LEU C 370 32.68 -49.95 -27.77
CA LEU C 370 32.22 -51.05 -26.90
C LEU C 370 31.93 -52.33 -27.70
N VAL C 371 31.26 -52.19 -28.85
CA VAL C 371 30.95 -53.33 -29.74
C VAL C 371 32.25 -53.96 -30.30
N ASP C 372 33.19 -53.14 -30.77
CA ASP C 372 34.52 -53.61 -31.15
C ASP C 372 35.19 -54.39 -29.99
N CYS C 373 35.06 -53.88 -28.76
CA CYS C 373 35.63 -54.53 -27.55
C CYS C 373 34.99 -55.90 -27.23
N GLU C 374 33.65 -55.98 -27.33
CA GLU C 374 32.94 -57.23 -27.07
C GLU C 374 33.30 -58.30 -28.12
N LYS C 375 33.55 -57.88 -29.37
CA LYS C 375 34.02 -58.78 -30.44
C LYS C 375 35.41 -59.33 -30.14
N LYS C 376 36.33 -58.44 -29.75
CA LYS C 376 37.70 -58.84 -29.35
C LYS C 376 37.73 -59.79 -28.14
N LEU C 377 36.92 -59.49 -27.11
CA LEU C 377 36.84 -60.35 -25.87
C LEU C 377 36.16 -61.73 -26.10
N GLU C 378 35.21 -61.79 -27.05
CA GLU C 378 34.63 -63.08 -27.49
C GLU C 378 35.68 -63.97 -28.20
N ARG C 379 36.62 -63.34 -28.93
CA ARG C 379 37.77 -64.03 -29.57
C ARG C 379 39.05 -64.09 -28.67
N GLY C 380 38.92 -63.82 -27.36
CA GLY C 380 40.04 -63.81 -26.41
C GLY C 380 41.18 -62.82 -26.65
N GLN C 381 40.89 -61.73 -27.39
CA GLN C 381 41.92 -60.72 -27.73
C GLN C 381 42.10 -59.66 -26.65
N ASP C 382 43.15 -58.85 -26.84
CA ASP C 382 43.49 -57.73 -25.95
C ASP C 382 42.75 -56.46 -26.42
N ILE C 383 42.23 -55.68 -25.46
CA ILE C 383 41.53 -54.39 -25.74
C ILE C 383 42.20 -53.26 -24.98
N LYS C 384 42.17 -52.06 -25.57
CA LYS C 384 42.74 -50.88 -24.96
C LYS C 384 41.65 -50.03 -24.28
N VAL C 385 41.99 -49.48 -23.10
CA VAL C 385 41.23 -48.40 -22.49
C VAL C 385 41.51 -47.14 -23.33
N PRO C 386 40.45 -46.52 -23.93
CA PRO C 386 40.69 -45.33 -24.76
C PRO C 386 41.08 -44.10 -23.94
N PRO C 387 41.75 -43.12 -24.57
CA PRO C 387 42.08 -41.91 -23.79
C PRO C 387 40.79 -41.12 -23.42
N PRO C 388 40.79 -40.44 -22.25
CA PRO C 388 39.61 -39.62 -21.90
C PRO C 388 39.28 -38.54 -22.95
N LEU C 389 38.03 -38.51 -23.42
CA LEU C 389 37.54 -37.37 -24.21
C LEU C 389 37.57 -36.08 -23.37
N PRO C 390 37.70 -34.91 -24.03
CA PRO C 390 37.65 -33.65 -23.23
C PRO C 390 36.34 -33.45 -22.44
N GLN C 391 36.43 -32.74 -21.32
CA GLN C 391 35.27 -32.47 -20.47
C GLN C 391 34.22 -31.68 -21.22
N PHE C 392 34.67 -30.66 -21.95
CA PHE C 392 33.83 -29.88 -22.86
C PHE C 392 34.35 -29.97 -24.28
N ARG D 18 7.67 11.78 -4.04
CA ARG D 18 6.19 11.76 -3.77
C ARG D 18 5.40 12.56 -4.83
N GLU D 19 4.15 12.13 -5.08
CA GLU D 19 3.26 12.75 -6.07
C GLU D 19 1.81 12.84 -5.53
N GLN D 20 1.06 13.83 -6.01
CA GLN D 20 -0.38 13.96 -5.70
C GLN D 20 -1.21 13.87 -7.01
N PRO D 21 -2.47 13.36 -6.92
CA PRO D 21 -3.31 13.26 -8.14
C PRO D 21 -3.98 14.60 -8.53
N ARG D 22 -4.05 14.86 -9.83
CA ARG D 22 -4.79 16.02 -10.38
C ARG D 22 -5.81 15.50 -11.39
N LEU D 23 -7.00 16.12 -11.41
CA LEU D 23 -8.13 15.62 -12.22
C LEU D 23 -8.04 15.92 -13.74
N PHE D 24 -7.20 16.88 -14.14
CA PHE D 24 -7.13 17.35 -15.53
C PHE D 24 -5.72 17.08 -16.15
N PRO D 25 -5.59 17.17 -17.49
CA PRO D 25 -4.25 17.14 -18.10
C PRO D 25 -3.40 18.37 -17.69
N PRO D 26 -2.05 18.18 -17.52
CA PRO D 26 -1.13 19.26 -17.11
C PRO D 26 -1.34 20.58 -17.81
N SER D 27 -1.50 20.55 -19.13
CA SER D 27 -1.67 21.78 -19.90
C SER D 27 -2.95 22.53 -19.59
N ALA D 28 -3.99 21.83 -19.08
CA ALA D 28 -5.24 22.48 -18.68
C ALA D 28 -5.03 23.47 -17.50
N ASP D 29 -4.01 23.20 -16.68
CA ASP D 29 -3.64 24.04 -15.55
C ASP D 29 -2.57 25.12 -15.87
N TYR D 30 -2.11 25.21 -17.13
CA TYR D 30 -0.97 26.06 -17.42
C TYR D 30 -1.34 27.54 -17.23
N PRO D 31 -0.50 28.31 -16.49
CA PRO D 31 -0.87 29.69 -16.21
C PRO D 31 -0.81 30.60 -17.45
N ASP D 32 -1.64 31.64 -17.44
CA ASP D 32 -1.65 32.64 -18.49
C ASP D 32 -0.66 33.72 -18.11
N LEU D 33 0.49 33.72 -18.79
CA LEU D 33 1.59 34.55 -18.44
C LEU D 33 1.86 35.61 -19.53
N ARG D 34 0.83 35.99 -20.28
CA ARG D 34 0.95 37.12 -21.20
C ARG D 34 1.15 38.40 -20.40
N LYS D 35 2.10 39.23 -20.87
CA LYS D 35 2.43 40.52 -20.24
C LYS D 35 2.84 40.40 -18.75
N HIS D 36 3.51 39.30 -18.42
CA HIS D 36 4.12 39.10 -17.12
C HIS D 36 5.63 39.30 -17.30
N ASN D 37 6.22 40.12 -16.45
CA ASN D 37 7.64 40.41 -16.47
C ASN D 37 8.24 39.99 -15.12
N ASN D 38 8.50 38.69 -15.02
CA ASN D 38 9.23 38.13 -13.90
C ASN D 38 10.00 36.90 -14.33
N CYS D 39 10.99 36.49 -13.53
CA CYS D 39 11.93 35.42 -13.95
C CYS D 39 11.24 34.07 -14.13
N MET D 40 10.32 33.77 -13.22
CA MET D 40 9.49 32.56 -13.31
C MET D 40 8.78 32.52 -14.67
N ALA D 41 8.09 33.60 -15.01
CA ALA D 41 7.32 33.70 -16.25
C ALA D 41 8.19 33.56 -17.52
N GLU D 42 9.43 34.10 -17.48
CA GLU D 42 10.41 33.93 -18.60
C GLU D 42 10.90 32.50 -18.73
N CYS D 43 11.00 31.77 -17.63
CA CYS D 43 11.57 30.44 -17.61
C CYS D 43 10.57 29.28 -17.71
N LEU D 44 9.30 29.52 -17.39
CA LEU D 44 8.33 28.43 -17.40
C LEU D 44 8.05 28.02 -18.85
N THR D 45 8.06 26.71 -19.09
CA THR D 45 7.60 26.14 -20.34
C THR D 45 6.50 25.10 -20.04
N PRO D 46 5.65 24.80 -21.04
CA PRO D 46 4.69 23.66 -20.93
C PRO D 46 5.31 22.36 -20.47
N ALA D 47 6.49 22.03 -21.02
CA ALA D 47 7.21 20.81 -20.66
C ALA D 47 7.67 20.79 -19.21
N ILE D 48 8.18 21.93 -18.72
CA ILE D 48 8.60 22.02 -17.30
C ILE D 48 7.36 21.95 -16.40
N TYR D 49 6.31 22.69 -16.75
CA TYR D 49 5.06 22.65 -15.97
C TYR D 49 4.53 21.24 -15.87
N ALA D 50 4.45 20.55 -17.01
CA ALA D 50 3.89 19.17 -17.08
C ALA D 50 4.67 18.19 -16.22
N LYS D 51 6.00 18.29 -16.29
CA LYS D 51 6.89 17.43 -15.50
C LYS D 51 6.80 17.69 -13.97
N LEU D 52 6.61 18.95 -13.59
CA LEU D 52 6.62 19.35 -12.19
C LEU D 52 5.23 19.48 -11.54
N ARG D 53 4.16 19.66 -12.34
CA ARG D 53 2.81 19.94 -11.78
C ARG D 53 2.36 19.00 -10.62
N ASN D 54 2.67 17.71 -10.75
CA ASN D 54 2.20 16.70 -9.81
C ASN D 54 3.20 16.35 -8.69
N LYS D 55 4.39 16.96 -8.70
CA LYS D 55 5.42 16.64 -7.70
C LYS D 55 5.18 17.43 -6.42
N VAL D 56 5.49 16.82 -5.29
CA VAL D 56 5.39 17.51 -4.00
C VAL D 56 6.63 17.31 -3.21
N THR D 57 6.89 18.24 -2.28
CA THR D 57 7.98 18.07 -1.29
C THR D 57 7.46 17.18 -0.16
N PRO D 58 8.37 16.69 0.71
CA PRO D 58 7.96 15.88 1.88
C PRO D 58 6.81 16.46 2.70
N ASN D 59 6.78 17.78 2.86
CA ASN D 59 5.71 18.47 3.61
C ASN D 59 4.47 18.88 2.77
N GLY D 60 4.40 18.46 1.51
CA GLY D 60 3.24 18.70 0.67
C GLY D 60 3.25 19.98 -0.17
N TYR D 61 4.38 20.70 -0.22
CA TYR D 61 4.44 21.94 -1.00
C TYR D 61 4.45 21.65 -2.48
N THR D 62 3.70 22.43 -3.24
CA THR D 62 3.47 22.19 -4.67
C THR D 62 4.10 23.28 -5.55
N LEU D 63 4.28 22.93 -6.81
CA LEU D 63 4.69 23.87 -7.86
C LEU D 63 3.78 25.05 -7.96
N ASP D 64 2.47 24.82 -7.97
CA ASP D 64 1.50 25.93 -8.08
C ASP D 64 1.68 26.92 -6.94
N GLN D 65 1.95 26.42 -5.75
CA GLN D 65 2.27 27.30 -4.61
C GLN D 65 3.58 28.07 -4.81
N CYS D 66 4.67 27.39 -5.25
CA CYS D 66 5.93 28.10 -5.57
C CYS D 66 5.70 29.27 -6.49
N ILE D 67 4.94 29.05 -7.56
CA ILE D 67 4.83 30.07 -8.63
C ILE D 67 3.68 31.05 -8.49
N GLN D 68 2.83 30.88 -7.47
CA GLN D 68 1.61 31.67 -7.38
C GLN D 68 1.86 33.18 -7.44
N THR D 69 2.85 33.65 -6.71
CA THR D 69 3.15 35.10 -6.67
C THR D 69 3.53 35.67 -8.06
N GLY D 70 4.27 34.89 -8.85
CA GLY D 70 4.58 35.25 -10.25
C GLY D 70 3.42 35.15 -11.22
N VAL D 71 2.42 34.28 -10.93
CA VAL D 71 1.20 34.22 -11.74
C VAL D 71 0.32 35.43 -11.42
N ASP D 72 0.16 35.75 -10.12
CA ASP D 72 -0.75 36.84 -9.69
C ASP D 72 -0.23 38.25 -9.99
N ASN D 73 1.11 38.41 -10.06
CA ASN D 73 1.76 39.74 -10.17
C ASN D 73 2.60 39.86 -11.45
N PRO D 74 2.05 40.53 -12.49
CA PRO D 74 2.78 40.75 -13.75
C PRO D 74 4.16 41.40 -13.56
N GLY D 75 4.26 42.40 -12.70
CA GLY D 75 5.53 43.14 -12.47
C GLY D 75 5.68 44.27 -13.47
N HIS D 76 6.32 45.36 -13.05
CA HIS D 76 6.43 46.56 -13.89
C HIS D 76 7.34 46.32 -15.14
N PRO D 77 7.13 47.09 -16.25
CA PRO D 77 7.89 46.93 -17.52
C PRO D 77 9.44 46.92 -17.42
N PHE D 78 10.00 47.70 -16.47
CA PHE D 78 11.47 47.78 -16.24
C PHE D 78 11.96 46.89 -15.09
N ILE D 79 11.22 46.90 -13.97
CA ILE D 79 11.56 46.12 -12.76
C ILE D 79 11.19 44.63 -12.91
N LYS D 80 12.19 43.75 -13.03
CA LYS D 80 11.98 42.30 -13.19
C LYS D 80 12.06 41.56 -11.83
N THR D 81 10.88 41.20 -11.30
CA THR D 81 10.79 40.41 -10.05
C THR D 81 11.10 38.91 -10.30
N VAL D 82 11.30 38.17 -9.22
CA VAL D 82 11.57 36.72 -9.34
C VAL D 82 10.30 35.93 -9.71
N GLY D 83 9.21 36.16 -8.98
CA GLY D 83 7.91 35.48 -9.27
C GLY D 83 7.78 34.04 -8.78
N MET D 84 8.65 33.62 -7.88
CA MET D 84 8.48 32.35 -7.22
C MET D 84 9.17 32.34 -5.87
N VAL D 85 8.65 31.50 -4.97
CA VAL D 85 9.20 31.33 -3.65
C VAL D 85 9.32 29.84 -3.32
N ALA D 86 10.23 29.51 -2.41
CA ALA D 86 10.36 28.16 -1.87
C ALA D 86 9.53 28.02 -0.59
N GLY D 87 8.79 26.93 -0.45
CA GLY D 87 8.00 26.67 0.75
C GLY D 87 8.78 25.93 1.81
N ASP D 88 9.85 25.26 1.40
CA ASP D 88 10.75 24.56 2.33
C ASP D 88 12.11 24.35 1.65
N GLU D 89 13.07 23.84 2.41
CA GLU D 89 14.42 23.55 1.86
C GLU D 89 14.35 22.67 0.59
N GLU D 90 13.50 21.66 0.63
CA GLU D 90 13.40 20.66 -0.42
C GLU D 90 12.79 21.20 -1.75
N SER D 91 12.07 22.32 -1.72
CA SER D 91 11.49 22.89 -2.94
C SER D 91 12.54 23.19 -4.01
N TYR D 92 13.74 23.60 -3.57
CA TYR D 92 14.83 23.95 -4.47
C TYR D 92 15.33 22.71 -5.25
N GLU D 93 15.24 21.53 -4.63
CA GLU D 93 15.62 20.27 -5.27
CA GLU D 93 15.62 20.26 -5.25
C GLU D 93 14.47 19.70 -6.08
N VAL D 94 13.32 19.53 -5.44
CA VAL D 94 12.14 18.93 -6.11
C VAL D 94 11.73 19.74 -7.37
N PHE D 95 11.78 21.09 -7.28
CA PHE D 95 11.42 21.96 -8.41
C PHE D 95 12.65 22.62 -9.07
N ALA D 96 13.80 21.92 -9.04
CA ALA D 96 15.06 22.41 -9.59
C ALA D 96 14.96 22.82 -11.04
N ASP D 97 14.20 22.06 -11.83
CA ASP D 97 14.01 22.37 -13.25
C ASP D 97 13.34 23.73 -13.51
N LEU D 98 12.66 24.32 -12.52
CA LEU D 98 12.22 25.70 -12.65
C LEU D 98 13.09 26.67 -11.86
N PHE D 99 13.45 26.31 -10.62
CA PHE D 99 14.30 27.19 -9.79
C PHE D 99 15.69 27.46 -10.43
N ASP D 100 16.29 26.43 -11.03
CA ASP D 100 17.67 26.55 -11.57
C ASP D 100 17.76 27.60 -12.66
N PRO D 101 16.89 27.52 -13.72
CA PRO D 101 16.94 28.61 -14.74
C PRO D 101 16.52 29.97 -14.20
N VAL D 102 15.60 30.00 -13.24
CA VAL D 102 15.17 31.26 -12.63
C VAL D 102 16.33 31.87 -11.82
N ILE D 103 17.06 31.04 -11.07
CA ILE D 103 18.24 31.51 -10.32
C ILE D 103 19.29 32.09 -11.30
N LYS D 104 19.59 31.33 -12.36
CA LYS D 104 20.52 31.78 -13.39
C LYS D 104 20.13 33.16 -13.98
N LEU D 105 18.86 33.31 -14.33
CA LEU D 105 18.37 34.57 -14.89
C LEU D 105 18.42 35.74 -13.91
N ARG D 106 18.06 35.48 -12.66
CA ARG D 106 18.05 36.51 -11.63
C ARG D 106 19.48 36.92 -11.22
N HIS D 107 20.39 35.98 -11.20
CA HIS D 107 21.75 36.24 -10.67
C HIS D 107 22.85 36.32 -11.74
N ASN D 108 22.56 37.04 -12.83
CA ASN D 108 23.56 37.41 -13.85
C ASN D 108 24.40 36.22 -14.37
N GLY D 109 23.75 35.09 -14.60
CA GLY D 109 24.41 33.88 -15.13
C GLY D 109 24.92 32.87 -14.11
N TYR D 110 24.76 33.11 -12.81
CA TYR D 110 25.18 32.11 -11.80
C TYR D 110 24.29 30.85 -11.94
N ASP D 111 24.92 29.71 -12.23
CA ASP D 111 24.19 28.53 -12.62
C ASP D 111 24.38 27.44 -11.57
N PRO D 112 23.35 27.22 -10.71
CA PRO D 112 23.48 26.25 -9.62
C PRO D 112 23.51 24.78 -10.04
N ARG D 113 23.26 24.48 -11.31
CA ARG D 113 23.49 23.12 -11.85
C ARG D 113 24.99 22.78 -11.93
N VAL D 114 25.84 23.80 -12.16
CA VAL D 114 27.33 23.59 -12.28
C VAL D 114 28.21 24.33 -11.21
N MET D 115 27.80 25.53 -10.79
CA MET D 115 28.63 26.40 -9.91
C MET D 115 28.42 26.11 -8.41
N LYS D 116 29.43 26.46 -7.61
CA LYS D 116 29.36 26.36 -6.17
C LYS D 116 29.61 27.72 -5.55
N HIS D 117 28.99 27.98 -4.40
CA HIS D 117 29.07 29.28 -3.75
C HIS D 117 30.00 29.20 -2.57
N THR D 118 30.71 30.28 -2.32
CA THR D 118 31.72 30.35 -1.25
C THR D 118 31.27 31.34 -0.18
N THR D 119 31.17 30.83 1.05
CA THR D 119 30.82 31.63 2.21
C THR D 119 32.10 32.09 2.88
N ASP D 120 32.18 33.38 3.20
CA ASP D 120 33.35 33.93 3.91
C ASP D 120 32.89 35.07 4.85
N LEU D 121 32.74 34.73 6.12
CA LEU D 121 32.40 35.68 7.15
C LEU D 121 33.62 36.01 8.02
N ASP D 122 34.80 36.17 7.42
CA ASP D 122 36.00 36.61 8.14
C ASP D 122 36.16 38.14 7.98
N ALA D 123 35.64 38.89 8.95
CA ALA D 123 35.60 40.36 8.86
C ALA D 123 37.00 41.01 8.94
N SER D 124 37.96 40.31 9.52
CA SER D 124 39.37 40.77 9.53
C SER D 124 39.97 40.96 8.11
N LYS D 125 39.39 40.31 7.08
CA LYS D 125 39.80 40.61 5.66
C LYS D 125 39.37 42.00 5.16
N ILE D 126 38.40 42.63 5.82
CA ILE D 126 38.12 44.06 5.63
C ILE D 126 39.09 44.88 6.55
N THR D 127 40.14 45.44 5.96
CA THR D 127 41.16 46.18 6.76
C THR D 127 40.84 47.66 6.94
N GLN D 128 39.99 48.22 6.05
CA GLN D 128 39.61 49.63 6.09
C GLN D 128 38.18 49.82 5.58
N GLY D 129 37.40 50.68 6.23
CA GLY D 129 36.03 50.91 5.83
C GLY D 129 35.35 51.96 6.66
N GLN D 130 35.80 53.21 6.49
CA GLN D 130 35.23 54.40 7.15
C GLN D 130 34.94 55.42 6.07
N PHE D 131 33.65 55.66 5.78
CA PHE D 131 33.26 56.63 4.80
C PHE D 131 33.30 58.04 5.38
N ASP D 132 33.23 59.03 4.48
CA ASP D 132 33.09 60.43 4.85
C ASP D 132 31.66 60.67 5.29
N GLU D 133 31.52 60.96 6.57
CA GLU D 133 30.22 61.10 7.19
C GLU D 133 29.51 62.44 6.87
N HIS D 134 30.21 63.38 6.21
CA HIS D 134 29.51 64.53 5.57
C HIS D 134 28.53 64.08 4.46
N TYR D 135 28.78 62.90 3.86
CA TYR D 135 27.93 62.35 2.80
C TYR D 135 27.18 61.05 3.20
N VAL D 136 27.89 60.12 3.83
CA VAL D 136 27.28 58.87 4.29
C VAL D 136 26.63 59.06 5.67
N LEU D 137 25.30 58.92 5.71
CA LEU D 137 24.48 59.12 6.92
C LEU D 137 24.24 57.84 7.72
N SER D 138 24.37 56.67 7.08
CA SER D 138 24.23 55.39 7.81
C SER D 138 24.82 54.27 7.01
N SER D 139 25.15 53.18 7.72
CA SER D 139 25.74 51.98 7.14
C SER D 139 25.04 50.77 7.72
N ARG D 140 24.76 49.77 6.86
CA ARG D 140 23.90 48.66 7.21
C ARG D 140 24.33 47.41 6.47
N VAL D 141 24.37 46.28 7.17
CA VAL D 141 24.59 44.98 6.53
C VAL D 141 23.46 44.06 7.00
N ARG D 142 22.76 43.48 6.03
CA ARG D 142 21.60 42.64 6.26
C ARG D 142 21.87 41.27 5.62
N THR D 143 21.44 40.21 6.29
CA THR D 143 21.25 38.90 5.67
C THR D 143 19.97 38.21 6.24
N GLY D 144 19.78 36.95 5.84
CA GLY D 144 18.70 36.12 6.33
C GLY D 144 19.24 34.75 6.59
N ARG D 145 18.64 34.07 7.57
CA ARG D 145 18.95 32.65 7.87
C ARG D 145 17.65 31.86 8.10
N SER D 146 17.64 30.63 7.62
CA SER D 146 16.58 29.67 7.86
C SER D 146 17.11 28.57 8.77
N ILE D 147 16.24 28.09 9.67
CA ILE D 147 16.43 26.90 10.51
C ILE D 147 16.01 25.63 9.79
N ARG D 148 16.96 24.73 9.59
CA ARG D 148 16.69 23.42 8.95
C ARG D 148 15.70 22.53 9.75
N GLY D 149 14.77 21.90 9.02
CA GLY D 149 13.74 21.05 9.58
C GLY D 149 12.38 21.71 9.74
N LEU D 150 12.31 23.01 9.46
CA LEU D 150 11.09 23.77 9.60
C LEU D 150 10.80 24.46 8.28
N SER D 151 9.53 24.43 7.85
CA SER D 151 9.16 25.03 6.58
C SER D 151 9.38 26.54 6.60
N LEU D 152 9.56 27.10 5.40
CA LEU D 152 9.76 28.51 5.20
C LEU D 152 8.40 29.30 5.30
N PRO D 153 8.44 30.64 5.44
CA PRO D 153 7.21 31.43 5.62
C PRO D 153 6.02 31.20 4.64
N PRO D 154 6.28 30.88 3.32
CA PRO D 154 5.12 30.62 2.46
C PRO D 154 4.27 29.43 2.91
N ALA D 155 4.90 28.44 3.56
CA ALA D 155 4.27 27.18 3.83
C ALA D 155 4.15 26.81 5.29
N CYS D 156 4.80 27.53 6.21
CA CYS D 156 4.85 27.01 7.61
C CYS D 156 3.49 27.08 8.28
N THR D 157 3.19 26.06 9.06
CA THR D 157 2.03 26.06 9.93
C THR D 157 2.31 26.95 11.13
N ARG D 158 1.26 27.27 11.88
CA ARG D 158 1.41 28.04 13.10
C ARG D 158 2.38 27.38 14.09
N ALA D 159 2.34 26.05 14.16
CA ALA D 159 3.21 25.31 15.08
C ALA D 159 4.69 25.38 14.63
N GLU D 160 4.95 25.26 13.33
CA GLU D 160 6.33 25.42 12.81
C GLU D 160 6.87 26.82 13.07
N ARG D 161 6.02 27.82 12.84
CA ARG D 161 6.42 29.18 13.02
C ARG D 161 6.68 29.47 14.48
N ARG D 162 5.81 28.97 15.36
CA ARG D 162 6.05 29.04 16.82
C ARG D 162 7.38 28.39 17.25
N GLU D 163 7.73 27.29 16.61
CA GLU D 163 9.00 26.59 16.88
C GLU D 163 10.22 27.44 16.47
N VAL D 164 10.16 28.05 15.28
CA VAL D 164 11.21 28.99 14.84
C VAL D 164 11.43 30.08 15.89
N GLU D 165 10.35 30.70 16.33
CA GLU D 165 10.41 31.73 17.34
C GLU D 165 11.07 31.18 18.61
N ASN D 166 10.64 30.01 19.06
CA ASN D 166 11.23 29.42 20.27
C ASN D 166 12.73 29.16 20.15
N VAL D 167 13.15 28.59 19.02
CA VAL D 167 14.57 28.35 18.78
C VAL D 167 15.36 29.68 18.80
N ALA D 168 14.78 30.74 18.20
CA ALA D 168 15.44 32.02 18.12
C ALA D 168 15.54 32.69 19.47
N ILE D 169 14.43 32.76 20.20
CA ILE D 169 14.38 33.36 21.56
C ILE D 169 15.41 32.71 22.45
N THR D 170 15.41 31.39 22.48
CA THR D 170 16.29 30.67 23.36
C THR D 170 17.76 30.98 23.02
N ALA D 171 18.12 30.96 21.74
CA ALA D 171 19.50 31.20 21.33
C ALA D 171 19.93 32.63 21.62
N LEU D 172 19.07 33.60 21.27
CA LEU D 172 19.40 34.98 21.46
C LEU D 172 19.56 35.38 22.94
N GLU D 173 18.84 34.72 23.83
CA GLU D 173 19.04 34.89 25.30
C GLU D 173 20.46 34.58 25.78
N GLY D 174 21.16 33.70 25.07
CA GLY D 174 22.58 33.37 25.38
C GLY D 174 23.64 34.33 24.85
N LEU D 175 23.24 35.35 24.07
CA LEU D 175 24.18 36.40 23.64
C LEU D 175 24.55 37.27 24.86
N LYS D 176 25.82 37.70 24.91
CA LYS D 176 26.41 38.40 26.06
C LYS D 176 27.19 39.63 25.60
N GLY D 177 27.48 40.52 26.54
CA GLY D 177 28.27 41.73 26.29
C GLY D 177 27.56 42.73 25.41
N ASP D 178 28.29 43.29 24.43
CA ASP D 178 27.71 44.20 23.43
C ASP D 178 26.58 43.56 22.55
N LEU D 179 26.48 42.21 22.53
CA LEU D 179 25.40 41.51 21.79
C LEU D 179 24.18 41.12 22.65
N ALA D 180 24.22 41.37 23.96
CA ALA D 180 23.07 41.07 24.83
C ALA D 180 21.92 41.98 24.47
N GLY D 181 20.69 41.46 24.51
CA GLY D 181 19.53 42.23 24.08
C GLY D 181 18.19 41.78 24.63
N ARG D 182 17.13 42.33 24.06
CA ARG D 182 15.75 42.02 24.46
C ARG D 182 14.93 41.62 23.23
N TYR D 183 14.00 40.69 23.43
CA TYR D 183 13.05 40.27 22.39
C TYR D 183 11.69 40.90 22.66
N TYR D 184 11.07 41.42 21.61
CA TYR D 184 9.73 41.93 21.65
C TYR D 184 8.84 41.09 20.72
N LYS D 185 7.76 40.53 21.28
CA LYS D 185 6.74 39.84 20.49
C LYS D 185 5.83 40.90 19.94
N LEU D 186 5.56 40.86 18.64
CA LEU D 186 4.62 41.82 18.00
C LEU D 186 3.20 41.76 18.58
N SER D 187 2.75 40.56 18.96
CA SER D 187 1.42 40.38 19.58
C SER D 187 1.32 40.93 21.02
N GLU D 188 2.46 41.08 21.70
CA GLU D 188 2.53 41.67 23.07
C GLU D 188 2.99 43.14 23.12
N MET D 189 3.26 43.73 21.96
CA MET D 189 3.86 45.07 21.89
C MET D 189 2.83 46.16 22.21
N THR D 190 3.17 47.03 23.20
CA THR D 190 2.39 48.27 23.45
C THR D 190 2.71 49.30 22.37
N GLU D 191 1.87 50.33 22.26
CA GLU D 191 2.11 51.43 21.30
C GLU D 191 3.49 52.09 21.53
N GLN D 192 3.83 52.33 22.80
CA GLN D 192 5.11 52.96 23.19
C GLN D 192 6.32 52.15 22.70
N ASP D 193 6.32 50.84 22.97
CA ASP D 193 7.34 49.92 22.40
C ASP D 193 7.45 50.07 20.88
N GLN D 194 6.29 50.10 20.21
CA GLN D 194 6.25 50.24 18.76
C GLN D 194 6.88 51.55 18.31
N GLN D 195 6.46 52.67 18.94
CA GLN D 195 7.01 54.00 18.61
C GLN D 195 8.52 54.11 18.96
N ARG D 196 8.93 53.49 20.08
CA ARG D 196 10.36 53.39 20.44
C ARG D 196 11.18 52.66 19.34
N LEU D 197 10.60 51.59 18.76
CA LEU D 197 11.26 50.86 17.64
C LEU D 197 11.24 51.63 16.31
N ILE D 198 10.21 52.45 16.09
CA ILE D 198 10.18 53.37 14.94
C ILE D 198 11.32 54.42 15.04
N ASP D 199 11.52 55.00 16.24
CA ASP D 199 12.67 55.92 16.53
C ASP D 199 14.02 55.28 16.17
N ASP D 200 14.17 54.00 16.53
CA ASP D 200 15.41 53.24 16.26
C ASP D 200 15.57 52.76 14.78
N HIS D 201 14.52 52.94 13.94
CA HIS D 201 14.41 52.37 12.56
C HIS D 201 14.38 50.80 12.54
N PHE D 202 13.84 50.22 13.62
CA PHE D 202 13.85 48.76 13.85
C PHE D 202 12.51 48.03 13.58
N LEU D 203 11.39 48.75 13.58
CA LEU D 203 10.08 48.12 13.41
C LEU D 203 9.87 47.64 11.95
N PHE D 204 9.21 46.50 11.79
CA PHE D 204 8.63 46.10 10.47
C PHE D 204 7.11 46.02 10.62
N ASP D 205 6.43 46.36 9.53
CA ASP D 205 4.96 46.38 9.50
C ASP D 205 4.47 45.06 8.96
N LYS D 206 3.16 44.86 9.02
CA LYS D 206 2.51 43.76 8.30
C LYS D 206 2.78 43.92 6.77
N PRO D 207 3.26 42.83 6.11
CA PRO D 207 3.44 42.87 4.65
C PRO D 207 2.14 43.30 3.96
N VAL D 208 2.24 44.35 3.14
CA VAL D 208 1.14 44.80 2.27
C VAL D 208 1.43 44.60 0.76
N SER D 209 2.70 44.38 0.39
CA SER D 209 3.06 44.08 -1.00
C SER D 209 2.34 42.81 -1.50
N PRO D 210 1.58 42.92 -2.62
CA PRO D 210 0.99 41.68 -3.17
C PRO D 210 2.05 40.58 -3.53
N LEU D 211 3.31 40.94 -3.80
CA LEU D 211 4.36 39.93 -4.00
C LEU D 211 4.50 38.97 -2.79
N LEU D 212 4.33 39.52 -1.57
CA LEU D 212 4.48 38.76 -0.33
C LEU D 212 3.17 38.08 0.11
N THR D 213 2.06 38.81 0.10
CA THR D 213 0.77 38.27 0.54
C THR D 213 0.26 37.14 -0.38
N CYS D 214 0.48 37.26 -1.69
CA CYS D 214 0.13 36.20 -2.66
C CYS D 214 1.06 34.97 -2.53
N ALA D 215 2.21 35.14 -1.87
CA ALA D 215 3.11 34.03 -1.55
C ALA D 215 2.80 33.37 -0.19
N GLY D 216 1.72 33.77 0.50
CA GLY D 216 1.30 33.17 1.79
C GLY D 216 2.14 33.62 3.01
N MET D 217 2.82 34.76 2.90
CA MET D 217 3.79 35.20 3.93
C MET D 217 3.22 36.22 4.96
N ALA D 218 1.90 36.44 4.94
CA ALA D 218 1.23 37.24 5.96
C ALA D 218 0.19 36.43 6.73
N ARG D 219 0.23 35.10 6.62
CA ARG D 219 -0.73 34.24 7.34
C ARG D 219 -0.54 34.33 8.87
N ASP D 220 -1.67 34.34 9.58
CA ASP D 220 -1.72 34.35 11.05
C ASP D 220 -1.04 35.56 11.70
N TRP D 221 -0.90 36.65 10.97
CA TRP D 221 -0.18 37.84 11.45
C TRP D 221 -0.91 38.40 12.67
N PRO D 222 -0.21 38.77 13.77
CA PRO D 222 1.26 38.76 13.91
C PRO D 222 1.80 37.58 14.76
N ASP D 223 1.09 36.45 14.74
CA ASP D 223 1.44 35.30 15.58
C ASP D 223 2.90 34.82 15.33
N ALA D 224 3.66 34.71 16.42
CA ALA D 224 5.08 34.29 16.41
C ALA D 224 6.06 35.22 15.59
N ARG D 225 5.68 36.46 15.35
CA ARG D 225 6.59 37.46 14.76
C ARG D 225 7.17 38.29 15.86
N GLY D 226 8.43 38.62 15.72
CA GLY D 226 9.04 39.51 16.67
C GLY D 226 10.31 40.18 16.21
N ILE D 227 10.80 41.03 17.09
CA ILE D 227 11.98 41.84 16.88
CA ILE D 227 11.98 41.82 16.86
C ILE D 227 12.84 41.72 18.10
N TRP D 228 14.11 41.45 17.88
CA TRP D 228 15.10 41.40 18.92
C TRP D 228 16.15 42.44 18.54
N HIS D 229 16.68 43.16 19.54
CA HIS D 229 17.87 44.00 19.31
C HIS D 229 18.77 44.06 20.55
N ASN D 230 20.05 44.32 20.32
CA ASN D 230 20.98 44.52 21.44
C ASN D 230 20.72 45.86 22.13
N TYR D 231 21.20 45.99 23.35
CA TYR D 231 20.95 47.20 24.12
C TYR D 231 21.56 48.44 23.47
N ASP D 232 22.70 48.27 22.77
CA ASP D 232 23.33 49.36 21.99
C ASP D 232 22.56 49.80 20.74
N LYS D 233 21.53 49.04 20.33
CA LYS D 233 20.73 49.39 19.14
C LYS D 233 21.61 49.43 17.86
N THR D 234 22.56 48.50 17.79
CA THR D 234 23.42 48.33 16.61
C THR D 234 23.29 46.97 15.91
N PHE D 235 22.54 46.03 16.50
CA PHE D 235 22.40 44.68 16.00
C PHE D 235 20.95 44.29 16.20
N LEU D 236 20.31 43.83 15.13
CA LEU D 236 18.85 43.75 15.04
C LEU D 236 18.48 42.47 14.34
N ILE D 237 17.51 41.75 14.88
CA ILE D 237 17.04 40.52 14.27
C ILE D 237 15.53 40.56 14.20
N TRP D 238 15.00 40.30 13.01
CA TRP D 238 13.57 40.19 12.78
C TRP D 238 13.25 38.73 12.66
N ILE D 239 12.18 38.29 13.36
CA ILE D 239 11.81 36.89 13.44
C ILE D 239 10.48 36.66 12.73
N ASN D 240 10.47 35.71 11.79
CA ASN D 240 9.24 35.27 11.03
C ASN D 240 8.51 36.33 10.18
N GLU D 241 9.25 37.34 9.73
CA GLU D 241 8.71 38.34 8.81
C GLU D 241 8.84 37.75 7.38
N GLU D 242 9.92 38.07 6.65
CA GLU D 242 10.10 37.55 5.27
C GLU D 242 10.96 36.30 5.23
N ASP D 243 11.58 35.96 6.37
CA ASP D 243 12.31 34.72 6.52
C ASP D 243 12.21 34.34 7.99
N HIS D 244 12.73 33.18 8.34
CA HIS D 244 12.82 32.76 9.75
C HIS D 244 13.54 33.86 10.55
N THR D 245 14.70 34.27 10.08
CA THR D 245 15.44 35.39 10.67
C THR D 245 16.00 36.31 9.57
N ARG D 246 15.89 37.62 9.80
CA ARG D 246 16.69 38.61 9.08
C ARG D 246 17.62 39.22 10.13
N VAL D 247 18.91 39.17 9.85
CA VAL D 247 19.94 39.65 10.75
C VAL D 247 20.55 40.91 10.17
N ILE D 248 20.55 41.96 10.98
CA ILE D 248 20.89 43.29 10.54
C ILE D 248 21.89 43.92 11.53
N SER D 249 23.06 44.35 11.01
CA SER D 249 23.96 45.21 11.75
C SER D 249 23.85 46.59 11.15
N MET D 250 23.62 47.61 11.98
CA MET D 250 23.51 48.99 11.48
C MET D 250 23.90 50.10 12.47
N GLU D 251 24.38 51.20 11.91
CA GLU D 251 24.84 52.37 12.64
C GLU D 251 24.62 53.62 11.82
N LYS D 252 24.38 54.75 12.51
CA LYS D 252 24.55 56.06 11.90
C LYS D 252 26.02 56.22 11.48
N GLY D 253 26.25 57.01 10.45
CA GLY D 253 27.58 57.25 9.94
C GLY D 253 28.11 56.23 8.95
N GLY D 254 29.45 56.14 8.89
CA GLY D 254 30.14 55.55 7.77
C GLY D 254 31.08 54.47 8.14
N ASN D 255 31.00 53.93 9.37
CA ASN D 255 31.94 52.92 9.80
C ASN D 255 31.48 51.51 9.40
N MET D 256 31.55 51.26 8.10
CA MET D 256 31.14 49.98 7.52
C MET D 256 31.99 48.81 8.04
N LYS D 257 33.27 49.07 8.30
CA LYS D 257 34.17 48.06 8.86
C LYS D 257 33.67 47.58 10.21
N ARG D 258 33.36 48.52 11.10
CA ARG D 258 32.83 48.14 12.40
C ARG D 258 31.47 47.41 12.24
N VAL D 259 30.62 47.94 11.37
CA VAL D 259 29.28 47.33 11.09
C VAL D 259 29.40 45.87 10.64
N PHE D 260 30.31 45.61 9.72
CA PHE D 260 30.53 44.27 9.22
C PHE D 260 31.20 43.35 10.28
N GLU D 261 32.16 43.89 11.05
CA GLU D 261 32.77 43.12 12.16
CA GLU D 261 32.78 43.16 12.16
C GLU D 261 31.69 42.63 13.14
N ARG D 262 30.78 43.50 13.51
CA ARG D 262 29.68 43.13 14.42
C ARG D 262 28.74 42.10 13.78
N PHE D 263 28.41 42.34 12.52
CA PHE D 263 27.57 41.43 11.72
C PHE D 263 28.11 40.00 11.77
N CYS D 264 29.40 39.85 11.43
CA CYS D 264 30.06 38.56 11.38
C CYS D 264 30.21 37.89 12.74
N ARG D 265 30.60 38.66 13.75
CA ARG D 265 30.76 38.16 15.09
C ARG D 265 29.40 37.70 15.67
N GLY D 266 28.36 38.49 15.42
CA GLY D 266 27.02 38.17 15.90
C GLY D 266 26.44 36.93 15.25
N LEU D 267 26.66 36.81 13.94
CA LEU D 267 26.20 35.64 13.19
C LEU D 267 26.85 34.38 13.62
N LYS D 268 28.15 34.43 13.83
CA LYS D 268 28.87 33.26 14.27
C LYS D 268 28.44 32.84 15.67
N GLU D 269 28.21 33.79 16.55
CA GLU D 269 27.75 33.47 17.91
C GLU D 269 26.30 32.91 17.89
N VAL D 270 25.41 33.50 17.09
CA VAL D 270 24.03 32.98 16.97
C VAL D 270 24.06 31.56 16.45
N GLU D 271 24.85 31.31 15.41
CA GLU D 271 25.02 29.96 14.89
C GLU D 271 25.51 28.97 15.93
N ARG D 272 26.53 29.35 16.69
CA ARG D 272 27.07 28.49 17.77
C ARG D 272 26.00 28.17 18.81
N LEU D 273 25.15 29.16 19.12
CA LEU D 273 24.11 29.02 20.13
C LEU D 273 22.98 28.13 19.69
N ILE D 274 22.54 28.22 18.42
CA ILE D 274 21.50 27.31 17.92
C ILE D 274 22.06 25.88 17.75
N GLN D 275 23.34 25.78 17.38
CA GLN D 275 23.99 24.46 17.24
C GLN D 275 24.16 23.73 18.60
N GLU D 276 24.38 24.45 19.71
CA GLU D 276 24.49 23.78 21.01
C GLU D 276 23.17 23.10 21.43
N ARG D 277 22.02 23.57 20.89
CA ARG D 277 20.73 22.88 21.04
C ARG D 277 20.30 22.05 19.79
N GLY D 278 21.27 21.65 18.97
CA GLY D 278 21.03 20.72 17.88
C GLY D 278 20.52 21.25 16.55
N TRP D 279 20.34 22.56 16.43
CA TRP D 279 19.77 23.15 15.21
C TRP D 279 20.87 23.66 14.22
N GLU D 280 20.59 23.58 12.92
CA GLU D 280 21.51 24.07 11.86
C GLU D 280 20.81 25.11 10.99
N PHE D 281 21.61 25.98 10.36
CA PHE D 281 21.09 26.85 9.29
C PHE D 281 20.88 26.00 8.04
N MET D 282 19.84 26.31 7.26
CA MET D 282 19.72 25.73 5.92
C MET D 282 20.84 26.29 5.04
N TRP D 283 21.69 25.40 4.54
CA TRP D 283 22.83 25.75 3.72
C TRP D 283 23.23 24.57 2.86
N ASN D 284 23.58 24.82 1.60
CA ASN D 284 24.28 23.80 0.78
C ASN D 284 25.31 24.41 -0.14
N GLU D 285 26.16 23.57 -0.68
CA GLU D 285 27.32 24.01 -1.44
C GLU D 285 26.97 24.82 -2.73
N ARG D 286 25.86 24.51 -3.37
CA ARG D 286 25.50 25.15 -4.65
C ARG D 286 24.64 26.43 -4.53
N LEU D 287 23.81 26.51 -3.48
CA LEU D 287 22.96 27.69 -3.25
C LEU D 287 23.38 28.56 -2.07
N GLY D 288 24.39 28.13 -1.29
CA GLY D 288 24.73 28.80 -0.04
C GLY D 288 23.57 28.75 0.97
N TYR D 289 23.31 29.86 1.67
CA TYR D 289 22.22 29.91 2.63
C TYR D 289 20.86 29.95 1.94
N ILE D 290 19.96 29.09 2.39
CA ILE D 290 18.68 28.90 1.73
C ILE D 290 17.65 29.81 2.40
N LEU D 291 16.96 30.60 1.58
CA LEU D 291 15.94 31.53 2.02
C LEU D 291 14.73 31.40 1.11
N THR D 292 13.67 32.10 1.46
CA THR D 292 12.37 32.00 0.78
C THR D 292 12.43 32.43 -0.70
N CYS D 293 13.03 33.59 -0.95
CA CYS D 293 13.09 34.16 -2.29
C CYS D 293 14.43 33.80 -2.94
N PRO D 294 14.40 33.27 -4.18
CA PRO D 294 15.69 32.98 -4.86
C PRO D 294 16.62 34.19 -5.02
N SER D 295 16.08 35.40 -4.97
CA SER D 295 16.89 36.61 -5.01
C SER D 295 17.88 36.73 -3.83
N ASN D 296 17.56 36.12 -2.67
CA ASN D 296 18.43 36.17 -1.51
C ASN D 296 19.27 34.93 -1.22
N LEU D 297 19.47 34.06 -2.21
CA LEU D 297 20.31 32.86 -2.01
C LEU D 297 21.81 33.25 -1.89
N GLY D 298 22.64 32.26 -1.56
CA GLY D 298 24.09 32.46 -1.48
C GLY D 298 24.52 33.12 -0.18
N THR D 299 24.66 34.45 -0.20
CA THR D 299 24.94 35.23 1.01
C THR D 299 23.70 35.82 1.62
N GLY D 300 22.67 36.09 0.79
CA GLY D 300 21.48 36.86 1.22
C GLY D 300 21.81 38.25 1.69
N LEU D 301 22.99 38.76 1.28
CA LEU D 301 23.59 39.89 1.93
C LEU D 301 23.37 41.15 1.13
N ARG D 302 22.85 42.17 1.81
CA ARG D 302 22.72 43.50 1.25
C ARG D 302 23.41 44.47 2.18
N ALA D 303 24.58 44.93 1.75
CA ALA D 303 25.39 45.86 2.51
C ALA D 303 25.21 47.18 1.82
N GLY D 304 24.86 48.20 2.58
CA GLY D 304 24.64 49.48 1.97
C GLY D 304 24.68 50.68 2.86
N VAL D 305 24.40 51.82 2.24
CA VAL D 305 24.47 53.11 2.89
C VAL D 305 23.32 54.02 2.48
N HIS D 306 23.00 54.97 3.35
CA HIS D 306 22.25 56.17 3.00
C HIS D 306 23.28 57.24 2.73
N VAL D 307 23.28 57.78 1.51
CA VAL D 307 24.31 58.71 1.07
C VAL D 307 23.70 59.90 0.31
N ARG D 308 24.22 61.10 0.61
CA ARG D 308 23.66 62.37 0.12
C ARG D 308 24.44 62.77 -1.14
N ILE D 309 23.81 62.58 -2.30
CA ILE D 309 24.50 62.78 -3.60
C ILE D 309 23.62 63.59 -4.61
N PRO D 310 23.27 64.85 -4.26
CA PRO D 310 22.35 65.66 -5.11
C PRO D 310 22.82 65.84 -6.57
N LYS D 311 24.08 66.23 -6.75
CA LYS D 311 24.64 66.52 -8.08
C LYS D 311 24.86 65.25 -8.92
N LEU D 312 25.59 64.28 -8.36
CA LEU D 312 25.87 62.99 -9.06
C LEU D 312 24.60 62.25 -9.44
N SER D 313 23.57 62.31 -8.59
CA SER D 313 22.28 61.66 -8.88
C SER D 313 21.50 62.25 -10.08
N LYS D 314 21.82 63.51 -10.45
CA LYS D 314 21.20 64.17 -11.61
C LYS D 314 22.09 64.09 -12.89
N ASP D 315 23.33 63.63 -12.75
CA ASP D 315 24.21 63.33 -13.90
C ASP D 315 23.64 62.10 -14.66
N PRO D 316 23.55 62.18 -16.01
CA PRO D 316 23.00 61.04 -16.79
C PRO D 316 23.90 59.77 -16.83
N ARG D 317 25.18 59.90 -16.44
CA ARG D 317 26.12 58.75 -16.28
C ARG D 317 25.95 57.93 -14.96
N PHE D 318 25.05 58.37 -14.07
CA PHE D 318 24.90 57.80 -12.71
C PHE D 318 24.56 56.30 -12.76
N SER D 319 23.53 55.95 -13.52
CA SER D 319 23.17 54.54 -13.75
C SER D 319 24.36 53.68 -14.15
N LYS D 320 25.15 54.17 -15.11
CA LYS D 320 26.27 53.41 -15.66
C LYS D 320 27.41 53.26 -14.66
N ILE D 321 27.68 54.31 -13.88
CA ILE D 321 28.68 54.25 -12.82
C ILE D 321 28.27 53.20 -11.76
N LEU D 322 26.99 53.20 -11.37
CA LEU D 322 26.45 52.18 -10.44
C LEU D 322 26.59 50.77 -11.01
N GLU D 323 26.22 50.59 -12.27
CA GLU D 323 26.32 49.27 -12.92
C GLU D 323 27.78 48.76 -12.98
N ASN D 324 28.71 49.62 -13.34
CA ASN D 324 30.14 49.22 -13.44
C ASN D 324 30.77 48.85 -12.08
N LEU D 325 30.36 49.56 -11.04
CA LEU D 325 30.76 49.27 -9.67
C LEU D 325 29.93 48.16 -9.01
N ARG D 326 28.97 47.57 -9.75
CA ARG D 326 28.12 46.48 -9.27
C ARG D 326 27.31 46.88 -8.01
N LEU D 327 26.76 48.09 -8.06
CA LEU D 327 25.93 48.63 -7.03
C LEU D 327 24.52 48.85 -7.56
N GLN D 328 23.56 48.92 -6.64
CA GLN D 328 22.15 49.17 -6.94
C GLN D 328 21.70 50.33 -6.06
N LYS D 329 20.69 51.05 -6.51
CA LYS D 329 20.11 52.13 -5.73
C LYS D 329 18.65 51.88 -5.45
N ARG D 330 18.17 52.44 -4.35
CA ARG D 330 16.73 52.53 -4.05
C ARG D 330 16.50 53.77 -3.21
N GLY D 331 15.24 53.99 -2.81
CA GLY D 331 14.84 55.20 -2.08
C GLY D 331 15.07 55.14 -0.59
N THR D 332 14.79 56.25 0.08
CA THR D 332 15.11 56.45 1.50
C THR D 332 14.33 55.50 2.45
N GLY D 333 13.09 55.16 2.07
CA GLY D 333 12.25 54.23 2.88
C GLY D 333 12.27 52.75 2.45
N GLY D 334 13.39 52.31 1.86
CA GLY D 334 13.53 50.94 1.33
C GLY D 334 13.10 50.80 -0.13
N VAL D 335 12.80 49.57 -0.54
CA VAL D 335 12.40 49.27 -1.93
C VAL D 335 11.03 49.88 -2.29
N ASP D 336 10.88 50.26 -3.57
CA ASP D 336 9.64 50.88 -4.11
C ASP D 336 9.22 52.20 -3.41
N THR D 337 10.22 53.03 -3.07
CA THR D 337 10.00 54.38 -2.45
C THR D 337 10.92 55.42 -3.09
N ALA D 338 10.64 56.70 -2.80
CA ALA D 338 11.37 57.83 -3.41
C ALA D 338 12.61 58.22 -2.62
N ALA D 339 13.56 58.87 -3.32
CA ALA D 339 14.77 59.43 -2.70
C ALA D 339 14.46 60.83 -2.13
N VAL D 340 14.29 60.90 -0.80
CA VAL D 340 13.94 62.14 -0.11
C VAL D 340 15.24 62.91 0.22
N ALA D 341 15.26 64.22 -0.11
CA ALA D 341 16.41 65.13 0.16
C ALA D 341 17.72 64.73 -0.56
N ASP D 342 17.58 64.04 -1.71
CA ASP D 342 18.72 63.46 -2.48
C ASP D 342 19.59 62.46 -1.67
N VAL D 343 18.94 61.77 -0.73
CA VAL D 343 19.57 60.72 0.06
C VAL D 343 19.16 59.38 -0.58
N TYR D 344 20.16 58.63 -1.08
CA TYR D 344 19.91 57.36 -1.75
C TYR D 344 20.43 56.16 -0.94
N ASP D 345 19.66 55.07 -0.93
CA ASP D 345 20.08 53.79 -0.38
C ASP D 345 20.90 53.06 -1.48
N ILE D 346 22.22 53.03 -1.32
CA ILE D 346 23.12 52.39 -2.30
C ILE D 346 23.68 51.11 -1.70
N SER D 347 23.60 50.00 -2.46
CA SER D 347 24.05 48.71 -1.96
C SER D 347 24.59 47.83 -3.05
N ASN D 348 25.26 46.74 -2.66
CA ASN D 348 25.72 45.72 -3.62
C ASN D 348 24.54 45.08 -4.37
N ILE D 349 24.74 44.85 -5.67
CA ILE D 349 23.76 44.16 -6.49
C ILE D 349 23.88 42.62 -6.35
N ASP D 350 25.10 42.10 -6.25
CA ASP D 350 25.31 40.64 -6.24
C ASP D 350 24.86 39.99 -4.89
N ARG D 351 24.43 38.72 -4.95
CA ARG D 351 24.05 37.92 -3.77
C ARG D 351 24.76 36.56 -3.65
N ILE D 352 25.01 35.92 -4.80
CA ILE D 352 25.57 34.57 -4.87
C ILE D 352 26.73 34.58 -5.87
N GLY D 353 27.69 33.68 -5.70
CA GLY D 353 28.92 33.68 -6.50
C GLY D 353 30.05 34.58 -6.03
N ARG D 354 29.76 35.51 -5.10
CA ARG D 354 30.79 36.25 -4.39
C ARG D 354 30.54 36.08 -2.87
N SER D 355 31.63 36.09 -2.10
CA SER D 355 31.56 35.90 -0.65
C SER D 355 31.10 37.19 0.03
N GLU D 356 30.76 37.08 1.31
CA GLU D 356 30.26 38.24 2.06
C GLU D 356 31.32 39.35 2.15
N VAL D 357 32.57 38.94 2.39
CA VAL D 357 33.74 39.82 2.43
C VAL D 357 33.92 40.55 1.12
N GLU D 358 33.90 39.81 0.01
CA GLU D 358 33.98 40.42 -1.34
C GLU D 358 32.88 41.44 -1.60
N LEU D 359 31.63 41.11 -1.20
CA LEU D 359 30.49 42.04 -1.42
C LEU D 359 30.65 43.33 -0.60
N VAL D 360 31.09 43.21 0.64
CA VAL D 360 31.31 44.39 1.49
C VAL D 360 32.44 45.26 0.93
N GLN D 361 33.54 44.63 0.46
CA GLN D 361 34.64 45.39 -0.13
C GLN D 361 34.18 46.17 -1.38
N ILE D 362 33.32 45.54 -2.19
CA ILE D 362 32.67 46.19 -3.33
C ILE D 362 31.90 47.42 -2.91
N VAL D 363 31.15 47.31 -1.82
CA VAL D 363 30.40 48.46 -1.33
C VAL D 363 31.33 49.55 -0.78
N ILE D 364 32.41 49.16 -0.11
CA ILE D 364 33.37 50.13 0.41
C ILE D 364 34.06 50.88 -0.74
N ASP D 365 34.58 50.14 -1.71
CA ASP D 365 35.21 50.76 -2.91
C ASP D 365 34.23 51.63 -3.71
N GLY D 366 33.07 51.08 -4.00
CA GLY D 366 32.09 51.76 -4.79
C GLY D 366 31.54 53.01 -4.15
N VAL D 367 31.18 52.93 -2.86
CA VAL D 367 30.65 54.12 -2.17
C VAL D 367 31.70 55.21 -2.07
N ASN D 368 32.95 54.86 -1.72
CA ASN D 368 34.05 55.82 -1.78
C ASN D 368 34.20 56.46 -3.17
N TYR D 369 34.04 55.65 -4.24
CA TYR D 369 34.06 56.20 -5.61
C TYR D 369 32.96 57.22 -5.81
N LEU D 370 31.74 56.90 -5.37
CA LEU D 370 30.61 57.81 -5.52
C LEU D 370 30.79 59.11 -4.74
N VAL D 371 31.37 59.01 -3.54
CA VAL D 371 31.68 60.21 -2.74
C VAL D 371 32.82 61.03 -3.37
N ASP D 372 33.83 60.34 -3.92
CA ASP D 372 34.89 61.02 -4.69
C ASP D 372 34.31 61.78 -5.92
N CYS D 373 33.29 61.21 -6.58
CA CYS D 373 32.58 61.89 -7.69
C CYS D 373 31.77 63.10 -7.22
N GLU D 374 30.92 62.92 -6.20
CA GLU D 374 30.08 64.03 -5.66
C GLU D 374 30.92 65.22 -5.17
N LYS D 375 32.09 64.93 -4.62
CA LYS D 375 33.07 65.97 -4.24
C LYS D 375 33.60 66.72 -5.46
N LYS D 376 33.96 65.99 -6.51
CA LYS D 376 34.45 66.61 -7.76
C LYS D 376 33.37 67.47 -8.47
N LEU D 377 32.13 67.00 -8.50
CA LEU D 377 31.01 67.77 -9.10
C LEU D 377 30.67 69.04 -8.31
N GLU D 378 30.72 68.98 -6.98
CA GLU D 378 30.48 70.16 -6.11
C GLU D 378 31.56 71.28 -6.30
N ARG D 379 32.79 70.88 -6.70
CA ARG D 379 33.85 71.83 -7.13
C ARG D 379 33.88 72.06 -8.67
N GLY D 380 32.79 71.73 -9.38
CA GLY D 380 32.71 71.86 -10.86
C GLY D 380 33.70 71.06 -11.72
N GLN D 381 34.37 70.05 -11.15
CA GLN D 381 35.39 69.25 -11.88
C GLN D 381 34.76 68.13 -12.70
N ASP D 382 35.57 67.52 -13.57
CA ASP D 382 35.14 66.42 -14.43
C ASP D 382 35.38 65.06 -13.75
N ILE D 383 34.44 64.13 -13.97
CA ILE D 383 34.50 62.77 -13.42
C ILE D 383 34.54 61.75 -14.53
N LYS D 384 35.12 60.58 -14.23
CA LYS D 384 35.18 59.47 -15.16
C LYS D 384 34.19 58.36 -14.76
N VAL D 385 33.61 57.71 -15.77
CA VAL D 385 32.92 56.43 -15.60
C VAL D 385 33.99 55.35 -15.39
N PRO D 386 33.95 54.62 -14.26
CA PRO D 386 35.00 53.62 -14.03
C PRO D 386 34.78 52.39 -14.93
N PRO D 387 35.86 51.69 -15.32
CA PRO D 387 35.67 50.47 -16.11
C PRO D 387 34.85 49.42 -15.31
N PRO D 388 34.00 48.60 -16.01
CA PRO D 388 33.28 47.55 -15.29
C PRO D 388 34.22 46.66 -14.42
N LEU D 389 33.75 46.32 -13.22
CA LEU D 389 34.41 45.30 -12.38
C LEU D 389 34.22 43.93 -13.02
N PRO D 390 35.13 42.97 -12.73
CA PRO D 390 34.93 41.58 -13.19
C PRO D 390 33.59 41.05 -12.75
N GLN D 391 32.82 40.48 -13.68
CA GLN D 391 31.43 40.16 -13.43
C GLN D 391 31.24 38.86 -12.66
N PHE D 392 32.10 37.88 -12.89
CA PHE D 392 31.81 36.50 -12.48
C PHE D 392 32.00 36.28 -10.98
N LEU E 23 7.56 -11.88 14.77
CA LEU E 23 8.77 -12.73 15.05
C LEU E 23 8.53 -13.64 16.27
N PHE E 24 8.37 -14.93 16.00
CA PHE E 24 7.94 -15.96 16.99
C PHE E 24 6.43 -15.90 17.28
N PRO E 25 5.79 -17.07 17.57
CA PRO E 25 4.39 -17.05 18.01
C PRO E 25 4.23 -16.28 19.32
N PRO E 26 3.10 -15.52 19.49
CA PRO E 26 2.90 -14.66 20.67
C PRO E 26 3.24 -15.36 21.99
N SER E 27 2.77 -16.59 22.16
CA SER E 27 2.97 -17.33 23.40
C SER E 27 4.44 -17.63 23.69
N ALA E 28 5.31 -17.64 22.68
CA ALA E 28 6.77 -17.79 22.93
C ALA E 28 7.39 -16.61 23.77
N ASP E 29 6.74 -15.44 23.73
CA ASP E 29 7.13 -14.26 24.56
C ASP E 29 6.46 -14.18 25.96
N TYR E 30 5.61 -15.15 26.31
CA TYR E 30 4.85 -15.06 27.57
C TYR E 30 5.82 -14.96 28.78
N PRO E 31 5.64 -13.93 29.62
CA PRO E 31 6.55 -13.73 30.74
C PRO E 31 6.40 -14.79 31.83
N ASP E 32 7.49 -15.03 32.57
CA ASP E 32 7.49 -15.93 33.73
C ASP E 32 7.20 -15.08 34.97
N LEU E 33 5.96 -15.17 35.48
CA LEU E 33 5.48 -14.31 36.55
C LEU E 33 5.26 -15.05 37.89
N ARG E 34 6.05 -16.12 38.14
CA ARG E 34 6.01 -16.83 39.44
C ARG E 34 6.55 -15.92 40.52
N LYS E 35 5.87 -15.88 41.66
CA LYS E 35 6.27 -15.04 42.83
C LYS E 35 6.31 -13.53 42.54
N HIS E 36 5.52 -13.08 41.56
CA HIS E 36 5.34 -11.66 41.30
C HIS E 36 4.03 -11.27 41.96
N ASN E 37 4.12 -10.40 42.97
CA ASN E 37 2.95 -9.87 43.66
CA ASN E 37 2.94 -9.86 43.68
C ASN E 37 2.68 -8.43 43.20
N ASN E 38 2.17 -8.29 41.97
CA ASN E 38 1.67 -7.00 41.47
C ASN E 38 0.37 -7.24 40.67
N CYS E 39 -0.44 -6.18 40.49
CA CYS E 39 -1.77 -6.34 39.90
C CYS E 39 -1.71 -6.89 38.47
N MET E 40 -0.68 -6.51 37.73
CA MET E 40 -0.49 -6.99 36.38
C MET E 40 -0.30 -8.50 36.35
N ALA E 41 0.60 -9.01 37.18
CA ALA E 41 0.88 -10.45 37.24
C ALA E 41 -0.32 -11.25 37.77
N GLU E 42 -1.11 -10.66 38.65
CA GLU E 42 -2.36 -11.30 39.12
C GLU E 42 -3.47 -11.34 38.06
N CYS E 43 -3.41 -10.46 37.04
CA CYS E 43 -4.44 -10.39 35.99
C CYS E 43 -4.09 -10.96 34.63
N LEU E 44 -2.79 -11.10 34.32
CA LEU E 44 -2.39 -11.59 33.01
C LEU E 44 -2.71 -13.08 32.85
N THR E 45 -3.13 -13.45 31.66
CA THR E 45 -3.39 -14.82 31.29
C THR E 45 -2.74 -15.04 29.92
N PRO E 46 -2.54 -16.29 29.54
CA PRO E 46 -2.07 -16.62 28.18
C PRO E 46 -2.97 -16.10 27.02
N ALA E 47 -4.30 -16.18 27.20
CA ALA E 47 -5.25 -15.72 26.17
C ALA E 47 -5.10 -14.21 25.93
N ILE E 48 -5.10 -13.46 27.04
CA ILE E 48 -4.94 -12.00 27.00
C ILE E 48 -3.61 -11.64 26.37
N TYR E 49 -2.51 -12.28 26.82
CA TYR E 49 -1.20 -12.02 26.25
C TYR E 49 -1.15 -12.32 24.75
N ALA E 50 -1.63 -13.50 24.35
CA ALA E 50 -1.62 -13.88 22.93
C ALA E 50 -2.43 -12.89 22.09
N LYS E 51 -3.59 -12.46 22.61
CA LYS E 51 -4.47 -11.52 21.89
C LYS E 51 -3.84 -10.12 21.69
N LEU E 52 -3.09 -9.63 22.68
CA LEU E 52 -2.59 -8.24 22.66
C LEU E 52 -1.16 -8.07 22.22
N ARG E 53 -0.36 -9.15 22.20
CA ARG E 53 1.11 -9.05 21.99
C ARG E 53 1.53 -8.28 20.75
N ASN E 54 0.78 -8.46 19.65
CA ASN E 54 1.12 -7.81 18.38
C ASN E 54 0.37 -6.49 18.14
N LYS E 55 -0.51 -6.07 19.06
CA LYS E 55 -1.20 -4.77 18.91
C LYS E 55 -0.25 -3.63 19.29
N VAL E 56 -0.38 -2.50 18.62
CA VAL E 56 0.39 -1.30 18.95
C VAL E 56 -0.53 -0.08 18.95
N THR E 57 -0.16 0.95 19.71
CA THR E 57 -0.86 2.24 19.68
C THR E 57 -0.39 3.00 18.43
N PRO E 58 -1.13 4.07 18.04
CA PRO E 58 -0.69 4.90 16.88
C PRO E 58 0.77 5.33 16.92
N ASN E 59 1.29 5.63 18.12
CA ASN E 59 2.72 5.95 18.30
C ASN E 59 3.68 4.74 18.54
N GLY E 60 3.22 3.53 18.29
CA GLY E 60 4.08 2.34 18.37
C GLY E 60 4.35 1.76 19.77
N TYR E 61 3.58 2.17 20.80
CA TYR E 61 3.77 1.58 22.14
C TYR E 61 3.18 0.17 22.12
N THR E 62 3.88 -0.76 22.76
CA THR E 62 3.53 -2.18 22.76
C THR E 62 3.14 -2.70 24.17
N LEU E 63 2.51 -3.87 24.19
CA LEU E 63 2.15 -4.53 25.44
C LEU E 63 3.37 -4.82 26.31
N ASP E 64 4.48 -5.27 25.68
CA ASP E 64 5.69 -5.59 26.44
C ASP E 64 6.22 -4.39 27.20
N GLN E 65 6.28 -3.25 26.54
CA GLN E 65 6.67 -2.03 27.18
C GLN E 65 5.75 -1.68 28.34
N CYS E 66 4.41 -1.81 28.14
CA CYS E 66 3.44 -1.61 29.25
C CYS E 66 3.83 -2.36 30.52
N ILE E 67 4.05 -3.67 30.36
CA ILE E 67 4.17 -4.59 31.49
C ILE E 67 5.59 -4.79 31.99
N GLN E 68 6.59 -4.21 31.32
CA GLN E 68 7.99 -4.45 31.69
C GLN E 68 8.24 -4.24 33.18
N THR E 69 7.77 -3.11 33.71
CA THR E 69 8.03 -2.78 35.10
C THR E 69 7.49 -3.86 36.06
N GLY E 70 6.31 -4.40 35.75
CA GLY E 70 5.73 -5.49 36.53
C GLY E 70 6.42 -6.82 36.35
N VAL E 71 6.94 -7.09 35.16
CA VAL E 71 7.82 -8.25 34.92
C VAL E 71 9.12 -8.12 35.74
N ASP E 72 9.73 -6.92 35.79
CA ASP E 72 11.04 -6.72 36.47
C ASP E 72 10.97 -6.45 38.00
N ASN E 73 9.81 -6.03 38.51
CA ASN E 73 9.60 -5.82 39.94
C ASN E 73 8.50 -6.73 40.45
N PRO E 74 8.86 -7.96 40.88
CA PRO E 74 7.87 -8.86 41.49
C PRO E 74 7.20 -8.30 42.75
N GLY E 75 7.90 -7.42 43.48
CA GLY E 75 7.34 -6.79 44.64
C GLY E 75 7.91 -5.40 44.88
N HIS E 76 7.57 -4.87 46.05
CA HIS E 76 8.08 -3.60 46.51
C HIS E 76 8.12 -3.66 48.05
N PRO E 77 9.15 -3.03 48.69
CA PRO E 77 9.26 -3.17 50.18
C PRO E 77 8.08 -2.61 51.01
N PHE E 78 7.38 -1.60 50.50
CA PHE E 78 6.35 -0.85 51.31
C PHE E 78 4.89 -0.80 50.81
N ILE E 79 4.62 -1.10 49.53
CA ILE E 79 3.25 -0.96 48.96
C ILE E 79 3.00 -2.02 47.92
N LYS E 80 1.73 -2.31 47.65
CA LYS E 80 1.37 -3.16 46.51
C LYS E 80 1.41 -2.33 45.24
N THR E 81 2.16 -2.82 44.24
CA THR E 81 2.32 -2.12 42.98
C THR E 81 1.39 -2.67 41.90
N VAL E 82 1.20 -1.86 40.88
CA VAL E 82 0.34 -2.18 39.75
C VAL E 82 1.07 -3.07 38.76
N GLY E 83 2.32 -2.70 38.44
CA GLY E 83 3.16 -3.50 37.54
C GLY E 83 2.87 -3.28 36.07
N MET E 84 2.25 -2.17 35.73
CA MET E 84 2.13 -1.74 34.33
C MET E 84 1.90 -0.24 34.23
N VAL E 85 2.31 0.31 33.09
CA VAL E 85 2.18 1.74 32.83
C VAL E 85 1.65 1.97 31.41
N ALA E 86 1.03 3.13 31.18
CA ALA E 86 0.60 3.53 29.84
C ALA E 86 1.66 4.46 29.20
N GLY E 87 1.97 4.23 27.93
CA GLY E 87 2.92 5.07 27.18
C GLY E 87 2.24 6.25 26.50
N ASP E 88 0.95 6.14 26.29
CA ASP E 88 0.15 7.19 25.72
C ASP E 88 -1.30 6.97 26.12
N GLU E 89 -2.17 7.92 25.78
CA GLU E 89 -3.61 7.83 26.08
C GLU E 89 -4.22 6.57 25.48
N GLU E 90 -3.81 6.26 24.25
CA GLU E 90 -4.41 5.18 23.48
C GLU E 90 -4.06 3.79 24.09
N SER E 91 -2.96 3.68 24.84
CA SER E 91 -2.60 2.41 25.51
C SER E 91 -3.77 1.79 26.33
N TYR E 92 -4.56 2.66 26.99
CA TYR E 92 -5.68 2.20 27.83
C TYR E 92 -6.80 1.55 27.00
N GLU E 93 -6.98 2.01 25.77
CA GLU E 93 -7.96 1.46 24.83
C GLU E 93 -7.39 0.22 24.14
N VAL E 94 -6.19 0.34 23.58
CA VAL E 94 -5.58 -0.75 22.82
C VAL E 94 -5.36 -1.98 23.74
N PHE E 95 -4.91 -1.75 24.97
CA PHE E 95 -4.58 -2.86 25.90
C PHE E 95 -5.60 -2.97 27.02
N ALA E 96 -6.85 -2.62 26.70
CA ALA E 96 -7.94 -2.58 27.67
C ALA E 96 -8.21 -3.93 28.33
N ASP E 97 -7.97 -5.01 27.61
CA ASP E 97 -8.23 -6.35 28.15
C ASP E 97 -7.30 -6.73 29.28
N LEU E 98 -6.17 -6.02 29.43
CA LEU E 98 -5.32 -6.17 30.63
C LEU E 98 -5.54 -5.01 31.59
N PHE E 99 -5.59 -3.77 31.07
CA PHE E 99 -5.79 -2.59 31.94
C PHE E 99 -7.09 -2.66 32.75
N ASP E 100 -8.19 -3.11 32.14
CA ASP E 100 -9.52 -3.08 32.83
C ASP E 100 -9.57 -3.93 34.11
N PRO E 101 -9.16 -5.23 34.03
CA PRO E 101 -9.06 -6.03 35.27
C PRO E 101 -8.05 -5.48 36.27
N VAL E 102 -6.88 -5.00 35.79
CA VAL E 102 -5.89 -4.40 36.68
C VAL E 102 -6.48 -3.18 37.42
N ILE E 103 -7.23 -2.34 36.71
CA ILE E 103 -7.88 -1.18 37.33
C ILE E 103 -8.89 -1.65 38.42
N LYS E 104 -9.67 -2.69 38.12
CA LYS E 104 -10.68 -3.24 39.05
C LYS E 104 -10.02 -3.73 40.31
N LEU E 105 -8.98 -4.53 40.15
CA LEU E 105 -8.22 -5.06 41.28
C LEU E 105 -7.62 -3.95 42.17
N ARG E 106 -7.05 -2.92 41.55
CA ARG E 106 -6.33 -1.87 42.27
C ARG E 106 -7.25 -0.87 42.96
N HIS E 107 -8.44 -0.64 42.40
CA HIS E 107 -9.35 0.38 42.92
C HIS E 107 -10.63 -0.20 43.52
N ASN E 108 -10.48 -1.32 44.23
CA ASN E 108 -11.55 -1.88 45.05
C ASN E 108 -12.87 -2.11 44.29
N GLY E 109 -12.78 -2.78 43.16
CA GLY E 109 -13.96 -3.11 42.35
C GLY E 109 -14.43 -2.09 41.31
N TYR E 110 -13.75 -0.93 41.17
CA TYR E 110 -14.16 0.03 40.13
C TYR E 110 -13.86 -0.57 38.78
N ASP E 111 -14.88 -0.71 37.94
CA ASP E 111 -14.76 -1.43 36.70
C ASP E 111 -15.08 -0.50 35.52
N PRO E 112 -14.04 -0.07 34.77
CA PRO E 112 -14.27 0.85 33.65
C PRO E 112 -15.08 0.27 32.48
N ARG E 113 -15.23 -1.05 32.43
CA ARG E 113 -16.09 -1.69 31.43
C ARG E 113 -17.58 -1.35 31.66
N VAL E 114 -18.00 -1.15 32.92
CA VAL E 114 -19.43 -0.92 33.26
C VAL E 114 -19.74 0.30 34.17
N MET E 115 -18.72 1.12 34.50
CA MET E 115 -18.90 2.30 35.37
C MET E 115 -18.33 3.55 34.74
N LYS E 116 -18.73 4.70 35.28
CA LYS E 116 -18.23 6.01 34.89
C LYS E 116 -17.71 6.72 36.12
N HIS E 117 -16.80 7.65 35.91
CA HIS E 117 -16.14 8.36 37.00
C HIS E 117 -16.63 9.80 37.06
N THR E 118 -16.98 10.25 38.27
CA THR E 118 -17.49 11.59 38.49
C THR E 118 -16.40 12.45 39.11
N THR E 119 -16.17 13.61 38.53
CA THR E 119 -15.26 14.61 39.04
C THR E 119 -16.07 15.55 39.95
N ASP E 120 -15.50 15.92 41.11
CA ASP E 120 -16.07 16.99 41.97
C ASP E 120 -14.96 17.73 42.71
N LEU E 121 -14.65 18.92 42.24
CA LEU E 121 -13.64 19.77 42.86
C LEU E 121 -14.28 20.96 43.59
N ASP E 122 -15.46 20.73 44.19
CA ASP E 122 -16.14 21.79 44.97
C ASP E 122 -15.65 21.72 46.44
N ALA E 123 -14.62 22.51 46.77
CA ALA E 123 -14.00 22.44 48.09
C ALA E 123 -14.95 22.88 49.23
N SER E 124 -16.02 23.64 48.90
CA SER E 124 -17.06 24.04 49.87
C SER E 124 -17.88 22.86 50.43
N LYS E 125 -17.81 21.69 49.79
CA LYS E 125 -18.41 20.49 50.35
C LYS E 125 -17.61 19.89 51.53
N ILE E 126 -16.34 20.27 51.67
CA ILE E 126 -15.56 20.00 52.90
C ILE E 126 -15.85 21.15 53.88
N THR E 127 -16.83 20.94 54.75
CA THR E 127 -17.25 21.97 55.74
C THR E 127 -16.39 21.96 57.01
N GLN E 128 -15.78 20.81 57.31
CA GLN E 128 -14.92 20.64 58.49
C GLN E 128 -13.70 19.80 58.11
N GLY E 129 -12.50 20.29 58.43
CA GLY E 129 -11.26 19.57 58.12
C GLY E 129 -10.04 20.14 58.81
N GLN E 130 -10.10 20.22 60.13
CA GLN E 130 -8.94 20.56 60.97
C GLN E 130 -8.62 19.37 61.86
N PHE E 131 -7.40 18.83 61.72
CA PHE E 131 -6.90 17.75 62.56
C PHE E 131 -6.24 18.29 63.81
N ASP E 132 -6.07 17.39 64.78
CA ASP E 132 -5.31 17.69 65.98
C ASP E 132 -3.81 17.82 65.65
N GLU E 133 -3.28 19.03 65.78
CA GLU E 133 -1.88 19.32 65.42
C GLU E 133 -0.81 18.83 66.43
N HIS E 134 -1.22 18.23 67.55
CA HIS E 134 -0.31 17.43 68.41
C HIS E 134 0.15 16.14 67.72
N TYR E 135 -0.66 15.65 66.77
CA TYR E 135 -0.40 14.41 66.01
C TYR E 135 -0.10 14.64 64.49
N VAL E 136 -0.92 15.46 63.83
CA VAL E 136 -0.75 15.73 62.40
C VAL E 136 0.24 16.88 62.21
N LEU E 137 1.38 16.56 61.56
CA LEU E 137 2.47 17.53 61.35
C LEU E 137 2.35 18.28 60.04
N SER E 138 1.76 17.65 59.02
CA SER E 138 1.52 18.33 57.73
C SER E 138 0.36 17.70 56.98
N SER E 139 -0.22 18.50 56.11
CA SER E 139 -1.37 18.10 55.30
C SER E 139 -1.05 18.41 53.83
N ARG E 140 -1.43 17.50 52.93
CA ARG E 140 -1.02 17.55 51.52
C ARG E 140 -2.12 16.98 50.62
N VAL E 141 -2.36 17.63 49.49
CA VAL E 141 -3.23 17.07 48.44
C VAL E 141 -2.50 17.17 47.11
N ARG E 142 -2.42 16.03 46.40
CA ARG E 142 -1.77 15.91 45.11
CA ARG E 142 -1.83 16.01 45.07
C ARG E 142 -2.75 15.34 44.07
N THR E 143 -2.57 15.72 42.79
CA THR E 143 -3.12 15.00 41.64
C THR E 143 -2.15 15.15 40.49
N GLY E 144 -2.53 14.62 39.34
CA GLY E 144 -1.75 14.77 38.13
C GLY E 144 -2.64 15.02 36.94
N ARG E 145 -2.04 15.61 35.92
CA ARG E 145 -2.71 15.88 34.66
C ARG E 145 -1.78 15.56 33.50
N SER E 146 -2.35 14.99 32.43
CA SER E 146 -1.64 14.71 31.18
C SER E 146 -2.19 15.61 30.08
N ILE E 147 -1.29 16.17 29.27
CA ILE E 147 -1.61 16.95 28.05
C ILE E 147 -1.83 16.02 26.87
N ARG E 148 -3.03 16.09 26.30
CA ARG E 148 -3.39 15.26 25.18
C ARG E 148 -2.58 15.62 23.92
N GLY E 149 -2.19 14.59 23.18
CA GLY E 149 -1.43 14.71 21.94
C GLY E 149 0.07 14.44 22.17
N LEU E 150 0.47 14.25 23.45
CA LEU E 150 1.85 14.00 23.82
C LEU E 150 1.96 12.71 24.62
N SER E 151 2.96 11.90 24.29
CA SER E 151 3.18 10.63 24.96
C SER E 151 3.44 10.84 26.46
N LEU E 152 3.03 9.86 27.25
CA LEU E 152 3.29 9.86 28.68
C LEU E 152 4.80 9.52 28.96
N PRO E 153 5.29 9.77 30.20
CA PRO E 153 6.72 9.57 30.55
C PRO E 153 7.40 8.23 30.18
N PRO E 154 6.66 7.11 30.19
CA PRO E 154 7.35 5.86 29.79
C PRO E 154 7.78 5.81 28.32
N ALA E 155 7.15 6.61 27.45
CA ALA E 155 7.38 6.54 26.02
C ALA E 155 7.83 7.85 25.36
N CYS E 156 7.74 8.97 26.05
CA CYS E 156 7.95 10.26 25.39
C CYS E 156 9.41 10.46 24.91
N THR E 157 9.54 11.08 23.74
CA THR E 157 10.85 11.48 23.21
C THR E 157 11.27 12.77 23.93
N ARG E 158 12.54 13.12 23.81
CA ARG E 158 13.06 14.38 24.38
C ARG E 158 12.26 15.61 23.87
N ALA E 159 11.88 15.59 22.60
CA ALA E 159 11.10 16.68 22.00
C ALA E 159 9.69 16.76 22.58
N GLU E 160 9.03 15.61 22.74
CA GLU E 160 7.71 15.57 23.42
C GLU E 160 7.78 16.11 24.82
N ARG E 161 8.80 15.69 25.55
CA ARG E 161 8.96 16.10 26.94
C ARG E 161 9.23 17.61 27.05
N ARG E 162 10.07 18.12 26.17
CA ARG E 162 10.29 19.57 26.07
C ARG E 162 9.03 20.37 25.73
N GLU E 163 8.17 19.82 24.88
CA GLU E 163 6.91 20.49 24.53
C GLU E 163 5.99 20.57 25.77
N VAL E 164 5.91 19.47 26.56
CA VAL E 164 5.15 19.49 27.83
C VAL E 164 5.66 20.61 28.75
N GLU E 165 6.98 20.65 28.93
CA GLU E 165 7.61 21.68 29.73
C GLU E 165 7.22 23.07 29.23
N ASN E 166 7.37 23.31 27.94
CA ASN E 166 7.05 24.61 27.38
C ASN E 166 5.58 25.01 27.57
N VAL E 167 4.70 24.09 27.31
CA VAL E 167 3.25 24.31 27.52
C VAL E 167 2.96 24.64 28.99
N ALA E 168 3.57 23.89 29.92
CA ALA E 168 3.41 24.11 31.35
C ALA E 168 3.97 25.44 31.82
N ILE E 169 5.23 25.73 31.46
CA ILE E 169 5.89 27.02 31.80
C ILE E 169 4.99 28.17 31.42
N THR E 170 4.64 28.21 30.12
CA THR E 170 3.92 29.32 29.53
C THR E 170 2.56 29.53 30.20
N ALA E 171 1.83 28.45 30.47
CA ALA E 171 0.52 28.57 31.12
C ALA E 171 0.67 29.08 32.56
N LEU E 172 1.61 28.51 33.30
CA LEU E 172 1.78 28.83 34.74
C LEU E 172 2.23 30.28 35.01
N GLU E 173 2.81 30.94 33.99
CA GLU E 173 3.07 32.39 34.06
C GLU E 173 1.81 33.25 34.26
N GLY E 174 0.65 32.73 33.89
CA GLY E 174 -0.62 33.43 34.06
C GLY E 174 -1.20 33.40 35.47
N LEU E 175 -0.67 32.55 36.37
CA LEU E 175 -1.17 32.47 37.76
C LEU E 175 -0.82 33.75 38.54
N LYS E 176 -1.80 34.24 39.34
CA LYS E 176 -1.69 35.54 40.06
C LYS E 176 -1.97 35.43 41.56
N GLY E 177 -1.79 36.56 42.26
CA GLY E 177 -2.08 36.67 43.68
C GLY E 177 -1.21 35.76 44.51
N ASP E 178 -1.85 35.01 45.40
CA ASP E 178 -1.16 34.03 46.24
C ASP E 178 -0.63 32.77 45.49
N LEU E 179 -1.03 32.58 44.23
CA LEU E 179 -0.54 31.46 43.40
C LEU E 179 0.54 31.89 42.39
N ALA E 180 0.94 33.17 42.40
CA ALA E 180 2.03 33.63 41.55
C ALA E 180 3.31 32.90 41.93
N GLY E 181 4.09 32.48 40.94
CA GLY E 181 5.28 31.68 41.21
C GLY E 181 6.35 31.75 40.16
N ARG E 182 7.37 30.91 40.32
CA ARG E 182 8.45 30.80 39.37
C ARG E 182 8.70 29.34 39.03
N TYR E 183 9.21 29.10 37.82
CA TYR E 183 9.65 27.80 37.38
C TYR E 183 11.15 27.66 37.55
N TYR E 184 11.58 26.50 38.07
CA TYR E 184 12.98 26.17 38.26
C TYR E 184 13.30 24.88 37.51
N LYS E 185 14.06 25.01 36.40
CA LYS E 185 14.57 23.83 35.68
C LYS E 185 15.59 23.15 36.56
N LEU E 186 15.46 21.84 36.75
CA LEU E 186 16.46 21.08 37.52
C LEU E 186 17.86 21.11 36.94
N SER E 187 17.98 21.33 35.62
CA SER E 187 19.29 21.34 34.94
C SER E 187 20.05 22.61 35.24
N GLU E 188 19.36 23.65 35.75
CA GLU E 188 19.96 24.93 36.16
C GLU E 188 19.93 25.15 37.69
N MET E 189 19.72 24.08 38.46
CA MET E 189 19.58 24.16 39.91
C MET E 189 20.75 23.43 40.51
N THR E 190 21.42 24.06 41.48
CA THR E 190 22.60 23.44 42.10
C THR E 190 22.17 22.18 42.83
N GLU E 191 23.13 21.29 43.02
CA GLU E 191 22.89 20.03 43.67
C GLU E 191 22.40 20.20 45.10
N GLN E 192 23.00 21.17 45.82
CA GLN E 192 22.61 21.52 47.21
CA GLN E 192 22.59 21.45 47.20
C GLN E 192 21.16 22.05 47.28
N ASP E 193 20.78 22.89 46.32
CA ASP E 193 19.39 23.43 46.32
C ASP E 193 18.34 22.32 46.08
N GLN E 194 18.62 21.45 45.11
CA GLN E 194 17.81 20.27 44.85
C GLN E 194 17.63 19.46 46.12
N GLN E 195 18.75 19.16 46.79
CA GLN E 195 18.72 18.32 47.98
C GLN E 195 17.93 18.96 49.15
N ARG E 196 18.03 20.28 49.33
CA ARG E 196 17.26 20.98 50.38
CA ARG E 196 17.26 20.99 50.37
C ARG E 196 15.75 20.90 50.11
N LEU E 197 15.36 21.10 48.85
CA LEU E 197 13.94 20.99 48.46
C LEU E 197 13.40 19.57 48.64
N ILE E 198 14.25 18.56 48.41
CA ILE E 198 13.88 17.15 48.60
C ILE E 198 13.72 16.83 50.09
N ASP E 199 14.67 17.29 50.91
CA ASP E 199 14.61 17.10 52.37
C ASP E 199 13.43 17.84 53.00
N ASP E 200 13.08 19.01 52.45
CA ASP E 200 11.90 19.75 52.91
C ASP E 200 10.55 19.24 52.27
N HIS E 201 10.60 18.11 51.56
CA HIS E 201 9.39 17.43 51.01
C HIS E 201 8.73 18.17 49.86
N PHE E 202 9.48 19.06 49.22
CA PHE E 202 8.93 19.93 48.17
C PHE E 202 9.24 19.45 46.75
N LEU E 203 10.33 18.70 46.57
CA LEU E 203 10.76 18.21 45.26
C LEU E 203 10.85 16.69 45.28
N PHE E 204 10.48 16.08 44.16
CA PHE E 204 10.62 14.65 43.92
C PHE E 204 12.06 14.15 44.06
N ASP E 205 12.21 12.90 44.48
CA ASP E 205 13.53 12.23 44.50
C ASP E 205 14.07 12.04 43.08
N LYS E 206 15.37 11.84 42.97
CA LYS E 206 15.95 11.39 41.71
C LYS E 206 15.28 10.06 41.38
N PRO E 207 15.00 9.80 40.10
CA PRO E 207 14.23 8.60 39.76
C PRO E 207 15.12 7.33 39.76
N VAL E 208 15.53 6.89 40.97
CA VAL E 208 16.32 5.66 41.16
C VAL E 208 15.42 4.46 41.48
N SER E 209 14.13 4.71 41.71
CA SER E 209 13.19 3.63 41.97
C SER E 209 13.18 2.67 40.79
N PRO E 210 13.38 1.36 41.04
CA PRO E 210 13.29 0.42 39.91
C PRO E 210 11.89 0.36 39.24
N LEU E 211 10.82 0.75 39.96
CA LEU E 211 9.48 0.91 39.34
C LEU E 211 9.53 1.94 38.21
N LEU E 212 10.21 3.07 38.48
CA LEU E 212 10.36 4.15 37.50
C LEU E 212 11.32 3.80 36.37
N THR E 213 12.52 3.29 36.71
CA THR E 213 13.58 3.04 35.71
C THR E 213 13.17 1.95 34.75
N CYS E 214 12.60 0.89 35.27
CA CYS E 214 12.13 -0.24 34.44
C CYS E 214 10.89 0.08 33.59
N ALA E 215 10.16 1.14 33.98
CA ALA E 215 9.06 1.68 33.17
C ALA E 215 9.53 2.69 32.07
N GLY E 216 10.86 2.93 31.95
CA GLY E 216 11.39 3.88 30.98
C GLY E 216 11.21 5.36 31.39
N MET E 217 10.96 5.61 32.68
CA MET E 217 10.59 6.96 33.16
C MET E 217 11.76 7.79 33.65
N ALA E 218 12.97 7.23 33.65
CA ALA E 218 14.18 7.97 34.00
C ALA E 218 15.01 8.40 32.78
N ARG E 219 14.49 8.22 31.56
CA ARG E 219 15.29 8.52 30.37
C ARG E 219 15.62 10.01 30.28
N ASP E 220 16.89 10.30 29.95
CA ASP E 220 17.40 11.68 29.72
C ASP E 220 17.35 12.60 30.96
N TRP E 221 17.20 12.04 32.16
CA TRP E 221 16.98 12.84 33.37
C TRP E 221 18.25 13.67 33.68
N PRO E 222 18.14 14.96 34.08
CA PRO E 222 16.92 15.69 34.36
C PRO E 222 16.40 16.58 33.19
N ASP E 223 16.68 16.20 31.93
CA ASP E 223 16.25 17.02 30.77
C ASP E 223 14.73 17.27 30.78
N ALA E 224 14.34 18.56 30.75
CA ALA E 224 12.96 19.02 30.74
C ALA E 224 12.13 18.72 32.03
N ARG E 225 12.82 18.39 33.14
CA ARG E 225 12.19 18.23 34.45
C ARG E 225 12.39 19.47 35.28
N GLY E 226 11.42 19.78 36.11
CA GLY E 226 11.51 20.94 36.94
C GLY E 226 10.38 21.08 37.91
N ILE E 227 10.43 22.16 38.67
CA ILE E 227 9.47 22.44 39.70
C ILE E 227 9.11 23.90 39.62
N TRP E 228 7.80 24.14 39.66
CA TRP E 228 7.24 25.44 39.75
C TRP E 228 6.64 25.54 41.16
N HIS E 229 6.72 26.70 41.78
CA HIS E 229 6.05 26.92 43.08
C HIS E 229 5.83 28.39 43.37
N ASN E 230 4.85 28.66 44.23
CA ASN E 230 4.61 30.04 44.71
C ASN E 230 5.64 30.38 45.76
N TYR E 231 5.67 31.64 46.21
CA TYR E 231 6.75 32.08 47.14
C TYR E 231 6.68 31.32 48.47
N ASP E 232 5.47 31.13 48.99
CA ASP E 232 5.26 30.33 50.24
C ASP E 232 5.51 28.81 50.11
N LYS E 233 5.64 28.30 48.88
CA LYS E 233 5.73 26.83 48.62
C LYS E 233 4.57 26.05 49.25
N THR E 234 3.39 26.63 49.14
CA THR E 234 2.16 25.96 49.50
C THR E 234 1.41 25.43 48.26
N PHE E 235 1.80 25.88 47.07
CA PHE E 235 1.25 25.39 45.81
C PHE E 235 2.42 25.15 44.89
N LEU E 236 2.63 23.88 44.50
CA LEU E 236 3.81 23.43 43.75
C LEU E 236 3.40 22.55 42.59
N ILE E 237 4.18 22.60 41.51
CA ILE E 237 3.89 21.79 40.34
C ILE E 237 5.15 21.13 39.88
N TRP E 238 5.11 19.81 39.76
CA TRP E 238 6.28 19.04 39.30
C TRP E 238 6.07 18.74 37.85
N ILE E 239 7.07 19.04 37.02
CA ILE E 239 6.95 18.92 35.58
C ILE E 239 7.80 17.73 35.10
N ASN E 240 7.16 16.82 34.35
CA ASN E 240 7.83 15.74 33.61
C ASN E 240 8.57 14.67 34.44
N GLU E 241 8.22 14.50 35.72
CA GLU E 241 8.78 13.41 36.52
C GLU E 241 7.90 12.13 36.46
N GLU E 242 6.88 12.03 37.29
CA GLU E 242 6.01 10.84 37.36
C GLU E 242 4.87 10.89 36.31
N ASP E 243 4.63 12.09 35.80
CA ASP E 243 3.56 12.39 34.88
C ASP E 243 3.92 13.73 34.23
N HIS E 244 3.20 14.14 33.20
CA HIS E 244 3.42 15.49 32.59
C HIS E 244 3.43 16.57 33.65
N THR E 245 2.42 16.54 34.52
CA THR E 245 2.35 17.44 35.66
C THR E 245 1.82 16.73 36.88
N ARG E 246 2.37 17.10 38.04
CA ARG E 246 1.79 16.78 39.34
C ARG E 246 1.52 18.10 40.06
N VAL E 247 0.26 18.33 40.43
CA VAL E 247 -0.19 19.57 41.06
C VAL E 247 -0.35 19.28 42.55
N ILE E 248 0.33 20.08 43.39
CA ILE E 248 0.45 19.81 44.85
C ILE E 248 0.06 21.03 45.69
N SER E 249 -0.84 20.82 46.67
CA SER E 249 -1.11 21.81 47.73
C SER E 249 -0.67 21.18 49.02
N MET E 250 0.13 21.91 49.80
CA MET E 250 0.59 21.40 51.10
C MET E 250 0.98 22.51 52.07
N GLU E 251 0.93 22.17 53.36
CA GLU E 251 1.41 23.08 54.41
C GLU E 251 1.67 22.30 55.70
N LYS E 252 2.31 22.98 56.65
CA LYS E 252 2.51 22.44 57.99
C LYS E 252 1.17 22.41 58.69
N GLY E 253 1.00 21.48 59.59
CA GLY E 253 -0.21 21.39 60.41
C GLY E 253 -1.32 20.53 59.83
N GLY E 254 -2.54 20.81 60.30
CA GLY E 254 -3.67 19.94 60.14
C GLY E 254 -4.88 20.56 59.47
N ASN E 255 -4.73 21.74 58.86
CA ASN E 255 -5.84 22.39 58.19
C ASN E 255 -6.06 21.86 56.75
N MET E 256 -6.58 20.64 56.67
CA MET E 256 -6.83 19.96 55.38
C MET E 256 -7.84 20.73 54.56
N LYS E 257 -8.86 21.30 55.25
CA LYS E 257 -9.86 22.14 54.57
C LYS E 257 -9.18 23.25 53.73
N ARG E 258 -8.25 23.99 54.35
CA ARG E 258 -7.56 25.08 53.67
C ARG E 258 -6.64 24.55 52.56
N VAL E 259 -5.89 23.50 52.84
CA VAL E 259 -5.06 22.85 51.83
C VAL E 259 -5.87 22.42 50.61
N PHE E 260 -7.03 21.81 50.84
CA PHE E 260 -7.93 21.41 49.73
C PHE E 260 -8.54 22.61 49.00
N GLU E 261 -8.94 23.66 49.73
CA GLU E 261 -9.50 24.87 49.10
C GLU E 261 -8.47 25.49 48.10
N ARG E 262 -7.23 25.62 48.54
CA ARG E 262 -6.16 26.11 47.70
C ARG E 262 -5.89 25.15 46.53
N PHE E 263 -5.93 23.84 46.80
CA PHE E 263 -5.79 22.82 45.76
C PHE E 263 -6.82 22.99 44.62
N CYS E 264 -8.11 23.07 44.97
CA CYS E 264 -9.17 23.17 43.97
C CYS E 264 -9.12 24.51 43.18
N ARG E 265 -8.78 25.58 43.88
CA ARG E 265 -8.69 26.91 43.26
CA ARG E 265 -8.69 26.91 43.26
C ARG E 265 -7.50 26.97 42.28
N GLY E 266 -6.35 26.50 42.72
CA GLY E 266 -5.16 26.47 41.91
C GLY E 266 -5.29 25.51 40.73
N LEU E 267 -5.84 24.35 40.98
CA LEU E 267 -6.02 23.35 39.93
C LEU E 267 -6.94 23.85 38.82
N LYS E 268 -8.10 24.42 39.19
CA LYS E 268 -9.02 24.99 38.19
C LYS E 268 -8.41 26.16 37.38
N GLU E 269 -7.59 26.98 38.03
CA GLU E 269 -6.90 28.08 37.34
C GLU E 269 -5.79 27.55 36.39
N VAL E 270 -5.09 26.51 36.82
CA VAL E 270 -4.09 25.82 35.97
C VAL E 270 -4.75 25.22 34.74
N GLU E 271 -5.85 24.50 34.96
CA GLU E 271 -6.60 23.90 33.88
CA GLU E 271 -6.65 23.91 33.88
C GLU E 271 -7.06 24.98 32.87
N ARG E 272 -7.56 26.13 33.37
CA ARG E 272 -8.04 27.22 32.51
C ARG E 272 -6.90 27.83 31.68
N LEU E 273 -5.74 28.04 32.31
CA LEU E 273 -4.61 28.65 31.64
C LEU E 273 -4.05 27.75 30.52
N ILE E 274 -4.06 26.44 30.73
CA ILE E 274 -3.61 25.50 29.71
C ILE E 274 -4.64 25.41 28.58
N GLN E 275 -5.93 25.40 28.93
CA GLN E 275 -7.02 25.39 27.90
C GLN E 275 -7.01 26.63 27.01
N GLU E 276 -6.66 27.76 27.61
CA GLU E 276 -6.53 29.06 26.93
C GLU E 276 -5.52 29.05 25.77
N ARG E 277 -4.49 28.22 25.89
CA ARG E 277 -3.46 28.08 24.88
C ARG E 277 -3.82 27.04 23.83
N GLY E 278 -4.98 26.37 23.98
CA GLY E 278 -5.47 25.44 23.00
C GLY E 278 -5.25 23.99 23.32
N TRP E 279 -4.78 23.67 24.52
CA TRP E 279 -4.51 22.27 24.89
C TRP E 279 -5.67 21.67 25.69
N GLU E 280 -5.82 20.35 25.57
CA GLU E 280 -6.79 19.55 26.35
C GLU E 280 -6.04 18.65 27.31
N PHE E 281 -6.71 18.26 28.38
CA PHE E 281 -6.20 17.19 29.27
C PHE E 281 -6.66 15.85 28.79
N MET E 282 -5.84 14.81 29.02
CA MET E 282 -6.28 13.43 28.76
C MET E 282 -7.36 13.12 29.79
N TRP E 283 -8.53 12.74 29.31
CA TRP E 283 -9.69 12.50 30.12
C TRP E 283 -10.68 11.68 29.33
N ASN E 284 -11.35 10.73 30.00
CA ASN E 284 -12.62 10.17 29.46
C ASN E 284 -13.54 9.77 30.60
N GLU E 285 -14.79 9.47 30.26
CA GLU E 285 -15.84 9.27 31.27
C GLU E 285 -15.68 7.97 32.06
N ARG E 286 -14.95 6.99 31.51
CA ARG E 286 -14.72 5.68 32.19
C ARG E 286 -13.52 5.72 33.13
N LEU E 287 -12.44 6.37 32.69
CA LEU E 287 -11.20 6.42 33.43
C LEU E 287 -10.97 7.74 34.16
N GLY E 288 -11.85 8.74 33.95
CA GLY E 288 -11.59 10.11 34.40
C GLY E 288 -10.30 10.63 33.80
N TYR E 289 -9.45 11.24 34.63
CA TYR E 289 -8.17 11.81 34.17
C TYR E 289 -7.14 10.71 34.01
N ILE E 290 -6.42 10.76 32.88
CA ILE E 290 -5.54 9.71 32.44
C ILE E 290 -4.12 10.13 32.81
N LEU E 291 -3.42 9.18 33.43
CA LEU E 291 -2.07 9.36 33.89
C LEU E 291 -1.31 8.05 33.58
N THR E 292 -0.03 8.06 33.87
CA THR E 292 0.89 6.96 33.51
C THR E 292 0.56 5.64 34.17
N CYS E 293 0.28 5.68 35.46
CA CYS E 293 0.05 4.47 36.22
C CYS E 293 -1.43 4.31 36.45
N PRO E 294 -1.99 3.10 36.19
CA PRO E 294 -3.42 2.82 36.50
C PRO E 294 -3.86 3.17 37.96
N SER E 295 -2.92 3.12 38.93
CA SER E 295 -3.21 3.56 40.32
C SER E 295 -3.59 5.07 40.45
N ASN E 296 -3.22 5.88 39.47
CA ASN E 296 -3.54 7.29 39.50
C ASN E 296 -4.68 7.72 38.57
N LEU E 297 -5.49 6.78 38.07
CA LEU E 297 -6.64 7.15 37.19
C LEU E 297 -7.77 7.82 37.98
N GLY E 298 -8.75 8.33 37.25
CA GLY E 298 -9.94 8.98 37.84
C GLY E 298 -9.69 10.40 38.33
N THR E 299 -9.38 10.51 39.62
CA THR E 299 -9.08 11.80 40.24
C THR E 299 -7.58 12.10 40.26
N GLY E 300 -6.77 11.03 40.21
CA GLY E 300 -5.33 11.13 40.45
C GLY E 300 -4.94 11.56 41.84
N LEU E 301 -5.93 11.60 42.75
CA LEU E 301 -5.79 12.35 43.99
C LEU E 301 -5.24 11.51 45.14
N ARG E 302 -4.16 12.00 45.73
CA ARG E 302 -3.66 11.49 46.98
C ARG E 302 -3.68 12.65 47.99
N ALA E 303 -4.61 12.57 48.94
CA ALA E 303 -4.70 13.51 50.06
C ALA E 303 -4.20 12.81 51.29
N GLY E 304 -3.38 13.47 52.07
CA GLY E 304 -2.79 12.83 53.21
C GLY E 304 -2.11 13.70 54.20
N VAL E 305 -1.50 13.05 55.18
CA VAL E 305 -0.89 13.72 56.32
C VAL E 305 0.38 13.04 56.69
N HIS E 306 1.26 13.78 57.33
CA HIS E 306 2.30 13.19 58.14
C HIS E 306 1.70 13.18 59.53
N VAL E 307 1.66 12.01 60.17
CA VAL E 307 1.01 11.84 61.49
C VAL E 307 1.89 10.99 62.43
N ARG E 308 2.13 11.50 63.65
CA ARG E 308 3.03 10.84 64.62
C ARG E 308 2.24 9.81 65.42
N ILE E 309 2.46 8.52 65.14
CA ILE E 309 1.65 7.45 65.75
C ILE E 309 2.49 6.27 66.34
N PRO E 310 3.35 6.57 67.37
CA PRO E 310 4.25 5.53 67.94
C PRO E 310 3.56 4.26 68.42
N LYS E 311 2.45 4.39 69.13
CA LYS E 311 1.73 3.23 69.70
C LYS E 311 0.93 2.48 68.66
N LEU E 312 0.15 3.21 67.86
CA LEU E 312 -0.74 2.58 66.84
C LEU E 312 0.02 1.83 65.75
N SER E 313 1.19 2.35 65.35
CA SER E 313 2.03 1.67 64.33
C SER E 313 2.60 0.31 64.81
N LYS E 314 2.81 0.18 66.13
CA LYS E 314 3.21 -1.09 66.74
C LYS E 314 2.05 -2.09 66.92
N ASP E 315 0.80 -1.62 66.92
CA ASP E 315 -0.36 -2.49 67.15
C ASP E 315 -0.55 -3.49 66.00
N PRO E 316 -0.75 -4.79 66.32
CA PRO E 316 -0.90 -5.79 65.25
C PRO E 316 -2.13 -5.59 64.33
N ARG E 317 -3.16 -4.88 64.80
CA ARG E 317 -4.36 -4.58 63.97
C ARG E 317 -4.19 -3.40 62.96
N PHE E 318 -3.05 -2.70 63.02
CA PHE E 318 -2.80 -1.47 62.23
C PHE E 318 -3.13 -1.58 60.73
N SER E 319 -2.71 -2.68 60.09
CA SER E 319 -2.95 -2.88 58.64
C SER E 319 -4.42 -3.04 58.28
N LYS E 320 -5.18 -3.81 59.07
CA LYS E 320 -6.61 -4.04 58.80
C LYS E 320 -7.46 -2.81 59.08
N ILE E 321 -7.01 -1.96 60.03
CA ILE E 321 -7.63 -0.65 60.27
C ILE E 321 -7.47 0.21 59.00
N LEU E 322 -6.23 0.35 58.53
CA LEU E 322 -5.94 1.11 57.33
C LEU E 322 -6.70 0.55 56.12
N GLU E 323 -6.70 -0.78 55.96
CA GLU E 323 -7.41 -1.43 54.84
C GLU E 323 -8.95 -1.16 54.87
N ASN E 324 -9.55 -1.25 56.06
CA ASN E 324 -11.01 -0.98 56.22
C ASN E 324 -11.36 0.50 56.03
N LEU E 325 -10.43 1.39 56.41
CA LEU E 325 -10.58 2.84 56.19
C LEU E 325 -10.24 3.30 54.76
N ARG E 326 -9.82 2.36 53.89
CA ARG E 326 -9.38 2.63 52.52
C ARG E 326 -8.23 3.65 52.50
N LEU E 327 -7.29 3.46 53.44
CA LEU E 327 -6.09 4.27 53.55
C LEU E 327 -4.85 3.43 53.21
N GLN E 328 -3.78 4.14 52.85
CA GLN E 328 -2.47 3.55 52.60
C GLN E 328 -1.44 4.27 53.48
N LYS E 329 -0.44 3.51 53.96
CA LYS E 329 0.70 4.09 54.67
C LYS E 329 1.98 4.12 53.79
N ARG E 330 2.78 5.15 54.01
CA ARG E 330 4.08 5.32 53.39
C ARG E 330 4.99 5.90 54.43
N GLY E 331 6.29 5.92 54.14
CA GLY E 331 7.28 6.51 55.05
C GLY E 331 7.25 8.03 55.04
N THR E 332 8.09 8.61 55.88
CA THR E 332 8.19 10.07 56.03
C THR E 332 8.76 10.72 54.77
N GLY E 333 9.60 9.99 54.04
CA GLY E 333 10.16 10.48 52.77
C GLY E 333 9.43 9.97 51.53
N GLY E 334 8.18 9.49 51.71
CA GLY E 334 7.38 9.00 50.59
C GLY E 334 7.41 7.49 50.41
N VAL E 335 6.85 7.07 49.27
CA VAL E 335 6.56 5.66 48.95
C VAL E 335 7.76 4.70 49.05
N ASP E 336 8.99 5.17 48.79
CA ASP E 336 10.19 4.32 48.80
C ASP E 336 10.99 4.35 50.13
N THR E 337 10.38 4.90 51.21
CA THR E 337 11.08 5.09 52.47
C THR E 337 10.33 4.50 53.63
N ALA E 338 11.01 4.42 54.77
CA ALA E 338 10.44 3.92 56.02
C ALA E 338 9.96 5.08 56.83
N ALA E 339 9.08 4.80 57.79
CA ALA E 339 8.69 5.79 58.81
C ALA E 339 9.88 6.10 59.71
N VAL E 340 10.19 7.39 59.85
CA VAL E 340 11.26 7.86 60.73
C VAL E 340 10.63 8.56 61.92
N ALA E 341 11.01 8.12 63.14
CA ALA E 341 10.49 8.69 64.41
C ALA E 341 8.96 8.55 64.53
N ASP E 342 8.44 7.44 63.97
CA ASP E 342 7.00 7.11 63.99
C ASP E 342 6.07 8.09 63.27
N VAL E 343 6.63 8.89 62.35
CA VAL E 343 5.84 9.79 61.54
C VAL E 343 5.52 9.04 60.25
N TYR E 344 4.24 8.69 60.07
CA TYR E 344 3.77 8.00 58.88
C TYR E 344 3.05 8.97 57.95
N ASP E 345 3.22 8.74 56.64
CA ASP E 345 2.44 9.37 55.58
C ASP E 345 1.18 8.49 55.40
N ILE E 346 0.00 9.06 55.67
CA ILE E 346 -1.27 8.35 55.58
C ILE E 346 -2.16 9.07 54.60
N SER E 347 -2.71 8.32 53.64
CA SER E 347 -3.52 8.90 52.55
C SER E 347 -4.56 7.91 52.07
N ASN E 348 -5.52 8.43 51.30
CA ASN E 348 -6.51 7.57 50.60
C ASN E 348 -5.80 6.64 49.59
N ILE E 349 -6.25 5.38 49.51
CA ILE E 349 -5.66 4.40 48.59
C ILE E 349 -6.34 4.38 47.21
N ASP E 350 -7.65 4.64 47.17
CA ASP E 350 -8.44 4.60 45.94
C ASP E 350 -8.49 5.99 45.34
N ARG E 351 -8.58 6.05 44.00
CA ARG E 351 -8.57 7.31 43.24
C ARG E 351 -9.63 7.42 42.16
N ILE E 352 -10.35 6.32 41.86
CA ILE E 352 -11.38 6.32 40.81
C ILE E 352 -12.65 5.63 41.35
N GLY E 353 -13.81 6.06 40.88
CA GLY E 353 -15.11 5.68 41.45
C GLY E 353 -15.62 6.54 42.60
N ARG E 354 -14.72 7.37 43.18
CA ARG E 354 -15.04 8.32 44.21
C ARG E 354 -14.51 9.68 43.72
N SER E 355 -15.30 10.73 43.96
CA SER E 355 -14.88 12.09 43.61
C SER E 355 -13.78 12.60 44.56
N GLU E 356 -13.19 13.73 44.19
CA GLU E 356 -12.09 14.34 44.95
C GLU E 356 -12.55 14.70 46.37
N VAL E 357 -13.72 15.37 46.43
CA VAL E 357 -14.41 15.72 47.68
C VAL E 357 -14.64 14.49 48.54
N GLU E 358 -15.20 13.44 47.94
CA GLU E 358 -15.41 12.16 48.66
C GLU E 358 -14.14 11.56 49.22
N LEU E 359 -13.08 11.56 48.42
CA LEU E 359 -11.79 11.02 48.87
C LEU E 359 -11.20 11.82 50.02
N VAL E 360 -11.27 13.15 49.93
CA VAL E 360 -10.75 14.01 51.01
C VAL E 360 -11.54 13.78 52.32
N GLN E 361 -12.86 13.64 52.19
CA GLN E 361 -13.73 13.35 53.36
C GLN E 361 -13.35 12.00 54.01
N ILE E 362 -13.14 10.98 53.18
CA ILE E 362 -12.60 9.66 53.64
C ILE E 362 -11.29 9.82 54.43
N VAL E 363 -10.37 10.64 53.91
CA VAL E 363 -9.10 10.87 54.61
C VAL E 363 -9.29 11.62 55.92
N ILE E 364 -10.12 12.66 55.92
CA ILE E 364 -10.42 13.40 57.12
C ILE E 364 -11.00 12.46 58.22
N ASP E 365 -12.00 11.67 57.84
CA ASP E 365 -12.64 10.70 58.75
C ASP E 365 -11.63 9.67 59.23
N GLY E 366 -10.81 9.17 58.31
CA GLY E 366 -9.87 8.11 58.61
C GLY E 366 -8.76 8.57 59.52
N VAL E 367 -8.21 9.73 59.22
CA VAL E 367 -7.11 10.28 60.02
C VAL E 367 -7.61 10.63 61.42
N ASN E 368 -8.78 11.25 61.51
CA ASN E 368 -9.44 11.48 62.80
C ASN E 368 -9.63 10.18 63.61
N TYR E 369 -10.02 9.09 62.94
CA TYR E 369 -10.06 7.78 63.61
C TYR E 369 -8.70 7.28 64.10
N LEU E 370 -7.66 7.39 63.27
CA LEU E 370 -6.29 6.98 63.68
C LEU E 370 -5.81 7.78 64.87
N VAL E 371 -6.06 9.09 64.84
CA VAL E 371 -5.63 9.98 65.92
C VAL E 371 -6.34 9.61 67.23
N ASP E 372 -7.64 9.28 67.14
CA ASP E 372 -8.39 8.81 68.29
C ASP E 372 -7.81 7.53 68.88
N CYS E 373 -7.47 6.58 68.00
CA CYS E 373 -6.80 5.33 68.40
C CYS E 373 -5.50 5.61 69.10
N GLU E 374 -4.70 6.54 68.58
CA GLU E 374 -3.42 6.88 69.20
C GLU E 374 -3.61 7.48 70.60
N LYS E 375 -4.63 8.32 70.78
CA LYS E 375 -4.96 8.90 72.10
C LYS E 375 -5.38 7.81 73.11
N LYS E 376 -6.17 6.85 72.65
CA LYS E 376 -6.62 5.74 73.49
C LYS E 376 -5.49 4.82 73.92
N LEU E 377 -4.65 4.39 72.97
CA LEU E 377 -3.46 3.58 73.31
C LEU E 377 -2.50 4.31 74.26
N GLU E 378 -2.43 5.64 74.15
CA GLU E 378 -1.63 6.47 75.07
C GLU E 378 -2.22 6.44 76.49
N ARG E 379 -3.53 6.68 76.60
CA ARG E 379 -4.25 6.60 77.89
C ARG E 379 -4.30 5.16 78.46
N GLY E 380 -4.02 4.16 77.61
CA GLY E 380 -3.91 2.77 78.03
C GLY E 380 -5.28 2.16 77.99
N GLN E 381 -5.89 2.20 76.80
CA GLN E 381 -7.23 1.66 76.57
C GLN E 381 -7.22 0.78 75.32
N ASP E 382 -8.35 0.11 75.08
CA ASP E 382 -8.51 -0.75 73.91
C ASP E 382 -9.14 0.03 72.74
N ILE E 383 -8.62 -0.23 71.54
CA ILE E 383 -9.14 0.35 70.31
C ILE E 383 -9.93 -0.71 69.58
N LYS E 384 -10.90 -0.26 68.79
CA LYS E 384 -11.69 -1.14 67.95
C LYS E 384 -11.20 -1.03 66.49
N VAL E 385 -11.21 -2.15 65.79
CA VAL E 385 -11.12 -2.15 64.33
C VAL E 385 -12.50 -1.70 63.85
N PRO E 386 -12.58 -0.58 63.10
CA PRO E 386 -13.88 -0.19 62.52
C PRO E 386 -14.21 -1.08 61.30
N PRO E 387 -15.50 -1.15 60.90
CA PRO E 387 -15.88 -2.08 59.84
C PRO E 387 -15.52 -1.52 58.46
N PRO E 388 -15.34 -2.40 57.45
CA PRO E 388 -15.06 -1.91 56.08
C PRO E 388 -16.10 -0.88 55.57
N LEU E 389 -15.63 0.14 54.87
CA LEU E 389 -16.52 1.09 54.20
C LEU E 389 -17.21 0.34 53.04
N PRO E 390 -18.47 0.71 52.73
CA PRO E 390 -19.24 -0.07 51.71
C PRO E 390 -18.69 0.07 50.28
N GLN E 391 -18.23 -1.04 49.70
CA GLN E 391 -17.71 -1.07 48.32
C GLN E 391 -18.87 -1.06 47.33
N ARG F 22 1.01 15.11 9.86
CA ARG F 22 1.52 16.43 10.35
C ARG F 22 2.66 16.27 11.38
N LEU F 23 3.45 17.35 11.55
CA LEU F 23 4.71 17.28 12.28
C LEU F 23 4.61 17.51 13.81
N PHE F 24 3.64 18.33 14.26
CA PHE F 24 3.48 18.66 15.68
C PHE F 24 2.14 18.12 16.22
N PRO F 25 1.98 18.07 17.55
CA PRO F 25 0.64 17.69 18.10
C PRO F 25 -0.42 18.68 17.64
N PRO F 26 -1.66 18.21 17.39
CA PRO F 26 -2.73 19.12 16.93
C PRO F 26 -2.82 20.44 17.66
N SER F 27 -2.83 20.41 18.99
CA SER F 27 -3.02 21.63 19.77
C SER F 27 -1.89 22.66 19.67
N ALA F 28 -0.70 22.24 19.24
CA ALA F 28 0.42 23.19 19.03
C ALA F 28 0.11 24.19 17.92
N ASP F 29 -0.79 23.82 17.01
CA ASP F 29 -1.29 24.71 15.93
C ASP F 29 -2.54 25.57 16.28
N TYR F 30 -3.04 25.47 17.51
CA TYR F 30 -4.28 26.16 17.88
C TYR F 30 -4.15 27.64 17.64
N PRO F 31 -5.10 28.24 16.88
CA PRO F 31 -4.96 29.68 16.60
C PRO F 31 -5.21 30.57 17.81
N ASP F 32 -4.53 31.72 17.83
CA ASP F 32 -4.75 32.73 18.84
C ASP F 32 -5.91 33.62 18.35
N LEU F 33 -7.09 33.41 18.94
CA LEU F 33 -8.33 34.07 18.52
C LEU F 33 -8.81 35.18 19.49
N ARG F 34 -7.90 35.66 20.34
CA ARG F 34 -8.20 36.78 21.21
C ARG F 34 -8.50 38.02 20.35
N LYS F 35 -9.57 38.72 20.71
CA LYS F 35 -10.06 39.91 19.98
C LYS F 35 -10.50 39.64 18.51
N HIS F 36 -10.86 38.40 18.19
CA HIS F 36 -11.44 38.05 16.89
C HIS F 36 -12.92 37.98 17.09
N ASN F 37 -13.67 38.79 16.34
CA ASN F 37 -15.12 38.84 16.46
CA ASN F 37 -15.12 38.91 16.44
C ASN F 37 -15.77 38.39 15.15
N ASN F 38 -15.59 37.10 14.87
CA ASN F 38 -16.22 36.45 13.71
C ASN F 38 -16.81 35.13 14.20
N CYS F 39 -17.71 34.55 13.42
CA CYS F 39 -18.48 33.37 13.89
C CYS F 39 -17.58 32.16 14.15
N MET F 40 -16.57 31.96 13.29
CA MET F 40 -15.61 30.87 13.45
C MET F 40 -14.89 30.95 14.80
N ALA F 41 -14.42 32.15 15.16
CA ALA F 41 -13.74 32.38 16.44
C ALA F 41 -14.66 32.23 17.65
N GLU F 42 -15.94 32.57 17.49
CA GLU F 42 -16.92 32.38 18.57
C GLU F 42 -17.32 30.90 18.80
N CYS F 43 -17.08 30.04 17.81
CA CYS F 43 -17.42 28.62 17.89
C CYS F 43 -16.25 27.68 18.08
N LEU F 44 -15.04 28.07 17.65
CA LEU F 44 -13.90 27.14 17.73
C LEU F 44 -13.55 26.84 19.20
N THR F 45 -13.24 25.59 19.49
CA THR F 45 -12.75 25.18 20.81
C THR F 45 -11.52 24.31 20.63
N PRO F 46 -10.74 24.13 21.70
CA PRO F 46 -9.62 23.19 21.63
C PRO F 46 -10.01 21.79 21.18
N ALA F 47 -11.11 21.26 21.71
CA ALA F 47 -11.59 19.92 21.35
C ALA F 47 -11.90 19.82 19.86
N ILE F 48 -12.67 20.78 19.36
CA ILE F 48 -13.06 20.76 17.95
C ILE F 48 -11.81 20.86 17.08
N TYR F 49 -10.93 21.80 17.41
CA TYR F 49 -9.72 21.95 16.62
C TYR F 49 -8.90 20.68 16.59
N ALA F 50 -8.68 20.05 17.74
CA ALA F 50 -7.85 18.85 17.81
C ALA F 50 -8.46 17.67 17.05
N LYS F 51 -9.78 17.55 17.07
CA LYS F 51 -10.47 16.47 16.40
C LYS F 51 -10.36 16.60 14.86
N LEU F 52 -10.45 17.83 14.36
CA LEU F 52 -10.50 18.11 12.89
C LEU F 52 -9.17 18.44 12.20
N ARG F 53 -8.11 18.77 12.95
CA ARG F 53 -6.85 19.32 12.34
C ARG F 53 -6.23 18.42 11.27
N ASN F 54 -6.21 17.12 11.51
CA ASN F 54 -5.56 16.18 10.57
C ASN F 54 -6.50 15.61 9.52
N LYS F 55 -7.80 15.93 9.59
CA LYS F 55 -8.75 15.41 8.60
C LYS F 55 -8.66 16.20 7.32
N VAL F 56 -8.82 15.51 6.20
CA VAL F 56 -8.79 16.13 4.90
C VAL F 56 -9.99 15.65 4.10
N THR F 57 -10.43 16.47 3.17
CA THR F 57 -11.43 16.07 2.20
C THR F 57 -10.74 15.23 1.12
N PRO F 58 -11.52 14.52 0.27
CA PRO F 58 -10.94 13.79 -0.87
C PRO F 58 -9.98 14.59 -1.78
N ASN F 59 -10.21 15.90 -1.94
CA ASN F 59 -9.31 16.78 -2.74
C ASN F 59 -8.14 17.41 -1.94
N GLY F 60 -7.99 17.07 -0.67
CA GLY F 60 -6.90 17.55 0.14
C GLY F 60 -7.15 18.84 0.93
N TYR F 61 -8.41 19.30 1.03
CA TYR F 61 -8.70 20.54 1.74
C TYR F 61 -8.65 20.28 3.23
N THR F 62 -8.10 21.24 3.99
CA THR F 62 -7.79 21.06 5.42
C THR F 62 -8.56 22.06 6.29
N LEU F 63 -8.65 21.75 7.57
CA LEU F 63 -9.26 22.69 8.54
C LEU F 63 -8.59 24.07 8.54
N ASP F 64 -7.25 24.10 8.57
CA ASP F 64 -6.50 25.38 8.55
C ASP F 64 -6.84 26.25 7.35
N GLN F 65 -6.97 25.63 6.16
CA GLN F 65 -7.40 26.38 4.97
C GLN F 65 -8.80 26.94 5.12
N CYS F 66 -9.73 26.16 5.67
CA CYS F 66 -11.12 26.64 5.93
C CYS F 66 -11.14 27.86 6.76
N ILE F 67 -10.43 27.81 7.88
CA ILE F 67 -10.50 28.88 8.90
C ILE F 67 -9.52 30.04 8.70
N GLN F 68 -8.65 29.96 7.70
CA GLN F 68 -7.54 30.94 7.57
C GLN F 68 -8.04 32.40 7.52
N THR F 69 -9.08 32.64 6.74
CA THR F 69 -9.66 33.98 6.59
C THR F 69 -10.21 34.52 7.94
N GLY F 70 -10.73 33.63 8.79
CA GLY F 70 -11.14 34.00 10.17
C GLY F 70 -9.99 34.30 11.11
N VAL F 71 -8.90 33.56 11.00
CA VAL F 71 -7.69 33.80 11.77
C VAL F 71 -7.05 35.13 11.34
N ASP F 72 -6.97 35.37 10.03
CA ASP F 72 -6.38 36.60 9.52
C ASP F 72 -7.27 37.86 9.66
N ASN F 73 -8.61 37.71 9.67
CA ASN F 73 -9.50 38.90 9.73
C ASN F 73 -10.29 38.93 11.05
N PRO F 74 -9.70 39.55 12.10
CA PRO F 74 -10.40 39.56 13.40
C PRO F 74 -11.73 40.32 13.35
N GLY F 75 -11.77 41.39 12.55
CA GLY F 75 -13.00 42.16 12.32
C GLY F 75 -13.21 42.47 10.84
N HIS F 76 -14.25 43.22 10.58
CA HIS F 76 -14.51 43.82 9.31
C HIS F 76 -15.10 45.19 9.61
N PRO F 77 -14.78 46.24 8.80
CA PRO F 77 -15.28 47.59 9.12
C PRO F 77 -16.83 47.76 9.21
N PHE F 78 -17.57 46.97 8.42
CA PHE F 78 -19.03 47.18 8.26
C PHE F 78 -19.99 46.05 8.66
N ILE F 79 -19.61 44.78 8.49
CA ILE F 79 -20.50 43.64 8.82
C ILE F 79 -19.83 42.63 9.76
N LYS F 80 -20.64 41.80 10.39
CA LYS F 80 -20.17 40.64 11.16
C LYS F 80 -19.79 39.51 10.17
N THR F 81 -18.56 39.00 10.24
CA THR F 81 -18.07 37.99 9.28
C THR F 81 -18.18 36.57 9.81
N VAL F 82 -18.18 35.61 8.89
CA VAL F 82 -18.22 34.18 9.22
C VAL F 82 -16.85 33.66 9.70
N GLY F 83 -15.79 34.04 9.02
CA GLY F 83 -14.43 33.61 9.38
C GLY F 83 -14.06 32.21 8.94
N MET F 84 -14.83 31.60 8.05
CA MET F 84 -14.42 30.34 7.42
C MET F 84 -15.11 30.12 6.10
N VAL F 85 -14.47 29.32 5.25
CA VAL F 85 -14.99 28.96 3.92
C VAL F 85 -14.82 27.48 3.67
N ALA F 86 -15.59 26.98 2.71
CA ALA F 86 -15.50 25.61 2.25
C ALA F 86 -14.70 25.57 0.95
N GLY F 87 -13.79 24.62 0.87
CA GLY F 87 -12.98 24.40 -0.32
C GLY F 87 -13.64 23.47 -1.33
N ASP F 88 -14.58 22.67 -0.86
CA ASP F 88 -15.34 21.77 -1.73
C ASP F 88 -16.63 21.39 -1.03
N GLU F 89 -17.47 20.67 -1.74
CA GLU F 89 -18.73 20.19 -1.17
C GLU F 89 -18.51 19.37 0.11
N GLU F 90 -17.49 18.51 0.11
CA GLU F 90 -17.19 17.62 1.23
C GLU F 90 -16.65 18.35 2.48
N SER F 91 -16.17 19.59 2.34
CA SER F 91 -15.74 20.37 3.52
C SER F 91 -16.82 20.44 4.61
N TYR F 92 -18.07 20.60 4.18
CA TYR F 92 -19.18 20.77 5.11
C TYR F 92 -19.51 19.51 5.92
N GLU F 93 -19.17 18.33 5.40
CA GLU F 93 -19.35 17.08 6.13
C GLU F 93 -18.13 16.79 7.01
N VAL F 94 -16.94 16.81 6.38
CA VAL F 94 -15.68 16.49 7.05
C VAL F 94 -15.48 17.42 8.23
N PHE F 95 -15.78 18.73 8.05
CA PHE F 95 -15.60 19.72 9.12
C PHE F 95 -16.93 20.18 9.73
N ALA F 96 -17.92 19.28 9.73
CA ALA F 96 -19.25 19.57 10.26
C ALA F 96 -19.22 20.02 11.71
N ASP F 97 -18.32 19.45 12.51
CA ASP F 97 -18.24 19.84 13.93
C ASP F 97 -17.92 21.35 14.16
N LEU F 98 -17.33 22.01 13.16
CA LEU F 98 -17.15 23.47 13.21
C LEU F 98 -18.17 24.22 12.37
N PHE F 99 -18.43 23.76 11.14
CA PHE F 99 -19.40 24.44 10.26
C PHE F 99 -20.81 24.49 10.89
N ASP F 100 -21.24 23.40 11.54
CA ASP F 100 -22.63 23.30 12.08
C ASP F 100 -22.94 24.37 13.13
N PRO F 101 -22.10 24.49 14.19
CA PRO F 101 -22.34 25.60 15.12
C PRO F 101 -22.15 27.00 14.50
N VAL F 102 -21.25 27.13 13.52
CA VAL F 102 -21.09 28.42 12.81
C VAL F 102 -22.37 28.78 12.06
N ILE F 103 -22.94 27.80 11.37
CA ILE F 103 -24.20 27.98 10.65
C ILE F 103 -25.35 28.38 11.58
N LYS F 104 -25.46 27.70 12.73
CA LYS F 104 -26.48 28.05 13.74
C LYS F 104 -26.34 29.48 14.23
N LEU F 105 -25.10 29.87 14.50
CA LEU F 105 -24.80 31.21 14.96
C LEU F 105 -25.07 32.29 13.90
N ARG F 106 -24.67 32.02 12.66
CA ARG F 106 -24.81 32.98 11.59
C ARG F 106 -26.27 33.14 11.12
N HIS F 107 -27.08 32.07 11.24
CA HIS F 107 -28.42 32.06 10.64
C HIS F 107 -29.55 31.97 11.67
N ASN F 108 -29.40 32.70 12.77
CA ASN F 108 -30.44 32.88 13.76
C ASN F 108 -31.05 31.56 14.25
N GLY F 109 -30.19 30.57 14.49
CA GLY F 109 -30.62 29.31 15.12
C GLY F 109 -30.97 28.16 14.20
N TYR F 110 -30.89 28.34 12.86
CA TYR F 110 -31.05 27.19 11.96
C TYR F 110 -29.91 26.19 12.22
N ASP F 111 -30.28 24.95 12.49
CA ASP F 111 -29.31 23.93 12.92
C ASP F 111 -29.33 22.80 11.94
N PRO F 112 -28.28 22.68 11.10
CA PRO F 112 -28.30 21.61 10.09
C PRO F 112 -28.18 20.18 10.64
N ARG F 113 -27.82 20.00 11.91
CA ARG F 113 -27.79 18.66 12.51
C ARG F 113 -29.20 18.10 12.70
N VAL F 114 -30.19 18.98 12.95
CA VAL F 114 -31.60 18.52 13.23
C VAL F 114 -32.72 19.23 12.43
N MET F 115 -32.38 20.02 11.41
CA MET F 115 -33.38 20.72 10.58
C MET F 115 -33.13 20.48 9.11
N LYS F 116 -34.13 20.79 8.28
CA LYS F 116 -33.99 20.72 6.84
C LYS F 116 -34.39 22.06 6.22
N HIS F 117 -33.89 22.28 5.01
CA HIS F 117 -34.12 23.52 4.29
C HIS F 117 -35.04 23.31 3.10
N THR F 118 -36.02 24.19 2.95
CA THR F 118 -36.96 24.13 1.84
C THR F 118 -36.70 25.25 0.85
N THR F 119 -36.65 24.88 -0.43
CA THR F 119 -36.50 25.80 -1.54
C THR F 119 -37.90 26.13 -2.05
N ASP F 120 -38.15 27.40 -2.36
CA ASP F 120 -39.41 27.84 -2.96
C ASP F 120 -39.15 29.04 -3.86
N LEU F 121 -39.11 28.78 -5.18
CA LEU F 121 -38.84 29.77 -6.20
C LEU F 121 -40.09 30.14 -6.98
N ASP F 122 -41.26 30.07 -6.33
CA ASP F 122 -42.50 30.45 -6.94
C ASP F 122 -42.75 31.94 -6.69
N ALA F 123 -42.27 32.78 -7.61
CA ALA F 123 -42.43 34.24 -7.51
C ALA F 123 -43.91 34.71 -7.45
N SER F 124 -44.85 33.91 -7.98
CA SER F 124 -46.30 34.21 -7.90
C SER F 124 -46.82 34.34 -6.44
N LYS F 125 -46.11 33.72 -5.49
CA LYS F 125 -46.45 33.86 -4.07
C LYS F 125 -46.15 35.27 -3.49
N ILE F 126 -45.37 36.07 -4.21
CA ILE F 126 -45.17 37.49 -3.88
C ILE F 126 -46.23 38.29 -4.67
N THR F 127 -47.37 38.52 -4.04
CA THR F 127 -48.51 39.19 -4.69
C THR F 127 -48.35 40.70 -4.76
N GLN F 128 -47.55 41.27 -3.84
CA GLN F 128 -47.32 42.71 -3.78
C GLN F 128 -45.86 43.00 -3.46
N GLY F 129 -45.27 43.97 -4.14
CA GLY F 129 -43.86 44.31 -3.95
C GLY F 129 -43.44 45.50 -4.79
N GLN F 130 -43.98 46.67 -4.44
CA GLN F 130 -43.62 47.94 -5.05
C GLN F 130 -43.33 48.91 -3.92
N PHE F 131 -42.05 49.29 -3.79
CA PHE F 131 -41.63 50.29 -2.82
C PHE F 131 -41.89 51.72 -3.33
N ASP F 132 -41.89 52.67 -2.38
CA ASP F 132 -41.97 54.09 -2.68
C ASP F 132 -40.64 54.55 -3.30
N GLU F 133 -40.70 54.95 -4.58
CA GLU F 133 -39.51 55.27 -5.38
C GLU F 133 -38.92 56.65 -5.11
N HIS F 134 -39.57 57.46 -4.29
CA HIS F 134 -38.93 58.65 -3.72
C HIS F 134 -37.83 58.27 -2.69
N TYR F 135 -37.88 57.05 -2.14
CA TYR F 135 -36.87 56.55 -1.19
C TYR F 135 -36.00 55.43 -1.75
N VAL F 136 -36.64 54.39 -2.27
CA VAL F 136 -35.93 53.23 -2.86
C VAL F 136 -35.50 53.52 -4.31
N LEU F 137 -34.19 53.46 -4.55
CA LEU F 137 -33.59 53.81 -5.86
C LEU F 137 -33.25 52.59 -6.75
N SER F 138 -33.08 51.42 -6.16
CA SER F 138 -32.86 50.20 -6.92
C SER F 138 -33.26 48.98 -6.11
N SER F 139 -33.56 47.89 -6.82
CA SER F 139 -33.96 46.65 -6.23
C SER F 139 -33.15 45.55 -6.86
N ARG F 140 -32.72 44.59 -6.03
CA ARG F 140 -31.82 43.53 -6.47
C ARG F 140 -32.07 42.24 -5.74
N VAL F 141 -31.97 41.12 -6.46
CA VAL F 141 -32.00 39.79 -5.87
C VAL F 141 -30.87 38.99 -6.48
N ARG F 142 -30.05 38.39 -5.61
CA ARG F 142 -29.02 37.50 -6.06
C ARG F 142 -29.03 36.20 -5.32
N THR F 143 -28.44 35.20 -5.95
CA THR F 143 -28.10 33.94 -5.32
C THR F 143 -26.84 33.42 -5.95
N GLY F 144 -26.40 32.26 -5.49
CA GLY F 144 -25.26 31.59 -6.08
C GLY F 144 -25.54 30.14 -6.28
N ARG F 145 -24.78 29.51 -7.17
CA ARG F 145 -24.84 28.06 -7.40
C ARG F 145 -23.44 27.52 -7.64
N SER F 146 -23.21 26.29 -7.18
CA SER F 146 -21.97 25.58 -7.36
C SER F 146 -22.24 24.28 -8.16
N ILE F 147 -21.37 24.00 -9.11
CA ILE F 147 -21.38 22.79 -9.90
C ILE F 147 -20.69 21.64 -9.15
N ARG F 148 -21.41 20.53 -8.99
CA ARG F 148 -20.88 19.38 -8.27
C ARG F 148 -19.72 18.71 -9.05
N GLY F 149 -18.70 18.27 -8.30
CA GLY F 149 -17.52 17.62 -8.84
C GLY F 149 -16.37 18.57 -9.15
N LEU F 150 -16.54 19.86 -8.84
CA LEU F 150 -15.49 20.85 -9.02
C LEU F 150 -15.27 21.59 -7.70
N SER F 151 -14.01 21.76 -7.31
CA SER F 151 -13.69 22.51 -6.09
C SER F 151 -14.24 23.95 -6.14
N LEU F 152 -14.53 24.48 -4.94
CA LEU F 152 -15.01 25.86 -4.75
C LEU F 152 -13.82 26.82 -4.85
N PRO F 153 -14.06 28.14 -5.06
CA PRO F 153 -13.01 29.17 -5.26
C PRO F 153 -11.82 29.21 -4.26
N PRO F 154 -12.03 28.84 -2.97
CA PRO F 154 -10.86 28.81 -2.10
C PRO F 154 -9.79 27.77 -2.49
N ALA F 155 -10.18 26.67 -3.16
CA ALA F 155 -9.26 25.53 -3.44
C ALA F 155 -9.12 25.11 -4.91
N CYS F 156 -9.89 25.69 -5.83
CA CYS F 156 -9.88 25.20 -7.21
C CYS F 156 -8.56 25.52 -7.92
N THR F 157 -8.11 24.58 -8.73
CA THR F 157 -6.97 24.77 -9.56
C THR F 157 -7.38 25.63 -10.75
N ARG F 158 -6.42 26.06 -11.55
CA ARG F 158 -6.76 26.85 -12.73
C ARG F 158 -7.63 26.04 -13.73
N ALA F 159 -7.39 24.72 -13.84
CA ALA F 159 -8.15 23.85 -14.75
C ALA F 159 -9.58 23.63 -14.28
N GLU F 160 -9.77 23.45 -12.98
CA GLU F 160 -11.13 23.39 -12.41
C GLU F 160 -11.91 24.66 -12.65
N ARG F 161 -11.27 25.80 -12.41
CA ARG F 161 -11.93 27.09 -12.61
C ARG F 161 -12.27 27.34 -14.07
N ARG F 162 -11.33 26.99 -14.97
CA ARG F 162 -11.60 27.07 -16.42
C ARG F 162 -12.77 26.16 -16.83
N GLU F 163 -12.84 24.97 -16.23
CA GLU F 163 -13.96 24.05 -16.48
C GLU F 163 -15.33 24.66 -16.06
N VAL F 164 -15.41 25.23 -14.85
CA VAL F 164 -16.60 25.94 -14.41
C VAL F 164 -17.01 27.00 -15.46
N GLU F 165 -16.05 27.76 -15.92
CA GLU F 165 -16.29 28.78 -16.92
C GLU F 165 -16.91 28.18 -18.19
N ASN F 166 -16.33 27.08 -18.67
CA ASN F 166 -16.82 26.42 -19.89
CA ASN F 166 -16.82 26.41 -19.89
C ASN F 166 -18.25 25.89 -19.72
N VAL F 167 -18.51 25.24 -18.59
CA VAL F 167 -19.83 24.73 -18.32
C VAL F 167 -20.86 25.87 -18.34
N ALA F 168 -20.55 26.97 -17.66
CA ALA F 168 -21.47 28.10 -17.58
C ALA F 168 -21.70 28.79 -18.94
N ILE F 169 -20.61 29.14 -19.63
CA ILE F 169 -20.63 29.73 -21.00
C ILE F 169 -21.56 28.96 -21.91
N THR F 170 -21.34 27.65 -21.96
CA THR F 170 -22.05 26.76 -22.87
C THR F 170 -23.53 26.70 -22.53
N ALA F 171 -23.85 26.49 -21.26
CA ALA F 171 -25.24 26.46 -20.82
C ALA F 171 -25.99 27.80 -21.12
N LEU F 172 -25.35 28.94 -20.84
CA LEU F 172 -26.00 30.24 -20.95
C LEU F 172 -26.23 30.70 -22.40
N GLU F 173 -25.55 30.08 -23.37
CA GLU F 173 -25.88 30.27 -24.79
C GLU F 173 -27.29 29.80 -25.15
N GLY F 174 -27.85 28.88 -24.35
CA GLY F 174 -29.24 28.43 -24.49
C GLY F 174 -30.33 29.41 -24.06
N LEU F 175 -29.97 30.51 -23.38
CA LEU F 175 -30.96 31.52 -22.96
C LEU F 175 -31.47 32.34 -24.16
N LYS F 176 -32.78 32.61 -24.14
CA LYS F 176 -33.50 33.19 -25.26
C LYS F 176 -34.38 34.36 -24.82
N GLY F 177 -34.89 35.12 -25.81
CA GLY F 177 -35.80 36.26 -25.55
C GLY F 177 -35.15 37.37 -24.75
N ASP F 178 -35.87 37.89 -23.76
CA ASP F 178 -35.33 38.98 -22.89
C ASP F 178 -34.15 38.54 -21.95
N LEU F 179 -33.87 37.23 -21.92
CA LEU F 179 -32.73 36.67 -21.16
C LEU F 179 -31.55 36.26 -22.03
N ALA F 180 -31.62 36.47 -23.35
CA ALA F 180 -30.48 36.23 -24.22
C ALA F 180 -29.41 37.24 -23.88
N GLY F 181 -28.17 36.81 -23.88
CA GLY F 181 -27.06 37.70 -23.54
C GLY F 181 -25.74 37.25 -24.08
N ARG F 182 -24.66 37.82 -23.54
CA ARG F 182 -23.30 37.53 -23.99
C ARG F 182 -22.40 37.38 -22.81
N TYR F 183 -21.31 36.66 -23.02
CA TYR F 183 -20.30 36.46 -22.00
C TYR F 183 -19.11 37.35 -22.28
N TYR F 184 -18.66 38.05 -21.24
CA TYR F 184 -17.51 38.91 -21.29
C TYR F 184 -16.43 38.41 -20.33
N LYS F 185 -15.34 37.86 -20.87
CA LYS F 185 -14.16 37.49 -20.07
C LYS F 185 -13.50 38.75 -19.53
N LEU F 186 -13.14 38.76 -18.25
CA LEU F 186 -12.41 39.91 -17.70
C LEU F 186 -11.03 40.10 -18.34
N SER F 187 -10.36 38.99 -18.67
CA SER F 187 -9.02 39.06 -19.29
C SER F 187 -9.04 39.73 -20.68
N GLU F 188 -10.23 39.84 -21.31
CA GLU F 188 -10.42 40.50 -22.62
C GLU F 188 -11.10 41.89 -22.55
N MET F 189 -11.49 42.31 -21.35
CA MET F 189 -12.18 43.57 -21.15
C MET F 189 -11.16 44.66 -20.79
N THR F 190 -11.29 45.85 -21.38
CA THR F 190 -10.37 46.97 -21.03
C THR F 190 -10.62 47.40 -19.57
N GLU F 191 -9.61 47.98 -18.97
CA GLU F 191 -9.71 48.47 -17.59
C GLU F 191 -10.83 49.51 -17.44
N GLN F 192 -10.97 50.38 -18.44
CA GLN F 192 -12.04 51.40 -18.47
C GLN F 192 -13.43 50.78 -18.47
N ASP F 193 -13.62 49.73 -19.30
CA ASP F 193 -14.93 49.03 -19.37
C ASP F 193 -15.26 48.29 -18.07
N GLN F 194 -14.25 47.67 -17.46
CA GLN F 194 -14.42 47.03 -16.16
C GLN F 194 -14.92 48.07 -15.15
N GLN F 195 -14.19 49.18 -15.03
CA GLN F 195 -14.49 50.24 -14.04
C GLN F 195 -15.87 50.84 -14.20
N ARG F 196 -16.32 51.04 -15.45
CA ARG F 196 -17.69 51.54 -15.69
C ARG F 196 -18.78 50.57 -15.19
N LEU F 197 -18.60 49.27 -15.44
CA LEU F 197 -19.55 48.27 -14.96
C LEU F 197 -19.54 48.18 -13.45
N ILE F 198 -18.37 48.39 -12.83
CA ILE F 198 -18.25 48.42 -11.35
C ILE F 198 -18.95 49.63 -10.78
N ASP F 199 -18.68 50.81 -11.34
CA ASP F 199 -19.34 52.07 -10.90
C ASP F 199 -20.85 52.05 -11.06
N ASP F 200 -21.34 51.37 -12.11
CA ASP F 200 -22.79 51.20 -12.34
C ASP F 200 -23.42 49.97 -11.63
N HIS F 201 -22.66 49.31 -10.75
CA HIS F 201 -23.14 48.22 -9.87
C HIS F 201 -23.43 46.90 -10.58
N PHE F 202 -22.89 46.72 -11.79
CA PHE F 202 -23.16 45.53 -12.60
C PHE F 202 -22.08 44.47 -12.47
N LEU F 203 -20.86 44.87 -12.05
CA LEU F 203 -19.70 43.99 -11.99
C LEU F 203 -19.08 44.03 -10.57
N PHE F 204 -18.65 42.87 -10.10
CA PHE F 204 -17.92 42.74 -8.82
C PHE F 204 -16.61 43.57 -8.81
N ASP F 205 -16.18 43.97 -7.62
CA ASP F 205 -14.92 44.69 -7.45
C ASP F 205 -13.73 43.78 -7.67
N LYS F 206 -12.57 44.36 -7.87
CA LYS F 206 -11.32 43.61 -7.82
C LYS F 206 -11.24 42.95 -6.44
N PRO F 207 -10.83 41.67 -6.37
CA PRO F 207 -10.77 40.99 -5.07
C PRO F 207 -9.57 41.46 -4.22
N VAL F 208 -9.63 42.71 -3.76
CA VAL F 208 -8.64 43.28 -2.82
C VAL F 208 -9.10 43.11 -1.36
N SER F 209 -10.39 42.81 -1.14
CA SER F 209 -10.88 42.52 0.22
C SER F 209 -9.99 41.46 0.90
N PRO F 210 -9.44 41.79 2.09
CA PRO F 210 -8.66 40.74 2.78
C PRO F 210 -9.49 39.44 3.13
N LEU F 211 -10.82 39.56 3.27
CA LEU F 211 -11.71 38.37 3.43
C LEU F 211 -11.52 37.37 2.28
N LEU F 212 -11.51 37.89 1.05
CA LEU F 212 -11.33 37.08 -0.15
C LEU F 212 -9.89 36.60 -0.35
N THR F 213 -8.92 37.51 -0.22
CA THR F 213 -7.50 37.14 -0.49
C THR F 213 -6.97 36.10 0.52
N CYS F 214 -7.31 36.27 1.80
CA CYS F 214 -6.90 35.33 2.86
C CYS F 214 -7.65 33.97 2.77
N ALA F 215 -8.79 33.93 2.06
CA ALA F 215 -9.51 32.67 1.77
C ALA F 215 -8.99 31.91 0.53
N GLY F 216 -7.99 32.45 -0.15
CA GLY F 216 -7.44 31.84 -1.36
C GLY F 216 -8.25 32.10 -2.63
N MET F 217 -9.12 33.11 -2.57
CA MET F 217 -10.12 33.32 -3.61
C MET F 217 -9.70 34.35 -4.69
N ALA F 218 -8.52 34.97 -4.57
CA ALA F 218 -8.01 35.90 -5.61
C ALA F 218 -6.90 35.29 -6.45
N ARG F 219 -6.62 33.99 -6.27
CA ARG F 219 -5.59 33.30 -7.02
C ARG F 219 -5.86 33.37 -8.54
N ASP F 220 -4.80 33.71 -9.30
CA ASP F 220 -4.81 33.72 -10.78
C ASP F 220 -5.72 34.81 -11.40
N TRP F 221 -6.18 35.75 -10.58
CA TRP F 221 -7.16 36.72 -11.03
C TRP F 221 -6.54 37.55 -12.18
N PRO F 222 -7.25 37.79 -13.31
CA PRO F 222 -8.68 37.46 -13.52
C PRO F 222 -8.93 36.21 -14.36
N ASP F 223 -7.98 35.27 -14.37
CA ASP F 223 -8.08 34.09 -15.21
C ASP F 223 -9.43 33.37 -14.94
N ALA F 224 -10.20 33.18 -16.02
CA ALA F 224 -11.47 32.45 -16.00
C ALA F 224 -12.58 33.11 -15.22
N ARG F 225 -12.43 34.42 -14.95
CA ARG F 225 -13.48 35.21 -14.34
C ARG F 225 -14.17 36.00 -15.44
N GLY F 226 -15.46 36.21 -15.28
CA GLY F 226 -16.18 37.03 -16.23
C GLY F 226 -17.57 37.34 -15.79
N ILE F 227 -18.25 38.08 -16.66
CA ILE F 227 -19.61 38.50 -16.44
C ILE F 227 -20.43 38.18 -17.67
N TRP F 228 -21.59 37.60 -17.45
CA TRP F 228 -22.57 37.37 -18.50
C TRP F 228 -23.74 38.26 -18.19
N HIS F 229 -24.33 38.88 -19.21
CA HIS F 229 -25.56 39.63 -18.99
C HIS F 229 -26.43 39.74 -20.24
N ASN F 230 -27.72 39.84 -20.03
CA ASN F 230 -28.66 40.14 -21.10
C ASN F 230 -28.42 41.59 -21.57
N TYR F 231 -29.01 41.95 -22.68
CA TYR F 231 -28.73 43.25 -23.30
C TYR F 231 -29.09 44.40 -22.35
N ASP F 232 -30.23 44.30 -21.70
CA ASP F 232 -30.70 45.37 -20.77
C ASP F 232 -29.94 45.42 -19.43
N LYS F 233 -29.05 44.44 -19.18
CA LYS F 233 -28.35 44.32 -17.90
C LYS F 233 -29.34 44.31 -16.74
N THR F 234 -30.44 43.59 -16.91
CA THR F 234 -31.38 43.35 -15.83
C THR F 234 -31.25 41.92 -15.25
N PHE F 235 -30.57 41.03 -15.99
CA PHE F 235 -30.27 39.67 -15.53
C PHE F 235 -28.81 39.43 -15.79
N LEU F 236 -28.04 39.21 -14.72
CA LEU F 236 -26.57 39.13 -14.80
C LEU F 236 -26.03 37.94 -14.07
N ILE F 237 -24.93 37.39 -14.58
CA ILE F 237 -24.29 36.25 -13.96
C ILE F 237 -22.76 36.49 -13.81
N TRP F 238 -22.26 36.40 -12.57
CA TRP F 238 -20.81 36.56 -12.33
C TRP F 238 -20.19 35.17 -12.21
N ILE F 239 -19.08 34.95 -12.91
CA ILE F 239 -18.49 33.64 -13.05
C ILE F 239 -17.17 33.60 -12.34
N ASN F 240 -17.02 32.61 -11.44
CA ASN F 240 -15.77 32.34 -10.72
C ASN F 240 -15.20 33.45 -9.82
N GLU F 241 -16.04 34.38 -9.38
CA GLU F 241 -15.54 35.39 -8.43
C GLU F 241 -15.69 34.91 -6.97
N GLU F 242 -16.86 35.10 -6.36
CA GLU F 242 -17.11 34.74 -4.94
C GLU F 242 -17.60 33.28 -4.85
N ASP F 243 -18.06 32.76 -5.98
CA ASP F 243 -18.62 31.44 -6.10
C ASP F 243 -18.44 31.02 -7.55
N HIS F 244 -18.79 29.78 -7.87
CA HIS F 244 -18.82 29.34 -9.28
C HIS F 244 -19.72 30.28 -10.13
N THR F 245 -20.93 30.51 -9.64
CA THR F 245 -21.83 31.48 -10.25
C THR F 245 -22.51 32.29 -9.21
N ARG F 246 -22.75 33.56 -9.53
CA ARG F 246 -23.70 34.39 -8.84
C ARG F 246 -24.71 34.84 -9.87
N VAL F 247 -26.00 34.63 -9.57
CA VAL F 247 -27.09 34.95 -10.47
C VAL F 247 -27.82 36.16 -9.91
N ILE F 248 -27.94 37.21 -10.72
CA ILE F 248 -28.42 38.53 -10.24
C ILE F 248 -29.55 39.06 -11.10
N SER F 249 -30.62 39.51 -10.45
CA SER F 249 -31.67 40.27 -11.12
C SER F 249 -31.73 41.64 -10.48
N MET F 250 -31.69 42.69 -11.29
CA MET F 250 -31.72 44.05 -10.74
C MET F 250 -32.21 45.10 -11.73
N GLU F 251 -32.75 46.19 -11.17
CA GLU F 251 -33.20 47.33 -11.97
C GLU F 251 -33.35 48.54 -11.04
N LYS F 252 -33.40 49.73 -11.64
CA LYS F 252 -33.70 50.98 -10.90
C LYS F 252 -35.15 50.99 -10.45
N GLY F 253 -35.43 51.72 -9.36
CA GLY F 253 -36.77 51.77 -8.76
C GLY F 253 -37.04 50.73 -7.69
N GLY F 254 -38.32 50.54 -7.36
CA GLY F 254 -38.77 49.77 -6.19
C GLY F 254 -39.69 48.60 -6.47
N ASN F 255 -39.77 48.14 -7.72
CA ASN F 255 -40.61 46.99 -8.12
C ASN F 255 -39.93 45.66 -7.84
N MET F 256 -39.89 45.30 -6.56
CA MET F 256 -39.25 44.06 -6.09
C MET F 256 -39.97 42.82 -6.62
N LYS F 257 -41.30 42.90 -6.74
CA LYS F 257 -42.09 41.83 -7.36
C LYS F 257 -41.59 41.47 -8.75
N ARG F 258 -41.42 42.48 -9.59
CA ARG F 258 -40.93 42.24 -10.96
C ARG F 258 -39.48 41.72 -11.01
N VAL F 259 -38.60 42.31 -10.17
CA VAL F 259 -37.19 41.88 -10.09
C VAL F 259 -37.12 40.40 -9.71
N PHE F 260 -37.93 39.99 -8.74
CA PHE F 260 -37.98 38.62 -8.26
C PHE F 260 -38.66 37.66 -9.25
N GLU F 261 -39.68 38.14 -9.94
CA GLU F 261 -40.27 37.36 -11.05
C GLU F 261 -39.20 37.02 -12.11
N ARG F 262 -38.42 38.03 -12.50
CA ARG F 262 -37.35 37.81 -13.51
C ARG F 262 -36.21 36.91 -12.95
N PHE F 263 -35.85 37.12 -11.68
CA PHE F 263 -34.92 36.27 -10.96
C PHE F 263 -35.32 34.81 -11.03
N CYS F 264 -36.54 34.51 -10.57
CA CYS F 264 -37.02 33.13 -10.54
C CYS F 264 -37.09 32.48 -11.92
N ARG F 265 -37.54 33.25 -12.92
CA ARG F 265 -37.69 32.73 -14.28
C ARG F 265 -36.31 32.42 -14.89
N GLY F 266 -35.38 33.36 -14.74
CA GLY F 266 -34.05 33.19 -15.27
C GLY F 266 -33.26 32.10 -14.57
N LEU F 267 -33.36 32.06 -13.24
CA LEU F 267 -32.69 31.04 -12.44
C LEU F 267 -33.14 29.64 -12.80
N LYS F 268 -34.45 29.42 -12.90
CA LYS F 268 -34.96 28.10 -13.27
C LYS F 268 -34.48 27.66 -14.68
N GLU F 269 -34.42 28.59 -15.62
CA GLU F 269 -33.91 28.34 -16.96
C GLU F 269 -32.38 28.06 -16.95
N VAL F 270 -31.63 28.82 -16.15
CA VAL F 270 -30.19 28.55 -15.97
C VAL F 270 -29.96 27.14 -15.40
N GLU F 271 -30.71 26.77 -14.39
CA GLU F 271 -30.58 25.45 -13.78
C GLU F 271 -30.89 24.35 -14.77
N ARG F 272 -32.00 24.50 -15.51
CA ARG F 272 -32.38 23.55 -16.57
C ARG F 272 -31.27 23.43 -17.66
N LEU F 273 -30.79 24.55 -18.15
CA LEU F 273 -29.74 24.55 -19.18
C LEU F 273 -28.43 23.89 -18.69
N ILE F 274 -28.06 24.09 -17.44
CA ILE F 274 -26.88 23.42 -16.87
C ILE F 274 -27.14 21.91 -16.68
N GLN F 275 -28.30 21.56 -16.15
CA GLN F 275 -28.65 20.14 -15.93
C GLN F 275 -28.80 19.34 -17.22
N GLU F 276 -29.19 20.00 -18.33
CA GLU F 276 -29.36 19.30 -19.63
CA GLU F 276 -29.35 19.33 -19.66
C GLU F 276 -28.07 18.62 -20.11
N ARG F 277 -26.90 19.24 -19.83
CA ARG F 277 -25.60 18.66 -20.21
C ARG F 277 -25.02 17.69 -19.16
N GLY F 278 -25.80 17.32 -18.14
CA GLY F 278 -25.39 16.28 -17.21
C GLY F 278 -24.75 16.75 -15.92
N TRP F 279 -24.68 18.06 -15.71
CA TRP F 279 -24.13 18.62 -14.48
C TRP F 279 -25.19 18.72 -13.41
N GLU F 280 -24.78 18.53 -12.16
CA GLU F 280 -25.64 18.69 -11.00
C GLU F 280 -25.13 19.89 -10.19
N PHE F 281 -26.02 20.50 -9.42
CA PHE F 281 -25.63 21.52 -8.44
C PHE F 281 -25.28 20.92 -7.06
N MET F 282 -24.35 21.55 -6.35
CA MET F 282 -24.05 21.14 -4.97
C MET F 282 -25.28 21.50 -4.15
N TRP F 283 -25.87 20.50 -3.54
CA TRP F 283 -27.11 20.66 -2.78
C TRP F 283 -27.28 19.47 -1.86
N ASN F 284 -27.76 19.71 -0.66
CA ASN F 284 -28.39 18.65 0.14
C ASN F 284 -29.54 19.19 0.95
N GLU F 285 -30.31 18.29 1.55
CA GLU F 285 -31.54 18.70 2.27
C GLU F 285 -31.28 19.42 3.60
N ARG F 286 -30.07 19.30 4.17
CA ARG F 286 -29.72 19.97 5.44
C ARG F 286 -29.16 21.39 5.23
N LEU F 287 -28.42 21.58 4.14
CA LEU F 287 -27.74 22.86 3.87
C LEU F 287 -28.31 23.61 2.69
N GLY F 288 -29.28 23.02 1.99
CA GLY F 288 -29.77 23.55 0.74
C GLY F 288 -28.66 23.61 -0.27
N TYR F 289 -28.61 24.71 -1.03
CA TYR F 289 -27.53 24.93 -2.01
C TYR F 289 -26.22 25.29 -1.30
N ILE F 290 -25.15 24.67 -1.76
CA ILE F 290 -23.89 24.76 -1.13
C ILE F 290 -23.04 25.77 -1.88
N LEU F 291 -22.51 26.73 -1.12
CA LEU F 291 -21.65 27.80 -1.64
C LEU F 291 -20.43 27.96 -0.74
N THR F 292 -19.52 28.85 -1.15
CA THR F 292 -18.22 29.01 -0.50
C THR F 292 -18.30 29.41 0.97
N CYS F 293 -19.04 30.48 1.24
CA CYS F 293 -19.21 31.01 2.57
C CYS F 293 -20.50 30.44 3.22
N PRO F 294 -20.41 29.95 4.49
CA PRO F 294 -21.62 29.51 5.23
C PRO F 294 -22.77 30.55 5.33
N SER F 295 -22.46 31.84 5.25
CA SER F 295 -23.49 32.87 5.19
C SER F 295 -24.38 32.78 3.95
N ASN F 296 -23.94 32.05 2.93
CA ASN F 296 -24.70 31.93 1.68
C ASN F 296 -25.33 30.56 1.41
N LEU F 297 -25.43 29.72 2.43
CA LEU F 297 -26.04 28.41 2.29
C LEU F 297 -27.56 28.55 2.19
N GLY F 298 -28.22 27.43 1.91
CA GLY F 298 -29.67 27.34 1.90
C GLY F 298 -30.20 27.84 0.59
N THR F 299 -30.56 29.12 0.57
CA THR F 299 -31.02 29.82 -0.61
C THR F 299 -29.92 30.57 -1.31
N GLY F 300 -28.87 30.93 -0.58
CA GLY F 300 -27.84 31.90 -1.04
C GLY F 300 -28.37 33.26 -1.39
N LEU F 301 -29.57 33.58 -0.92
CA LEU F 301 -30.33 34.67 -1.46
C LEU F 301 -30.13 35.94 -0.67
N ARG F 302 -29.75 37.00 -1.39
CA ARG F 302 -29.71 38.33 -0.83
C ARG F 302 -30.57 39.20 -1.70
N ALA F 303 -31.71 39.61 -1.15
CA ALA F 303 -32.63 40.52 -1.82
C ALA F 303 -32.56 41.81 -1.10
N GLY F 304 -32.48 42.91 -1.84
CA GLY F 304 -32.40 44.20 -1.22
C GLY F 304 -32.56 45.40 -2.10
N VAL F 305 -32.39 46.56 -1.48
CA VAL F 305 -32.61 47.83 -2.10
C VAL F 305 -31.47 48.78 -1.81
N HIS F 306 -31.36 49.79 -2.65
CA HIS F 306 -30.70 51.05 -2.27
C HIS F 306 -31.78 51.99 -1.83
N VAL F 307 -31.66 52.49 -0.61
CA VAL F 307 -32.69 53.32 0.00
C VAL F 307 -32.03 54.54 0.68
N ARG F 308 -32.63 55.73 0.47
CA ARG F 308 -32.10 56.98 1.01
C ARG F 308 -32.81 57.30 2.31
N ILE F 309 -32.09 57.16 3.42
CA ILE F 309 -32.66 57.26 4.77
C ILE F 309 -31.78 58.15 5.68
N PRO F 310 -31.62 59.45 5.30
CA PRO F 310 -30.75 60.36 6.09
C PRO F 310 -31.08 60.42 7.60
N LYS F 311 -32.37 60.46 7.94
CA LYS F 311 -32.80 60.67 9.33
C LYS F 311 -32.74 59.38 10.14
N LEU F 312 -33.33 58.31 9.61
CA LEU F 312 -33.31 57.00 10.29
C LEU F 312 -31.89 56.52 10.50
N SER F 313 -31.02 56.72 9.50
CA SER F 313 -29.60 56.31 9.60
C SER F 313 -28.85 56.94 10.79
N LYS F 314 -29.25 58.17 11.19
CA LYS F 314 -28.63 58.90 12.33
C LYS F 314 -29.35 58.67 13.70
N ASP F 315 -30.39 57.82 13.72
CA ASP F 315 -31.13 57.48 14.94
C ASP F 315 -30.39 56.32 15.65
N PRO F 316 -30.14 56.43 16.97
CA PRO F 316 -29.35 55.37 17.69
C PRO F 316 -30.01 53.97 17.72
N ARG F 317 -31.32 53.90 17.53
CA ARG F 317 -32.04 52.62 17.47
C ARG F 317 -31.95 51.90 16.08
N PHE F 318 -31.30 52.53 15.10
CA PHE F 318 -31.20 51.98 13.73
C PHE F 318 -30.75 50.50 13.70
N SER F 319 -29.64 50.20 14.38
CA SER F 319 -29.11 48.82 14.41
C SER F 319 -30.09 47.79 14.98
N LYS F 320 -30.77 48.13 16.08
CA LYS F 320 -31.74 47.24 16.73
C LYS F 320 -32.98 46.97 15.84
N ILE F 321 -33.42 48.03 15.13
CA ILE F 321 -34.54 47.92 14.17
C ILE F 321 -34.18 46.92 13.04
N LEU F 322 -32.99 47.08 12.45
CA LEU F 322 -32.49 46.15 11.42
C LEU F 322 -32.36 44.73 11.97
N GLU F 323 -31.74 44.60 13.13
CA GLU F 323 -31.59 43.28 13.78
C GLU F 323 -32.94 42.55 14.00
N ASN F 324 -33.93 43.26 14.55
CA ASN F 324 -35.28 42.68 14.78
C ASN F 324 -36.03 42.33 13.50
N LEU F 325 -35.80 43.13 12.43
CA LEU F 325 -36.39 42.84 11.10
C LEU F 325 -35.60 41.78 10.28
N ARG F 326 -34.51 41.23 10.84
CA ARG F 326 -33.62 40.28 10.16
C ARG F 326 -33.06 40.88 8.84
N LEU F 327 -32.68 42.15 8.90
CA LEU F 327 -32.07 42.86 7.80
C LEU F 327 -30.62 43.20 8.10
N GLN F 328 -29.83 43.40 7.06
CA GLN F 328 -28.44 43.80 7.16
C GLN F 328 -28.26 45.09 6.38
N LYS F 329 -27.43 46.00 6.88
CA LYS F 329 -27.08 47.21 6.15
C LYS F 329 -25.65 47.10 5.60
N ARG F 330 -25.47 47.64 4.38
CA ARG F 330 -24.17 47.75 3.71
C ARG F 330 -24.12 49.13 3.05
N GLY F 331 -22.93 49.50 2.57
CA GLY F 331 -22.74 50.77 1.89
C GLY F 331 -23.26 50.77 0.47
N THR F 332 -23.21 51.93 -0.16
CA THR F 332 -23.72 52.12 -1.52
C THR F 332 -22.92 51.33 -2.55
N GLY F 333 -21.61 51.23 -2.35
CA GLY F 333 -20.71 50.43 -3.20
C GLY F 333 -20.58 48.95 -2.81
N GLY F 334 -21.41 48.49 -1.88
CA GLY F 334 -21.36 47.11 -1.41
C GLY F 334 -20.79 46.92 -0.01
N VAL F 335 -20.60 45.64 0.32
CA VAL F 335 -20.20 45.19 1.66
C VAL F 335 -18.95 45.90 2.24
N ASP F 336 -17.99 46.25 1.38
CA ASP F 336 -16.74 46.88 1.81
C ASP F 336 -16.74 48.43 1.76
N THR F 337 -17.93 49.04 1.64
CA THR F 337 -18.04 50.49 1.48
C THR F 337 -18.99 51.10 2.49
N ALA F 338 -18.86 52.40 2.67
CA ALA F 338 -19.76 53.18 3.48
C ALA F 338 -20.95 53.63 2.64
N ALA F 339 -22.05 53.94 3.33
CA ALA F 339 -23.17 54.61 2.72
C ALA F 339 -22.71 55.99 2.25
N VAL F 340 -22.92 56.27 0.97
CA VAL F 340 -22.63 57.57 0.38
C VAL F 340 -23.95 58.33 0.19
N ALA F 341 -24.01 59.57 0.70
CA ALA F 341 -25.20 60.45 0.59
C ALA F 341 -26.46 59.77 1.16
N ASP F 342 -26.27 59.04 2.28
CA ASP F 342 -27.34 58.36 3.02
C ASP F 342 -28.08 57.28 2.21
N VAL F 343 -27.44 56.75 1.17
CA VAL F 343 -28.00 55.67 0.38
C VAL F 343 -27.40 54.37 0.95
N TYR F 344 -28.24 53.62 1.67
CA TYR F 344 -27.86 52.36 2.29
C TYR F 344 -28.36 51.19 1.47
N ASP F 345 -27.56 50.12 1.46
CA ASP F 345 -27.95 48.83 0.90
C ASP F 345 -28.56 48.06 2.05
N ILE F 346 -29.85 47.73 1.94
CA ILE F 346 -30.58 46.99 2.98
C ILE F 346 -31.09 45.68 2.41
N SER F 347 -30.81 44.58 3.10
CA SER F 347 -31.16 43.24 2.59
C SER F 347 -31.43 42.28 3.71
N ASN F 348 -32.03 41.14 3.39
CA ASN F 348 -32.21 40.05 4.38
C ASN F 348 -30.85 39.52 4.84
N ILE F 349 -30.70 39.33 6.14
CA ILE F 349 -29.45 38.83 6.72
C ILE F 349 -29.36 37.29 6.69
N ASP F 350 -30.49 36.61 6.90
CA ASP F 350 -30.55 35.13 6.93
C ASP F 350 -30.84 34.56 5.52
N ARG F 351 -30.33 33.35 5.26
CA ARG F 351 -30.41 32.68 3.96
C ARG F 351 -30.83 31.20 3.96
N ILE F 352 -30.83 30.56 5.12
CA ILE F 352 -31.18 29.15 5.26
C ILE F 352 -32.25 29.00 6.36
N GLY F 353 -33.10 27.99 6.25
CA GLY F 353 -34.25 27.82 7.13
C GLY F 353 -35.53 28.57 6.75
N ARG F 354 -35.43 29.51 5.80
CA ARG F 354 -36.58 30.14 5.21
C ARG F 354 -36.38 30.08 3.72
N SER F 355 -37.47 29.94 2.98
CA SER F 355 -37.41 29.80 1.53
C SER F 355 -37.17 31.13 0.86
N GLU F 356 -36.91 31.07 -0.45
CA GLU F 356 -36.63 32.27 -1.24
C GLU F 356 -37.80 33.25 -1.23
N VAL F 357 -39.02 32.72 -1.34
CA VAL F 357 -40.24 33.51 -1.24
C VAL F 357 -40.36 34.17 0.14
N GLU F 358 -40.17 33.41 1.21
CA GLU F 358 -40.30 33.94 2.56
C GLU F 358 -39.28 35.07 2.83
N LEU F 359 -38.05 34.90 2.33
CA LEU F 359 -37.02 35.93 2.49
C LEU F 359 -37.33 37.21 1.76
N VAL F 360 -37.85 37.09 0.54
CA VAL F 360 -38.20 38.28 -0.24
C VAL F 360 -39.36 39.00 0.42
N GLN F 361 -40.29 38.25 1.01
CA GLN F 361 -41.42 38.83 1.77
C GLN F 361 -40.94 39.60 3.02
N ILE F 362 -39.98 39.00 3.74
CA ILE F 362 -39.27 39.65 4.88
C ILE F 362 -38.61 40.99 4.47
N VAL F 363 -38.03 41.03 3.26
CA VAL F 363 -37.41 42.27 2.75
C VAL F 363 -38.47 43.29 2.40
N ILE F 364 -39.57 42.85 1.80
CA ILE F 364 -40.65 43.75 1.44
C ILE F 364 -41.25 44.39 2.70
N ASP F 365 -41.62 43.56 3.69
CA ASP F 365 -42.20 44.05 4.93
C ASP F 365 -41.16 44.92 5.68
N GLY F 366 -39.92 44.42 5.75
CA GLY F 366 -38.81 45.15 6.38
C GLY F 366 -38.51 46.52 5.82
N VAL F 367 -38.36 46.59 4.49
CA VAL F 367 -38.04 47.86 3.79
C VAL F 367 -39.22 48.84 3.89
N ASN F 368 -40.44 48.33 3.72
CA ASN F 368 -41.64 49.18 3.94
C ASN F 368 -41.71 49.79 5.35
N TYR F 369 -41.34 49.00 6.35
CA TYR F 369 -41.26 49.50 7.72
C TYR F 369 -40.19 50.60 7.86
N LEU F 370 -39.03 50.40 7.23
CA LEU F 370 -37.97 51.44 7.23
C LEU F 370 -38.42 52.72 6.53
N VAL F 371 -39.14 52.58 5.43
CA VAL F 371 -39.61 53.75 4.65
C VAL F 371 -40.67 54.52 5.45
N ASP F 372 -41.56 53.78 6.11
CA ASP F 372 -42.54 54.36 7.02
C ASP F 372 -41.83 55.15 8.13
N CYS F 373 -40.78 54.56 8.73
CA CYS F 373 -40.01 55.25 9.79
C CYS F 373 -39.40 56.54 9.29
N GLU F 374 -38.83 56.51 8.08
CA GLU F 374 -38.19 57.68 7.51
C GLU F 374 -39.24 58.82 7.29
N LYS F 375 -40.42 58.43 6.79
CA LYS F 375 -41.56 59.38 6.58
C LYS F 375 -42.02 60.01 7.90
N LYS F 376 -42.10 59.20 8.95
CA LYS F 376 -42.46 59.67 10.29
C LYS F 376 -41.42 60.63 10.87
N LEU F 377 -40.14 60.26 10.78
CA LEU F 377 -39.05 61.09 11.35
C LEU F 377 -38.92 62.44 10.64
N GLU F 378 -39.16 62.46 9.32
CA GLU F 378 -39.23 63.73 8.54
C GLU F 378 -40.31 64.70 9.05
N ARG F 379 -41.46 64.15 9.47
CA ARG F 379 -42.58 64.94 9.99
C ARG F 379 -42.51 65.16 11.51
N GLY F 380 -41.35 64.85 12.13
CA GLY F 380 -41.17 64.98 13.57
C GLY F 380 -42.03 64.06 14.41
N GLN F 381 -42.42 62.91 13.86
CA GLN F 381 -43.21 61.92 14.59
C GLN F 381 -42.25 60.87 15.16
N ASP F 382 -42.63 60.33 16.31
CA ASP F 382 -41.88 59.26 16.97
C ASP F 382 -42.01 57.95 16.15
N ILE F 383 -41.03 57.05 16.29
CA ILE F 383 -41.10 55.68 15.70
C ILE F 383 -40.91 54.61 16.76
N LYS F 384 -41.45 53.42 16.48
CA LYS F 384 -41.36 52.27 17.38
C LYS F 384 -40.31 51.27 16.87
N VAL F 385 -39.60 50.63 17.80
CA VAL F 385 -38.76 49.48 17.49
C VAL F 385 -39.69 48.27 17.47
N PRO F 386 -39.85 47.63 16.28
CA PRO F 386 -40.77 46.50 16.22
C PRO F 386 -40.21 45.29 16.99
N PRO F 387 -41.08 44.35 17.39
CA PRO F 387 -40.58 43.22 18.18
C PRO F 387 -39.74 42.28 17.29
N PRO F 388 -38.85 41.48 17.91
CA PRO F 388 -38.08 40.45 17.14
C PRO F 388 -39.01 39.48 16.40
N LEU F 389 -38.71 39.18 15.12
CA LEU F 389 -39.55 38.22 14.33
C LEU F 389 -39.48 36.78 14.92
N PRO F 390 -40.48 35.91 14.59
CA PRO F 390 -40.52 34.52 15.13
C PRO F 390 -39.21 33.72 15.02
N ARG G 18 -14.24 -1.62 -5.59
CA ARG G 18 -13.07 -1.32 -6.48
C ARG G 18 -13.36 -0.12 -7.42
N GLU G 19 -12.44 0.85 -7.43
CA GLU G 19 -12.56 2.08 -8.26
C GLU G 19 -11.32 2.22 -9.16
N GLN G 20 -11.52 2.59 -10.43
CA GLN G 20 -10.40 2.94 -11.34
C GLN G 20 -10.33 4.47 -11.47
N PRO G 21 -9.09 5.03 -11.51
CA PRO G 21 -8.93 6.49 -11.55
C PRO G 21 -9.25 7.08 -12.95
N ARG G 22 -9.99 8.20 -12.96
CA ARG G 22 -10.45 8.84 -14.23
C ARG G 22 -10.10 10.33 -14.26
N LEU G 23 -9.74 10.81 -15.45
CA LEU G 23 -9.53 12.23 -15.70
C LEU G 23 -10.89 12.89 -15.81
N PHE G 24 -10.93 14.17 -15.47
CA PHE G 24 -12.13 15.03 -15.54
C PHE G 24 -13.22 14.69 -14.49
N PRO G 25 -14.09 15.68 -14.18
CA PRO G 25 -15.23 15.38 -13.33
C PRO G 25 -16.21 14.41 -14.04
N PRO G 26 -16.94 13.58 -13.27
CA PRO G 26 -17.90 12.61 -13.83
C PRO G 26 -18.82 13.17 -14.92
N SER G 27 -19.47 14.28 -14.61
CA SER G 27 -20.41 14.94 -15.53
C SER G 27 -19.79 15.36 -16.82
N ALA G 28 -18.49 15.65 -16.84
CA ALA G 28 -17.78 15.95 -18.12
C ALA G 28 -17.88 14.79 -19.14
N ASP G 29 -18.06 13.57 -18.65
CA ASP G 29 -18.21 12.36 -19.48
C ASP G 29 -19.68 12.00 -19.81
N TYR G 30 -20.66 12.79 -19.34
CA TYR G 30 -22.05 12.41 -19.47
C TYR G 30 -22.43 12.33 -20.95
N PRO G 31 -23.05 11.20 -21.35
CA PRO G 31 -23.40 11.02 -22.75
C PRO G 31 -24.55 11.91 -23.18
N ASP G 32 -24.51 12.35 -24.43
CA ASP G 32 -25.58 13.12 -25.04
C ASP G 32 -26.62 12.14 -25.58
N LEU G 33 -27.71 11.98 -24.85
CA LEU G 33 -28.71 10.98 -25.14
C LEU G 33 -30.00 11.54 -25.76
N ARG G 34 -29.92 12.74 -26.37
CA ARG G 34 -31.08 13.32 -27.06
C ARG G 34 -31.45 12.45 -28.24
N LYS G 35 -32.75 12.23 -28.39
CA LYS G 35 -33.31 11.37 -29.49
C LYS G 35 -32.87 9.89 -29.42
N HIS G 36 -32.62 9.37 -28.21
CA HIS G 36 -32.28 7.94 -28.01
C HIS G 36 -33.49 7.21 -27.42
N ASN G 37 -34.04 6.28 -28.20
CA ASN G 37 -35.19 5.47 -27.81
C ASN G 37 -34.71 4.05 -27.41
N ASN G 38 -33.94 3.99 -26.30
CA ASN G 38 -33.53 2.73 -25.72
C ASN G 38 -33.69 2.78 -24.22
N CYS G 39 -33.76 1.61 -23.58
CA CYS G 39 -34.06 1.54 -22.16
C CYS G 39 -32.99 2.19 -21.30
N MET G 40 -31.72 2.03 -21.70
CA MET G 40 -30.59 2.63 -20.99
C MET G 40 -30.77 4.17 -20.95
N ALA G 41 -30.95 4.77 -22.12
CA ALA G 41 -31.14 6.24 -22.25
C ALA G 41 -32.35 6.81 -21.48
N GLU G 42 -33.41 6.00 -21.34
CA GLU G 42 -34.60 6.38 -20.57
C GLU G 42 -34.39 6.28 -19.07
N CYS G 43 -33.45 5.45 -18.63
CA CYS G 43 -33.18 5.24 -17.20
C CYS G 43 -31.95 5.99 -16.67
N LEU G 44 -31.02 6.37 -17.52
CA LEU G 44 -29.77 7.04 -17.05
C LEU G 44 -30.07 8.46 -16.54
N THR G 45 -29.54 8.80 -15.37
CA THR G 45 -29.55 10.16 -14.83
C THR G 45 -28.14 10.61 -14.52
N PRO G 46 -27.90 11.94 -14.45
CA PRO G 46 -26.62 12.50 -13.99
C PRO G 46 -26.13 11.92 -12.68
N ALA G 47 -27.03 11.75 -11.72
CA ALA G 47 -26.68 11.16 -10.41
C ALA G 47 -26.21 9.70 -10.52
N ILE G 48 -26.86 8.92 -11.37
CA ILE G 48 -26.51 7.50 -11.51
C ILE G 48 -25.14 7.41 -12.19
N TYR G 49 -24.94 8.20 -13.24
CA TYR G 49 -23.67 8.22 -13.98
C TYR G 49 -22.52 8.63 -13.06
N ALA G 50 -22.69 9.72 -12.30
CA ALA G 50 -21.65 10.17 -11.33
C ALA G 50 -21.28 9.11 -10.32
N LYS G 51 -22.30 8.41 -9.80
CA LYS G 51 -22.05 7.36 -8.78
C LYS G 51 -21.30 6.14 -9.38
N LEU G 52 -21.62 5.76 -10.62
CA LEU G 52 -21.07 4.53 -11.22
C LEU G 52 -19.89 4.71 -12.13
N ARG G 53 -19.57 5.95 -12.56
CA ARG G 53 -18.53 6.14 -13.62
C ARG G 53 -17.16 5.55 -13.30
N ASN G 54 -16.75 5.64 -12.04
CA ASN G 54 -15.43 5.16 -11.63
C ASN G 54 -15.43 3.70 -11.15
N LYS G 55 -16.61 3.10 -10.93
CA LYS G 55 -16.70 1.72 -10.43
C LYS G 55 -16.35 0.73 -11.53
N VAL G 56 -15.63 -0.34 -11.17
CA VAL G 56 -15.27 -1.40 -12.11
C VAL G 56 -15.52 -2.75 -11.49
N THR G 57 -15.73 -3.74 -12.34
CA THR G 57 -15.90 -5.12 -11.91
C THR G 57 -14.51 -5.69 -11.64
N PRO G 58 -14.43 -6.86 -10.94
CA PRO G 58 -13.12 -7.51 -10.70
C PRO G 58 -12.26 -7.71 -11.95
N ASN G 59 -12.88 -8.06 -13.08
CA ASN G 59 -12.17 -8.17 -14.37
C ASN G 59 -11.98 -6.83 -15.12
N GLY G 60 -12.29 -5.71 -14.47
CA GLY G 60 -12.04 -4.37 -15.04
C GLY G 60 -13.10 -3.82 -16.00
N TYR G 61 -14.34 -4.35 -15.97
CA TYR G 61 -15.40 -3.87 -16.85
C TYR G 61 -15.99 -2.59 -16.28
N THR G 62 -16.30 -1.63 -17.14
CA THR G 62 -16.69 -0.26 -16.73
C THR G 62 -18.09 0.11 -17.23
N LEU G 63 -18.71 1.08 -16.57
CA LEU G 63 -20.01 1.59 -16.95
C LEU G 63 -20.05 2.04 -18.40
N ASP G 64 -19.05 2.79 -18.82
CA ASP G 64 -19.00 3.24 -20.17
C ASP G 64 -19.09 2.08 -21.14
N GLN G 65 -18.38 0.97 -20.85
CA GLN G 65 -18.46 -0.17 -21.73
C GLN G 65 -19.87 -0.78 -21.69
N CYS G 66 -20.50 -0.86 -20.51
CA CYS G 66 -21.86 -1.38 -20.44
C CYS G 66 -22.78 -0.67 -21.40
N ILE G 67 -22.77 0.68 -21.36
CA ILE G 67 -23.75 1.49 -22.06
C ILE G 67 -23.37 1.90 -23.44
N GLN G 68 -22.13 1.61 -23.87
CA GLN G 68 -21.68 2.06 -25.16
C GLN G 68 -22.69 1.81 -26.29
N THR G 69 -23.25 0.61 -26.32
CA THR G 69 -24.18 0.23 -27.40
C THR G 69 -25.44 1.14 -27.42
N GLY G 70 -25.94 1.48 -26.23
CA GLY G 70 -27.07 2.42 -26.10
C GLY G 70 -26.76 3.86 -26.42
N VAL G 71 -25.50 4.27 -26.24
CA VAL G 71 -25.02 5.61 -26.60
C VAL G 71 -24.87 5.73 -28.11
N ASP G 72 -24.29 4.70 -28.75
CA ASP G 72 -24.04 4.71 -30.21
C ASP G 72 -25.28 4.41 -31.08
N ASN G 73 -26.28 3.70 -30.52
CA ASN G 73 -27.48 3.27 -31.29
C ASN G 73 -28.76 3.89 -30.74
N PRO G 74 -29.19 5.03 -31.32
CA PRO G 74 -30.48 5.65 -30.96
C PRO G 74 -31.67 4.68 -31.11
N LYS G 80 -38.56 -1.65 -28.30
CA LYS G 80 -37.32 -0.87 -28.38
C LYS G 80 -36.15 -1.62 -27.74
N THR G 81 -34.93 -1.22 -28.08
CA THR G 81 -33.72 -1.88 -27.60
C THR G 81 -33.42 -1.60 -26.13
N VAL G 82 -32.55 -2.42 -25.56
CA VAL G 82 -32.12 -2.26 -24.18
C VAL G 82 -31.08 -1.13 -24.06
N GLY G 83 -30.10 -1.13 -24.95
CA GLY G 83 -29.03 -0.13 -24.94
C GLY G 83 -27.94 -0.31 -23.90
N MET G 84 -27.86 -1.48 -23.26
CA MET G 84 -26.69 -1.82 -22.43
C MET G 84 -26.50 -3.35 -22.34
N VAL G 85 -25.23 -3.75 -22.16
CA VAL G 85 -24.88 -5.16 -21.95
C VAL G 85 -24.03 -5.34 -20.69
N ALA G 86 -24.00 -6.58 -20.21
CA ALA G 86 -23.10 -6.97 -19.10
C ALA G 86 -21.85 -7.59 -19.69
N GLY G 87 -20.69 -7.18 -19.16
CA GLY G 87 -19.41 -7.73 -19.57
C GLY G 87 -19.06 -9.00 -18.80
N ASP G 88 -19.59 -9.13 -17.59
CA ASP G 88 -19.39 -10.30 -16.75
C ASP G 88 -20.55 -10.44 -15.77
N GLU G 89 -20.61 -11.55 -15.06
CA GLU G 89 -21.67 -11.78 -14.07
C GLU G 89 -21.78 -10.62 -13.05
N GLU G 90 -20.63 -10.13 -12.62
CA GLU G 90 -20.53 -9.09 -11.59
C GLU G 90 -21.03 -7.69 -12.07
N SER G 91 -21.13 -7.46 -13.38
CA SER G 91 -21.70 -6.22 -13.92
C SER G 91 -23.10 -5.91 -13.36
N TYR G 92 -23.92 -6.96 -13.20
CA TYR G 92 -25.29 -6.80 -12.72
C TYR G 92 -25.38 -6.30 -11.28
N GLU G 93 -24.37 -6.62 -10.47
CA GLU G 93 -24.30 -6.15 -9.10
C GLU G 93 -23.61 -4.78 -9.02
N VAL G 94 -22.45 -4.65 -9.64
CA VAL G 94 -21.67 -3.41 -9.54
C VAL G 94 -22.45 -2.21 -10.17
N PHE G 95 -23.09 -2.44 -11.31
CA PHE G 95 -23.87 -1.40 -11.97
C PHE G 95 -25.41 -1.60 -11.79
N ALA G 96 -25.82 -2.21 -10.68
CA ALA G 96 -27.23 -2.50 -10.36
C ALA G 96 -28.12 -1.24 -10.41
N ASP G 97 -27.58 -0.10 -9.98
CA ASP G 97 -28.33 1.17 -10.01
C ASP G 97 -28.76 1.59 -11.41
N LEU G 98 -28.10 1.07 -12.45
CA LEU G 98 -28.61 1.26 -13.82
C LEU G 98 -29.32 0.01 -14.37
N PHE G 99 -28.73 -1.20 -14.16
CA PHE G 99 -29.36 -2.45 -14.65
C PHE G 99 -30.80 -2.66 -14.06
N ASP G 100 -30.95 -2.43 -12.77
CA ASP G 100 -32.25 -2.73 -12.11
C ASP G 100 -33.41 -1.93 -12.70
N PRO G 101 -33.29 -0.58 -12.82
CA PRO G 101 -34.37 0.18 -13.52
C PRO G 101 -34.55 -0.20 -14.98
N VAL G 102 -33.44 -0.46 -15.68
CA VAL G 102 -33.51 -0.89 -17.08
C VAL G 102 -34.25 -2.24 -17.24
N ILE G 103 -34.01 -3.16 -16.29
CA ILE G 103 -34.67 -4.46 -16.27
C ILE G 103 -36.19 -4.29 -16.01
N LYS G 104 -36.53 -3.49 -14.98
CA LYS G 104 -37.95 -3.13 -14.65
C LYS G 104 -38.69 -2.59 -15.87
N LEU G 105 -38.03 -1.69 -16.61
CA LEU G 105 -38.62 -1.09 -17.82
C LEU G 105 -38.75 -2.04 -18.99
N ARG G 106 -37.75 -2.91 -19.19
CA ARG G 106 -37.78 -3.87 -20.29
C ARG G 106 -38.74 -5.04 -20.04
N HIS G 107 -38.94 -5.42 -18.78
CA HIS G 107 -39.69 -6.63 -18.43
C HIS G 107 -40.94 -6.32 -17.64
N ASN G 108 -41.67 -5.30 -18.10
CA ASN G 108 -43.02 -5.01 -17.66
C ASN G 108 -43.17 -5.07 -16.14
N GLY G 109 -42.23 -4.46 -15.45
CA GLY G 109 -42.32 -4.27 -14.02
C GLY G 109 -41.57 -5.22 -13.14
N TYR G 110 -40.87 -6.23 -13.69
CA TYR G 110 -40.10 -7.15 -12.82
C TYR G 110 -38.96 -6.38 -12.13
N ASP G 111 -38.88 -6.49 -10.81
CA ASP G 111 -38.01 -5.66 -10.00
C ASP G 111 -37.07 -6.55 -9.19
N PRO G 112 -35.79 -6.70 -9.66
CA PRO G 112 -34.84 -7.58 -8.94
C PRO G 112 -34.39 -7.12 -7.53
N ARG G 113 -34.68 -5.87 -7.18
CA ARG G 113 -34.51 -5.40 -5.79
C ARG G 113 -35.56 -6.03 -4.85
N VAL G 114 -36.79 -6.22 -5.34
CA VAL G 114 -37.92 -6.70 -4.52
C VAL G 114 -38.32 -8.17 -4.81
N MET G 115 -38.21 -8.61 -6.08
CA MET G 115 -38.79 -9.89 -6.52
C MET G 115 -37.76 -11.02 -6.69
N LYS G 116 -38.27 -12.22 -6.97
CA LYS G 116 -37.46 -13.41 -7.24
C LYS G 116 -38.01 -14.14 -8.44
N HIS G 117 -37.14 -14.85 -9.13
CA HIS G 117 -37.50 -15.57 -10.33
C HIS G 117 -37.56 -17.04 -10.02
N THR G 118 -38.59 -17.68 -10.56
CA THR G 118 -38.80 -19.10 -10.39
C THR G 118 -38.49 -19.79 -11.71
N THR G 119 -37.57 -20.76 -11.63
CA THR G 119 -37.20 -21.61 -12.76
C THR G 119 -38.03 -22.88 -12.65
N ASP G 120 -38.66 -23.28 -13.75
CA ASP G 120 -39.39 -24.56 -13.80
C ASP G 120 -39.26 -25.16 -15.19
N LEU G 121 -38.49 -26.25 -15.29
CA LEU G 121 -38.26 -26.96 -16.54
C LEU G 121 -38.98 -28.35 -16.54
N ASP G 122 -40.04 -28.51 -15.75
CA ASP G 122 -40.82 -29.76 -15.73
C ASP G 122 -41.78 -29.77 -16.94
N ALA G 123 -41.29 -30.31 -18.07
CA ALA G 123 -42.05 -30.31 -19.35
C ALA G 123 -43.40 -31.06 -19.29
N SER G 124 -43.54 -32.02 -18.35
CA SER G 124 -44.81 -32.74 -18.15
C SER G 124 -46.00 -31.78 -17.90
N LYS G 125 -45.74 -30.62 -17.27
CA LYS G 125 -46.78 -29.62 -17.01
C LYS G 125 -47.39 -28.94 -18.27
N ILE G 126 -46.76 -29.15 -19.44
CA ILE G 126 -47.40 -28.83 -20.72
C ILE G 126 -48.15 -30.08 -21.21
N THR G 127 -49.38 -30.24 -20.70
CA THR G 127 -50.22 -31.43 -20.99
C THR G 127 -50.72 -31.50 -22.46
N GLN G 128 -50.94 -30.34 -23.09
CA GLN G 128 -51.50 -30.27 -24.46
C GLN G 128 -50.72 -29.28 -25.34
N GLY G 129 -50.40 -29.70 -26.56
CA GLY G 129 -49.73 -28.84 -27.57
C GLY G 129 -50.31 -29.06 -28.96
CA SER G 138 -42.18 -24.50 -37.67
C SER G 138 -42.42 -23.98 -36.25
N SER G 139 -42.15 -24.83 -35.24
CA SER G 139 -42.26 -24.48 -33.80
C SER G 139 -40.89 -24.61 -33.09
N ARG G 140 -40.45 -23.51 -32.46
CA ARG G 140 -39.09 -23.37 -31.89
C ARG G 140 -39.15 -22.94 -30.45
N VAL G 141 -38.16 -23.37 -29.66
CA VAL G 141 -37.96 -22.88 -28.28
C VAL G 141 -36.46 -22.65 -28.08
N ARG G 142 -36.09 -21.41 -27.68
CA ARG G 142 -34.69 -21.07 -27.50
CA ARG G 142 -34.69 -20.99 -27.54
C ARG G 142 -34.44 -20.49 -26.12
N THR G 143 -33.23 -20.71 -25.62
CA THR G 143 -32.77 -20.07 -24.39
C THR G 143 -31.27 -19.83 -24.47
N GLY G 144 -30.71 -19.25 -23.42
CA GLY G 144 -29.27 -18.98 -23.35
C GLY G 144 -28.71 -19.39 -22.00
N ARG G 145 -27.43 -19.77 -21.98
CA ARG G 145 -26.72 -20.08 -20.74
C ARG G 145 -25.28 -19.54 -20.77
N SER G 146 -24.83 -19.03 -19.64
CA SER G 146 -23.48 -18.51 -19.44
C SER G 146 -22.78 -19.39 -18.44
N ILE G 147 -21.51 -19.70 -18.71
CA ILE G 147 -20.60 -20.43 -17.81
C ILE G 147 -19.95 -19.52 -16.73
N ARG G 148 -20.23 -19.79 -15.46
CA ARG G 148 -19.67 -19.01 -14.38
C ARG G 148 -18.13 -19.09 -14.32
N GLY G 149 -17.51 -17.94 -14.05
CA GLY G 149 -16.08 -17.81 -13.98
C GLY G 149 -15.42 -17.28 -15.25
N LEU G 150 -16.20 -17.16 -16.33
CA LEU G 150 -15.73 -16.65 -17.59
C LEU G 150 -16.55 -15.42 -17.99
N SER G 151 -15.87 -14.39 -18.54
CA SER G 151 -16.50 -13.14 -18.94
C SER G 151 -17.46 -13.35 -20.08
N LEU G 152 -18.47 -12.48 -20.17
CA LEU G 152 -19.50 -12.57 -21.23
C LEU G 152 -18.92 -12.01 -22.56
N PRO G 153 -19.58 -12.28 -23.71
CA PRO G 153 -19.06 -11.83 -25.02
C PRO G 153 -18.64 -10.35 -25.19
N PRO G 154 -19.26 -9.38 -24.50
CA PRO G 154 -18.78 -8.01 -24.68
C PRO G 154 -17.31 -7.78 -24.22
N ALA G 155 -16.87 -8.53 -23.22
CA ALA G 155 -15.62 -8.28 -22.51
C ALA G 155 -14.57 -9.39 -22.62
N CYS G 156 -14.96 -10.58 -23.09
CA CYS G 156 -14.08 -11.72 -22.97
C CYS G 156 -12.84 -11.62 -23.85
N THR G 157 -11.73 -12.09 -23.30
CA THR G 157 -10.51 -12.24 -24.05
C THR G 157 -10.60 -13.47 -24.96
N ARG G 158 -9.66 -13.59 -25.88
CA ARG G 158 -9.60 -14.74 -26.76
C ARG G 158 -9.46 -16.07 -25.95
N ALA G 159 -8.68 -16.04 -24.87
CA ALA G 159 -8.46 -17.22 -24.00
C ALA G 159 -9.72 -17.63 -23.27
N GLU G 160 -10.43 -16.65 -22.72
CA GLU G 160 -11.74 -16.88 -22.07
C GLU G 160 -12.76 -17.51 -23.01
N ARG G 161 -12.83 -16.99 -24.21
CA ARG G 161 -13.77 -17.47 -25.20
C ARG G 161 -13.43 -18.86 -25.67
N ARG G 162 -12.14 -19.11 -25.89
CA ARG G 162 -11.62 -20.50 -26.17
C ARG G 162 -11.94 -21.51 -25.04
N GLU G 163 -11.89 -21.05 -23.80
CA GLU G 163 -12.25 -21.90 -22.64
C GLU G 163 -13.74 -22.26 -22.64
N VAL G 164 -14.60 -21.27 -22.94
CA VAL G 164 -16.04 -21.52 -23.09
C VAL G 164 -16.29 -22.61 -24.14
N GLU G 165 -15.63 -22.49 -25.30
CA GLU G 165 -15.76 -23.46 -26.38
C GLU G 165 -15.30 -24.86 -25.92
N ASN G 166 -14.14 -24.93 -25.25
CA ASN G 166 -13.60 -26.19 -24.79
C ASN G 166 -14.52 -26.91 -23.79
N VAL G 167 -15.08 -26.15 -22.85
CA VAL G 167 -16.05 -26.67 -21.87
C VAL G 167 -17.30 -27.20 -22.55
N ALA G 168 -17.78 -26.45 -23.53
CA ALA G 168 -18.97 -26.84 -24.29
C ALA G 168 -18.75 -28.08 -25.10
N ILE G 169 -17.67 -28.12 -25.88
CA ILE G 169 -17.35 -29.28 -26.75
C ILE G 169 -17.32 -30.56 -25.93
N THR G 170 -16.48 -30.53 -24.88
CA THR G 170 -16.28 -31.65 -23.98
C THR G 170 -17.60 -32.18 -23.43
N ALA G 171 -18.40 -31.27 -22.88
CA ALA G 171 -19.68 -31.63 -22.29
C ALA G 171 -20.62 -32.24 -23.32
N LEU G 172 -20.71 -31.63 -24.50
CA LEU G 172 -21.69 -32.04 -25.54
C LEU G 172 -21.40 -33.40 -26.22
N GLU G 173 -20.13 -33.81 -26.22
CA GLU G 173 -19.75 -35.18 -26.64
C GLU G 173 -20.39 -36.30 -25.79
N GLY G 174 -20.70 -35.99 -24.52
CA GLY G 174 -21.38 -36.93 -23.61
C GLY G 174 -22.89 -37.12 -23.85
N LEU G 175 -23.49 -36.33 -24.76
CA LEU G 175 -24.89 -36.48 -25.10
C LEU G 175 -25.15 -37.76 -25.94
N LYS G 176 -26.26 -38.45 -25.61
CA LYS G 176 -26.61 -39.78 -26.14
C LYS G 176 -28.08 -39.85 -26.61
N GLY G 177 -28.38 -40.84 -27.43
CA GLY G 177 -29.77 -41.13 -27.84
C GLY G 177 -30.21 -40.17 -28.90
N ASP G 178 -31.42 -39.62 -28.75
CA ASP G 178 -31.93 -38.57 -29.68
C ASP G 178 -31.20 -37.19 -29.56
N LEU G 179 -30.33 -37.04 -28.54
CA LEU G 179 -29.51 -35.84 -28.35
C LEU G 179 -28.06 -36.00 -28.84
N ALA G 180 -27.68 -37.17 -29.37
CA ALA G 180 -26.33 -37.37 -29.87
C ALA G 180 -26.12 -36.54 -31.13
N GLY G 181 -24.94 -35.92 -31.26
CA GLY G 181 -24.63 -35.10 -32.44
C GLY G 181 -23.18 -34.77 -32.55
N ARG G 182 -22.86 -33.74 -33.34
CA ARG G 182 -21.48 -33.28 -33.50
C ARG G 182 -21.33 -31.74 -33.54
N TYR G 183 -20.11 -31.29 -33.26
CA TYR G 183 -19.75 -29.88 -33.23
C TYR G 183 -19.07 -29.49 -34.53
N TYR G 184 -19.34 -28.27 -35.00
CA TYR G 184 -18.67 -27.69 -36.16
C TYR G 184 -18.12 -26.31 -35.78
N LYS G 185 -16.80 -26.14 -35.92
CA LYS G 185 -16.16 -24.83 -35.77
C LYS G 185 -16.37 -24.02 -37.03
N LEU G 186 -16.74 -22.75 -36.89
CA LEU G 186 -16.88 -21.85 -38.06
C LEU G 186 -15.55 -21.57 -38.79
N SER G 187 -14.43 -21.58 -38.07
CA SER G 187 -13.11 -21.37 -38.70
C SER G 187 -12.70 -22.54 -39.64
N GLU G 188 -13.28 -23.74 -39.43
CA GLU G 188 -13.06 -24.92 -40.30
C GLU G 188 -14.12 -25.10 -41.42
N MET G 189 -15.26 -24.42 -41.29
CA MET G 189 -16.42 -24.60 -42.18
C MET G 189 -16.34 -23.69 -43.43
N THR G 190 -16.84 -24.18 -44.57
CA THR G 190 -16.86 -23.38 -45.85
C THR G 190 -17.93 -22.28 -45.80
N GLU G 191 -17.73 -21.23 -46.59
CA GLU G 191 -18.72 -20.12 -46.71
C GLU G 191 -20.06 -20.58 -47.32
N GLN G 192 -20.00 -21.52 -48.28
CA GLN G 192 -21.22 -22.10 -48.88
C GLN G 192 -21.97 -23.02 -47.88
N ASP G 193 -21.23 -23.85 -47.12
CA ASP G 193 -21.85 -24.68 -46.04
C ASP G 193 -22.42 -23.81 -44.91
N GLN G 194 -21.71 -22.70 -44.61
CA GLN G 194 -22.19 -21.66 -43.65
C GLN G 194 -23.47 -20.95 -44.12
N GLN G 195 -23.51 -20.58 -45.40
CA GLN G 195 -24.67 -19.87 -45.97
C GLN G 195 -25.93 -20.76 -46.01
N ARG G 196 -25.75 -22.07 -46.22
CA ARG G 196 -26.87 -23.04 -46.18
C ARG G 196 -27.54 -23.11 -44.81
N LEU G 197 -26.73 -23.17 -43.75
CA LEU G 197 -27.27 -23.24 -42.39
C LEU G 197 -27.93 -21.91 -41.93
N ILE G 198 -27.47 -20.76 -42.46
CA ILE G 198 -28.13 -19.44 -42.21
C ILE G 198 -29.51 -19.38 -42.90
N ASP G 199 -29.56 -19.82 -44.17
CA ASP G 199 -30.83 -19.83 -44.94
C ASP G 199 -31.86 -20.84 -44.39
N ASP G 200 -31.38 -22.03 -43.98
CA ASP G 200 -32.24 -23.06 -43.34
C ASP G 200 -32.62 -22.74 -41.86
N HIS G 201 -32.18 -21.57 -41.34
CA HIS G 201 -32.55 -21.05 -39.99
C HIS G 201 -31.89 -21.81 -38.80
N PHE G 202 -30.85 -22.61 -39.09
CA PHE G 202 -30.15 -23.42 -38.06
C PHE G 202 -28.88 -22.72 -37.48
N LEU G 203 -28.26 -21.83 -38.27
CA LEU G 203 -27.02 -21.11 -37.86
C LEU G 203 -27.26 -19.59 -37.76
N PHE G 204 -26.67 -18.98 -36.72
CA PHE G 204 -26.64 -17.49 -36.54
C PHE G 204 -25.98 -16.74 -37.71
N ASP G 205 -26.46 -15.50 -37.94
CA ASP G 205 -25.83 -14.60 -38.90
C ASP G 205 -24.50 -14.05 -38.35
N LYS G 206 -23.57 -13.73 -39.26
CA LYS G 206 -22.29 -13.10 -38.89
C LYS G 206 -22.58 -11.67 -38.37
N PRO G 207 -21.95 -11.27 -37.25
CA PRO G 207 -22.41 -10.12 -36.47
C PRO G 207 -22.11 -8.77 -37.16
N VAL G 208 -23.09 -8.31 -37.94
CA VAL G 208 -23.04 -6.97 -38.58
C VAL G 208 -23.96 -5.96 -37.89
N SER G 209 -24.98 -6.45 -37.17
CA SER G 209 -25.88 -5.59 -36.39
C SER G 209 -25.05 -4.61 -35.56
N PRO G 210 -25.30 -3.28 -35.72
CA PRO G 210 -24.51 -2.32 -34.94
C PRO G 210 -24.72 -2.40 -33.41
N LEU G 211 -25.86 -2.99 -32.99
CA LEU G 211 -26.11 -3.23 -31.54
C LEU G 211 -25.08 -4.17 -30.96
N LEU G 212 -24.70 -5.18 -31.73
CA LEU G 212 -23.72 -6.18 -31.31
C LEU G 212 -22.27 -5.70 -31.48
N THR G 213 -21.95 -5.09 -32.62
CA THR G 213 -20.54 -4.64 -32.88
C THR G 213 -20.11 -3.48 -31.94
N CYS G 214 -21.04 -2.56 -31.64
CA CYS G 214 -20.78 -1.47 -30.69
C CYS G 214 -20.72 -1.97 -29.23
N ALA G 215 -21.30 -3.15 -28.98
CA ALA G 215 -21.18 -3.85 -27.70
C ALA G 215 -19.87 -4.71 -27.58
N GLY G 216 -19.04 -4.75 -28.63
CA GLY G 216 -17.80 -5.53 -28.60
C GLY G 216 -18.00 -7.05 -28.76
N MET G 217 -19.13 -7.48 -29.29
CA MET G 217 -19.47 -8.90 -29.40
C MET G 217 -19.06 -9.55 -30.75
N ALA G 218 -18.34 -8.82 -31.61
CA ALA G 218 -17.83 -9.37 -32.86
C ALA G 218 -16.32 -9.45 -32.86
N ARG G 219 -15.66 -9.17 -31.74
CA ARG G 219 -14.21 -9.21 -31.70
C ARG G 219 -13.68 -10.62 -32.04
N ASP G 220 -12.62 -10.64 -32.82
CA ASP G 220 -11.88 -11.84 -33.18
C ASP G 220 -12.69 -12.87 -34.00
N TRP G 221 -13.78 -12.44 -34.64
N TRP G 221 -13.83 -12.46 -34.60
CA TRP G 221 -14.66 -13.35 -35.39
CA TRP G 221 -14.74 -13.41 -35.29
C TRP G 221 -13.91 -14.06 -36.51
C TRP G 221 -14.00 -14.04 -36.49
N PRO G 222 -14.14 -15.37 -36.71
CA PRO G 222 -15.01 -16.34 -36.02
C PRO G 222 -14.30 -17.19 -34.94
N ASP G 223 -13.18 -16.70 -34.39
CA ASP G 223 -12.37 -17.49 -33.45
C ASP G 223 -13.23 -18.00 -32.30
N ALA G 224 -13.23 -19.31 -32.10
CA ALA G 224 -13.92 -20.01 -30.99
C ALA G 224 -15.48 -20.00 -31.05
N ARG G 225 -16.05 -19.66 -32.20
CA ARG G 225 -17.48 -19.77 -32.45
C ARG G 225 -17.78 -21.05 -33.19
N GLY G 226 -18.93 -21.64 -32.90
CA GLY G 226 -19.37 -22.82 -33.62
C GLY G 226 -20.82 -23.16 -33.35
N ILE G 227 -21.25 -24.25 -33.97
CA ILE G 227 -22.62 -24.76 -33.86
C ILE G 227 -22.53 -26.26 -33.60
N TRP G 228 -23.29 -26.72 -32.62
CA TRP G 228 -23.47 -28.11 -32.37
C TRP G 228 -24.94 -28.40 -32.66
N HIS G 229 -25.21 -29.56 -33.24
CA HIS G 229 -26.59 -30.04 -33.36
C HIS G 229 -26.67 -31.57 -33.34
N ASN G 230 -27.80 -32.08 -32.86
CA ASN G 230 -28.09 -33.52 -32.99
C ASN G 230 -28.31 -33.87 -34.45
N TYR G 231 -28.43 -35.16 -34.74
CA TYR G 231 -28.45 -35.64 -36.13
C TYR G 231 -29.67 -35.10 -36.90
N ASP G 232 -30.83 -35.11 -36.27
CA ASP G 232 -32.06 -34.55 -36.88
C ASP G 232 -32.07 -33.00 -37.03
N LYS G 233 -31.13 -32.28 -36.39
CA LYS G 233 -31.16 -30.79 -36.31
C LYS G 233 -32.46 -30.28 -35.63
N THR G 234 -32.93 -31.04 -34.65
CA THR G 234 -34.03 -30.65 -33.81
C THR G 234 -33.57 -30.12 -32.42
N PHE G 235 -32.26 -30.23 -32.12
CA PHE G 235 -31.67 -29.68 -30.89
C PHE G 235 -30.31 -29.09 -31.24
N LEU G 236 -30.23 -27.76 -31.27
CA LEU G 236 -29.02 -27.02 -31.70
C LEU G 236 -28.48 -26.15 -30.57
N ILE G 237 -27.16 -26.00 -30.53
CA ILE G 237 -26.49 -25.12 -29.58
C ILE G 237 -25.49 -24.27 -30.36
N TRP G 238 -25.65 -22.95 -30.28
CA TRP G 238 -24.68 -22.00 -30.87
C TRP G 238 -23.71 -21.62 -29.78
N ILE G 239 -22.42 -21.51 -30.14
CA ILE G 239 -21.35 -21.31 -29.17
C ILE G 239 -20.66 -20.00 -29.42
N ASN G 240 -20.62 -19.14 -28.39
CA ASN G 240 -19.84 -17.88 -28.41
C ASN G 240 -20.29 -16.81 -29.42
N GLU G 241 -21.56 -16.84 -29.84
CA GLU G 241 -22.11 -15.77 -30.70
CA GLU G 241 -22.08 -15.74 -30.70
C GLU G 241 -22.63 -14.61 -29.80
N GLU G 242 -23.92 -14.64 -29.45
CA GLU G 242 -24.53 -13.57 -28.66
C GLU G 242 -24.43 -13.84 -27.15
N ASP G 243 -24.14 -15.09 -26.80
CA ASP G 243 -23.92 -15.52 -25.43
C ASP G 243 -22.93 -16.69 -25.48
N HIS G 244 -22.54 -17.20 -24.31
CA HIS G 244 -21.66 -18.39 -24.26
C HIS G 244 -22.32 -19.54 -25.02
N THR G 245 -23.57 -19.82 -24.68
CA THR G 245 -24.39 -20.78 -25.43
C THR G 245 -25.79 -20.25 -25.68
N ARG G 246 -26.29 -20.51 -26.88
CA ARG G 246 -27.71 -20.46 -27.16
C ARG G 246 -28.20 -21.91 -27.45
N VAL G 247 -29.12 -22.39 -26.60
CA VAL G 247 -29.69 -23.72 -26.73
C VAL G 247 -31.07 -23.61 -27.39
N ILE G 248 -31.24 -24.28 -28.53
CA ILE G 248 -32.43 -24.17 -29.38
C ILE G 248 -33.02 -25.57 -29.62
N SER G 249 -34.32 -25.72 -29.28
CA SER G 249 -35.12 -26.90 -29.69
C SER G 249 -36.14 -26.49 -30.76
N MET G 250 -36.03 -27.03 -31.98
CA MET G 250 -36.96 -26.69 -33.07
C MET G 250 -37.35 -27.89 -33.95
N GLU G 251 -38.41 -27.69 -34.74
CA GLU G 251 -38.86 -28.64 -35.81
C GLU G 251 -39.98 -28.02 -36.65
N LYS G 252 -40.10 -28.49 -37.90
CA LYS G 252 -41.21 -28.08 -38.78
C LYS G 252 -42.56 -28.62 -38.24
N GLY G 253 -43.62 -27.88 -38.52
CA GLY G 253 -44.94 -28.19 -37.98
C GLY G 253 -45.17 -27.40 -36.71
N GLY G 254 -45.89 -28.01 -35.76
CA GLY G 254 -46.30 -27.29 -34.54
C GLY G 254 -46.66 -28.14 -33.33
N ASN G 255 -45.92 -29.22 -33.09
CA ASN G 255 -46.02 -29.95 -31.82
C ASN G 255 -45.06 -29.31 -30.78
N MET G 256 -45.52 -28.18 -30.21
CA MET G 256 -44.76 -27.45 -29.17
C MET G 256 -44.53 -28.29 -27.89
N LYS G 257 -45.49 -29.17 -27.55
CA LYS G 257 -45.35 -30.07 -26.38
C LYS G 257 -44.09 -30.93 -26.44
N ARG G 258 -43.82 -31.51 -27.61
CA ARG G 258 -42.65 -32.36 -27.83
C ARG G 258 -41.36 -31.54 -27.92
N VAL G 259 -41.44 -30.39 -28.61
CA VAL G 259 -40.32 -29.45 -28.73
C VAL G 259 -39.84 -29.02 -27.35
N PHE G 260 -40.78 -28.67 -26.48
CA PHE G 260 -40.46 -28.28 -25.11
C PHE G 260 -39.99 -29.47 -24.26
N GLU G 261 -40.54 -30.65 -24.52
CA GLU G 261 -40.08 -31.89 -23.87
C GLU G 261 -38.59 -32.14 -24.14
N ARG G 262 -38.19 -32.01 -25.42
CA ARG G 262 -36.80 -32.21 -25.85
C ARG G 262 -35.85 -31.11 -25.28
N PHE G 263 -36.35 -29.86 -25.30
CA PHE G 263 -35.66 -28.69 -24.73
C PHE G 263 -35.29 -28.92 -23.28
N CYS G 264 -36.28 -29.26 -22.46
CA CYS G 264 -36.07 -29.51 -21.02
C CYS G 264 -35.14 -30.69 -20.74
N ARG G 265 -35.28 -31.77 -21.52
CA ARG G 265 -34.45 -32.97 -21.34
C ARG G 265 -33.00 -32.66 -21.72
N GLY G 266 -32.83 -32.06 -22.90
CA GLY G 266 -31.50 -31.71 -23.41
C GLY G 266 -30.76 -30.70 -22.54
N LEU G 267 -31.49 -29.69 -22.07
CA LEU G 267 -30.91 -28.65 -21.23
C LEU G 267 -30.46 -29.22 -19.87
N LYS G 268 -31.28 -30.09 -19.27
CA LYS G 268 -30.91 -30.74 -18.01
C LYS G 268 -29.71 -31.71 -18.19
N GLU G 269 -29.63 -32.33 -19.36
CA GLU G 269 -28.52 -33.21 -19.69
C GLU G 269 -27.20 -32.40 -19.88
N VAL G 270 -27.27 -31.28 -20.62
CA VAL G 270 -26.11 -30.37 -20.77
C VAL G 270 -25.63 -29.88 -19.39
N GLU G 271 -26.55 -29.46 -18.53
CA GLU G 271 -26.18 -28.98 -17.19
C GLU G 271 -25.43 -30.06 -16.40
N ARG G 272 -26.03 -31.26 -16.34
CA ARG G 272 -25.41 -32.39 -15.64
C ARG G 272 -24.01 -32.65 -16.17
N LEU G 273 -23.85 -32.58 -17.49
CA LEU G 273 -22.56 -32.85 -18.13
C LEU G 273 -21.51 -31.77 -17.85
N ILE G 274 -21.89 -30.48 -17.92
CA ILE G 274 -20.92 -29.40 -17.54
C ILE G 274 -20.57 -29.47 -16.05
N GLN G 275 -21.54 -29.85 -15.21
CA GLN G 275 -21.31 -29.98 -13.76
C GLN G 275 -20.44 -31.17 -13.42
N GLU G 276 -20.51 -32.23 -14.23
CA GLU G 276 -19.59 -33.37 -14.09
C GLU G 276 -18.10 -32.93 -14.10
N ARG G 277 -17.76 -31.92 -14.92
CA ARG G 277 -16.38 -31.37 -14.93
C ARG G 277 -16.16 -30.11 -14.10
N GLY G 278 -17.09 -29.81 -13.18
CA GLY G 278 -16.91 -28.74 -12.23
C GLY G 278 -17.40 -27.34 -12.59
N TRP G 279 -18.07 -27.19 -13.71
CA TRP G 279 -18.58 -25.87 -14.17
C TRP G 279 -20.07 -25.69 -13.78
N GLU G 280 -20.45 -24.44 -13.49
CA GLU G 280 -21.84 -24.06 -13.22
C GLU G 280 -22.33 -23.03 -14.23
N PHE G 281 -23.64 -23.00 -14.42
CA PHE G 281 -24.28 -21.90 -15.14
C PHE G 281 -24.29 -20.65 -14.26
N MET G 282 -24.20 -19.48 -14.86
CA MET G 282 -24.47 -18.22 -14.14
C MET G 282 -25.99 -18.14 -13.86
N TRP G 283 -26.35 -18.13 -12.59
CA TRP G 283 -27.71 -18.02 -12.12
C TRP G 283 -27.72 -17.42 -10.71
N ASN G 284 -28.70 -16.54 -10.44
CA ASN G 284 -29.08 -16.22 -9.06
C ASN G 284 -30.61 -16.10 -8.96
N GLU G 285 -31.11 -16.01 -7.73
CA GLU G 285 -32.59 -16.02 -7.50
C GLU G 285 -33.31 -14.75 -7.99
N ARG G 286 -32.56 -13.63 -8.10
CA ARG G 286 -33.13 -12.33 -8.51
C ARG G 286 -33.24 -12.21 -10.02
N LEU G 287 -32.18 -12.58 -10.72
CA LEU G 287 -32.13 -12.46 -12.19
C LEU G 287 -32.36 -13.76 -12.92
N GLY G 288 -32.46 -14.88 -12.18
CA GLY G 288 -32.51 -16.19 -12.84
C GLY G 288 -31.19 -16.41 -13.59
N TYR G 289 -31.27 -16.88 -14.83
CA TYR G 289 -30.09 -17.16 -15.63
C TYR G 289 -29.53 -15.86 -16.23
N ILE G 290 -28.22 -15.69 -16.10
CA ILE G 290 -27.55 -14.44 -16.44
C ILE G 290 -26.99 -14.56 -17.82
N LEU G 291 -27.26 -13.55 -18.64
CA LEU G 291 -26.84 -13.52 -20.04
C LEU G 291 -26.39 -12.11 -20.38
N THR G 292 -25.86 -11.93 -21.58
CA THR G 292 -25.27 -10.67 -22.00
C THR G 292 -26.27 -9.49 -21.97
N CYS G 293 -27.46 -9.68 -22.54
CA CYS G 293 -28.47 -8.60 -22.63
C CYS G 293 -29.48 -8.73 -21.51
N PRO G 294 -29.77 -7.62 -20.78
CA PRO G 294 -30.84 -7.71 -19.76
C PRO G 294 -32.22 -8.18 -20.29
N SER G 295 -32.47 -8.06 -21.60
CA SER G 295 -33.69 -8.60 -22.22
C SER G 295 -33.81 -10.15 -22.16
N ASN G 296 -32.70 -10.86 -21.93
CA ASN G 296 -32.71 -12.35 -21.87
C ASN G 296 -32.53 -12.92 -20.50
N LEU G 297 -32.65 -12.11 -19.46
CA LEU G 297 -32.53 -12.62 -18.09
C LEU G 297 -33.69 -13.52 -17.70
N GLY G 298 -33.55 -14.18 -16.54
CA GLY G 298 -34.64 -15.01 -15.99
C GLY G 298 -34.62 -16.40 -16.59
N THR G 299 -35.41 -16.57 -17.64
CA THR G 299 -35.49 -17.81 -18.39
C THR G 299 -34.67 -17.76 -19.66
N GLY G 300 -34.53 -16.57 -20.25
CA GLY G 300 -33.93 -16.43 -21.60
C GLY G 300 -34.76 -17.05 -22.69
N LEU G 301 -35.99 -17.41 -22.36
CA LEU G 301 -36.77 -18.31 -23.15
C LEU G 301 -37.55 -17.56 -24.19
N ARG G 302 -37.31 -17.87 -25.46
CA ARG G 302 -38.18 -17.42 -26.54
C ARG G 302 -38.78 -18.64 -27.27
N ALA G 303 -39.97 -19.05 -26.81
CA ALA G 303 -40.81 -20.04 -27.51
C ALA G 303 -41.67 -19.30 -28.54
N GLY G 304 -41.62 -19.74 -29.79
CA GLY G 304 -42.36 -19.09 -30.88
C GLY G 304 -42.71 -20.00 -32.05
N VAL G 305 -43.36 -19.43 -33.08
CA VAL G 305 -43.82 -20.17 -34.28
C VAL G 305 -43.58 -19.35 -35.56
N HIS G 306 -43.92 -19.93 -36.71
CA HIS G 306 -43.98 -19.21 -38.00
C HIS G 306 -45.41 -19.22 -38.54
N ARG G 326 -50.25 -11.09 -25.15
CA ARG G 326 -48.89 -11.10 -24.57
C ARG G 326 -47.77 -11.60 -25.53
N LEU G 327 -48.15 -11.99 -26.75
CA LEU G 327 -47.20 -12.50 -27.76
C LEU G 327 -46.29 -11.38 -28.39
N GLN G 328 -45.73 -11.64 -29.58
CA GLN G 328 -44.75 -10.72 -30.21
C GLN G 328 -44.53 -11.06 -31.69
N LYS G 329 -44.04 -10.07 -32.47
CA LYS G 329 -43.76 -10.23 -33.92
C LYS G 329 -42.28 -9.95 -34.26
N ARG G 330 -41.72 -10.75 -35.18
CA ARG G 330 -40.35 -10.53 -35.75
C ARG G 330 -40.33 -10.87 -37.26
N GLY G 331 -39.25 -10.47 -37.94
CA GLY G 331 -39.06 -10.79 -39.36
CA GLY G 333 -36.59 -14.09 -40.59
C GLY G 333 -35.53 -13.57 -39.64
N GLY G 334 -35.96 -13.12 -38.44
CA GLY G 334 -35.06 -12.59 -37.39
C GLY G 334 -35.30 -11.12 -37.05
N VAL G 335 -34.67 -10.67 -35.94
CA VAL G 335 -34.86 -9.29 -35.40
C VAL G 335 -34.40 -8.18 -36.37
N ASP G 336 -33.21 -8.33 -36.96
CA ASP G 336 -32.72 -7.39 -38.00
C ASP G 336 -33.53 -7.48 -39.34
N THR G 337 -34.16 -8.63 -39.61
CA THR G 337 -34.96 -8.86 -40.85
C THR G 337 -36.39 -8.27 -40.77
N ALA G 338 -36.99 -8.07 -41.96
CA ALA G 338 -38.33 -7.47 -42.09
C ALA G 338 -39.45 -8.49 -41.90
N ASP G 345 -43.30 -14.35 -37.25
CA ASP G 345 -42.68 -15.03 -36.12
C ASP G 345 -43.39 -14.69 -34.79
N ILE G 346 -44.29 -15.58 -34.36
CA ILE G 346 -45.16 -15.36 -33.18
C ILE G 346 -44.61 -15.99 -31.88
N SER G 347 -43.78 -15.22 -31.15
CA SER G 347 -43.20 -15.67 -29.87
C SER G 347 -43.74 -14.90 -28.69
N ASN G 348 -43.47 -15.41 -27.47
CA ASN G 348 -43.76 -14.66 -26.23
C ASN G 348 -42.84 -13.45 -26.09
N ILE G 349 -43.35 -12.40 -25.44
CA ILE G 349 -42.57 -11.19 -25.10
C ILE G 349 -41.91 -11.28 -23.71
N ASP G 350 -42.54 -12.03 -22.80
CA ASP G 350 -42.09 -12.17 -21.42
C ASP G 350 -40.81 -13.07 -21.33
N ARG G 351 -39.89 -12.73 -20.41
CA ARG G 351 -38.69 -13.58 -20.14
C ARG G 351 -38.38 -13.86 -18.66
N ILE G 352 -38.68 -12.91 -17.77
CA ILE G 352 -38.41 -13.05 -16.33
C ILE G 352 -39.71 -12.80 -15.53
N GLY G 353 -39.76 -13.30 -14.30
CA GLY G 353 -40.96 -13.24 -13.45
C GLY G 353 -42.02 -14.31 -13.71
N ARG G 354 -41.92 -14.99 -14.86
CA ARG G 354 -42.70 -16.18 -15.15
C ARG G 354 -41.74 -17.34 -15.50
N SER G 355 -42.09 -18.56 -15.06
CA SER G 355 -41.26 -19.76 -15.31
C SER G 355 -41.32 -20.17 -16.78
N GLU G 356 -40.49 -21.15 -17.15
CA GLU G 356 -40.43 -21.65 -18.54
C GLU G 356 -41.73 -22.38 -18.92
N VAL G 357 -42.35 -23.07 -17.96
CA VAL G 357 -43.63 -23.75 -18.18
C VAL G 357 -44.70 -22.69 -18.47
N GLU G 358 -44.86 -21.76 -17.52
CA GLU G 358 -45.81 -20.63 -17.64
C GLU G 358 -45.65 -19.86 -18.95
N LEU G 359 -44.41 -19.59 -19.36
CA LEU G 359 -44.14 -18.87 -20.64
C LEU G 359 -44.50 -19.66 -21.88
N VAL G 360 -44.33 -20.98 -21.84
CA VAL G 360 -44.66 -21.85 -22.99
C VAL G 360 -46.17 -22.15 -23.01
N GLN G 361 -46.77 -22.31 -21.84
CA GLN G 361 -48.25 -22.47 -21.73
C GLN G 361 -49.01 -21.23 -22.24
N ILE G 362 -48.40 -20.05 -22.10
CA ILE G 362 -48.89 -18.81 -22.73
C ILE G 362 -48.91 -18.93 -24.26
N VAL G 363 -47.81 -19.40 -24.85
CA VAL G 363 -47.67 -19.54 -26.31
C VAL G 363 -48.56 -20.69 -26.85
N ILE G 364 -48.72 -21.75 -26.05
CA ILE G 364 -49.63 -22.87 -26.39
C ILE G 364 -51.09 -22.40 -26.53
N ASP G 365 -51.52 -21.48 -25.65
CA ASP G 365 -52.88 -20.89 -25.71
C ASP G 365 -53.03 -19.98 -26.93
N GLY G 366 -52.15 -18.97 -27.03
CA GLY G 366 -52.20 -17.97 -28.11
C GLY G 366 -52.05 -18.53 -29.53
N VAL G 367 -51.13 -19.47 -29.72
CA VAL G 367 -50.88 -20.06 -31.04
N LEU G 389 -54.14 -11.45 -20.09
CA LEU G 389 -53.68 -12.01 -18.82
C LEU G 389 -52.99 -10.91 -17.98
N PRO G 390 -52.87 -11.14 -16.63
CA PRO G 390 -52.37 -10.08 -15.72
C PRO G 390 -50.93 -9.62 -15.97
N ARG H 22 -4.09 -16.59 -8.58
CA ARG H 22 -5.46 -16.89 -9.11
C ARG H 22 -5.44 -17.18 -10.64
N LEU H 23 -4.53 -18.07 -11.09
CA LEU H 23 -4.43 -18.41 -12.53
C LEU H 23 -5.54 -19.40 -12.92
N PHE H 24 -6.17 -19.16 -14.07
CA PHE H 24 -7.39 -19.88 -14.55
C PHE H 24 -8.65 -19.64 -13.70
N PRO H 25 -9.86 -19.80 -14.31
CA PRO H 25 -11.11 -19.78 -13.54
C PRO H 25 -11.15 -20.92 -12.52
N PRO H 26 -11.82 -20.71 -11.38
CA PRO H 26 -11.84 -21.74 -10.34
C PRO H 26 -12.25 -23.09 -10.81
N SER H 27 -13.30 -23.17 -11.64
CA SER H 27 -13.79 -24.46 -12.13
C SER H 27 -12.80 -25.26 -13.01
N ALA H 28 -11.84 -24.58 -13.64
CA ALA H 28 -10.77 -25.24 -14.42
C ALA H 28 -9.90 -26.16 -13.55
N ASP H 29 -9.83 -25.87 -12.22
CA ASP H 29 -9.08 -26.66 -11.24
C ASP H 29 -9.87 -27.79 -10.54
N TYR H 30 -11.14 -28.00 -10.90
CA TYR H 30 -11.99 -28.93 -10.19
C TYR H 30 -11.47 -30.38 -10.29
N PRO H 31 -11.28 -31.07 -9.15
CA PRO H 31 -10.74 -32.43 -9.17
C PRO H 31 -11.69 -33.44 -9.81
N ASP H 32 -11.12 -34.48 -10.43
CA ASP H 32 -11.88 -35.61 -10.90
C ASP H 32 -11.94 -36.65 -9.80
N LEU H 33 -13.08 -36.69 -9.12
CA LEU H 33 -13.29 -37.54 -7.96
C LEU H 33 -14.22 -38.73 -8.25
N ARG H 34 -14.41 -39.08 -9.52
CA ARG H 34 -15.10 -40.31 -9.90
C ARG H 34 -14.35 -41.52 -9.27
N LYS H 35 -15.12 -42.45 -8.71
CA LYS H 35 -14.55 -43.68 -8.08
C LYS H 35 -13.76 -43.40 -6.77
N HIS H 36 -13.92 -42.21 -6.17
CA HIS H 36 -13.30 -41.86 -4.90
C HIS H 36 -14.35 -42.06 -3.84
N ASN H 37 -14.06 -42.91 -2.88
CA ASN H 37 -14.96 -43.21 -1.77
C ASN H 37 -14.33 -42.75 -0.45
N ASN H 38 -14.26 -41.41 -0.29
CA ASN H 38 -13.88 -40.74 0.96
C ASN H 38 -14.85 -39.60 1.25
N CYS H 39 -14.90 -39.16 2.50
CA CYS H 39 -15.86 -38.15 2.93
C CYS H 39 -15.78 -36.82 2.13
N MET H 40 -14.55 -36.34 1.91
CA MET H 40 -14.31 -35.14 1.13
C MET H 40 -14.98 -35.20 -0.24
N ALA H 41 -14.74 -36.28 -0.98
CA ALA H 41 -15.30 -36.43 -2.35
C ALA H 41 -16.82 -36.60 -2.36
N GLU H 42 -17.35 -37.15 -1.27
CA GLU H 42 -18.79 -37.28 -1.10
C GLU H 42 -19.47 -35.94 -0.77
N CYS H 43 -18.71 -34.97 -0.22
CA CYS H 43 -19.24 -33.64 0.07
C CYS H 43 -18.87 -32.52 -0.94
N LEU H 44 -17.76 -32.67 -1.68
CA LEU H 44 -17.33 -31.57 -2.57
C LEU H 44 -18.33 -31.35 -3.70
N THR H 45 -18.61 -30.09 -4.01
CA THR H 45 -19.47 -29.71 -5.16
C THR H 45 -18.78 -28.61 -5.94
N PRO H 46 -19.17 -28.40 -7.22
CA PRO H 46 -18.64 -27.29 -8.01
C PRO H 46 -18.76 -25.94 -7.35
N ALA H 47 -19.90 -25.66 -6.74
CA ALA H 47 -20.14 -24.36 -6.07
C ALA H 47 -19.20 -24.15 -4.87
N ILE H 48 -19.05 -25.17 -4.05
CA ILE H 48 -18.15 -25.09 -2.88
C ILE H 48 -16.72 -24.91 -3.33
N TYR H 49 -16.28 -25.72 -4.31
CA TYR H 49 -14.91 -25.61 -4.81
C TYR H 49 -14.63 -24.21 -5.34
N ALA H 50 -15.51 -23.72 -6.20
CA ALA H 50 -15.37 -22.35 -6.78
C ALA H 50 -15.35 -21.26 -5.74
N LYS H 51 -16.18 -21.41 -4.70
CA LYS H 51 -16.25 -20.41 -3.61
C LYS H 51 -14.97 -20.34 -2.78
N LEU H 52 -14.36 -21.51 -2.54
CA LEU H 52 -13.21 -21.61 -1.64
C LEU H 52 -11.83 -21.59 -2.31
N ARG H 53 -11.76 -21.80 -3.65
CA ARG H 53 -10.45 -22.04 -4.34
C ARG H 53 -9.41 -20.95 -4.08
N ASN H 54 -9.83 -19.70 -4.11
CA ASN H 54 -8.93 -18.56 -3.93
C ASN H 54 -8.76 -18.10 -2.47
N LYS H 55 -9.52 -18.66 -1.53
CA LYS H 55 -9.39 -18.27 -0.12
C LYS H 55 -8.10 -18.87 0.46
N VAL H 56 -7.41 -18.11 1.28
CA VAL H 56 -6.24 -18.62 1.99
C VAL H 56 -6.35 -18.31 3.45
N THR H 57 -5.68 -19.10 4.26
CA THR H 57 -5.60 -18.83 5.70
C THR H 57 -4.50 -17.79 5.92
N PRO H 58 -4.40 -17.20 7.14
CA PRO H 58 -3.31 -16.26 7.44
C PRO H 58 -1.89 -16.75 7.12
N ASN H 59 -1.62 -18.04 7.32
CA ASN H 59 -0.33 -18.65 6.97
C ASN H 59 -0.21 -19.17 5.52
N GLY H 60 -1.23 -18.91 4.68
CA GLY H 60 -1.15 -19.21 3.27
C GLY H 60 -1.62 -20.60 2.86
N TYR H 61 -2.23 -21.35 3.79
CA TYR H 61 -2.73 -22.68 3.48
C TYR H 61 -3.97 -22.58 2.56
N THR H 62 -4.10 -23.51 1.63
CA THR H 62 -5.12 -23.45 0.57
C THR H 62 -6.03 -24.64 0.59
N LEU H 63 -7.12 -24.54 -0.16
CA LEU H 63 -8.09 -25.60 -0.27
C LEU H 63 -7.48 -26.80 -0.95
N ASP H 64 -6.78 -26.57 -2.05
CA ASP H 64 -6.10 -27.64 -2.75
C ASP H 64 -5.17 -28.45 -1.83
N GLN H 65 -4.46 -27.76 -0.93
CA GLN H 65 -3.67 -28.45 0.08
C GLN H 65 -4.53 -29.28 1.03
N CYS H 66 -5.65 -28.71 1.54
CA CYS H 66 -6.57 -29.48 2.41
C CYS H 66 -7.00 -30.76 1.80
N ILE H 67 -7.44 -30.68 0.54
CA ILE H 67 -8.09 -31.85 -0.12
C ILE H 67 -7.16 -32.78 -0.86
N GLN H 68 -5.88 -32.47 -0.96
CA GLN H 68 -4.97 -33.23 -1.82
C GLN H 68 -4.97 -34.72 -1.49
N THR H 69 -4.93 -35.06 -0.19
CA THR H 69 -4.89 -36.46 0.23
C THR H 69 -6.11 -37.24 -0.21
N GLY H 70 -7.27 -36.59 -0.22
CA GLY H 70 -8.48 -37.18 -0.74
C GLY H 70 -8.53 -37.31 -2.25
N VAL H 71 -7.92 -36.37 -2.95
CA VAL H 71 -7.81 -36.43 -4.41
C VAL H 71 -6.91 -37.63 -4.77
N ASP H 72 -5.75 -37.74 -4.09
CA ASP H 72 -4.77 -38.80 -4.38
C ASP H 72 -5.12 -40.20 -3.81
N ASN H 73 -5.96 -40.28 -2.75
CA ASN H 73 -6.33 -41.58 -2.13
C ASN H 73 -7.84 -41.83 -2.28
N PRO H 74 -8.26 -42.51 -3.38
CA PRO H 74 -9.71 -42.72 -3.61
C PRO H 74 -10.35 -43.69 -2.62
N GLY H 75 -9.55 -44.60 -2.06
CA GLY H 75 -9.99 -45.47 -0.98
C GLY H 75 -8.86 -45.77 -0.02
N HIS H 76 -9.15 -46.67 0.92
CA HIS H 76 -8.16 -47.22 1.86
C HIS H 76 -8.58 -48.69 2.09
N PRO H 77 -7.60 -49.64 2.22
CA PRO H 77 -7.99 -51.09 2.30
C PRO H 77 -8.93 -51.48 3.48
N PHE H 78 -8.74 -50.86 4.66
CA PHE H 78 -9.40 -51.31 5.92
C PHE H 78 -10.50 -50.39 6.52
N ILE H 79 -10.41 -49.07 6.29
CA ILE H 79 -11.32 -48.07 6.91
C ILE H 79 -11.80 -47.05 5.88
N LYS H 80 -12.87 -46.31 6.21
CA LYS H 80 -13.33 -45.19 5.39
C LYS H 80 -12.60 -43.91 5.80
N THR H 81 -11.96 -43.26 4.84
CA THR H 81 -11.12 -42.09 5.11
C THR H 81 -11.88 -40.80 4.91
N VAL H 82 -11.34 -39.74 5.50
CA VAL H 82 -11.91 -38.40 5.43
C VAL H 82 -11.55 -37.69 4.09
N GLY H 83 -10.32 -37.84 3.66
CA GLY H 83 -9.86 -37.25 2.40
C GLY H 83 -9.56 -35.75 2.45
N MET H 84 -9.38 -35.19 3.63
CA MET H 84 -8.90 -33.83 3.76
C MET H 84 -8.30 -33.61 5.14
N VAL H 85 -7.45 -32.59 5.21
CA VAL H 85 -6.76 -32.23 6.45
C VAL H 85 -6.76 -30.73 6.63
N ALA H 86 -6.55 -30.28 7.85
CA ALA H 86 -6.34 -28.85 8.13
C ALA H 86 -4.85 -28.57 8.25
N GLY H 87 -4.41 -27.42 7.73
CA GLY H 87 -3.03 -27.02 7.83
C GLY H 87 -2.78 -26.14 9.04
N ASP H 88 -3.85 -25.53 9.53
CA ASP H 88 -3.79 -24.67 10.71
C ASP H 88 -5.15 -24.58 11.34
N GLU H 89 -5.22 -23.92 12.49
CA GLU H 89 -6.49 -23.73 13.19
C GLU H 89 -7.51 -23.03 12.30
N GLU H 90 -7.03 -22.02 11.55
CA GLU H 90 -7.88 -21.17 10.72
C GLU H 90 -8.51 -21.91 9.51
N SER H 91 -7.90 -23.04 9.08
CA SER H 91 -8.43 -23.86 7.96
C SER H 91 -9.89 -24.28 8.17
N TYR H 92 -10.22 -24.63 9.42
CA TYR H 92 -11.58 -25.03 9.77
C TYR H 92 -12.61 -23.90 9.58
N GLU H 93 -12.21 -22.66 9.83
CA GLU H 93 -13.10 -21.51 9.67
C GLU H 93 -13.15 -21.11 8.17
N VAL H 94 -11.97 -20.91 7.58
CA VAL H 94 -11.84 -20.44 6.18
C VAL H 94 -12.49 -21.44 5.22
N PHE H 95 -12.27 -22.74 5.44
CA PHE H 95 -12.86 -23.79 4.58
C PHE H 95 -14.04 -24.53 5.22
N ALA H 96 -14.78 -23.83 6.11
CA ALA H 96 -15.96 -24.36 6.79
C ALA H 96 -17.02 -24.92 5.84
N ASP H 97 -17.23 -24.26 4.71
CA ASP H 97 -18.19 -24.77 3.73
C ASP H 97 -17.87 -26.15 3.18
N LEU H 98 -16.63 -26.62 3.29
CA LEU H 98 -16.33 -28.04 3.02
C LEU H 98 -16.15 -28.89 4.28
N PHE H 99 -15.42 -28.38 5.27
CA PHE H 99 -15.23 -29.11 6.55
C PHE H 99 -16.55 -29.44 7.27
N ASP H 100 -17.50 -28.50 7.29
CA ASP H 100 -18.73 -28.68 8.08
C ASP H 100 -19.54 -29.87 7.60
N PRO H 101 -19.81 -29.98 6.27
CA PRO H 101 -20.49 -31.20 5.83
C PRO H 101 -19.66 -32.48 5.96
N VAL H 102 -18.33 -32.40 5.73
CA VAL H 102 -17.45 -33.58 5.92
C VAL H 102 -17.51 -34.07 7.38
N ILE H 103 -17.46 -33.12 8.33
CA ILE H 103 -17.58 -33.42 9.77
C ILE H 103 -18.92 -34.10 10.07
N LYS H 104 -20.01 -33.59 9.51
CA LYS H 104 -21.34 -34.16 9.69
C LYS H 104 -21.43 -35.57 9.17
N LEU H 105 -20.86 -35.82 8.00
CA LEU H 105 -20.83 -37.14 7.40
C LEU H 105 -19.93 -38.12 8.19
N ARG H 106 -18.79 -37.63 8.67
CA ARG H 106 -17.83 -38.51 9.36
C ARG H 106 -18.28 -38.89 10.79
N HIS H 107 -19.01 -38.00 11.46
CA HIS H 107 -19.36 -38.17 12.86
C HIS H 107 -20.86 -38.37 13.10
N ASN H 108 -21.50 -39.13 12.20
CA ASN H 108 -22.87 -39.57 12.37
C ASN H 108 -23.86 -38.44 12.77
N GLY H 109 -23.80 -37.32 12.06
CA GLY H 109 -24.78 -36.25 12.17
C GLY H 109 -24.41 -35.06 13.02
N TYR H 110 -23.26 -35.12 13.73
CA TYR H 110 -22.79 -33.92 14.45
C TYR H 110 -22.56 -32.79 13.44
N ASP H 111 -23.32 -31.72 13.59
CA ASP H 111 -23.28 -30.60 12.68
C ASP H 111 -22.72 -29.42 13.45
N PRO H 112 -21.47 -29.02 13.15
CA PRO H 112 -20.84 -27.93 13.88
C PRO H 112 -21.37 -26.53 13.54
N ARG H 113 -22.20 -26.41 12.50
CA ARG H 113 -22.93 -25.16 12.24
C ARG H 113 -24.04 -24.89 13.30
N VAL H 114 -24.64 -25.97 13.81
CA VAL H 114 -25.79 -25.87 14.75
C VAL H 114 -25.44 -26.27 16.20
N MET H 115 -24.64 -27.32 16.35
CA MET H 115 -24.36 -27.94 17.65
C MET H 115 -23.09 -27.41 18.32
N LYS H 116 -22.91 -27.78 19.58
CA LYS H 116 -21.72 -27.50 20.38
C LYS H 116 -21.20 -28.80 20.95
N HIS H 117 -19.92 -28.86 21.29
CA HIS H 117 -19.30 -30.12 21.79
C HIS H 117 -18.93 -29.98 23.26
N THR H 118 -19.29 -30.97 24.05
CA THR H 118 -19.03 -30.97 25.50
C THR H 118 -17.83 -31.87 25.84
N THR H 119 -16.85 -31.28 26.55
CA THR H 119 -15.70 -32.01 27.09
C THR H 119 -16.04 -32.51 28.51
N ASP H 120 -15.67 -33.75 28.81
CA ASP H 120 -15.81 -34.29 30.17
C ASP H 120 -14.71 -35.32 30.47
N LEU H 121 -13.66 -34.88 31.17
CA LEU H 121 -12.53 -35.74 31.58
C LEU H 121 -12.60 -36.18 33.06
N ASP H 122 -13.82 -36.43 33.54
CA ASP H 122 -14.06 -36.86 34.90
C ASP H 122 -14.05 -38.39 34.89
N ALA H 123 -12.89 -38.96 35.14
CA ALA H 123 -12.71 -40.42 35.12
C ALA H 123 -13.58 -41.16 36.16
N SER H 124 -13.86 -40.50 37.29
CA SER H 124 -14.72 -41.07 38.34
C SER H 124 -16.14 -41.44 37.89
N LYS H 125 -16.62 -40.86 36.78
CA LYS H 125 -17.94 -41.24 36.20
C LYS H 125 -17.94 -42.63 35.56
N ILE H 126 -16.77 -43.14 35.18
CA ILE H 126 -16.64 -44.54 34.77
C ILE H 126 -16.48 -45.36 36.06
N THR H 127 -17.59 -45.95 36.51
CA THR H 127 -17.68 -46.69 37.77
C THR H 127 -17.10 -48.11 37.67
N GLN H 128 -17.21 -48.74 36.49
CA GLN H 128 -16.63 -50.06 36.24
C GLN H 128 -16.16 -50.22 34.79
N GLY H 129 -15.02 -50.89 34.61
CA GLY H 129 -14.51 -51.22 33.29
C GLY H 129 -13.36 -52.20 33.35
N GLN H 130 -13.69 -53.45 33.71
CA GLN H 130 -12.79 -54.59 33.58
C GLN H 130 -13.39 -55.60 32.57
N PHE H 131 -12.70 -55.80 31.44
CA PHE H 131 -13.07 -56.81 30.45
C PHE H 131 -12.49 -58.18 30.84
N ASP H 132 -13.12 -59.24 30.31
CA ASP H 132 -12.60 -60.62 30.45
C ASP H 132 -11.23 -60.73 29.77
N GLU H 133 -10.19 -61.02 30.56
CA GLU H 133 -8.80 -61.05 30.05
C GLU H 133 -8.42 -62.33 29.25
N HIS H 134 -9.34 -63.30 29.14
CA HIS H 134 -9.16 -64.42 28.19
C HIS H 134 -9.30 -63.96 26.74
N TYR H 135 -10.03 -62.85 26.52
CA TYR H 135 -10.23 -62.25 25.19
C TYR H 135 -9.44 -60.93 24.99
N VAL H 136 -9.58 -59.99 25.93
CA VAL H 136 -8.92 -58.67 25.83
C VAL H 136 -7.45 -58.75 26.25
N LEU H 137 -6.55 -58.63 25.26
CA LEU H 137 -5.09 -58.68 25.49
C LEU H 137 -4.50 -57.31 25.93
N SER H 138 -5.17 -56.21 25.58
CA SER H 138 -4.74 -54.86 26.00
C SER H 138 -5.89 -53.85 25.89
N SER H 139 -5.78 -52.76 26.66
CA SER H 139 -6.72 -51.62 26.59
C SER H 139 -5.92 -50.35 26.40
N ARG H 140 -6.49 -49.39 25.66
CA ARG H 140 -5.77 -48.16 25.28
C ARG H 140 -6.75 -47.04 25.10
N VAL H 141 -6.36 -45.85 25.56
CA VAL H 141 -7.09 -44.62 25.27
C VAL H 141 -6.07 -43.61 24.74
N ARG H 142 -6.37 -43.01 23.59
CA ARG H 142 -5.55 -41.93 23.06
C ARG H 142 -6.38 -40.74 22.68
N THR H 143 -5.77 -39.57 22.78
CA THR H 143 -6.31 -38.35 22.18
C THR H 143 -5.15 -37.62 21.48
N GLY H 144 -5.44 -36.42 20.97
CA GLY H 144 -4.40 -35.50 20.51
C GLY H 144 -4.67 -34.11 20.96
N ARG H 145 -3.61 -33.30 21.00
CA ARG H 145 -3.71 -31.88 21.24
C ARG H 145 -2.78 -31.10 20.30
N SER H 146 -3.23 -29.90 19.89
CA SER H 146 -2.48 -28.97 19.07
C SER H 146 -2.22 -27.71 19.88
N ILE H 147 -0.99 -27.21 19.79
CA ILE H 147 -0.56 -25.95 20.33
C ILE H 147 -0.96 -24.75 19.43
N ARG H 148 -1.82 -23.86 19.95
CA ARG H 148 -2.27 -22.67 19.21
C ARG H 148 -1.08 -21.77 18.84
N GLY H 149 -1.15 -21.19 17.64
CA GLY H 149 -0.10 -20.29 17.14
C GLY H 149 0.93 -20.98 16.24
N LEU H 150 0.85 -22.32 16.13
CA LEU H 150 1.78 -23.13 15.31
C LEU H 150 1.00 -23.94 14.33
N SER H 151 1.42 -23.95 13.08
CA SER H 151 0.71 -24.74 12.05
C SER H 151 0.73 -26.23 12.35
N LEU H 152 -0.25 -26.93 11.78
CA LEU H 152 -0.43 -28.35 11.96
C LEU H 152 0.54 -29.09 11.02
N PRO H 153 0.75 -30.43 11.24
CA PRO H 153 1.68 -31.22 10.44
C PRO H 153 1.63 -31.11 8.91
N PRO H 154 0.42 -30.95 8.30
CA PRO H 154 0.40 -30.80 6.84
C PRO H 154 1.15 -29.59 6.30
N ALA H 155 1.30 -28.54 7.11
CA ALA H 155 1.78 -27.25 6.66
C ALA H 155 2.97 -26.68 7.42
N CYS H 156 3.29 -27.22 8.61
CA CYS H 156 4.31 -26.59 9.44
C CYS H 156 5.68 -26.57 8.75
N THR H 157 6.42 -25.49 8.97
CA THR H 157 7.80 -25.39 8.54
C THR H 157 8.69 -26.13 9.56
N ARG H 158 9.96 -26.33 9.21
CA ARG H 158 10.89 -26.98 10.15
C ARG H 158 10.98 -26.23 11.48
N ALA H 159 11.05 -24.89 11.42
CA ALA H 159 11.08 -24.05 12.61
C ALA H 159 9.80 -24.17 13.49
N GLU H 160 8.62 -24.28 12.86
CA GLU H 160 7.36 -24.49 13.61
C GLU H 160 7.35 -25.84 14.30
N ARG H 161 7.73 -26.87 13.57
CA ARG H 161 7.76 -28.21 14.11
C ARG H 161 8.76 -28.30 15.31
N ARG H 162 9.95 -27.73 15.12
CA ARG H 162 10.94 -27.66 16.20
C ARG H 162 10.46 -26.91 17.43
N GLU H 163 9.69 -25.82 17.22
CA GLU H 163 9.10 -25.10 18.33
C GLU H 163 8.09 -25.99 19.10
N VAL H 164 7.26 -26.76 18.39
CA VAL H 164 6.32 -27.69 19.06
C VAL H 164 7.09 -28.71 19.94
N GLU H 165 8.19 -29.22 19.41
CA GLU H 165 9.01 -30.15 20.15
C GLU H 165 9.55 -29.51 21.44
N ASN H 166 10.09 -28.28 21.31
CA ASN H 166 10.61 -27.57 22.48
CA ASN H 166 10.61 -27.56 22.47
C ASN H 166 9.53 -27.29 23.55
N VAL H 167 8.35 -26.87 23.12
CA VAL H 167 7.23 -26.64 24.05
C VAL H 167 6.82 -27.94 24.77
N ALA H 168 6.65 -29.02 24.00
CA ALA H 168 6.35 -30.34 24.58
C ALA H 168 7.46 -30.85 25.52
N ILE H 169 8.72 -30.84 25.09
CA ILE H 169 9.87 -31.28 25.94
C ILE H 169 9.88 -30.57 27.29
N THR H 170 9.82 -29.24 27.23
CA THR H 170 9.90 -28.38 28.39
C THR H 170 8.75 -28.65 29.35
N ALA H 171 7.53 -28.64 28.83
CA ALA H 171 6.34 -28.89 29.63
C ALA H 171 6.38 -30.28 30.32
N LEU H 172 6.74 -31.31 29.56
CA LEU H 172 6.70 -32.69 30.08
C LEU H 172 7.78 -33.01 31.14
N GLU H 173 8.86 -32.22 31.19
CA GLU H 173 9.83 -32.31 32.32
C GLU H 173 9.19 -32.04 33.72
N GLY H 174 8.09 -31.27 33.74
CA GLY H 174 7.35 -30.98 34.99
C GLY H 174 6.44 -32.08 35.52
N LEU H 175 6.31 -33.20 34.80
CA LEU H 175 5.46 -34.32 35.27
C LEU H 175 6.13 -35.02 36.45
N LYS H 176 5.33 -35.44 37.41
CA LYS H 176 5.82 -36.03 38.68
C LYS H 176 5.26 -37.44 38.92
N GLY H 177 5.88 -38.16 39.87
CA GLY H 177 5.33 -39.44 40.36
C GLY H 177 5.30 -40.55 39.31
N ASP H 178 4.17 -41.26 39.20
CA ASP H 178 4.02 -42.33 38.19
C ASP H 178 3.97 -41.80 36.69
N LEU H 179 3.88 -40.47 36.50
CA LEU H 179 3.89 -39.84 35.18
C LEU H 179 5.23 -39.22 34.83
N ALA H 180 6.22 -39.27 35.73
CA ALA H 180 7.57 -38.80 35.39
C ALA H 180 8.13 -39.67 34.29
N GLY H 181 8.81 -39.06 33.33
CA GLY H 181 9.23 -39.75 32.13
C GLY H 181 10.44 -39.14 31.49
N ARG H 182 10.75 -39.62 30.29
CA ARG H 182 11.90 -39.15 29.50
CA ARG H 182 11.88 -39.13 29.51
C ARG H 182 11.49 -39.00 28.04
N TYR H 183 12.03 -37.97 27.37
CA TYR H 183 11.80 -37.71 25.95
C TYR H 183 12.92 -38.32 25.14
N TYR H 184 12.55 -39.05 24.08
CA TYR H 184 13.51 -39.60 23.12
C TYR H 184 13.26 -38.96 21.74
N LYS H 185 14.26 -38.26 21.22
CA LYS H 185 14.26 -37.79 19.83
C LYS H 185 14.44 -39.00 18.93
N LEU H 186 13.61 -39.09 17.88
CA LEU H 186 13.82 -40.13 16.88
C LEU H 186 15.16 -39.97 16.15
N SER H 187 15.60 -38.73 15.96
CA SER H 187 16.91 -38.47 15.31
C SER H 187 18.13 -39.02 16.12
N GLU H 188 18.00 -39.11 17.46
CA GLU H 188 19.07 -39.68 18.35
C GLU H 188 18.89 -41.19 18.61
N MET H 189 17.66 -41.69 18.49
CA MET H 189 17.34 -43.10 18.76
C MET H 189 17.79 -44.02 17.62
N THR H 190 18.33 -45.21 17.98
CA THR H 190 18.80 -46.19 16.98
C THR H 190 17.62 -46.83 16.22
N GLU H 191 17.92 -47.36 15.04
CA GLU H 191 16.91 -47.98 14.18
C GLU H 191 16.22 -49.21 14.82
N GLN H 192 16.99 -50.03 15.55
CA GLN H 192 16.43 -51.23 16.23
C GLN H 192 15.66 -50.90 17.52
N ASP H 193 16.09 -49.86 18.24
CA ASP H 193 15.29 -49.34 19.40
C ASP H 193 13.90 -48.80 18.96
N GLN H 194 13.84 -48.10 17.80
CA GLN H 194 12.54 -47.65 17.19
C GLN H 194 11.65 -48.80 16.85
N GLN H 195 12.23 -49.78 16.14
CA GLN H 195 11.48 -50.98 15.68
C GLN H 195 10.90 -51.81 16.84
N ARG H 196 11.71 -51.98 17.90
CA ARG H 196 11.28 -52.65 19.14
C ARG H 196 10.03 -51.97 19.75
N LEU H 197 10.07 -50.63 19.84
CA LEU H 197 8.92 -49.84 20.32
C LEU H 197 7.69 -49.96 19.43
N ILE H 198 7.91 -49.98 18.11
CA ILE H 198 6.82 -50.15 17.12
C ILE H 198 6.17 -51.52 17.23
N ASP H 199 7.00 -52.58 17.34
CA ASP H 199 6.49 -53.97 17.46
C ASP H 199 5.68 -54.18 18.73
N ASP H 200 6.11 -53.54 19.82
CA ASP H 200 5.39 -53.59 21.12
C ASP H 200 4.26 -52.55 21.26
N HIS H 201 3.92 -51.87 20.14
CA HIS H 201 2.73 -50.97 20.06
C HIS H 201 2.88 -49.65 20.86
N PHE H 202 4.12 -49.26 21.17
CA PHE H 202 4.39 -48.02 21.93
C PHE H 202 4.75 -46.82 21.02
N LEU H 203 5.30 -47.06 19.82
CA LEU H 203 5.73 -46.00 18.91
C LEU H 203 5.00 -46.09 17.55
N PHE H 204 4.67 -44.91 17.00
CA PHE H 204 4.08 -44.76 15.64
C PHE H 204 4.94 -45.37 14.54
N ASP H 205 4.28 -45.89 13.50
CA ASP H 205 4.97 -46.39 12.31
C ASP H 205 5.65 -45.23 11.55
N LYS H 206 6.67 -45.56 10.74
CA LYS H 206 7.27 -44.55 9.84
C LYS H 206 6.16 -44.07 8.90
N PRO H 207 6.17 -42.78 8.53
CA PRO H 207 5.07 -42.28 7.73
C PRO H 207 5.22 -42.70 6.25
N VAL H 208 4.85 -43.95 5.96
CA VAL H 208 4.78 -44.49 4.55
C VAL H 208 3.35 -44.55 4.02
N SER H 209 2.35 -44.44 4.90
CA SER H 209 0.95 -44.41 4.48
C SER H 209 0.74 -43.28 3.44
N PRO H 210 0.09 -43.59 2.31
CA PRO H 210 -0.13 -42.50 1.32
C PRO H 210 -1.10 -41.40 1.81
N LEU H 211 -1.98 -41.75 2.77
CA LEU H 211 -2.84 -40.77 3.46
C LEU H 211 -2.01 -39.65 4.10
N LEU H 212 -0.90 -40.05 4.72
CA LEU H 212 0.02 -39.12 5.39
C LEU H 212 1.01 -38.41 4.43
N THR H 213 1.62 -39.14 3.51
CA THR H 213 2.59 -38.54 2.57
C THR H 213 1.93 -37.53 1.61
N CYS H 214 0.77 -37.88 1.07
CA CYS H 214 0.01 -36.97 0.17
C CYS H 214 -0.57 -35.75 0.91
N ALA H 215 -0.72 -35.84 2.25
CA ALA H 215 -1.14 -34.70 3.09
C ALA H 215 0.04 -33.77 3.49
N GLY H 216 1.26 -34.09 3.05
CA GLY H 216 2.44 -33.29 3.39
C GLY H 216 2.94 -33.52 4.82
N MET H 217 2.58 -34.66 5.42
CA MET H 217 2.87 -34.91 6.85
C MET H 217 4.16 -35.72 7.09
N ALA H 218 4.83 -36.17 6.03
CA ALA H 218 6.11 -36.87 6.18
C ALA H 218 7.31 -35.97 5.89
N ARG H 219 7.11 -34.66 5.71
CA ARG H 219 8.21 -33.79 5.34
C ARG H 219 9.27 -33.73 6.46
N ASP H 220 10.54 -33.77 6.05
CA ASP H 220 11.70 -33.59 6.93
C ASP H 220 11.88 -34.75 7.96
N TRP H 221 11.17 -35.88 7.79
CA TRP H 221 11.15 -36.95 8.79
C TRP H 221 12.56 -37.57 8.92
N PRO H 222 13.09 -37.79 10.14
CA PRO H 222 12.37 -37.69 11.42
C PRO H 222 12.62 -36.38 12.21
N ASP H 223 12.97 -35.29 11.53
CA ASP H 223 13.35 -34.06 12.21
C ASP H 223 12.24 -33.61 13.17
N ALA H 224 12.63 -33.36 14.43
CA ALA H 224 11.73 -32.90 15.49
C ALA H 224 10.58 -33.84 15.84
N ARG H 225 10.68 -35.12 15.44
CA ARG H 225 9.72 -36.12 15.85
C ARG H 225 10.29 -36.85 17.05
N GLY H 226 9.41 -37.35 17.91
CA GLY H 226 9.86 -38.05 19.09
C GLY H 226 8.79 -38.73 19.86
N ILE H 227 9.25 -39.47 20.87
CA ILE H 227 8.37 -40.14 21.82
C ILE H 227 8.81 -39.82 23.23
N TRP H 228 7.84 -39.45 24.06
CA TRP H 228 8.06 -39.31 25.48
C TRP H 228 7.28 -40.44 26.15
N HIS H 229 7.83 -41.00 27.24
CA HIS H 229 7.04 -41.96 28.07
C HIS H 229 7.52 -42.07 29.51
N ASN H 230 6.60 -42.47 30.40
CA ASN H 230 6.98 -42.81 31.78
C ASN H 230 7.74 -44.13 31.76
N TYR H 231 8.42 -44.44 32.85
N TYR H 231 8.44 -44.45 32.86
CA TYR H 231 9.31 -45.60 32.89
CA TYR H 231 9.30 -45.66 32.88
C TYR H 231 8.55 -46.94 32.66
C TYR H 231 8.51 -46.93 32.58
N ASP H 232 7.33 -47.05 33.17
CA ASP H 232 6.46 -48.23 32.94
C ASP H 232 5.79 -48.32 31.55
N LYS H 233 5.92 -47.25 30.72
CA LYS H 233 5.33 -47.23 29.37
C LYS H 233 3.81 -47.46 29.41
N THR H 234 3.16 -46.88 30.44
CA THR H 234 1.70 -46.88 30.58
C THR H 234 1.08 -45.54 30.16
N PHE H 235 1.91 -44.49 30.13
CA PHE H 235 1.51 -43.16 29.66
C PHE H 235 2.58 -42.69 28.68
N LEU H 236 2.15 -42.47 27.43
CA LEU H 236 3.09 -42.19 26.31
C LEU H 236 2.59 -41.00 25.49
N ILE H 237 3.54 -40.25 24.95
CA ILE H 237 3.22 -39.09 24.12
C ILE H 237 4.07 -39.15 22.86
N TRP H 238 3.41 -39.08 21.70
CA TRP H 238 4.08 -38.99 20.39
C TRP H 238 4.10 -37.54 19.95
N ILE H 239 5.28 -37.04 19.59
CA ILE H 239 5.47 -35.64 19.26
C ILE H 239 5.63 -35.49 17.75
N ASN H 240 4.79 -34.63 17.15
CA ASN H 240 4.94 -34.18 15.77
C ASN H 240 4.79 -35.26 14.68
N GLU H 241 4.06 -36.34 14.96
CA GLU H 241 3.81 -37.35 13.95
C GLU H 241 2.47 -37.09 13.26
N GLU H 242 1.37 -37.59 13.81
CA GLU H 242 0.05 -37.43 13.20
C GLU H 242 -0.54 -36.07 13.57
N ASP H 243 0.03 -35.46 14.61
CA ASP H 243 -0.45 -34.26 15.21
C ASP H 243 0.72 -33.71 16.02
N HIS H 244 0.56 -32.54 16.58
CA HIS H 244 1.57 -31.98 17.49
C HIS H 244 1.85 -32.95 18.66
N THR H 245 0.80 -33.41 19.32
CA THR H 245 0.92 -34.43 20.36
C THR H 245 -0.19 -35.46 20.18
N ARG H 246 0.16 -36.72 20.41
CA ARG H 246 -0.81 -37.77 20.66
C ARG H 246 -0.52 -38.30 22.06
N VAL H 247 -1.53 -38.27 22.92
CA VAL H 247 -1.36 -38.64 24.32
C VAL H 247 -2.04 -39.99 24.51
N ILE H 248 -1.28 -40.98 25.01
CA ILE H 248 -1.71 -42.37 25.06
C ILE H 248 -1.58 -42.93 26.50
N SER H 249 -2.66 -43.53 26.99
CA SER H 249 -2.64 -44.36 28.17
C SER H 249 -2.97 -45.77 27.74
N MET H 250 -2.09 -46.73 28.06
CA MET H 250 -2.34 -48.13 27.72
C MET H 250 -1.70 -49.11 28.70
N GLU H 251 -2.22 -50.34 28.70
CA GLU H 251 -1.59 -51.46 29.45
C GLU H 251 -2.10 -52.83 28.95
N LYS H 252 -1.38 -53.88 29.35
CA LYS H 252 -1.83 -55.28 29.11
C LYS H 252 -3.08 -55.57 29.94
N GLY H 253 -3.93 -56.45 29.43
CA GLY H 253 -5.16 -56.80 30.10
C GLY H 253 -6.31 -55.88 29.77
N GLY H 254 -7.35 -55.93 30.60
CA GLY H 254 -8.64 -55.33 30.27
C GLY H 254 -9.20 -54.37 31.31
N ASN H 255 -8.33 -53.75 32.11
CA ASN H 255 -8.77 -52.75 33.09
C ASN H 255 -8.87 -51.33 32.46
N MET H 256 -9.93 -51.14 31.65
CA MET H 256 -10.20 -49.88 30.96
C MET H 256 -10.47 -48.72 31.92
N LYS H 257 -11.19 -48.99 33.02
CA LYS H 257 -11.43 -47.98 34.08
C LYS H 257 -10.12 -47.36 34.61
N ARG H 258 -9.11 -48.18 34.86
CA ARG H 258 -7.80 -47.69 35.36
C ARG H 258 -7.01 -46.95 34.27
N VAL H 259 -7.11 -47.45 33.04
CA VAL H 259 -6.44 -46.82 31.90
C VAL H 259 -6.98 -45.41 31.69
N PHE H 260 -8.30 -45.28 31.70
CA PHE H 260 -8.96 -43.98 31.57
C PHE H 260 -8.69 -43.07 32.73
N GLU H 261 -8.59 -43.63 33.94
CA GLU H 261 -8.24 -42.81 35.12
C GLU H 261 -6.82 -42.21 34.96
N ARG H 262 -5.87 -43.02 34.54
CA ARG H 262 -4.50 -42.53 34.26
C ARG H 262 -4.49 -41.54 33.08
N PHE H 263 -5.29 -41.83 32.05
CA PHE H 263 -5.45 -40.93 30.88
C PHE H 263 -5.90 -39.55 31.30
N CYS H 264 -6.98 -39.49 32.10
CA CYS H 264 -7.58 -38.22 32.51
C CYS H 264 -6.63 -37.42 33.40
N ARG H 265 -5.96 -38.11 34.32
CA ARG H 265 -5.06 -37.49 35.24
C ARG H 265 -3.84 -36.93 34.53
N GLY H 266 -3.26 -37.74 33.66
CA GLY H 266 -2.07 -37.34 32.89
C GLY H 266 -2.33 -36.18 31.94
N LEU H 267 -3.48 -36.22 31.26
CA LEU H 267 -3.86 -35.22 30.28
C LEU H 267 -4.02 -33.86 30.97
N LYS H 268 -4.81 -33.83 32.05
CA LYS H 268 -5.03 -32.58 32.81
C LYS H 268 -3.75 -31.95 33.33
N GLU H 269 -2.82 -32.79 33.78
CA GLU H 269 -1.53 -32.30 34.23
C GLU H 269 -0.68 -31.79 33.05
N VAL H 270 -0.76 -32.48 31.90
CA VAL H 270 -0.10 -32.01 30.68
C VAL H 270 -0.67 -30.64 30.25
N GLU H 271 -2.00 -30.49 30.25
CA GLU H 271 -2.65 -29.22 29.88
CA GLU H 271 -2.65 -29.23 29.87
C GLU H 271 -2.15 -28.10 30.77
N ARG H 272 -2.10 -28.37 32.10
CA ARG H 272 -1.65 -27.38 33.10
C ARG H 272 -0.20 -26.93 32.87
N LEU H 273 0.70 -27.88 32.64
CA LEU H 273 2.12 -27.55 32.46
C LEU H 273 2.38 -26.73 31.18
N ILE H 274 1.64 -27.03 30.13
CA ILE H 274 1.72 -26.25 28.87
C ILE H 274 1.19 -24.82 29.07
N GLN H 275 0.09 -24.70 29.80
CA GLN H 275 -0.52 -23.37 30.07
C GLN H 275 0.29 -22.50 30.98
N GLU H 276 1.03 -23.12 31.90
CA GLU H 276 1.92 -22.41 32.80
C GLU H 276 2.99 -21.63 32.03
N ARG H 277 3.50 -22.21 30.94
CA ARG H 277 4.48 -21.54 30.07
C ARG H 277 3.86 -20.54 29.07
N GLY H 278 2.52 -20.38 29.07
CA GLY H 278 1.84 -19.37 28.24
C GLY H 278 1.17 -19.88 26.97
N TRP H 279 1.23 -21.17 26.70
CA TRP H 279 0.65 -21.73 25.50
C TRP H 279 -0.81 -22.14 25.73
N GLU H 280 -1.63 -22.07 24.67
CA GLU H 280 -3.04 -22.56 24.69
C GLU H 280 -3.15 -23.71 23.72
N PHE H 281 -4.16 -24.56 23.94
CA PHE H 281 -4.55 -25.55 22.95
C PHE H 281 -5.52 -24.97 21.93
N MET H 282 -5.50 -25.53 20.73
CA MET H 282 -6.47 -25.20 19.73
C MET H 282 -7.77 -25.84 20.17
N TRP H 283 -8.78 -25.01 20.44
CA TRP H 283 -10.09 -25.45 20.89
C TRP H 283 -11.14 -24.36 20.56
N ASN H 284 -12.34 -24.80 20.19
CA ASN H 284 -13.51 -23.95 20.28
C ASN H 284 -14.74 -24.80 20.59
N GLU H 285 -15.85 -24.12 20.86
CA GLU H 285 -17.06 -24.79 21.40
C GLU H 285 -17.84 -25.59 20.35
N ARG H 286 -17.59 -25.29 19.06
CA ARG H 286 -18.26 -26.01 17.95
C ARG H 286 -17.47 -27.29 17.58
N LEU H 287 -16.13 -27.18 17.57
CA LEU H 287 -15.29 -28.29 17.11
C LEU H 287 -14.60 -29.06 18.21
N GLY H 288 -14.67 -28.56 19.45
CA GLY H 288 -13.91 -29.12 20.56
C GLY H 288 -12.44 -28.86 20.29
N TYR H 289 -11.60 -29.85 20.59
CA TYR H 289 -10.16 -29.76 20.34
C TYR H 289 -9.86 -29.96 18.84
N ILE H 290 -8.96 -29.12 18.33
CA ILE H 290 -8.69 -29.05 16.91
C ILE H 290 -7.43 -29.84 16.62
N LEU H 291 -7.54 -30.77 15.67
CA LEU H 291 -6.46 -31.63 15.23
C LEU H 291 -6.42 -31.65 13.68
N THR H 292 -5.44 -32.35 13.13
CA THR H 292 -5.19 -32.34 11.69
C THR H 292 -6.32 -32.91 10.86
N CYS H 293 -6.77 -34.10 11.24
CA CYS H 293 -7.83 -34.79 10.51
C CYS H 293 -9.20 -34.53 11.16
N PRO H 294 -10.24 -34.26 10.35
CA PRO H 294 -11.60 -34.07 10.91
C PRO H 294 -12.18 -35.26 11.67
N SER H 295 -11.68 -36.47 11.41
CA SER H 295 -12.09 -37.64 12.16
C SER H 295 -11.70 -37.56 13.64
N ASN H 296 -10.70 -36.72 13.98
CA ASN H 296 -10.22 -36.58 15.35
C ASN H 296 -10.64 -35.30 16.08
N LEU H 297 -11.73 -34.65 15.63
CA LEU H 297 -12.18 -33.42 16.30
C LEU H 297 -12.96 -33.74 17.58
N GLY H 298 -13.29 -32.69 18.34
CA GLY H 298 -14.10 -32.84 19.56
C GLY H 298 -13.28 -33.31 20.73
N THR H 299 -13.23 -34.64 20.90
CA THR H 299 -12.45 -35.31 21.94
C THR H 299 -11.14 -35.81 21.43
N GLY H 300 -11.08 -36.12 20.13
CA GLY H 300 -9.92 -36.81 19.52
C GLY H 300 -9.70 -38.19 20.05
N LEU H 301 -10.70 -38.73 20.73
CA LEU H 301 -10.50 -39.85 21.61
C LEU H 301 -10.83 -41.14 20.91
N ARG H 302 -9.86 -42.06 20.93
CA ARG H 302 -10.06 -43.39 20.45
C ARG H 302 -9.69 -44.32 21.59
N ALA H 303 -10.72 -44.90 22.21
CA ALA H 303 -10.59 -45.86 23.29
C ALA H 303 -10.91 -47.19 22.72
N GLY H 304 -10.06 -48.16 23.01
CA GLY H 304 -10.24 -49.48 22.48
C GLY H 304 -9.33 -50.54 23.03
N VAL H 305 -9.38 -51.70 22.38
CA VAL H 305 -8.73 -52.93 22.87
C VAL H 305 -8.19 -53.77 21.74
N HIS H 306 -7.22 -54.62 22.05
CA HIS H 306 -6.93 -55.78 21.22
C HIS H 306 -7.76 -56.93 21.79
N VAL H 307 -8.67 -57.47 20.96
CA VAL H 307 -9.64 -58.49 21.41
C VAL H 307 -9.69 -59.72 20.44
N ARG H 308 -9.49 -60.92 21.00
CA ARG H 308 -9.49 -62.17 20.23
C ARG H 308 -10.93 -62.61 19.93
N ILE H 309 -11.31 -62.60 18.65
CA ILE H 309 -12.68 -62.91 18.22
C ILE H 309 -12.71 -63.74 16.90
N PRO H 310 -12.15 -64.98 16.94
CA PRO H 310 -12.11 -65.82 15.73
C PRO H 310 -13.51 -66.23 15.21
N LYS H 311 -14.40 -66.63 16.13
CA LYS H 311 -15.77 -67.06 15.76
C LYS H 311 -16.67 -65.87 15.31
N LEU H 312 -16.54 -64.71 15.95
CA LEU H 312 -17.39 -63.54 15.63
C LEU H 312 -16.92 -62.79 14.36
N SER H 313 -15.60 -62.78 14.10
CA SER H 313 -15.04 -62.09 12.91
C SER H 313 -15.48 -62.72 11.58
N LYS H 314 -15.60 -64.05 11.55
CA LYS H 314 -16.08 -64.77 10.34
C LYS H 314 -17.60 -64.66 10.13
N ASP H 315 -18.36 -64.31 11.17
CA ASP H 315 -19.82 -64.13 11.08
C ASP H 315 -20.16 -62.92 10.17
N PRO H 316 -21.07 -63.12 9.17
CA PRO H 316 -21.36 -62.04 8.19
C PRO H 316 -22.11 -60.79 8.75
N ARG H 317 -22.68 -60.87 9.96
CA ARG H 317 -23.32 -59.71 10.62
C ARG H 317 -22.31 -58.78 11.35
N PHE H 318 -21.05 -59.21 11.48
CA PHE H 318 -19.98 -58.46 12.20
C PHE H 318 -19.95 -56.95 11.89
N SER H 319 -19.79 -56.62 10.60
CA SER H 319 -19.77 -55.21 10.14
C SER H 319 -20.99 -54.39 10.62
N LYS H 320 -22.18 -54.99 10.56
CA LYS H 320 -23.42 -54.31 11.00
C LYS H 320 -23.55 -54.25 12.55
N ILE H 321 -23.00 -55.26 13.26
CA ILE H 321 -22.93 -55.21 14.75
C ILE H 321 -22.03 -54.04 15.20
N LEU H 322 -20.88 -53.89 14.54
CA LEU H 322 -19.94 -52.78 14.81
C LEU H 322 -20.56 -51.42 14.47
N GLU H 323 -21.11 -51.29 13.25
CA GLU H 323 -21.74 -50.04 12.76
C GLU H 323 -22.88 -49.52 13.68
N ASN H 324 -23.70 -50.44 14.19
CA ASN H 324 -24.82 -50.06 15.11
C ASN H 324 -24.35 -49.73 16.53
N LEU H 325 -23.28 -50.40 16.99
CA LEU H 325 -22.60 -50.05 18.25
C LEU H 325 -21.69 -48.77 18.18
N ARG H 326 -21.56 -48.15 17.00
CA ARG H 326 -20.71 -46.96 16.77
C ARG H 326 -19.21 -47.31 17.01
N LEU H 327 -18.82 -48.52 16.58
CA LEU H 327 -17.47 -49.05 16.75
C LEU H 327 -16.80 -49.26 15.39
N GLN H 328 -15.48 -49.10 15.38
CA GLN H 328 -14.65 -49.30 14.21
C GLN H 328 -13.70 -50.44 14.50
N LYS H 329 -13.39 -51.24 13.46
CA LYS H 329 -12.36 -52.29 13.57
C LYS H 329 -11.08 -51.87 12.82
N ARG H 330 -9.94 -52.30 13.35
CA ARG H 330 -8.62 -52.11 12.73
C ARG H 330 -7.80 -53.37 12.97
N GLY H 331 -6.64 -53.45 12.32
CA GLY H 331 -5.74 -54.58 12.49
C GLY H 331 -4.95 -54.52 13.78
N THR H 332 -4.28 -55.62 14.10
CA THR H 332 -3.51 -55.74 15.32
C THR H 332 -2.29 -54.78 15.36
N GLY H 333 -1.75 -54.43 14.17
CA GLY H 333 -0.69 -53.40 14.04
C GLY H 333 -1.19 -51.98 13.72
N GLY H 334 -2.51 -51.74 13.86
CA GLY H 334 -3.12 -50.42 13.62
C GLY H 334 -3.97 -50.29 12.35
N VAL H 335 -4.35 -49.04 12.07
CA VAL H 335 -5.26 -48.69 10.96
C VAL H 335 -4.83 -49.21 9.55
N ASP H 336 -3.52 -49.30 9.31
CA ASP H 336 -3.02 -49.77 8.00
C ASP H 336 -2.70 -51.28 7.95
N THR H 337 -3.10 -52.06 8.96
CA THR H 337 -2.79 -53.52 8.98
C THR H 337 -4.05 -54.36 9.07
N ALA H 338 -3.88 -55.65 8.78
CA ALA H 338 -4.94 -56.64 8.98
C ALA H 338 -4.82 -57.27 10.40
N ALA H 339 -5.87 -57.96 10.81
CA ALA H 339 -5.85 -58.76 12.05
C ALA H 339 -4.92 -59.98 11.90
N VAL H 340 -4.10 -60.20 12.93
CA VAL H 340 -3.22 -61.39 13.01
C VAL H 340 -3.71 -62.25 14.15
N ALA H 341 -3.93 -63.55 13.86
CA ALA H 341 -4.46 -64.54 14.85
C ALA H 341 -5.85 -64.16 15.43
N ASP H 342 -6.69 -63.55 14.57
CA ASP H 342 -8.03 -63.09 14.94
C ASP H 342 -8.07 -61.97 16.05
N VAL H 343 -6.95 -61.25 16.22
CA VAL H 343 -6.84 -60.17 17.21
C VAL H 343 -7.15 -58.82 16.54
N TYR H 344 -8.36 -58.30 16.79
CA TYR H 344 -8.83 -57.03 16.21
C TYR H 344 -8.70 -55.86 17.19
N ASP H 345 -8.28 -54.72 16.66
CA ASP H 345 -8.31 -53.46 17.38
C ASP H 345 -9.72 -52.92 17.23
N ILE H 346 -10.45 -52.85 18.34
CA ILE H 346 -11.85 -52.38 18.35
C ILE H 346 -11.97 -51.12 19.21
N SER H 347 -12.66 -50.11 18.70
CA SER H 347 -12.69 -48.79 19.32
C SER H 347 -13.84 -47.98 18.82
N ASN H 348 -14.16 -46.91 19.55
CA ASN H 348 -15.22 -45.96 19.13
C ASN H 348 -14.86 -45.25 17.85
N ILE H 349 -15.85 -45.08 16.98
CA ILE H 349 -15.67 -44.44 15.66
C ILE H 349 -15.95 -42.92 15.69
N ASP H 350 -16.90 -42.50 16.54
CA ASP H 350 -17.25 -41.06 16.70
C ASP H 350 -16.39 -40.43 17.78
N ARG H 351 -16.12 -39.13 17.65
CA ARG H 351 -15.28 -38.38 18.60
C ARG H 351 -15.79 -36.97 18.97
N ILE H 352 -16.91 -36.56 18.39
CA ILE H 352 -17.46 -35.22 18.61
C ILE H 352 -18.97 -35.36 18.71
N GLY H 353 -19.58 -34.51 19.52
CA GLY H 353 -20.98 -34.68 19.94
C GLY H 353 -21.15 -35.49 21.22
N ARG H 354 -20.27 -36.47 21.44
CA ARG H 354 -20.20 -37.23 22.68
C ARG H 354 -18.95 -36.84 23.47
N SER H 355 -19.09 -36.73 24.81
CA SER H 355 -17.95 -36.41 25.69
C SER H 355 -17.05 -37.62 25.85
N GLU H 356 -15.88 -37.41 26.47
CA GLU H 356 -14.88 -38.47 26.64
C GLU H 356 -15.39 -39.64 27.49
N VAL H 357 -16.11 -39.33 28.57
CA VAL H 357 -16.74 -40.33 29.44
C VAL H 357 -17.76 -41.17 28.67
N GLU H 358 -18.67 -40.49 27.98
CA GLU H 358 -19.70 -41.16 27.18
C GLU H 358 -19.10 -42.11 26.14
N LEU H 359 -18.01 -41.71 25.49
CA LEU H 359 -17.38 -42.54 24.45
C LEU H 359 -16.71 -43.78 25.03
N VAL H 360 -15.94 -43.60 26.11
CA VAL H 360 -15.33 -44.74 26.83
C VAL H 360 -16.42 -45.71 27.33
N GLN H 361 -17.56 -45.18 27.76
CA GLN H 361 -18.69 -46.01 28.18
C GLN H 361 -19.27 -46.78 26.98
N ILE H 362 -19.45 -46.11 25.84
CA ILE H 362 -19.83 -46.77 24.57
C ILE H 362 -18.86 -47.93 24.25
N VAL H 363 -17.56 -47.70 24.44
CA VAL H 363 -16.54 -48.71 24.21
C VAL H 363 -16.60 -49.86 25.23
N ILE H 364 -16.86 -49.55 26.51
CA ILE H 364 -16.98 -50.60 27.53
C ILE H 364 -18.18 -51.52 27.20
N ASP H 365 -19.31 -50.91 26.86
CA ASP H 365 -20.55 -51.66 26.54
C ASP H 365 -20.39 -52.53 25.29
N GLY H 366 -19.98 -51.90 24.18
CA GLY H 366 -19.81 -52.58 22.89
C GLY H 366 -18.82 -53.73 22.92
N VAL H 367 -17.71 -53.55 23.64
CA VAL H 367 -16.69 -54.61 23.77
C VAL H 367 -17.23 -55.75 24.63
N ASN H 368 -17.91 -55.42 25.74
CA ASN H 368 -18.63 -56.44 26.54
C ASN H 368 -19.69 -57.20 25.72
N TYR H 369 -20.42 -56.47 24.86
CA TYR H 369 -21.39 -57.07 23.93
C TYR H 369 -20.70 -57.99 22.92
N LEU H 370 -19.59 -57.51 22.33
CA LEU H 370 -18.81 -58.31 21.37
C LEU H 370 -18.17 -59.55 22.04
N VAL H 371 -17.63 -59.38 23.25
CA VAL H 371 -17.09 -60.49 24.05
C VAL H 371 -18.16 -61.56 24.35
N ASP H 372 -19.40 -61.12 24.67
CA ASP H 372 -20.54 -62.03 24.90
C ASP H 372 -20.84 -62.88 23.67
N CYS H 373 -20.90 -62.23 22.50
CA CYS H 373 -21.10 -62.91 21.21
C CYS H 373 -20.06 -64.01 20.98
N GLU H 374 -18.79 -63.70 21.24
CA GLU H 374 -17.69 -64.66 21.09
C GLU H 374 -17.78 -65.84 22.10
N LYS H 375 -18.31 -65.57 23.31
CA LYS H 375 -18.58 -66.63 24.32
C LYS H 375 -19.67 -67.62 23.84
N LYS H 376 -20.77 -67.06 23.30
CA LYS H 376 -21.89 -67.85 22.73
C LYS H 376 -21.43 -68.78 21.59
N LEU H 377 -20.74 -68.20 20.60
CA LEU H 377 -20.16 -68.98 19.51
C LEU H 377 -19.03 -69.86 20.07
N ILE H 383 -26.79 -64.78 19.81
CA ILE H 383 -26.22 -63.57 19.22
C ILE H 383 -27.27 -62.85 18.36
N LYS H 384 -27.95 -61.86 18.97
CA LYS H 384 -28.94 -61.01 18.27
C LYS H 384 -28.29 -59.69 17.84
N VAL H 385 -28.73 -59.15 16.69
CA VAL H 385 -28.20 -57.87 16.18
C VAL H 385 -28.82 -56.69 16.97
N PRO H 386 -27.98 -55.89 17.69
CA PRO H 386 -28.53 -54.84 18.56
C PRO H 386 -29.05 -53.61 17.78
N PRO H 387 -29.90 -52.76 18.41
CA PRO H 387 -30.45 -51.60 17.68
C PRO H 387 -29.39 -50.51 17.38
N PRO H 388 -29.65 -49.62 16.39
CA PRO H 388 -28.76 -48.44 16.22
C PRO H 388 -28.97 -47.41 17.35
N LEU H 389 -27.93 -47.17 18.16
CA LEU H 389 -28.02 -46.22 19.29
C LEU H 389 -28.30 -44.80 18.76
N PRO H 390 -29.11 -44.00 19.50
CA PRO H 390 -29.67 -42.73 18.96
C PRO H 390 -28.62 -41.76 18.36
N GLN H 391 -28.94 -41.19 17.18
CA GLN H 391 -28.03 -40.29 16.47
C GLN H 391 -27.97 -38.91 17.15
#